data_9W6V
#
_entry.id   9W6V
#
_cell.length_a   308.090
_cell.length_b   99.370
_cell.length_c   136.245
_cell.angle_alpha   90.00
_cell.angle_beta   104.14
_cell.angle_gamma   90.00
#
_symmetry.space_group_name_H-M   'C 1 2 1'
#
loop_
_entity.id
_entity.type
_entity.pdbx_description
1 polymer '11-beta-hydroxysteroid dehydrogenase 1'
2 non-polymer 'NADP NICOTINAMIDE-ADENINE-DINUCLEOTIDE PHOSPHATE'
3 non-polymer 3-(1-adamantyl)-6,7,8,9-tetrahydro-5~{H}-[1,2,4]triazolo[4,3-a]azepine
#
_entity_poly.entity_id   1
_entity_poly.type   'polypeptide(L)'
_entity_poly.pdbx_seq_one_letter_code
;SANEEFRPEMLQGKKVIVTGASKGIGREMAYHLAKMGAHVVVTARSKETLQKVVSHCLELGAASAHYIAGTMEDMTFAEQ
FVAQAGKLMGGLDMLILNHITNTSLNLFHDDIHHVRKSMEVNFLSYVVLTVAALPMLKQSNGSIVVVSSLAGKVAYPMVA
AYSASKFALDGFFSSIRKEYSVSRVNVSITLCVLGLIDTETAMKAVSGIVHMQAAPKEECALEIIKGGALRQEEVYYDSS
LWTTLL
;
_entity_poly.pdbx_strand_id   A,B,C,D,E,F,G,H,I,J,K
#
# COMPACT_ATOMS: atom_id res chain seq x y z
N GLU A 4 -79.27 50.37 -16.83
CA GLU A 4 -80.22 50.53 -15.73
C GLU A 4 -80.58 51.98 -15.55
N GLU A 5 -81.42 52.29 -14.56
CA GLU A 5 -82.04 53.60 -14.47
C GLU A 5 -81.82 54.24 -13.12
N PHE A 6 -82.00 55.56 -13.12
CA PHE A 6 -81.94 56.38 -11.93
C PHE A 6 -83.27 56.30 -11.21
N ARG A 7 -83.21 56.34 -9.87
CA ARG A 7 -84.41 56.33 -9.06
C ARG A 7 -84.27 57.48 -8.07
N PRO A 8 -85.25 58.35 -7.95
CA PRO A 8 -85.11 59.51 -7.06
C PRO A 8 -84.70 59.17 -5.64
N GLU A 9 -84.90 57.93 -5.24
CA GLU A 9 -84.50 57.50 -3.90
C GLU A 9 -83.01 57.30 -3.75
N MET A 10 -82.27 57.13 -4.85
CA MET A 10 -80.83 56.86 -4.72
C MET A 10 -80.14 57.96 -3.93
N LEU A 11 -80.64 59.18 -4.02
CA LEU A 11 -80.11 60.28 -3.25
C LEU A 11 -80.76 60.38 -1.87
N GLN A 12 -81.87 59.63 -1.67
CA GLN A 12 -82.61 59.70 -0.41
C GLN A 12 -81.70 59.38 0.78
N GLY A 13 -81.64 60.34 1.73
CA GLY A 13 -80.86 60.23 2.93
C GLY A 13 -79.40 60.55 2.77
N LYS A 14 -78.92 60.68 1.53
CA LYS A 14 -77.51 60.90 1.24
C LYS A 14 -77.09 62.28 1.72
N LYS A 15 -75.85 62.39 2.18
CA LYS A 15 -75.28 63.63 2.69
C LYS A 15 -74.48 64.30 1.57
N VAL A 16 -74.98 65.43 1.06
CA VAL A 16 -74.44 66.03 -0.15
C VAL A 16 -74.03 67.48 0.10
N ILE A 17 -72.95 67.88 -0.59
CA ILE A 17 -72.45 69.26 -0.61
C ILE A 17 -72.65 69.82 -2.02
N VAL A 18 -73.15 71.05 -2.11
CA VAL A 18 -73.31 71.74 -3.39
C VAL A 18 -72.71 73.14 -3.28
N THR A 19 -71.66 73.40 -4.06
CA THR A 19 -71.04 74.72 -4.06
C THR A 19 -71.64 75.62 -5.15
N GLY A 20 -71.51 76.92 -4.94
CA GLY A 20 -72.20 77.83 -5.85
C GLY A 20 -73.66 77.51 -5.92
N ALA A 21 -74.29 77.26 -4.76
CA ALA A 21 -75.68 76.86 -4.66
C ALA A 21 -76.61 78.03 -4.41
N SER A 22 -76.07 79.24 -4.32
CA SER A 22 -76.85 80.43 -4.05
C SER A 22 -77.79 80.78 -5.20
N LYS A 23 -77.53 80.29 -6.42
CA LYS A 23 -78.42 80.56 -7.55
C LYS A 23 -78.15 79.59 -8.69
N GLY A 24 -78.87 79.79 -9.78
CA GLY A 24 -78.60 79.13 -11.04
C GLY A 24 -78.74 77.63 -10.97
N ILE A 25 -77.88 76.95 -11.73
CA ILE A 25 -77.87 75.49 -11.73
C ILE A 25 -77.48 74.96 -10.36
N GLY A 26 -76.62 75.68 -9.64
CA GLY A 26 -76.26 75.25 -8.30
C GLY A 26 -77.44 75.21 -7.35
N ARG A 27 -78.28 76.25 -7.39
CA ARG A 27 -79.49 76.26 -6.59
C ARG A 27 -80.46 75.17 -7.02
N GLU A 28 -80.63 74.98 -8.34
CA GLU A 28 -81.54 73.96 -8.83
C GLU A 28 -81.17 72.59 -8.29
N MET A 29 -79.86 72.28 -8.23
CA MET A 29 -79.40 71.01 -7.68
C MET A 29 -79.78 70.85 -6.21
N ALA A 30 -79.64 71.91 -5.40
CA ALA A 30 -80.03 71.81 -3.99
C ALA A 30 -81.51 71.49 -3.82
N TYR A 31 -82.37 72.14 -4.59
CA TYR A 31 -83.79 71.87 -4.49
C TYR A 31 -84.11 70.44 -4.94
N HIS A 32 -83.53 69.99 -6.06
CA HIS A 32 -83.72 68.61 -6.49
C HIS A 32 -83.35 67.65 -5.37
N LEU A 33 -82.22 67.92 -4.72
CA LEU A 33 -81.73 67.05 -3.66
C LEU A 33 -82.70 67.00 -2.48
N ALA A 34 -83.30 68.14 -2.12
CA ALA A 34 -84.26 68.13 -1.02
C ALA A 34 -85.48 67.28 -1.40
N LYS A 35 -86.01 67.50 -2.60
CA LYS A 35 -87.14 66.73 -3.10
C LYS A 35 -86.86 65.23 -3.09
N MET A 36 -85.61 64.83 -3.22
CA MET A 36 -85.25 63.43 -3.09
C MET A 36 -84.96 63.06 -1.64
N GLY A 37 -85.14 64.02 -0.75
CA GLY A 37 -85.04 63.81 0.68
C GLY A 37 -83.66 63.51 1.20
N ALA A 38 -82.66 64.20 0.68
CA ALA A 38 -81.29 64.02 1.13
C ALA A 38 -80.89 65.13 2.10
N HIS A 39 -79.73 64.94 2.74
CA HIS A 39 -79.14 65.99 3.55
C HIS A 39 -78.34 66.90 2.61
N VAL A 40 -78.53 68.21 2.71
CA VAL A 40 -77.79 69.12 1.85
C VAL A 40 -77.17 70.23 2.69
N VAL A 41 -75.95 70.59 2.33
CA VAL A 41 -75.22 71.72 2.91
C VAL A 41 -74.75 72.54 1.73
N VAL A 42 -75.32 73.73 1.56
CA VAL A 42 -75.01 74.59 0.43
C VAL A 42 -74.05 75.67 0.89
N THR A 43 -73.18 76.08 -0.02
CA THR A 43 -72.26 77.17 0.26
C THR A 43 -72.22 78.13 -0.93
N ALA A 44 -71.91 79.39 -0.61
CA ALA A 44 -71.73 80.44 -1.59
C ALA A 44 -71.29 81.67 -0.80
N ARG A 45 -71.20 82.83 -1.44
CA ARG A 45 -70.85 84.05 -0.74
C ARG A 45 -72.06 84.76 -0.14
N SER A 46 -73.23 84.67 -0.80
CA SER A 46 -74.45 85.41 -0.44
C SER A 46 -75.07 84.84 0.83
N LYS A 47 -74.77 85.45 1.98
CA LYS A 47 -75.35 84.97 3.23
C LYS A 47 -76.89 84.95 3.15
N GLU A 48 -77.49 86.08 2.79
CA GLU A 48 -78.94 86.19 2.72
C GLU A 48 -79.54 85.19 1.73
N THR A 49 -79.02 85.17 0.50
CA THR A 49 -79.61 84.29 -0.51
C THR A 49 -79.51 82.83 -0.08
N LEU A 50 -78.38 82.45 0.51
CA LEU A 50 -78.22 81.06 0.96
C LEU A 50 -79.31 80.70 1.96
N GLN A 51 -79.58 81.60 2.91
CA GLN A 51 -80.60 81.33 3.92
C GLN A 51 -81.94 81.02 3.28
N LYS A 52 -82.32 81.77 2.24
CA LYS A 52 -83.57 81.51 1.53
C LYS A 52 -83.56 80.13 0.86
N VAL A 53 -82.40 79.69 0.38
CA VAL A 53 -82.29 78.36 -0.24
C VAL A 53 -82.42 77.25 0.79
N VAL A 54 -81.77 77.36 1.96
CA VAL A 54 -81.93 76.33 2.99
C VAL A 54 -83.39 76.20 3.39
N SER A 55 -84.06 77.34 3.56
CA SER A 55 -85.46 77.34 3.98
C SER A 55 -86.35 76.60 2.98
N HIS A 56 -86.28 76.97 1.69
CA HIS A 56 -87.10 76.27 0.71
C HIS A 56 -86.71 74.80 0.55
N CYS A 57 -85.47 74.44 0.91
CA CYS A 57 -85.05 73.03 0.90
C CYS A 57 -85.71 72.23 2.02
N LEU A 58 -85.81 72.81 3.22
CA LEU A 58 -86.55 72.16 4.30
C LEU A 58 -87.98 71.90 3.84
N GLU A 59 -88.61 72.93 3.29
CA GLU A 59 -89.96 72.81 2.76
C GLU A 59 -90.06 71.72 1.70
N LEU A 60 -89.03 71.58 0.87
CA LEU A 60 -89.09 70.61 -0.20
C LEU A 60 -88.97 69.20 0.31
N GLY A 61 -88.55 69.01 1.56
CA GLY A 61 -88.44 67.69 2.17
C GLY A 61 -87.02 67.19 2.41
N ALA A 62 -86.01 68.04 2.34
CA ALA A 62 -84.66 67.58 2.62
C ALA A 62 -84.59 67.08 4.05
N ALA A 63 -83.73 66.09 4.28
CA ALA A 63 -83.56 65.60 5.64
C ALA A 63 -82.84 66.64 6.51
N SER A 64 -81.79 67.28 5.98
CA SER A 64 -80.95 68.15 6.80
C SER A 64 -80.95 69.61 6.36
N ALA A 65 -80.48 69.94 5.16
CA ALA A 65 -80.63 71.29 4.61
C ALA A 65 -80.03 72.39 5.52
N HIS A 66 -78.68 72.50 5.55
CA HIS A 66 -77.97 73.65 6.18
C HIS A 66 -77.23 74.54 5.17
N TYR A 67 -76.55 75.57 5.68
CA TYR A 67 -75.72 76.41 4.81
C TYR A 67 -74.51 76.96 5.56
N ILE A 68 -73.44 77.23 4.80
CA ILE A 68 -72.20 77.90 5.24
C ILE A 68 -71.82 78.91 4.16
N ALA A 69 -71.44 80.11 4.56
CA ALA A 69 -71.17 81.18 3.60
C ALA A 69 -69.69 81.51 3.53
N GLY A 70 -69.20 81.81 2.33
CA GLY A 70 -67.81 82.18 2.12
C GLY A 70 -67.39 82.02 0.68
N THR A 71 -66.29 82.69 0.34
CA THR A 71 -65.76 82.72 -1.03
C THR A 71 -64.73 81.62 -1.27
N MET A 72 -64.87 80.90 -2.40
CA MET A 72 -63.83 79.92 -2.74
C MET A 72 -62.56 80.58 -3.22
N GLU A 73 -62.45 81.91 -3.11
CA GLU A 73 -61.17 82.56 -3.31
C GLU A 73 -60.21 82.28 -2.16
N ASP A 74 -60.72 82.15 -0.95
CA ASP A 74 -59.87 81.92 0.23
C ASP A 74 -59.69 80.41 0.37
N MET A 75 -58.52 79.89 -0.04
CA MET A 75 -58.30 78.46 -0.03
C MET A 75 -58.53 77.87 1.36
N THR A 76 -58.26 78.65 2.41
CA THR A 76 -58.49 78.17 3.77
C THR A 76 -59.96 77.92 4.01
N PHE A 77 -60.82 78.79 3.48
CA PHE A 77 -62.24 78.57 3.69
C PHE A 77 -62.65 77.23 3.10
N ALA A 78 -62.26 76.98 1.86
CA ALA A 78 -62.66 75.73 1.23
C ALA A 78 -62.25 74.57 2.11
N GLU A 79 -61.00 74.60 2.58
CA GLU A 79 -60.50 73.53 3.45
C GLU A 79 -61.38 73.37 4.69
N GLN A 80 -61.59 74.46 5.43
CA GLN A 80 -62.43 74.40 6.61
C GLN A 80 -63.89 74.11 6.25
N PHE A 81 -64.37 74.55 5.08
CA PHE A 81 -65.77 74.36 4.75
C PHE A 81 -66.15 72.88 4.77
N VAL A 82 -65.34 72.04 4.12
CA VAL A 82 -65.68 70.62 4.10
C VAL A 82 -65.63 70.07 5.53
N ALA A 83 -64.72 70.57 6.37
CA ALA A 83 -64.68 70.17 7.77
C ALA A 83 -66.01 70.46 8.46
N GLN A 84 -66.44 71.72 8.47
CA GLN A 84 -67.72 72.07 9.08
C GLN A 84 -68.86 71.30 8.43
N ALA A 85 -68.85 71.23 7.10
CA ALA A 85 -69.94 70.56 6.39
C ALA A 85 -70.05 69.08 6.78
N GLY A 86 -68.93 68.41 7.05
CA GLY A 86 -68.99 66.99 7.42
C GLY A 86 -69.56 66.76 8.81
N LYS A 87 -69.20 67.63 9.76
CA LYS A 87 -69.81 67.60 11.09
C LYS A 87 -71.33 67.74 10.99
N LEU A 88 -71.79 68.73 10.23
CA LEU A 88 -73.23 68.99 10.13
C LEU A 88 -73.99 67.75 9.68
N MET A 89 -73.48 67.04 8.69
CA MET A 89 -74.17 65.86 8.18
C MET A 89 -73.64 64.55 8.74
N GLY A 90 -72.55 64.58 9.51
CA GLY A 90 -71.96 63.34 9.94
C GLY A 90 -71.46 62.47 8.79
N GLY A 91 -70.71 63.07 7.86
CA GLY A 91 -70.14 62.38 6.73
C GLY A 91 -70.37 63.14 5.44
N LEU A 92 -70.02 62.49 4.32
CA LEU A 92 -70.23 63.03 2.99
C LEU A 92 -70.45 61.88 2.02
N ASP A 93 -71.47 61.99 1.19
CA ASP A 93 -71.74 60.98 0.17
C ASP A 93 -71.38 61.44 -1.22
N MET A 94 -71.62 62.72 -1.51
CA MET A 94 -71.42 63.31 -2.82
C MET A 94 -70.95 64.74 -2.64
N LEU A 95 -69.93 65.14 -3.42
CA LEU A 95 -69.34 66.48 -3.40
C LEU A 95 -69.57 67.10 -4.77
N ILE A 96 -70.50 68.06 -4.87
CA ILE A 96 -70.86 68.67 -6.15
C ILE A 96 -70.17 70.02 -6.27
N LEU A 97 -69.09 70.04 -7.04
CA LEU A 97 -68.31 71.26 -7.25
C LEU A 97 -68.90 72.02 -8.45
N ASN A 98 -69.46 73.20 -8.16
CA ASN A 98 -70.28 73.89 -9.13
C ASN A 98 -69.94 75.38 -9.28
N HIS A 99 -69.39 75.99 -8.24
CA HIS A 99 -69.15 77.42 -8.27
C HIS A 99 -68.16 77.77 -9.35
N ILE A 100 -68.25 78.99 -9.88
CA ILE A 100 -67.21 79.58 -10.73
C ILE A 100 -67.15 81.07 -10.43
N THR A 101 -65.98 81.66 -10.67
CA THR A 101 -65.90 83.11 -10.58
C THR A 101 -66.67 83.72 -11.75
N ASN A 102 -67.20 84.92 -11.51
CA ASN A 102 -67.97 85.60 -12.56
C ASN A 102 -67.09 85.74 -13.78
N THR A 103 -67.65 85.35 -14.93
CA THR A 103 -66.96 85.50 -16.21
C THR A 103 -67.98 86.05 -17.19
N SER A 104 -67.47 86.70 -18.25
CA SER A 104 -68.32 87.26 -19.29
C SER A 104 -67.61 87.14 -20.63
N LEU A 105 -68.38 87.24 -21.71
CA LEU A 105 -67.79 87.20 -23.04
C LEU A 105 -66.89 88.43 -23.26
N ASN A 106 -65.59 88.19 -23.45
CA ASN A 106 -64.61 89.24 -23.62
C ASN A 106 -63.43 88.69 -24.37
N LEU A 107 -62.97 89.40 -25.40
CA LEU A 107 -61.67 89.08 -25.95
C LEU A 107 -60.62 89.28 -24.86
N PHE A 108 -59.58 88.45 -24.90
CA PHE A 108 -58.51 88.52 -23.91
C PHE A 108 -57.53 89.57 -24.41
N HIS A 109 -57.17 90.53 -23.55
CA HIS A 109 -56.09 91.43 -23.95
C HIS A 109 -54.89 91.30 -23.02
N ASP A 110 -55.00 91.72 -21.77
CA ASP A 110 -53.89 91.57 -20.85
C ASP A 110 -54.38 91.35 -19.44
N ASP A 111 -55.58 90.78 -19.29
CA ASP A 111 -56.18 90.61 -17.97
C ASP A 111 -55.59 89.37 -17.32
N ILE A 112 -54.31 89.45 -16.97
CA ILE A 112 -53.74 88.33 -16.24
C ILE A 112 -54.50 88.16 -14.95
N HIS A 113 -55.03 89.25 -14.39
CA HIS A 113 -55.77 89.14 -13.13
C HIS A 113 -56.92 88.15 -13.25
N HIS A 114 -57.69 88.23 -14.34
CA HIS A 114 -58.78 87.28 -14.50
C HIS A 114 -58.26 85.86 -14.73
N VAL A 115 -57.18 85.70 -15.49
CA VAL A 115 -56.63 84.37 -15.69
C VAL A 115 -56.31 83.73 -14.35
N ARG A 116 -55.67 84.48 -13.44
CA ARG A 116 -55.29 83.94 -12.15
C ARG A 116 -56.51 83.66 -11.28
N LYS A 117 -57.42 84.63 -11.14
CA LYS A 117 -58.60 84.41 -10.32
C LYS A 117 -59.43 83.24 -10.87
N SER A 118 -59.53 83.16 -12.20
CA SER A 118 -60.24 82.05 -12.82
C SER A 118 -59.61 80.70 -12.47
N MET A 119 -58.27 80.59 -12.53
CA MET A 119 -57.64 79.31 -12.16
C MET A 119 -57.84 79.00 -10.69
N GLU A 120 -57.81 80.03 -9.86
CA GLU A 120 -57.94 79.83 -8.41
C GLU A 120 -59.35 79.39 -8.05
N VAL A 121 -60.36 80.07 -8.56
CA VAL A 121 -61.69 79.74 -8.12
C VAL A 121 -62.25 78.60 -8.95
N ASN A 122 -62.03 78.62 -10.24
CA ASN A 122 -62.64 77.60 -11.07
C ASN A 122 -61.89 76.29 -11.02
N PHE A 123 -60.59 76.32 -10.69
CA PHE A 123 -59.80 75.08 -10.65
C PHE A 123 -59.17 74.78 -9.29
N LEU A 124 -58.32 75.65 -8.71
CA LEU A 124 -57.60 75.26 -7.49
C LEU A 124 -58.55 74.88 -6.37
N SER A 125 -59.53 75.73 -6.07
CA SER A 125 -60.44 75.42 -4.99
C SER A 125 -61.07 74.03 -5.15
N TYR A 126 -61.33 73.59 -6.39
CA TYR A 126 -61.87 72.24 -6.58
C TYR A 126 -60.91 71.18 -6.09
N VAL A 127 -59.62 71.32 -6.39
CA VAL A 127 -58.67 70.36 -5.85
C VAL A 127 -58.66 70.43 -4.33
N VAL A 128 -58.54 71.65 -3.79
CA VAL A 128 -58.53 71.86 -2.34
C VAL A 128 -59.76 71.25 -1.70
N LEU A 129 -60.96 71.55 -2.23
CA LEU A 129 -62.16 70.91 -1.72
C LEU A 129 -62.07 69.39 -1.91
N THR A 130 -61.63 68.92 -3.08
CA THR A 130 -61.52 67.48 -3.26
C THR A 130 -60.62 66.85 -2.22
N VAL A 131 -59.50 67.51 -1.90
CA VAL A 131 -58.61 66.96 -0.89
C VAL A 131 -59.30 66.90 0.47
N ALA A 132 -60.04 67.95 0.84
CA ALA A 132 -60.68 67.96 2.15
C ALA A 132 -61.69 66.82 2.29
N ALA A 133 -62.43 66.53 1.22
CA ALA A 133 -63.50 65.54 1.29
C ALA A 133 -63.03 64.10 1.09
N LEU A 134 -61.81 63.83 0.62
CA LEU A 134 -61.47 62.45 0.28
C LEU A 134 -61.65 61.48 1.43
N PRO A 135 -61.14 61.72 2.64
CA PRO A 135 -61.40 60.78 3.73
C PRO A 135 -62.90 60.46 3.90
N MET A 136 -63.74 61.49 4.09
CA MET A 136 -65.18 61.26 4.24
C MET A 136 -65.76 60.51 3.04
N LEU A 137 -65.30 60.83 1.84
CA LEU A 137 -65.79 60.21 0.62
C LEU A 137 -65.32 58.77 0.48
N LYS A 138 -64.07 58.50 0.88
CA LYS A 138 -63.59 57.12 0.93
C LYS A 138 -64.41 56.32 1.93
N GLN A 139 -64.67 56.90 3.11
CA GLN A 139 -65.44 56.24 4.16
C GLN A 139 -66.86 55.92 3.72
N SER A 140 -67.34 56.51 2.62
CA SER A 140 -68.69 56.31 2.13
C SER A 140 -68.73 55.75 0.73
N ASN A 141 -67.59 55.49 0.12
CA ASN A 141 -67.56 55.09 -1.29
C ASN A 141 -68.35 56.06 -2.13
N GLY A 142 -68.19 57.35 -1.82
CA GLY A 142 -69.02 58.42 -2.35
C GLY A 142 -68.78 58.83 -3.80
N SER A 143 -69.10 60.07 -4.12
CA SER A 143 -68.99 60.55 -5.49
C SER A 143 -68.58 62.00 -5.49
N ILE A 144 -67.77 62.35 -6.51
CA ILE A 144 -67.37 63.72 -6.79
C ILE A 144 -67.96 64.11 -8.14
N VAL A 145 -68.58 65.29 -8.19
CA VAL A 145 -69.19 65.84 -9.40
C VAL A 145 -68.55 67.19 -9.70
N VAL A 146 -67.90 67.28 -10.85
CA VAL A 146 -67.23 68.48 -11.31
C VAL A 146 -68.07 69.01 -12.47
N VAL A 147 -68.61 70.22 -12.31
CA VAL A 147 -69.50 70.79 -13.32
C VAL A 147 -68.64 71.60 -14.30
N SER A 148 -68.51 71.10 -15.52
CA SER A 148 -67.67 71.77 -16.51
C SER A 148 -68.53 72.25 -17.68
N SER A 149 -67.88 72.81 -18.70
CA SER A 149 -68.56 73.39 -19.84
C SER A 149 -68.16 72.67 -21.11
N LEU A 150 -68.94 72.94 -22.16
CA LEU A 150 -68.52 72.56 -23.50
C LEU A 150 -67.23 73.30 -23.87
N ALA A 151 -67.01 74.46 -23.25
CA ALA A 151 -65.73 75.15 -23.35
C ALA A 151 -64.60 74.45 -22.58
N GLY A 152 -64.92 73.49 -21.71
CA GLY A 152 -63.86 72.72 -21.11
C GLY A 152 -63.45 71.55 -21.97
N LYS A 153 -64.00 71.48 -23.19
CA LYS A 153 -63.63 70.46 -24.16
C LYS A 153 -63.28 71.01 -25.53
N VAL A 154 -63.76 72.21 -25.88
CA VAL A 154 -63.56 72.86 -27.17
C VAL A 154 -63.19 74.31 -26.92
N ALA A 155 -62.15 74.80 -27.61
CA ALA A 155 -61.75 76.19 -27.42
C ALA A 155 -62.74 77.12 -28.14
N TYR A 156 -63.18 78.17 -27.44
CA TYR A 156 -64.05 79.18 -28.02
C TYR A 156 -63.48 80.58 -27.79
N PRO A 157 -63.69 81.48 -28.74
CA PRO A 157 -63.21 82.86 -28.55
C PRO A 157 -64.00 83.51 -27.44
N MET A 158 -63.41 84.52 -26.81
CA MET A 158 -64.04 85.37 -25.80
C MET A 158 -64.19 84.68 -24.44
N VAL A 159 -63.76 83.43 -24.30
CA VAL A 159 -63.86 82.75 -23.00
C VAL A 159 -62.53 82.09 -22.66
N ALA A 160 -61.42 82.68 -23.13
CA ALA A 160 -60.11 82.06 -23.04
C ALA A 160 -59.69 81.77 -21.59
N ALA A 161 -59.74 82.77 -20.70
CA ALA A 161 -59.34 82.48 -19.33
C ALA A 161 -60.23 81.41 -18.70
N TYR A 162 -61.55 81.59 -18.80
CA TYR A 162 -62.50 80.59 -18.30
C TYR A 162 -62.24 79.22 -18.94
N SER A 163 -62.11 79.20 -20.27
CA SER A 163 -61.88 77.95 -20.96
C SER A 163 -60.64 77.24 -20.44
N ALA A 164 -59.57 77.99 -20.18
CA ALA A 164 -58.35 77.38 -19.68
C ALA A 164 -58.61 76.69 -18.35
N SER A 165 -59.34 77.36 -17.47
CA SER A 165 -59.62 76.78 -16.15
C SER A 165 -60.43 75.50 -16.29
N LYS A 166 -61.40 75.47 -17.21
CA LYS A 166 -62.24 74.28 -17.34
C LYS A 166 -61.51 73.13 -18.01
N PHE A 167 -60.51 73.42 -18.83
CA PHE A 167 -59.66 72.35 -19.35
C PHE A 167 -58.86 71.68 -18.22
N ALA A 168 -58.28 72.49 -17.35
CA ALA A 168 -57.52 71.98 -16.22
C ALA A 168 -58.34 71.00 -15.39
N LEU A 169 -59.61 71.30 -15.15
CA LEU A 169 -60.47 70.39 -14.41
C LEU A 169 -60.47 69.02 -15.06
N ASP A 170 -60.63 68.97 -16.38
CA ASP A 170 -60.65 67.69 -17.08
C ASP A 170 -59.33 66.94 -16.89
N GLY A 171 -58.21 67.61 -17.20
CA GLY A 171 -56.93 66.95 -17.12
C GLY A 171 -56.67 66.41 -15.73
N PHE A 172 -56.97 67.21 -14.71
CA PHE A 172 -56.66 66.81 -13.35
C PHE A 172 -57.59 65.68 -12.90
N PHE A 173 -58.90 65.92 -12.94
CA PHE A 173 -59.82 64.91 -12.44
C PHE A 173 -59.83 63.65 -13.30
N SER A 174 -59.54 63.79 -14.58
CA SER A 174 -59.48 62.62 -15.44
C SER A 174 -58.32 61.71 -15.08
N SER A 175 -57.20 62.28 -14.58
CA SER A 175 -56.09 61.45 -14.09
C SER A 175 -56.37 60.88 -12.73
N ILE A 176 -56.75 61.76 -11.80
CA ILE A 176 -57.17 61.30 -10.49
C ILE A 176 -58.15 60.15 -10.61
N ARG A 177 -59.06 60.18 -11.58
CA ARG A 177 -59.95 59.04 -11.74
C ARG A 177 -59.16 57.77 -12.06
N LYS A 178 -58.24 57.86 -13.02
CA LYS A 178 -57.41 56.72 -13.37
C LYS A 178 -56.47 56.32 -12.22
N GLU A 179 -55.91 57.31 -11.50
CA GLU A 179 -55.14 56.96 -10.33
C GLU A 179 -56.00 56.17 -9.36
N TYR A 180 -57.21 56.67 -9.08
CA TYR A 180 -58.10 55.98 -8.16
C TYR A 180 -58.39 54.57 -8.64
N SER A 181 -58.39 54.36 -9.96
CA SER A 181 -58.63 53.03 -10.51
C SER A 181 -57.60 52.01 -10.03
N VAL A 182 -56.32 52.33 -10.15
CA VAL A 182 -55.32 51.35 -9.77
C VAL A 182 -54.98 51.39 -8.28
N SER A 183 -55.33 52.46 -7.59
CA SER A 183 -55.25 52.46 -6.13
C SER A 183 -56.43 51.66 -5.65
N ARG A 184 -56.78 51.77 -4.38
CA ARG A 184 -57.96 51.09 -3.87
C ARG A 184 -59.12 52.07 -3.60
N VAL A 185 -59.17 53.19 -4.33
CA VAL A 185 -60.08 54.28 -4.02
C VAL A 185 -61.37 54.10 -4.78
N ASN A 186 -62.47 53.89 -4.04
CA ASN A 186 -63.80 53.69 -4.63
C ASN A 186 -64.62 54.97 -4.75
N VAL A 187 -63.97 56.13 -4.84
CA VAL A 187 -64.66 57.41 -5.00
C VAL A 187 -64.73 57.69 -6.49
N SER A 188 -65.93 57.88 -7.02
CA SER A 188 -66.15 58.16 -8.43
C SER A 188 -66.02 59.65 -8.73
N ILE A 189 -65.74 59.95 -9.98
CA ILE A 189 -65.52 61.33 -10.43
C ILE A 189 -66.32 61.52 -11.70
N THR A 190 -67.39 62.32 -11.60
CA THR A 190 -68.31 62.62 -12.70
C THR A 190 -68.06 64.02 -13.26
N LEU A 191 -67.63 64.10 -14.52
CA LEU A 191 -67.36 65.35 -15.18
C LEU A 191 -68.55 65.71 -16.06
N CYS A 192 -69.14 66.88 -15.83
CA CYS A 192 -70.30 67.34 -16.57
C CYS A 192 -69.86 68.39 -17.59
N VAL A 193 -70.18 68.15 -18.85
CA VAL A 193 -69.91 69.06 -19.95
C VAL A 193 -71.23 69.68 -20.40
N LEU A 194 -71.57 70.84 -19.86
CA LEU A 194 -72.84 71.47 -20.18
C LEU A 194 -72.71 72.40 -21.36
N GLY A 195 -73.75 72.44 -22.19
CA GLY A 195 -73.87 73.51 -23.17
C GLY A 195 -74.44 74.75 -22.50
N LEU A 196 -74.99 75.64 -23.32
CA LEU A 196 -75.60 76.85 -22.76
C LEU A 196 -76.83 76.46 -21.96
N ILE A 197 -76.92 76.96 -20.73
CA ILE A 197 -77.99 76.68 -19.79
C ILE A 197 -78.65 78.00 -19.40
N ASP A 198 -79.99 78.04 -19.41
CA ASP A 198 -80.67 79.32 -19.31
C ASP A 198 -80.69 79.88 -17.89
N THR A 199 -79.53 79.96 -17.26
CA THR A 199 -79.52 80.65 -15.99
C THR A 199 -79.54 82.15 -16.21
N GLU A 200 -79.87 82.89 -15.14
CA GLU A 200 -79.94 84.33 -15.23
C GLU A 200 -78.66 84.93 -15.78
N THR A 201 -77.54 84.69 -15.07
CA THR A 201 -76.29 85.34 -15.44
C THR A 201 -75.81 84.91 -16.83
N ALA A 202 -75.95 83.62 -17.17
CA ALA A 202 -75.47 83.16 -18.46
C ALA A 202 -76.21 83.86 -19.59
N MET A 203 -77.54 83.89 -19.51
CA MET A 203 -78.32 84.52 -20.56
C MET A 203 -78.02 86.00 -20.69
N LYS A 204 -77.88 86.71 -19.57
CA LYS A 204 -77.46 88.11 -19.65
C LYS A 204 -76.06 88.21 -20.27
N ALA A 205 -75.14 87.33 -19.88
CA ALA A 205 -73.76 87.46 -20.33
C ALA A 205 -73.59 87.12 -21.81
N VAL A 206 -74.51 86.38 -22.40
CA VAL A 206 -74.42 85.95 -23.79
C VAL A 206 -75.40 86.70 -24.68
N SER A 207 -76.17 87.62 -24.11
CA SER A 207 -77.31 88.21 -24.81
C SER A 207 -76.87 88.87 -26.11
N GLY A 208 -77.59 88.56 -27.18
CA GLY A 208 -77.36 89.16 -28.48
C GLY A 208 -76.03 88.90 -29.15
N ILE A 209 -75.11 88.25 -28.45
CA ILE A 209 -73.81 87.94 -29.04
C ILE A 209 -73.89 86.52 -29.58
N VAL A 210 -73.98 85.57 -28.67
CA VAL A 210 -74.02 84.16 -28.99
C VAL A 210 -75.47 83.69 -29.13
N HIS A 211 -75.73 82.92 -30.18
CA HIS A 211 -77.04 82.36 -30.46
C HIS A 211 -76.93 80.83 -30.51
N MET A 212 -76.94 80.20 -29.35
CA MET A 212 -77.12 78.76 -29.20
C MET A 212 -78.48 78.53 -28.56
N GLN A 213 -78.99 77.31 -28.70
CA GLN A 213 -80.30 76.94 -28.14
C GLN A 213 -80.16 76.73 -26.64
N ALA A 214 -80.38 77.78 -25.84
CA ALA A 214 -80.30 77.59 -24.39
C ALA A 214 -81.09 76.35 -23.98
N ALA A 215 -80.62 75.67 -22.93
CA ALA A 215 -81.29 74.52 -22.37
C ALA A 215 -81.71 74.76 -20.91
N PRO A 216 -82.71 74.04 -20.42
CA PRO A 216 -83.33 74.40 -19.13
C PRO A 216 -82.47 74.08 -17.92
N LYS A 217 -82.41 75.02 -16.98
CA LYS A 217 -81.61 74.77 -15.79
C LYS A 217 -82.21 73.69 -14.89
N GLU A 218 -83.54 73.56 -14.82
CA GLU A 218 -84.13 72.52 -13.97
C GLU A 218 -83.71 71.14 -14.46
N GLU A 219 -83.91 70.84 -15.74
CA GLU A 219 -83.53 69.54 -16.29
C GLU A 219 -82.03 69.34 -16.19
N CYS A 220 -81.26 70.42 -16.42
CA CYS A 220 -79.82 70.31 -16.29
C CYS A 220 -79.45 69.85 -14.88
N ALA A 221 -79.85 70.63 -13.87
CA ALA A 221 -79.46 70.35 -12.50
C ALA A 221 -79.77 68.90 -12.12
N LEU A 222 -80.88 68.38 -12.63
CA LEU A 222 -81.19 66.98 -12.36
C LEU A 222 -80.26 66.07 -13.14
N GLU A 223 -80.08 66.33 -14.42
CA GLU A 223 -79.26 65.46 -15.25
C GLU A 223 -77.83 65.31 -14.70
N ILE A 224 -77.34 66.35 -14.02
CA ILE A 224 -76.07 66.25 -13.28
C ILE A 224 -76.19 65.24 -12.15
N ILE A 225 -77.20 65.43 -11.28
CA ILE A 225 -77.37 64.55 -10.12
C ILE A 225 -77.55 63.10 -10.56
N LYS A 226 -78.34 62.87 -11.62
CA LYS A 226 -78.50 61.51 -12.16
C LYS A 226 -77.14 60.93 -12.54
N GLY A 227 -76.29 61.75 -13.17
CA GLY A 227 -74.97 61.27 -13.54
C GLY A 227 -74.16 60.87 -12.31
N GLY A 228 -74.15 61.73 -11.29
CA GLY A 228 -73.40 61.42 -10.08
C GLY A 228 -73.96 60.22 -9.33
N ALA A 229 -75.29 60.08 -9.31
CA ALA A 229 -75.88 58.93 -8.65
C ALA A 229 -75.40 57.62 -9.28
N LEU A 230 -75.43 57.53 -10.61
CA LEU A 230 -75.02 56.32 -11.30
C LEU A 230 -73.51 56.17 -11.43
N ARG A 231 -72.70 57.02 -10.78
CA ARG A 231 -71.23 56.96 -10.91
C ARG A 231 -70.80 56.98 -12.38
N GLN A 232 -71.43 57.86 -13.17
CA GLN A 232 -71.04 58.05 -14.56
C GLN A 232 -69.73 58.84 -14.67
N GLU A 233 -68.85 58.42 -15.57
CA GLU A 233 -67.58 59.14 -15.70
C GLU A 233 -67.82 60.58 -16.16
N GLU A 234 -68.65 60.76 -17.17
CA GLU A 234 -69.02 62.12 -17.53
C GLU A 234 -70.46 62.18 -18.06
N VAL A 235 -71.03 63.38 -18.10
CA VAL A 235 -72.41 63.60 -18.52
C VAL A 235 -72.42 64.80 -19.46
N TYR A 236 -73.22 64.73 -20.52
CA TYR A 236 -73.29 65.78 -21.55
C TYR A 236 -74.73 66.29 -21.66
N TYR A 237 -74.96 67.58 -21.32
CA TYR A 237 -76.33 68.07 -21.22
C TYR A 237 -76.79 68.73 -22.51
N ASP A 238 -77.83 68.14 -23.10
CA ASP A 238 -78.44 68.55 -24.35
C ASP A 238 -77.37 68.79 -25.40
N SER A 239 -76.67 67.69 -25.70
CA SER A 239 -75.90 67.61 -26.93
C SER A 239 -76.81 67.72 -28.14
N SER A 240 -78.11 67.50 -27.94
CA SER A 240 -79.12 67.72 -28.97
C SER A 240 -79.07 69.14 -29.49
N LEU A 241 -78.39 70.05 -28.81
CA LEU A 241 -78.36 71.45 -29.23
C LEU A 241 -77.11 71.82 -30.00
N TRP A 242 -76.13 70.92 -30.12
CA TRP A 242 -74.91 71.27 -30.86
C TRP A 242 -74.55 70.14 -31.83
N THR A 243 -74.12 70.54 -33.02
CA THR A 243 -73.56 69.61 -34.05
C THR A 243 -73.40 70.34 -35.39
N GLU B 4 -46.38 74.36 -48.51
CA GLU B 4 -45.08 74.96 -48.24
C GLU B 4 -44.13 74.03 -47.44
N GLU B 5 -42.91 73.84 -47.94
CA GLU B 5 -41.91 72.97 -47.34
C GLU B 5 -41.04 73.76 -46.37
N PHE B 6 -40.42 73.06 -45.43
CA PHE B 6 -39.52 73.75 -44.52
C PHE B 6 -38.16 73.94 -45.16
N ARG B 7 -37.57 75.10 -44.91
CA ARG B 7 -36.23 75.41 -45.39
C ARG B 7 -35.45 76.00 -44.22
N PRO B 8 -34.27 75.43 -43.85
CA PRO B 8 -33.50 75.92 -42.71
C PRO B 8 -33.20 77.41 -42.74
N GLU B 9 -33.37 78.00 -43.92
CA GLU B 9 -33.15 79.42 -44.11
C GLU B 9 -34.30 80.25 -43.53
N MET B 10 -35.49 79.64 -43.36
CA MET B 10 -36.62 80.38 -42.81
C MET B 10 -36.26 80.98 -41.46
N LEU B 11 -35.40 80.32 -40.70
CA LEU B 11 -34.99 80.84 -39.40
C LEU B 11 -33.82 81.79 -39.51
N GLN B 12 -33.14 81.80 -40.67
CA GLN B 12 -31.93 82.58 -40.82
C GLN B 12 -32.16 84.03 -40.43
N GLY B 13 -31.40 84.50 -39.44
CA GLY B 13 -31.43 85.88 -39.00
C GLY B 13 -32.57 86.28 -38.06
N LYS B 14 -33.56 85.42 -37.85
CA LYS B 14 -34.72 85.77 -37.04
C LYS B 14 -34.39 85.95 -35.55
N LYS B 15 -35.17 86.78 -34.86
CA LYS B 15 -34.99 87.03 -33.42
C LYS B 15 -35.89 86.10 -32.59
N VAL B 16 -35.31 85.12 -31.92
CA VAL B 16 -36.05 84.05 -31.27
C VAL B 16 -35.75 84.06 -29.77
N ILE B 17 -36.76 83.73 -28.97
CA ILE B 17 -36.63 83.60 -27.52
C ILE B 17 -36.94 82.13 -27.16
N VAL B 18 -36.09 81.51 -26.33
CA VAL B 18 -36.31 80.10 -25.93
C VAL B 18 -36.22 79.98 -24.41
N THR B 19 -37.34 79.68 -23.77
CA THR B 19 -37.38 79.52 -22.34
C THR B 19 -37.17 78.06 -21.99
N GLY B 20 -36.77 77.82 -20.75
CA GLY B 20 -36.38 76.45 -20.42
C GLY B 20 -35.32 75.94 -21.35
N ALA B 21 -34.32 76.77 -21.66
CA ALA B 21 -33.31 76.45 -22.65
C ALA B 21 -32.01 75.92 -22.06
N SER B 22 -31.86 75.93 -20.74
CA SER B 22 -30.61 75.48 -20.17
C SER B 22 -30.39 73.97 -20.36
N LYS B 23 -31.42 73.19 -20.66
CA LYS B 23 -31.21 71.76 -20.85
C LYS B 23 -32.35 71.13 -21.64
N GLY B 24 -32.24 69.84 -21.85
CA GLY B 24 -33.33 69.08 -22.42
C GLY B 24 -33.66 69.51 -23.82
N ILE B 25 -34.96 69.48 -24.13
CA ILE B 25 -35.40 69.91 -25.45
C ILE B 25 -35.14 71.39 -25.63
N GLY B 26 -35.26 72.17 -24.55
CA GLY B 26 -35.05 73.60 -24.70
C GLY B 26 -33.68 73.95 -25.23
N ARG B 27 -32.64 73.30 -24.71
CA ARG B 27 -31.30 73.55 -25.22
C ARG B 27 -31.18 73.12 -26.67
N GLU B 28 -31.71 71.94 -27.02
CA GLU B 28 -31.56 71.46 -28.40
C GLU B 28 -32.12 72.47 -29.39
N MET B 29 -33.26 73.07 -29.08
CA MET B 29 -33.79 74.09 -29.96
C MET B 29 -32.81 75.26 -30.07
N ALA B 30 -32.24 75.70 -28.95
CA ALA B 30 -31.30 76.81 -29.02
C ALA B 30 -30.12 76.46 -29.94
N TYR B 31 -29.58 75.25 -29.83
CA TYR B 31 -28.50 74.91 -30.74
C TYR B 31 -29.02 74.84 -32.17
N HIS B 32 -30.17 74.21 -32.37
CA HIS B 32 -30.75 74.18 -33.70
C HIS B 32 -30.91 75.60 -34.25
N LEU B 33 -31.44 76.51 -33.42
CA LEU B 33 -31.60 77.89 -33.88
C LEU B 33 -30.25 78.51 -34.20
N ALA B 34 -29.21 78.19 -33.44
CA ALA B 34 -27.88 78.74 -33.72
C ALA B 34 -27.34 78.21 -35.04
N LYS B 35 -27.41 76.90 -35.25
CA LYS B 35 -26.97 76.32 -36.51
C LYS B 35 -27.71 76.96 -37.69
N MET B 36 -28.89 77.50 -37.46
CA MET B 36 -29.62 78.17 -38.53
C MET B 36 -29.30 79.66 -38.63
N GLY B 37 -28.37 80.14 -37.80
CA GLY B 37 -27.94 81.53 -37.88
C GLY B 37 -28.99 82.53 -37.44
N ALA B 38 -29.69 82.24 -36.34
CA ALA B 38 -30.70 83.11 -35.79
C ALA B 38 -30.16 83.90 -34.60
N HIS B 39 -30.96 84.87 -34.17
CA HIS B 39 -30.69 85.57 -32.91
C HIS B 39 -31.44 84.87 -31.78
N VAL B 40 -30.74 84.58 -30.69
CA VAL B 40 -31.32 83.82 -29.59
C VAL B 40 -31.06 84.52 -28.26
N VAL B 41 -32.06 84.46 -27.39
CA VAL B 41 -31.98 84.87 -25.99
C VAL B 41 -32.52 83.67 -25.21
N VAL B 42 -31.69 83.00 -24.48
CA VAL B 42 -32.13 81.83 -23.73
C VAL B 42 -32.32 82.22 -22.27
N THR B 43 -33.31 81.59 -21.62
CA THR B 43 -33.58 81.85 -20.22
C THR B 43 -33.78 80.53 -19.47
N ALA B 44 -33.48 80.58 -18.18
CA ALA B 44 -33.66 79.48 -17.24
C ALA B 44 -33.24 80.00 -15.87
N ARG B 45 -33.14 79.10 -14.89
CA ARG B 45 -32.55 79.51 -13.62
C ARG B 45 -31.04 79.31 -13.60
N SER B 46 -30.53 78.27 -14.23
CA SER B 46 -29.11 78.02 -14.07
C SER B 46 -28.27 79.03 -14.84
N LYS B 47 -27.88 80.11 -14.15
CA LYS B 47 -27.00 81.12 -14.73
C LYS B 47 -25.79 80.41 -15.32
N GLU B 48 -25.25 79.48 -14.54
CA GLU B 48 -24.10 78.67 -14.90
C GLU B 48 -24.27 77.97 -16.25
N THR B 49 -25.27 77.09 -16.32
CA THR B 49 -25.48 76.28 -17.51
C THR B 49 -25.87 77.14 -18.71
N LEU B 50 -26.65 78.20 -18.48
CA LEU B 50 -27.05 79.06 -19.59
C LEU B 50 -25.84 79.62 -20.33
N GLN B 51 -24.84 80.09 -19.58
CA GLN B 51 -23.65 80.69 -20.18
C GLN B 51 -22.94 79.69 -21.10
N LYS B 52 -22.82 78.43 -20.67
CA LYS B 52 -22.23 77.44 -21.55
C LYS B 52 -23.07 77.26 -22.81
N VAL B 53 -24.39 77.36 -22.67
CA VAL B 53 -25.27 77.20 -23.83
C VAL B 53 -25.15 78.38 -24.78
N VAL B 54 -25.07 79.61 -24.23
CA VAL B 54 -24.87 80.79 -25.07
C VAL B 54 -23.58 80.68 -25.87
N SER B 55 -22.50 80.32 -25.19
CA SER B 55 -21.20 80.25 -25.83
C SER B 55 -21.19 79.23 -26.96
N HIS B 56 -21.62 78.00 -26.68
CA HIS B 56 -21.67 77.01 -27.74
C HIS B 56 -22.66 77.42 -28.82
N CYS B 57 -23.60 78.29 -28.49
CA CYS B 57 -24.49 78.79 -29.53
C CYS B 57 -23.75 79.65 -30.52
N LEU B 58 -22.89 80.54 -30.01
CA LEU B 58 -22.04 81.33 -30.89
C LEU B 58 -21.19 80.43 -31.78
N GLU B 59 -20.50 79.44 -31.19
CA GLU B 59 -19.69 78.53 -32.00
C GLU B 59 -20.56 77.85 -33.05
N LEU B 60 -21.79 77.51 -32.69
CA LEU B 60 -22.61 76.85 -33.69
C LEU B 60 -23.03 77.81 -34.79
N GLY B 61 -22.84 79.10 -34.61
CA GLY B 61 -23.21 80.06 -35.61
C GLY B 61 -24.36 80.99 -35.30
N ALA B 62 -24.75 81.15 -34.04
CA ALA B 62 -25.83 82.05 -33.74
C ALA B 62 -25.46 83.47 -34.17
N ALA B 63 -26.47 84.23 -34.59
CA ALA B 63 -26.20 85.62 -34.91
C ALA B 63 -25.99 86.43 -33.63
N SER B 64 -26.80 86.17 -32.58
CA SER B 64 -26.75 87.02 -31.39
C SER B 64 -26.34 86.29 -30.10
N ALA B 65 -27.09 85.28 -29.65
CA ALA B 65 -26.67 84.50 -28.48
C ALA B 65 -26.45 85.29 -27.17
N HIS B 66 -27.51 85.73 -26.50
CA HIS B 66 -27.45 86.25 -25.14
C HIS B 66 -28.18 85.31 -24.16
N TYR B 67 -28.14 85.64 -22.86
CA TYR B 67 -28.93 84.90 -21.87
C TYR B 67 -29.35 85.81 -20.74
N ILE B 68 -30.48 85.45 -20.11
CA ILE B 68 -30.98 86.08 -18.88
C ILE B 68 -31.45 84.96 -17.96
N ALA B 69 -31.09 85.03 -16.68
CA ALA B 69 -31.41 83.98 -15.72
C ALA B 69 -32.42 84.48 -14.68
N GLY B 70 -33.32 83.61 -14.28
CA GLY B 70 -34.36 83.95 -13.33
C GLY B 70 -35.47 82.93 -13.36
N THR B 71 -36.29 82.95 -12.30
CA THR B 71 -37.31 81.92 -12.14
C THR B 71 -38.64 82.34 -12.74
N MET B 72 -39.21 81.47 -13.52
CA MET B 72 -40.55 81.69 -14.05
C MET B 72 -41.60 81.49 -12.98
N GLU B 73 -41.17 81.27 -11.74
CA GLU B 73 -42.10 81.34 -10.62
C GLU B 73 -42.53 82.78 -10.39
N ASP B 74 -41.64 83.75 -10.64
CA ASP B 74 -41.91 85.17 -10.40
C ASP B 74 -42.50 85.78 -11.66
N MET B 75 -43.81 86.08 -11.64
CA MET B 75 -44.41 86.67 -12.83
C MET B 75 -43.71 87.96 -13.23
N THR B 76 -43.20 88.71 -12.26
CA THR B 76 -42.51 89.95 -12.61
C THR B 76 -41.27 89.67 -13.42
N PHE B 77 -40.58 88.58 -13.13
CA PHE B 77 -39.44 88.23 -13.96
C PHE B 77 -39.88 87.93 -15.38
N ALA B 78 -40.87 87.04 -15.52
CA ALA B 78 -41.28 86.69 -16.87
C ALA B 78 -41.61 87.93 -17.68
N GLU B 79 -42.37 88.85 -17.08
CA GLU B 79 -42.67 90.10 -17.75
C GLU B 79 -41.41 90.85 -18.12
N GLN B 80 -40.58 91.15 -17.11
CA GLN B 80 -39.39 91.95 -17.38
C GLN B 80 -38.43 91.26 -18.33
N PHE B 81 -38.35 89.92 -18.28
CA PHE B 81 -37.41 89.22 -19.14
C PHE B 81 -37.68 89.48 -20.61
N VAL B 82 -38.95 89.47 -21.02
CA VAL B 82 -39.32 89.68 -22.42
C VAL B 82 -38.90 91.08 -22.87
N ALA B 83 -39.01 92.06 -21.97
CA ALA B 83 -38.50 93.38 -22.31
C ALA B 83 -37.01 93.30 -22.60
N GLN B 84 -36.21 92.78 -21.67
CA GLN B 84 -34.77 92.73 -21.89
C GLN B 84 -34.46 91.97 -23.18
N ALA B 85 -35.08 90.81 -23.36
CA ALA B 85 -34.78 90.00 -24.52
C ALA B 85 -35.10 90.75 -25.80
N GLY B 86 -36.17 91.55 -25.77
CA GLY B 86 -36.52 92.34 -26.93
C GLY B 86 -35.55 93.47 -27.15
N LYS B 87 -35.15 94.15 -26.08
CA LYS B 87 -34.11 95.17 -26.17
C LYS B 87 -32.82 94.57 -26.73
N LEU B 88 -32.37 93.45 -26.16
CA LEU B 88 -31.13 92.87 -26.62
C LEU B 88 -31.17 92.58 -28.11
N MET B 89 -32.28 92.05 -28.60
CA MET B 89 -32.36 91.69 -30.01
C MET B 89 -32.95 92.81 -30.87
N GLY B 90 -33.44 93.89 -30.27
CA GLY B 90 -34.14 94.90 -31.04
C GLY B 90 -35.36 94.36 -31.75
N GLY B 91 -36.19 93.61 -31.04
CA GLY B 91 -37.42 93.03 -31.54
C GLY B 91 -37.52 91.55 -31.25
N LEU B 92 -38.63 90.96 -31.70
CA LEU B 92 -38.87 89.54 -31.50
C LEU B 92 -39.67 88.97 -32.66
N ASP B 93 -39.23 87.83 -33.18
CA ASP B 93 -39.99 87.15 -34.22
C ASP B 93 -40.74 85.93 -33.69
N MET B 94 -40.12 85.16 -32.80
CA MET B 94 -40.67 83.90 -32.32
C MET B 94 -40.40 83.72 -30.85
N LEU B 95 -41.44 83.31 -30.11
CA LEU B 95 -41.43 83.08 -28.67
C LEU B 95 -41.70 81.59 -28.42
N ILE B 96 -40.67 80.84 -28.06
CA ILE B 96 -40.80 79.40 -27.86
C ILE B 96 -40.98 79.18 -26.38
N LEU B 97 -42.22 78.88 -25.95
CA LEU B 97 -42.50 78.64 -24.55
C LEU B 97 -42.34 77.16 -24.21
N ASN B 98 -41.30 76.83 -23.45
CA ASN B 98 -40.89 75.47 -23.30
C ASN B 98 -40.59 75.05 -21.85
N HIS B 99 -40.26 75.98 -20.95
CA HIS B 99 -39.92 75.61 -19.60
C HIS B 99 -41.11 75.02 -18.87
N ILE B 100 -40.84 74.09 -17.93
CA ILE B 100 -41.82 73.57 -16.98
C ILE B 100 -41.15 73.36 -15.64
N THR B 101 -41.94 73.51 -14.57
CA THR B 101 -41.41 73.23 -13.24
C THR B 101 -41.22 71.73 -13.08
N ASN B 102 -40.22 71.33 -12.29
CA ASN B 102 -39.88 69.91 -12.12
C ASN B 102 -41.05 69.14 -11.54
N THR B 103 -41.40 68.01 -12.17
CA THR B 103 -42.43 67.12 -11.66
C THR B 103 -41.97 65.68 -11.82
N SER B 104 -42.56 64.80 -11.02
CA SER B 104 -42.23 63.39 -11.05
C SER B 104 -43.51 62.54 -10.97
N LEU B 105 -43.39 61.30 -11.45
CA LEU B 105 -44.51 60.37 -11.42
C LEU B 105 -44.85 59.98 -9.97
N ASN B 106 -46.05 60.34 -9.54
CA ASN B 106 -46.49 60.07 -8.18
C ASN B 106 -48.00 60.08 -8.18
N LEU B 107 -48.59 59.12 -7.51
CA LEU B 107 -50.01 59.19 -7.28
C LEU B 107 -50.32 60.49 -6.54
N PHE B 108 -51.45 61.10 -6.84
CA PHE B 108 -51.78 62.37 -6.20
C PHE B 108 -52.42 62.07 -4.88
N HIS B 109 -51.95 62.69 -3.80
CA HIS B 109 -52.68 62.56 -2.54
C HIS B 109 -53.23 63.89 -2.05
N ASP B 110 -52.38 64.84 -1.65
CA ASP B 110 -52.89 66.15 -1.25
C ASP B 110 -51.89 67.27 -1.57
N ASP B 111 -51.01 67.08 -2.54
CA ASP B 111 -49.94 68.02 -2.80
C ASP B 111 -50.49 69.21 -3.59
N ILE B 112 -51.31 70.03 -2.93
CA ILE B 112 -51.81 71.23 -3.60
C ILE B 112 -50.64 72.11 -4.00
N HIS B 113 -49.61 72.16 -3.15
CA HIS B 113 -48.46 73.01 -3.46
C HIS B 113 -47.94 72.68 -4.85
N HIS B 114 -47.80 71.40 -5.16
CA HIS B 114 -47.32 71.07 -6.50
C HIS B 114 -48.34 71.49 -7.54
N VAL B 115 -49.63 71.24 -7.27
CA VAL B 115 -50.67 71.61 -8.23
C VAL B 115 -50.58 73.09 -8.54
N ARG B 116 -50.45 73.91 -7.49
CA ARG B 116 -50.37 75.36 -7.71
C ARG B 116 -49.07 75.75 -8.39
N LYS B 117 -47.92 75.33 -7.85
CA LYS B 117 -46.69 75.72 -8.51
C LYS B 117 -46.68 75.25 -9.96
N SER B 118 -47.18 74.03 -10.22
CA SER B 118 -47.25 73.53 -11.60
C SER B 118 -48.10 74.46 -12.47
N MET B 119 -49.24 74.91 -11.96
CA MET B 119 -50.09 75.81 -12.73
C MET B 119 -49.43 77.17 -12.95
N GLU B 120 -48.66 77.65 -11.99
CA GLU B 120 -48.00 78.94 -12.10
C GLU B 120 -46.90 78.91 -13.14
N VAL B 121 -46.05 77.92 -13.07
CA VAL B 121 -44.88 77.90 -13.93
C VAL B 121 -45.22 77.35 -15.29
N ASN B 122 -46.05 76.30 -15.34
CA ASN B 122 -46.36 75.61 -16.58
C ASN B 122 -47.43 76.28 -17.39
N PHE B 123 -48.35 77.01 -16.76
CA PHE B 123 -49.43 77.70 -17.47
C PHE B 123 -49.41 79.22 -17.28
N LEU B 124 -49.52 79.72 -16.05
CA LEU B 124 -49.70 81.14 -15.85
C LEU B 124 -48.57 81.95 -16.49
N SER B 125 -47.33 81.59 -16.21
CA SER B 125 -46.19 82.32 -16.76
C SER B 125 -46.21 82.40 -18.28
N TYR B 126 -46.72 81.35 -18.98
CA TYR B 126 -46.79 81.39 -20.44
C TYR B 126 -47.67 82.53 -20.92
N VAL B 127 -48.83 82.69 -20.27
CA VAL B 127 -49.71 83.82 -20.57
C VAL B 127 -48.98 85.12 -20.28
N VAL B 128 -48.35 85.22 -19.11
CA VAL B 128 -47.61 86.44 -18.78
C VAL B 128 -46.56 86.76 -19.85
N LEU B 129 -45.74 85.77 -20.22
CA LEU B 129 -44.77 85.97 -21.30
C LEU B 129 -45.49 86.35 -22.59
N THR B 130 -46.58 85.65 -22.94
CA THR B 130 -47.32 86.02 -24.14
C THR B 130 -47.83 87.46 -24.08
N VAL B 131 -48.38 87.89 -22.95
CA VAL B 131 -48.84 89.26 -22.87
C VAL B 131 -47.67 90.21 -23.14
N ALA B 132 -46.51 89.94 -22.53
CA ALA B 132 -45.33 90.79 -22.73
C ALA B 132 -44.89 90.79 -24.17
N ALA B 133 -44.90 89.63 -24.81
CA ALA B 133 -44.36 89.54 -26.16
C ALA B 133 -45.35 89.98 -27.24
N LEU B 134 -46.64 90.14 -26.95
CA LEU B 134 -47.58 90.33 -28.05
C LEU B 134 -47.26 91.55 -28.89
N PRO B 135 -47.13 92.76 -28.35
CA PRO B 135 -46.81 93.91 -29.21
C PRO B 135 -45.60 93.70 -30.11
N MET B 136 -44.47 93.28 -29.55
CA MET B 136 -43.29 93.01 -30.36
C MET B 136 -43.57 91.96 -31.44
N LEU B 137 -44.39 90.96 -31.11
CA LEU B 137 -44.69 89.89 -32.06
C LEU B 137 -45.62 90.36 -33.16
N LYS B 138 -46.56 91.24 -32.82
CA LYS B 138 -47.45 91.83 -33.82
C LYS B 138 -46.67 92.62 -34.87
N GLN B 139 -45.67 93.39 -34.44
CA GLN B 139 -44.88 94.19 -35.36
C GLN B 139 -44.12 93.35 -36.36
N SER B 140 -44.03 92.04 -36.14
CA SER B 140 -43.28 91.15 -37.02
C SER B 140 -44.15 90.07 -37.62
N ASN B 141 -45.45 90.08 -37.35
CA ASN B 141 -46.33 88.99 -37.76
C ASN B 141 -45.73 87.65 -37.33
N GLY B 142 -45.22 87.63 -36.10
CA GLY B 142 -44.41 86.56 -35.58
C GLY B 142 -45.12 85.28 -35.22
N SER B 143 -44.54 84.53 -34.28
CA SER B 143 -45.11 83.24 -33.95
C SER B 143 -44.91 82.93 -32.48
N ILE B 144 -45.90 82.28 -31.89
CA ILE B 144 -45.86 81.81 -30.51
C ILE B 144 -45.84 80.30 -30.56
N VAL B 145 -44.91 79.70 -29.81
CA VAL B 145 -44.78 78.25 -29.79
C VAL B 145 -44.99 77.79 -28.37
N VAL B 146 -46.01 76.95 -28.17
CA VAL B 146 -46.36 76.38 -26.87
C VAL B 146 -45.98 74.89 -26.90
N VAL B 147 -45.02 74.51 -26.07
CA VAL B 147 -44.54 73.13 -26.05
C VAL B 147 -45.36 72.39 -25.00
N SER B 148 -46.21 71.49 -25.45
CA SER B 148 -47.08 70.75 -24.55
C SER B 148 -46.71 69.27 -24.59
N SER B 149 -47.48 68.47 -23.84
CA SER B 149 -47.20 67.05 -23.72
C SER B 149 -48.39 66.24 -24.22
N LEU B 150 -48.13 64.99 -24.53
CA LEU B 150 -49.24 64.10 -24.85
C LEU B 150 -50.20 63.99 -23.68
N ALA B 151 -49.71 64.20 -22.46
CA ALA B 151 -50.55 64.25 -21.26
C ALA B 151 -51.41 65.51 -21.18
N GLY B 152 -51.17 66.47 -22.06
CA GLY B 152 -52.05 67.61 -22.25
C GLY B 152 -53.16 67.38 -23.25
N LYS B 153 -53.31 66.14 -23.73
CA LYS B 153 -54.42 65.81 -24.60
C LYS B 153 -55.18 64.64 -24.02
N VAL B 154 -54.48 63.82 -23.25
CA VAL B 154 -55.02 62.62 -22.63
C VAL B 154 -54.58 62.58 -21.18
N ALA B 155 -55.52 62.36 -20.27
CA ALA B 155 -55.14 62.29 -18.89
C ALA B 155 -54.46 60.94 -18.63
N TYR B 156 -53.35 60.97 -17.90
CA TYR B 156 -52.61 59.78 -17.54
C TYR B 156 -52.44 59.72 -16.03
N PRO B 157 -52.43 58.52 -15.44
CA PRO B 157 -52.26 58.42 -13.99
C PRO B 157 -50.85 58.82 -13.59
N MET B 158 -50.72 59.35 -12.38
CA MET B 158 -49.45 59.74 -11.75
C MET B 158 -48.90 61.07 -12.22
N VAL B 159 -49.59 61.80 -13.10
CA VAL B 159 -49.16 63.13 -13.51
C VAL B 159 -50.29 64.15 -13.44
N ALA B 160 -51.23 63.97 -12.50
CA ALA B 160 -52.48 64.73 -12.55
C ALA B 160 -52.24 66.26 -12.56
N ALA B 161 -51.47 66.78 -11.60
CA ALA B 161 -51.25 68.21 -11.52
C ALA B 161 -50.54 68.74 -12.77
N TYR B 162 -49.48 68.06 -13.19
CA TYR B 162 -48.81 68.46 -14.43
C TYR B 162 -49.80 68.38 -15.59
N SER B 163 -50.57 67.29 -15.65
CA SER B 163 -51.55 67.18 -16.70
C SER B 163 -52.51 68.36 -16.68
N ALA B 164 -52.91 68.79 -15.49
CA ALA B 164 -53.83 69.92 -15.38
C ALA B 164 -53.24 71.15 -16.04
N SER B 165 -51.96 71.42 -15.81
CA SER B 165 -51.31 72.58 -16.41
C SER B 165 -51.23 72.48 -17.93
N LYS B 166 -50.88 71.30 -18.48
CA LYS B 166 -50.75 71.22 -19.95
C LYS B 166 -52.09 71.25 -20.68
N PHE B 167 -53.18 70.86 -19.99
CA PHE B 167 -54.50 71.08 -20.56
C PHE B 167 -54.79 72.56 -20.64
N ALA B 168 -54.56 73.29 -19.54
CA ALA B 168 -54.89 74.73 -19.50
C ALA B 168 -54.26 75.46 -20.68
N LEU B 169 -53.00 75.16 -21.00
CA LEU B 169 -52.39 75.75 -22.19
C LEU B 169 -53.27 75.51 -23.39
N ASP B 170 -53.78 74.29 -23.54
CA ASP B 170 -54.62 73.95 -24.67
C ASP B 170 -55.84 74.84 -24.69
N GLY B 171 -56.56 74.87 -23.58
CA GLY B 171 -57.74 75.70 -23.52
C GLY B 171 -57.42 77.14 -23.79
N PHE B 172 -56.35 77.64 -23.20
CA PHE B 172 -56.09 79.05 -23.33
C PHE B 172 -55.58 79.40 -24.74
N PHE B 173 -54.46 78.82 -25.13
CA PHE B 173 -53.89 79.25 -26.40
C PHE B 173 -54.73 78.83 -27.58
N SER B 174 -55.55 77.78 -27.45
CA SER B 174 -56.43 77.42 -28.55
C SER B 174 -57.57 78.43 -28.77
N SER B 175 -58.05 79.07 -27.69
CA SER B 175 -59.04 80.13 -27.81
C SER B 175 -58.43 81.41 -28.32
N ILE B 176 -57.35 81.85 -27.68
CA ILE B 176 -56.67 83.05 -28.14
C ILE B 176 -56.44 83.00 -29.65
N ARG B 177 -56.09 81.82 -30.16
CA ARG B 177 -55.89 81.69 -31.59
C ARG B 177 -57.17 82.08 -32.34
N LYS B 178 -58.33 81.67 -31.84
CA LYS B 178 -59.61 82.05 -32.45
C LYS B 178 -59.86 83.55 -32.38
N GLU B 179 -59.62 84.15 -31.22
CA GLU B 179 -59.75 85.60 -31.08
C GLU B 179 -58.80 86.30 -32.02
N TYR B 180 -57.57 85.80 -32.13
CA TYR B 180 -56.63 86.45 -33.03
C TYR B 180 -57.18 86.49 -34.44
N SER B 181 -57.93 85.46 -34.82
CA SER B 181 -58.53 85.36 -36.15
C SER B 181 -59.52 86.50 -36.44
N VAL B 182 -60.49 86.69 -35.55
CA VAL B 182 -61.50 87.72 -35.79
C VAL B 182 -61.02 89.07 -35.32
N SER B 183 -59.95 89.12 -34.54
CA SER B 183 -59.19 90.35 -34.35
C SER B 183 -58.30 90.51 -35.57
N ARG B 184 -57.30 91.37 -35.50
CA ARG B 184 -56.39 91.46 -36.63
C ARG B 184 -55.04 90.86 -36.34
N VAL B 185 -54.93 89.94 -35.39
CA VAL B 185 -53.62 89.61 -34.83
C VAL B 185 -52.95 88.53 -35.69
N ASN B 186 -51.85 88.90 -36.35
CA ASN B 186 -51.17 88.01 -37.27
C ASN B 186 -50.12 87.17 -36.59
N VAL B 187 -50.26 86.93 -35.30
CA VAL B 187 -49.31 86.12 -34.56
C VAL B 187 -49.85 84.70 -34.52
N SER B 188 -49.09 83.75 -35.03
CA SER B 188 -49.55 82.37 -35.01
C SER B 188 -49.16 81.71 -33.70
N ILE B 189 -49.85 80.61 -33.43
CA ILE B 189 -49.71 79.86 -32.19
C ILE B 189 -49.59 78.39 -32.57
N THR B 190 -48.41 77.82 -32.40
CA THR B 190 -48.17 76.40 -32.67
C THR B 190 -48.14 75.65 -31.34
N LEU B 191 -49.03 74.67 -31.17
CA LEU B 191 -49.06 73.86 -29.96
C LEU B 191 -48.42 72.52 -30.24
N CYS B 192 -47.41 72.16 -29.47
CA CYS B 192 -46.67 70.92 -29.71
C CYS B 192 -47.13 69.86 -28.72
N VAL B 193 -47.59 68.73 -29.25
CA VAL B 193 -48.01 67.64 -28.41
C VAL B 193 -46.95 66.56 -28.55
N LEU B 194 -45.98 66.55 -27.64
CA LEU B 194 -44.88 65.61 -27.73
C LEU B 194 -45.18 64.35 -26.91
N GLY B 195 -44.75 63.20 -27.42
CA GLY B 195 -44.71 62.00 -26.61
C GLY B 195 -43.46 62.02 -25.76
N LEU B 196 -43.08 60.84 -25.29
CA LEU B 196 -41.88 60.76 -24.47
C LEU B 196 -40.65 61.11 -25.30
N ILE B 197 -39.82 62.01 -24.79
CA ILE B 197 -38.61 62.49 -25.44
C ILE B 197 -37.42 62.15 -24.56
N ASP B 198 -36.36 61.61 -25.16
CA ASP B 198 -35.29 61.01 -24.36
C ASP B 198 -34.40 62.06 -23.71
N THR B 199 -35.00 63.01 -23.02
CA THR B 199 -34.17 63.95 -22.28
C THR B 199 -33.70 63.30 -20.99
N GLU B 200 -32.64 63.90 -20.42
CA GLU B 200 -32.10 63.39 -19.17
C GLU B 200 -33.18 63.35 -18.09
N THR B 201 -33.75 64.50 -17.78
CA THR B 201 -34.68 64.59 -16.65
C THR B 201 -35.88 63.67 -16.85
N ALA B 202 -36.40 63.59 -18.08
CA ALA B 202 -37.55 62.75 -18.35
C ALA B 202 -37.22 61.27 -18.17
N MET B 203 -36.15 60.83 -18.81
CA MET B 203 -35.83 59.42 -18.74
C MET B 203 -35.57 58.99 -17.29
N LYS B 204 -34.90 59.83 -16.49
CA LYS B 204 -34.75 59.49 -15.09
C LYS B 204 -36.12 59.35 -14.43
N ALA B 205 -37.07 60.21 -14.77
CA ALA B 205 -38.34 60.28 -14.06
C ALA B 205 -39.25 59.09 -14.36
N VAL B 206 -39.07 58.45 -15.50
CA VAL B 206 -39.91 57.35 -15.97
C VAL B 206 -39.17 56.02 -15.87
N SER B 207 -38.00 56.01 -15.21
CA SER B 207 -36.97 54.99 -15.38
C SER B 207 -37.48 53.56 -15.47
N GLY B 208 -38.28 53.10 -14.52
CA GLY B 208 -38.75 51.73 -14.62
C GLY B 208 -40.26 51.63 -14.49
N ILE B 209 -40.95 52.67 -14.92
CA ILE B 209 -42.37 52.81 -14.76
C ILE B 209 -43.16 52.34 -15.98
N VAL B 210 -42.85 52.89 -17.14
CA VAL B 210 -43.58 52.54 -18.35
C VAL B 210 -42.75 53.01 -19.52
N HIS B 211 -42.58 52.16 -20.51
CA HIS B 211 -41.70 52.48 -21.63
C HIS B 211 -42.54 52.63 -22.88
N MET B 212 -42.46 53.82 -23.46
CA MET B 212 -43.08 54.13 -24.73
C MET B 212 -42.08 54.36 -25.85
N GLN B 213 -40.82 53.93 -25.69
CA GLN B 213 -39.83 54.23 -26.74
C GLN B 213 -39.69 55.74 -26.94
N ALA B 214 -39.05 56.39 -25.98
CA ALA B 214 -38.75 57.81 -26.14
C ALA B 214 -38.17 58.11 -27.51
N ALA B 215 -38.39 59.33 -28.00
CA ALA B 215 -37.85 59.76 -29.29
C ALA B 215 -36.74 60.78 -29.07
N PRO B 216 -35.88 60.99 -30.08
CA PRO B 216 -34.64 61.75 -29.84
C PRO B 216 -34.90 63.21 -29.57
N LYS B 217 -34.22 63.75 -28.56
CA LYS B 217 -34.41 65.16 -28.25
C LYS B 217 -33.90 66.05 -29.39
N GLU B 218 -32.84 65.63 -30.09
CA GLU B 218 -32.34 66.43 -31.20
C GLU B 218 -33.42 66.56 -32.29
N GLU B 219 -33.97 65.43 -32.74
CA GLU B 219 -34.98 65.51 -33.79
C GLU B 219 -36.23 66.25 -33.29
N CYS B 220 -36.66 65.98 -32.05
CA CYS B 220 -37.80 66.69 -31.49
C CYS B 220 -37.56 68.19 -31.48
N ALA B 221 -36.43 68.63 -30.93
CA ALA B 221 -36.22 70.06 -30.86
C ALA B 221 -36.42 70.70 -32.22
N LEU B 222 -35.94 70.05 -33.29
CA LEU B 222 -36.10 70.65 -34.61
C LEU B 222 -37.55 70.64 -35.05
N GLU B 223 -38.23 69.52 -34.87
CA GLU B 223 -39.61 69.39 -35.32
C GLU B 223 -40.50 70.47 -34.73
N ILE B 224 -40.20 70.93 -33.50
CA ILE B 224 -40.90 72.09 -32.96
C ILE B 224 -40.54 73.33 -33.75
N ILE B 225 -39.25 73.59 -33.90
CA ILE B 225 -38.84 74.77 -34.66
C ILE B 225 -39.43 74.73 -36.05
N LYS B 226 -39.42 73.55 -36.68
CA LYS B 226 -40.00 73.40 -38.02
C LYS B 226 -41.47 73.84 -38.03
N GLY B 227 -42.26 73.39 -37.06
CA GLY B 227 -43.68 73.72 -37.06
C GLY B 227 -43.92 75.20 -36.89
N GLY B 228 -43.22 75.81 -35.95
CA GLY B 228 -43.43 77.24 -35.73
C GLY B 228 -43.04 78.06 -36.93
N ALA B 229 -41.98 77.65 -37.62
CA ALA B 229 -41.60 78.35 -38.83
C ALA B 229 -42.73 78.30 -39.86
N LEU B 230 -43.32 77.15 -40.06
CA LEU B 230 -44.39 77.00 -41.03
C LEU B 230 -45.72 77.52 -40.53
N ARG B 231 -45.77 78.19 -39.39
CA ARG B 231 -47.04 78.64 -38.83
C ARG B 231 -48.06 77.51 -38.82
N GLN B 232 -47.60 76.31 -38.44
CA GLN B 232 -48.51 75.17 -38.27
C GLN B 232 -49.32 75.37 -37.00
N GLU B 233 -50.60 75.00 -37.05
CA GLU B 233 -51.46 75.19 -35.89
C GLU B 233 -51.01 74.33 -34.70
N GLU B 234 -50.68 73.06 -34.94
CA GLU B 234 -50.08 72.25 -33.89
C GLU B 234 -49.15 71.21 -34.52
N VAL B 235 -48.28 70.60 -33.69
CA VAL B 235 -47.30 69.60 -34.15
C VAL B 235 -47.29 68.46 -33.16
N TYR B 236 -47.14 67.23 -33.68
CA TYR B 236 -47.11 66.01 -32.87
C TYR B 236 -45.84 65.20 -33.17
N TYR B 237 -44.93 65.06 -32.21
CA TYR B 237 -43.64 64.44 -32.51
C TYR B 237 -43.62 62.95 -32.17
N ASP B 238 -43.32 62.16 -33.21
CA ASP B 238 -43.38 60.69 -33.24
C ASP B 238 -44.70 60.18 -32.70
N SER B 239 -45.76 60.60 -33.38
CA SER B 239 -47.01 59.87 -33.32
C SER B 239 -46.82 58.46 -33.86
N SER B 240 -45.75 58.25 -34.63
CA SER B 240 -45.39 56.93 -35.09
C SER B 240 -45.26 55.97 -33.93
N LEU B 241 -45.05 56.49 -32.72
CA LEU B 241 -44.85 55.70 -31.51
C LEU B 241 -46.10 55.67 -30.64
N TRP B 242 -47.29 55.89 -31.22
CA TRP B 242 -48.52 55.95 -30.42
C TRP B 242 -49.58 54.98 -30.96
N GLU C 5 -35.43 30.48 -40.70
CA GLU C 5 -35.42 29.32 -41.58
C GLU C 5 -36.64 28.42 -41.32
N PHE C 6 -37.73 29.04 -40.93
CA PHE C 6 -38.98 28.32 -40.68
C PHE C 6 -39.70 28.04 -41.99
N ARG C 7 -40.35 26.89 -42.05
CA ARG C 7 -41.14 26.49 -43.19
C ARG C 7 -42.50 26.07 -42.65
N PRO C 8 -43.58 26.63 -43.16
CA PRO C 8 -44.91 26.25 -42.66
C PRO C 8 -45.15 24.74 -42.74
N GLU C 9 -44.35 24.03 -43.52
CA GLU C 9 -44.47 22.58 -43.60
C GLU C 9 -43.98 21.90 -42.34
N MET C 10 -43.11 22.58 -41.58
CA MET C 10 -42.60 22.01 -40.34
C MET C 10 -43.72 21.65 -39.39
N LEU C 11 -44.85 22.35 -39.46
CA LEU C 11 -46.00 22.05 -38.63
C LEU C 11 -47.00 21.07 -39.26
N GLN C 12 -46.89 20.78 -40.56
CA GLN C 12 -47.84 19.85 -41.19
C GLN C 12 -47.76 18.46 -40.54
N GLY C 13 -48.91 17.96 -40.11
CA GLY C 13 -49.00 16.66 -39.50
C GLY C 13 -48.62 16.61 -38.05
N LYS C 14 -48.05 17.70 -37.52
CA LYS C 14 -47.60 17.72 -36.13
C LYS C 14 -48.79 17.72 -35.17
N LYS C 15 -48.65 17.04 -34.03
CA LYS C 15 -49.70 16.96 -33.02
C LYS C 15 -49.42 17.99 -31.93
N VAL C 16 -50.27 19.02 -31.85
CA VAL C 16 -50.01 20.19 -31.02
C VAL C 16 -51.13 20.35 -30.00
N ILE C 17 -50.75 20.78 -28.80
CA ILE C 17 -51.71 21.18 -27.76
C ILE C 17 -51.57 22.69 -27.60
N VAL C 18 -52.70 23.38 -27.54
CA VAL C 18 -52.73 24.82 -27.35
C VAL C 18 -53.70 25.08 -26.21
N THR C 19 -53.19 25.58 -25.09
CA THR C 19 -54.04 25.92 -23.95
C THR C 19 -54.39 27.40 -23.94
N GLY C 20 -55.49 27.73 -23.28
CA GLY C 20 -55.98 29.10 -23.36
C GLY C 20 -56.19 29.56 -24.80
N ALA C 21 -56.73 28.66 -25.64
CA ALA C 21 -56.84 28.87 -27.07
C ALA C 21 -58.21 29.36 -27.53
N SER C 22 -59.15 29.50 -26.61
CA SER C 22 -60.49 29.92 -26.99
C SER C 22 -60.53 31.34 -27.54
N LYS C 23 -59.52 32.16 -27.25
CA LYS C 23 -59.49 33.53 -27.72
C LYS C 23 -58.05 34.03 -27.69
N GLY C 24 -57.87 35.28 -28.09
CA GLY C 24 -56.58 35.88 -27.97
C GLY C 24 -55.54 35.14 -28.78
N ILE C 25 -54.31 35.16 -28.27
CA ILE C 25 -53.17 34.54 -28.93
C ILE C 25 -53.30 33.02 -28.98
N GLY C 26 -53.95 32.41 -27.99
CA GLY C 26 -54.15 30.97 -28.04
C GLY C 26 -54.99 30.56 -29.24
N ARG C 27 -56.07 31.30 -29.52
CA ARG C 27 -56.85 31.03 -30.71
C ARG C 27 -56.04 31.32 -31.97
N GLU C 28 -55.34 32.45 -32.01
CA GLU C 28 -54.58 32.75 -33.22
C GLU C 28 -53.56 31.65 -33.50
N MET C 29 -52.91 31.14 -32.46
CA MET C 29 -51.99 30.04 -32.64
C MET C 29 -52.73 28.80 -33.16
N ALA C 30 -53.93 28.53 -32.64
CA ALA C 30 -54.73 27.39 -33.10
C ALA C 30 -55.06 27.47 -34.59
N TYR C 31 -55.43 28.67 -35.07
CA TYR C 31 -55.71 28.89 -36.48
C TYR C 31 -54.46 28.74 -37.33
N HIS C 32 -53.33 29.26 -36.85
CA HIS C 32 -52.07 29.07 -37.56
C HIS C 32 -51.76 27.60 -37.75
N LEU C 33 -51.84 26.82 -36.67
CA LEU C 33 -51.51 25.40 -36.80
C LEU C 33 -52.45 24.74 -37.80
N ALA C 34 -53.72 25.11 -37.77
CA ALA C 34 -54.64 24.53 -38.74
C ALA C 34 -54.24 24.95 -40.15
N LYS C 35 -53.98 26.24 -40.35
CA LYS C 35 -53.55 26.71 -41.66
C LYS C 35 -52.30 25.98 -42.12
N MET C 36 -51.49 25.48 -41.18
CA MET C 36 -50.30 24.71 -41.51
C MET C 36 -50.56 23.22 -41.61
N GLY C 37 -51.82 22.80 -41.45
CA GLY C 37 -52.24 21.41 -41.60
C GLY C 37 -51.72 20.44 -40.56
N ALA C 38 -51.69 20.87 -39.30
CA ALA C 38 -51.30 20.04 -38.17
C ALA C 38 -52.54 19.57 -37.43
N HIS C 39 -52.33 18.62 -36.52
CA HIS C 39 -53.39 18.18 -35.63
C HIS C 39 -53.37 19.09 -34.43
N VAL C 40 -54.52 19.58 -34.02
CA VAL C 40 -54.58 20.46 -32.85
C VAL C 40 -55.64 19.96 -31.89
N VAL C 41 -55.31 20.03 -30.59
CA VAL C 41 -56.23 19.74 -29.50
C VAL C 41 -56.19 20.99 -28.63
N VAL C 42 -57.26 21.76 -28.67
CA VAL C 42 -57.31 23.05 -27.98
C VAL C 42 -58.14 22.91 -26.71
N THR C 43 -57.74 23.65 -25.66
CA THR C 43 -58.49 23.68 -24.41
C THR C 43 -58.59 25.10 -23.88
N ALA C 44 -59.64 25.30 -23.10
CA ALA C 44 -59.99 26.53 -22.40
C ALA C 44 -61.17 26.16 -21.51
N ARG C 45 -61.78 27.14 -20.87
CA ARG C 45 -63.00 26.79 -20.13
C ARG C 45 -64.27 26.96 -20.97
N SER C 46 -64.34 27.98 -21.81
CA SER C 46 -65.57 28.32 -22.51
C SER C 46 -65.81 27.28 -23.60
N LYS C 47 -66.62 26.27 -23.27
CA LYS C 47 -66.87 25.15 -24.18
C LYS C 47 -67.36 25.62 -25.55
N GLU C 48 -68.38 26.48 -25.57
CA GLU C 48 -68.94 26.91 -26.84
C GLU C 48 -67.87 27.52 -27.73
N THR C 49 -67.13 28.52 -27.21
CA THR C 49 -66.15 29.21 -28.03
C THR C 49 -65.10 28.24 -28.54
N LEU C 50 -64.74 27.24 -27.74
CA LEU C 50 -63.82 26.23 -28.20
C LEU C 50 -64.38 25.51 -29.43
N GLN C 51 -65.67 25.15 -29.37
CA GLN C 51 -66.28 24.44 -30.49
C GLN C 51 -66.19 25.28 -31.77
N LYS C 52 -66.46 26.58 -31.66
CA LYS C 52 -66.33 27.45 -32.82
C LYS C 52 -64.89 27.50 -33.31
N VAL C 53 -63.93 27.42 -32.39
CA VAL C 53 -62.52 27.40 -32.78
C VAL C 53 -62.19 26.09 -33.44
N VAL C 54 -62.72 24.97 -32.91
CA VAL C 54 -62.49 23.67 -33.52
C VAL C 54 -63.03 23.65 -34.95
N SER C 55 -64.26 24.13 -35.13
CA SER C 55 -64.91 24.11 -36.45
C SER C 55 -64.11 24.92 -37.46
N HIS C 56 -63.80 26.16 -37.11
CA HIS C 56 -63.05 27.02 -38.00
C HIS C 56 -61.67 26.45 -38.27
N CYS C 57 -61.14 25.65 -37.34
CA CYS C 57 -59.84 25.04 -37.55
C CYS C 57 -59.89 23.99 -38.65
N LEU C 58 -60.92 23.14 -38.63
CA LEU C 58 -61.07 22.19 -39.73
C LEU C 58 -61.21 22.93 -41.05
N GLU C 59 -62.05 23.98 -41.06
CA GLU C 59 -62.24 24.77 -42.27
C GLU C 59 -60.93 25.35 -42.76
N LEU C 60 -60.07 25.78 -41.85
CA LEU C 60 -58.79 26.36 -42.22
C LEU C 60 -57.81 25.32 -42.74
N GLY C 61 -58.13 24.03 -42.62
CA GLY C 61 -57.29 22.99 -43.14
C GLY C 61 -56.59 22.15 -42.10
N ALA C 62 -56.97 22.26 -40.84
CA ALA C 62 -56.34 21.47 -39.80
C ALA C 62 -56.56 20.00 -40.07
N ALA C 63 -55.57 19.18 -39.69
CA ALA C 63 -55.70 17.74 -39.84
C ALA C 63 -56.65 17.15 -38.80
N SER C 64 -56.61 17.62 -37.55
CA SER C 64 -57.39 16.96 -36.52
C SER C 64 -58.46 17.85 -35.90
N ALA C 65 -58.07 18.92 -35.22
CA ALA C 65 -59.02 19.88 -34.65
C ALA C 65 -60.01 19.21 -33.68
N HIS C 66 -59.51 18.80 -32.49
CA HIS C 66 -60.37 18.44 -31.37
C HIS C 66 -60.26 19.48 -30.26
N TYR C 67 -61.10 19.34 -29.24
CA TYR C 67 -61.01 20.25 -28.10
C TYR C 67 -61.47 19.53 -26.83
N ILE C 68 -60.99 20.02 -25.70
CA ILE C 68 -61.40 19.56 -24.38
C ILE C 68 -61.57 20.80 -23.51
N ALA C 69 -62.63 20.84 -22.72
CA ALA C 69 -62.96 22.02 -21.93
C ALA C 69 -62.69 21.74 -20.45
N GLY C 70 -62.24 22.77 -19.73
CA GLY C 70 -61.95 22.64 -18.32
C GLY C 70 -61.08 23.77 -17.85
N THR C 71 -61.05 23.95 -16.52
CA THR C 71 -60.28 25.03 -15.90
C THR C 71 -58.88 24.55 -15.56
N MET C 72 -57.87 25.36 -15.90
CA MET C 72 -56.54 25.00 -15.42
C MET C 72 -56.37 25.32 -13.95
N GLU C 73 -57.44 25.74 -13.30
CA GLU C 73 -57.40 25.81 -11.85
C GLU C 73 -57.31 24.42 -11.28
N ASP C 74 -57.92 23.46 -11.96
CA ASP C 74 -58.04 22.09 -11.51
C ASP C 74 -56.83 21.29 -11.96
N MET C 75 -55.89 21.04 -11.04
CA MET C 75 -54.69 20.31 -11.44
C MET C 75 -55.03 18.94 -12.00
N THR C 76 -56.10 18.31 -11.49
CA THR C 76 -56.46 16.98 -11.98
C THR C 76 -56.92 17.01 -13.42
N PHE C 77 -57.69 18.03 -13.82
CA PHE C 77 -58.08 18.15 -15.21
C PHE C 77 -56.86 18.34 -16.09
N ALA C 78 -55.99 19.27 -15.71
CA ALA C 78 -54.80 19.54 -16.51
C ALA C 78 -54.06 18.25 -16.79
N GLU C 79 -53.90 17.43 -15.76
CA GLU C 79 -53.29 16.12 -15.97
C GLU C 79 -54.10 15.31 -16.97
N GLN C 80 -55.40 15.11 -16.68
CA GLN C 80 -56.24 14.25 -17.51
C GLN C 80 -56.36 14.79 -18.92
N PHE C 81 -56.30 16.11 -19.09
CA PHE C 81 -56.38 16.68 -20.43
C PHE C 81 -55.25 16.17 -21.33
N VAL C 82 -54.02 16.11 -20.79
CA VAL C 82 -52.88 15.72 -21.62
C VAL C 82 -53.04 14.29 -22.13
N ALA C 83 -53.49 13.39 -21.24
CA ALA C 83 -53.75 12.00 -21.63
C ALA C 83 -54.80 11.92 -22.72
N GLN C 84 -55.96 12.55 -22.49
CA GLN C 84 -57.03 12.54 -23.48
C GLN C 84 -56.57 13.20 -24.78
N ALA C 85 -55.94 14.37 -24.69
CA ALA C 85 -55.50 15.01 -25.92
C ALA C 85 -54.50 14.15 -26.66
N GLY C 86 -53.67 13.40 -25.93
CA GLY C 86 -52.72 12.50 -26.55
C GLY C 86 -53.39 11.30 -27.19
N LYS C 87 -54.40 10.74 -26.53
CA LYS C 87 -55.22 9.70 -27.16
C LYS C 87 -55.85 10.23 -28.45
N LEU C 88 -56.46 11.41 -28.38
CA LEU C 88 -57.15 11.99 -29.54
C LEU C 88 -56.22 12.11 -30.73
N MET C 89 -54.98 12.56 -30.52
CA MET C 89 -54.10 12.75 -31.65
C MET C 89 -53.19 11.57 -31.89
N GLY C 90 -53.20 10.57 -31.01
CA GLY C 90 -52.23 9.50 -31.10
C GLY C 90 -50.80 9.96 -30.93
N GLY C 91 -50.56 10.77 -29.89
CA GLY C 91 -49.23 11.28 -29.54
C GLY C 91 -49.27 12.77 -29.28
N LEU C 92 -48.08 13.33 -29.05
CA LEU C 92 -47.90 14.76 -28.81
C LEU C 92 -46.57 15.20 -29.38
N ASP C 93 -46.56 16.25 -30.18
CA ASP C 93 -45.31 16.79 -30.74
C ASP C 93 -44.88 18.10 -30.10
N MET C 94 -45.82 18.98 -29.79
CA MET C 94 -45.51 20.29 -29.27
C MET C 94 -46.52 20.62 -28.18
N LEU C 95 -46.04 21.19 -27.08
CA LEU C 95 -46.91 21.54 -25.95
C LEU C 95 -46.88 23.05 -25.79
N ILE C 96 -47.93 23.71 -26.26
CA ILE C 96 -48.01 25.17 -26.26
C ILE C 96 -48.83 25.55 -25.03
N LEU C 97 -48.14 26.01 -23.99
CA LEU C 97 -48.76 26.48 -22.76
C LEU C 97 -49.00 28.00 -22.86
N ASN C 98 -50.28 28.40 -22.85
CA ASN C 98 -50.62 29.77 -23.21
C ASN C 98 -51.56 30.42 -22.21
N HIS C 99 -52.38 29.64 -21.51
CA HIS C 99 -53.40 30.21 -20.64
C HIS C 99 -52.81 30.98 -19.46
N ILE C 100 -53.58 31.96 -18.97
CA ILE C 100 -53.32 32.63 -17.69
C ILE C 100 -54.66 33.02 -17.06
N THR C 101 -54.70 33.09 -15.74
CA THR C 101 -55.90 33.57 -15.06
C THR C 101 -56.08 35.08 -15.26
N ASN C 102 -57.36 35.52 -15.21
CA ASN C 102 -57.68 36.91 -15.48
C ASN C 102 -56.88 37.80 -14.55
N THR C 103 -56.27 38.83 -15.13
CA THR C 103 -55.47 39.80 -14.38
C THR C 103 -55.85 41.21 -14.80
N SER C 104 -55.57 42.14 -13.91
CA SER C 104 -55.75 43.56 -14.22
C SER C 104 -54.65 44.37 -13.55
N LEU C 105 -54.37 45.55 -14.11
CA LEU C 105 -53.40 46.44 -13.51
C LEU C 105 -53.92 46.98 -12.18
N ASN C 106 -53.22 46.69 -11.09
CA ASN C 106 -53.63 47.16 -9.77
C ASN C 106 -52.44 47.23 -8.85
N LEU C 107 -52.36 48.31 -8.10
CA LEU C 107 -51.43 48.33 -7.00
C LEU C 107 -51.80 47.20 -6.05
N PHE C 108 -50.80 46.53 -5.48
CA PHE C 108 -51.03 45.40 -4.59
C PHE C 108 -51.28 45.91 -3.18
N HIS C 109 -52.38 45.48 -2.55
CA HIS C 109 -52.57 45.77 -1.14
C HIS C 109 -52.53 44.50 -0.28
N ASP C 110 -53.53 43.64 -0.40
CA ASP C 110 -53.50 42.42 0.40
C ASP C 110 -54.15 41.26 -0.30
N ASP C 111 -54.19 41.28 -1.63
CA ASP C 111 -54.91 40.23 -2.38
C ASP C 111 -54.04 38.96 -2.48
N ILE C 112 -53.83 38.35 -1.32
CA ILE C 112 -53.03 37.13 -1.34
C ILE C 112 -53.72 36.08 -2.16
N HIS C 113 -55.05 36.06 -2.15
CA HIS C 113 -55.77 35.08 -2.96
C HIS C 113 -55.45 35.21 -4.44
N HIS C 114 -55.34 36.43 -4.95
CA HIS C 114 -54.93 36.57 -6.34
C HIS C 114 -53.49 36.09 -6.56
N VAL C 115 -52.59 36.43 -5.64
CA VAL C 115 -51.22 35.96 -5.75
C VAL C 115 -51.21 34.44 -5.83
N ARG C 116 -51.99 33.78 -4.99
CA ARG C 116 -52.04 32.32 -5.00
C ARG C 116 -52.69 31.80 -6.29
N LYS C 117 -53.86 32.34 -6.65
CA LYS C 117 -54.54 31.87 -7.86
C LYS C 117 -53.66 32.06 -9.10
N SER C 118 -52.97 33.21 -9.19
CA SER C 118 -52.07 33.45 -10.30
C SER C 118 -50.98 32.40 -10.36
N MET C 119 -50.39 32.05 -9.21
CA MET C 119 -49.32 31.04 -9.20
C MET C 119 -49.85 29.68 -9.63
N GLU C 120 -51.07 29.33 -9.23
CA GLU C 120 -51.60 28.00 -9.55
C GLU C 120 -51.90 27.87 -11.04
N VAL C 121 -52.57 28.84 -11.63
CA VAL C 121 -52.96 28.69 -13.03
C VAL C 121 -51.84 29.14 -13.96
N ASN C 122 -51.14 30.21 -13.60
CA ASN C 122 -50.14 30.76 -14.49
C ASN C 122 -48.85 29.98 -14.44
N PHE C 123 -48.54 29.34 -13.30
CA PHE C 123 -47.30 28.60 -13.12
C PHE C 123 -47.50 27.11 -12.81
N LEU C 124 -48.18 26.77 -11.72
CA LEU C 124 -48.25 25.38 -11.29
C LEU C 124 -48.84 24.48 -12.38
N SER C 125 -49.98 24.86 -12.93
CA SER C 125 -50.61 24.06 -13.98
C SER C 125 -49.67 23.84 -15.18
N TYR C 126 -48.74 24.77 -15.43
CA TYR C 126 -47.75 24.55 -16.50
C TYR C 126 -46.83 23.39 -16.16
N VAL C 127 -46.36 23.30 -14.91
CA VAL C 127 -45.53 22.17 -14.51
C VAL C 127 -46.35 20.88 -14.63
N VAL C 128 -47.55 20.89 -14.08
CA VAL C 128 -48.41 19.70 -14.12
C VAL C 128 -48.62 19.23 -15.56
N LEU C 129 -48.98 20.15 -16.46
CA LEU C 129 -49.13 19.81 -17.87
C LEU C 129 -47.82 19.30 -18.46
N THR C 130 -46.71 19.93 -18.12
CA THR C 130 -45.43 19.44 -18.63
C THR C 130 -45.17 18.02 -18.16
N VAL C 131 -45.44 17.70 -16.89
CA VAL C 131 -45.17 16.35 -16.39
C VAL C 131 -45.99 15.31 -17.16
N ALA C 132 -47.26 15.62 -17.43
CA ALA C 132 -48.14 14.69 -18.14
C ALA C 132 -47.66 14.43 -19.57
N ALA C 133 -47.21 15.47 -20.26
CA ALA C 133 -46.84 15.28 -21.66
C ALA C 133 -45.42 14.75 -21.85
N LEU C 134 -44.56 14.76 -20.83
CA LEU C 134 -43.14 14.44 -21.05
C LEU C 134 -42.93 13.10 -21.73
N PRO C 135 -43.51 11.99 -21.26
CA PRO C 135 -43.36 10.74 -22.01
C PRO C 135 -43.73 10.89 -23.48
N MET C 136 -44.93 11.37 -23.81
CA MET C 136 -45.26 11.53 -25.22
C MET C 136 -44.23 12.41 -25.92
N LEU C 137 -43.79 13.48 -25.26
CA LEU C 137 -42.86 14.41 -25.87
C LEU C 137 -41.46 13.80 -26.00
N LYS C 138 -41.05 12.99 -25.02
CA LYS C 138 -39.79 12.25 -25.15
C LYS C 138 -39.84 11.29 -26.33
N GLN C 139 -40.98 10.60 -26.50
CA GLN C 139 -41.14 9.63 -27.58
C GLN C 139 -41.04 10.27 -28.94
N SER C 140 -41.14 11.60 -29.03
CA SER C 140 -41.13 12.28 -30.30
C SER C 140 -40.03 13.32 -30.42
N ASN C 141 -39.20 13.50 -29.39
CA ASN C 141 -38.23 14.58 -29.37
C ASN C 141 -38.90 15.91 -29.69
N GLY C 142 -40.07 16.10 -29.07
CA GLY C 142 -40.93 17.23 -29.35
C GLY C 142 -40.42 18.52 -28.75
N SER C 143 -41.34 19.43 -28.44
CA SER C 143 -40.95 20.73 -27.91
C SER C 143 -42.05 21.21 -26.98
N ILE C 144 -41.62 21.97 -25.97
CA ILE C 144 -42.51 22.64 -25.04
C ILE C 144 -42.41 24.12 -25.33
N VAL C 145 -43.57 24.79 -25.39
CA VAL C 145 -43.63 26.23 -25.64
C VAL C 145 -44.32 26.89 -24.46
N VAL C 146 -43.57 27.74 -23.77
CA VAL C 146 -44.00 28.45 -22.58
C VAL C 146 -44.10 29.91 -22.98
N VAL C 147 -45.33 30.44 -22.96
CA VAL C 147 -45.59 31.83 -23.35
C VAL C 147 -45.53 32.67 -22.09
N SER C 148 -44.52 33.53 -21.99
CA SER C 148 -44.34 34.44 -20.88
C SER C 148 -44.45 35.86 -21.40
N SER C 149 -44.31 36.85 -20.52
CA SER C 149 -44.46 38.24 -20.93
C SER C 149 -43.17 38.99 -20.64
N LEU C 150 -43.10 40.22 -21.13
CA LEU C 150 -41.98 41.04 -20.72
C LEU C 150 -41.94 41.23 -19.22
N ALA C 151 -43.09 41.19 -18.57
CA ALA C 151 -43.10 41.24 -17.10
C ALA C 151 -42.55 39.96 -16.46
N GLY C 152 -42.26 38.92 -17.25
CA GLY C 152 -41.52 37.82 -16.69
C GLY C 152 -40.02 37.98 -16.74
N LYS C 153 -39.54 39.15 -17.22
CA LYS C 153 -38.13 39.46 -17.24
C LYS C 153 -37.83 40.77 -16.53
N VAL C 154 -38.79 41.69 -16.46
CA VAL C 154 -38.62 42.96 -15.78
C VAL C 154 -39.88 43.23 -14.98
N ALA C 155 -39.71 43.59 -13.71
CA ALA C 155 -40.84 43.85 -12.85
C ALA C 155 -41.42 45.22 -13.14
N TYR C 156 -42.74 45.27 -13.23
CA TYR C 156 -43.42 46.53 -13.46
C TYR C 156 -44.41 46.78 -12.34
N PRO C 157 -44.70 48.03 -12.01
CA PRO C 157 -45.73 48.29 -11.01
C PRO C 157 -47.10 47.87 -11.53
N MET C 158 -47.99 47.52 -10.61
CA MET C 158 -49.39 47.19 -10.89
C MET C 158 -49.61 45.81 -11.53
N VAL C 159 -48.56 45.01 -11.70
CA VAL C 159 -48.69 43.61 -12.09
C VAL C 159 -47.86 42.72 -11.16
N ALA C 160 -47.73 43.10 -9.88
CA ALA C 160 -46.82 42.40 -8.98
C ALA C 160 -47.14 40.90 -8.92
N ALA C 161 -48.42 40.56 -8.70
CA ALA C 161 -48.78 39.15 -8.69
C ALA C 161 -48.46 38.49 -10.02
N TYR C 162 -48.79 39.15 -11.13
CA TYR C 162 -48.50 38.57 -12.44
C TYR C 162 -47.02 38.36 -12.64
N SER C 163 -46.21 39.35 -12.32
CA SER C 163 -44.78 39.20 -12.57
C SER C 163 -44.22 38.01 -11.82
N ALA C 164 -44.64 37.79 -10.57
CA ALA C 164 -44.09 36.66 -9.83
C ALA C 164 -44.38 35.35 -10.55
N SER C 165 -45.61 35.16 -11.03
CA SER C 165 -45.93 33.93 -11.74
C SER C 165 -45.12 33.80 -13.03
N LYS C 166 -44.90 34.90 -13.71
CA LYS C 166 -44.14 34.79 -14.95
C LYS C 166 -42.63 34.64 -14.69
N PHE C 167 -42.13 35.17 -13.57
CA PHE C 167 -40.72 34.92 -13.23
C PHE C 167 -40.49 33.44 -12.91
N ALA C 168 -41.40 32.85 -12.11
CA ALA C 168 -41.32 31.44 -11.75
C ALA C 168 -41.23 30.55 -12.99
N LEU C 169 -42.01 30.86 -14.02
CA LEU C 169 -41.88 30.14 -15.28
C LEU C 169 -40.44 30.20 -15.78
N ASP C 170 -39.82 31.37 -15.70
CA ASP C 170 -38.43 31.51 -16.11
C ASP C 170 -37.50 30.60 -15.30
N GLY C 171 -37.58 30.69 -13.97
CA GLY C 171 -36.70 29.91 -13.14
C GLY C 171 -36.84 28.43 -13.40
N PHE C 172 -38.08 27.96 -13.56
CA PHE C 172 -38.29 26.52 -13.64
C PHE C 172 -37.81 25.96 -14.98
N PHE C 173 -38.43 26.40 -16.07
CA PHE C 173 -38.14 25.76 -17.35
C PHE C 173 -36.72 26.03 -17.81
N SER C 174 -36.16 27.16 -17.39
CA SER C 174 -34.78 27.42 -17.75
C SER C 174 -33.85 26.45 -17.01
N SER C 175 -34.22 26.04 -15.78
CA SER C 175 -33.50 24.98 -15.06
C SER C 175 -33.75 23.63 -15.68
N ILE C 176 -35.02 23.31 -15.91
CA ILE C 176 -35.37 22.08 -16.58
C ILE C 176 -34.57 21.93 -17.88
N ARG C 177 -34.48 23.00 -18.66
CA ARG C 177 -33.76 22.91 -19.92
C ARG C 177 -32.32 22.47 -19.68
N LYS C 178 -31.66 23.07 -18.70
CA LYS C 178 -30.29 22.67 -18.40
C LYS C 178 -30.24 21.22 -17.96
N GLU C 179 -31.19 20.79 -17.14
CA GLU C 179 -31.27 19.39 -16.76
C GLU C 179 -31.48 18.50 -17.98
N TYR C 180 -32.43 18.84 -18.86
CA TYR C 180 -32.62 18.02 -20.06
C TYR C 180 -31.32 17.96 -20.86
N SER C 181 -30.53 19.01 -20.78
CA SER C 181 -29.28 19.05 -21.52
C SER C 181 -28.37 17.90 -21.13
N VAL C 182 -28.08 17.74 -19.84
CA VAL C 182 -27.16 16.72 -19.38
C VAL C 182 -27.81 15.38 -19.13
N SER C 183 -29.13 15.31 -19.07
CA SER C 183 -29.79 14.03 -19.21
C SER C 183 -29.75 13.72 -20.69
N ARG C 184 -30.52 12.76 -21.16
CA ARG C 184 -30.54 12.51 -22.59
C ARG C 184 -31.84 13.03 -23.23
N VAL C 185 -32.44 14.06 -22.62
CA VAL C 185 -33.82 14.44 -22.92
C VAL C 185 -33.84 15.37 -24.13
N ASN C 186 -34.39 14.87 -25.24
CA ASN C 186 -34.37 15.58 -26.50
C ASN C 186 -35.62 16.44 -26.72
N VAL C 187 -36.25 16.93 -25.65
CA VAL C 187 -37.40 17.83 -25.76
C VAL C 187 -36.92 19.26 -25.54
N SER C 188 -37.26 20.15 -26.48
CA SER C 188 -36.82 21.54 -26.40
C SER C 188 -37.74 22.35 -25.48
N ILE C 189 -37.22 23.46 -24.98
CA ILE C 189 -37.97 24.32 -24.07
C ILE C 189 -37.85 25.76 -24.57
N THR C 190 -38.91 26.27 -25.21
CA THR C 190 -38.93 27.60 -25.80
C THR C 190 -39.74 28.58 -24.94
N LEU C 191 -39.07 29.60 -24.41
CA LEU C 191 -39.70 30.62 -23.59
C LEU C 191 -39.94 31.87 -24.42
N CYS C 192 -41.19 32.33 -24.50
CA CYS C 192 -41.56 33.49 -25.30
C CYS C 192 -41.77 34.69 -24.40
N VAL C 193 -41.06 35.77 -24.68
CA VAL C 193 -41.17 36.98 -23.89
C VAL C 193 -41.92 37.99 -24.74
N LEU C 194 -43.22 38.12 -24.51
CA LEU C 194 -44.07 38.99 -25.30
C LEU C 194 -44.14 40.37 -24.68
N GLY C 195 -44.20 41.40 -25.56
CA GLY C 195 -44.65 42.74 -25.17
C GLY C 195 -46.17 42.87 -25.22
N LEU C 196 -46.64 44.11 -25.31
CA LEU C 196 -48.08 44.30 -25.40
C LEU C 196 -48.61 43.76 -26.72
N ILE C 197 -49.67 42.95 -26.63
CA ILE C 197 -50.28 42.31 -27.79
C ILE C 197 -51.72 42.80 -27.87
N ASP C 198 -52.16 43.17 -29.07
CA ASP C 198 -53.46 43.84 -29.20
C ASP C 198 -54.58 42.82 -29.08
N THR C 199 -54.53 42.01 -28.05
CA THR C 199 -55.65 41.11 -27.87
C THR C 199 -56.80 41.87 -27.22
N GLU C 200 -57.97 41.26 -27.32
CA GLU C 200 -59.18 41.86 -26.79
C GLU C 200 -59.00 42.23 -25.31
N THR C 201 -58.75 41.24 -24.47
CA THR C 201 -58.72 41.44 -23.02
C THR C 201 -57.59 42.35 -22.58
N ALA C 202 -56.41 42.19 -23.20
CA ALA C 202 -55.22 42.95 -22.79
C ALA C 202 -55.43 44.43 -22.94
N MET C 203 -55.87 44.86 -24.14
CA MET C 203 -56.05 46.28 -24.46
C MET C 203 -57.08 46.92 -23.52
N LYS C 204 -58.14 46.19 -23.21
CA LYS C 204 -59.06 46.71 -22.20
C LYS C 204 -58.35 46.92 -20.88
N ALA C 205 -57.47 45.99 -20.49
CA ALA C 205 -56.87 45.99 -19.15
C ALA C 205 -55.83 47.08 -18.96
N VAL C 206 -55.18 47.52 -20.04
CA VAL C 206 -54.16 48.56 -20.03
C VAL C 206 -54.69 49.84 -20.66
N SER C 207 -56.01 49.92 -20.91
CA SER C 207 -56.63 50.90 -21.80
C SER C 207 -56.17 52.33 -21.52
N GLY C 208 -56.50 52.85 -20.35
CA GLY C 208 -56.14 54.23 -20.10
C GLY C 208 -54.88 54.43 -19.32
N ILE C 209 -54.25 53.36 -18.90
CA ILE C 209 -53.09 53.43 -18.04
C ILE C 209 -51.85 53.48 -18.91
N VAL C 210 -50.80 54.13 -18.38
CA VAL C 210 -49.56 54.37 -19.13
C VAL C 210 -49.30 53.12 -19.97
N HIS C 211 -48.98 53.32 -21.25
CA HIS C 211 -48.75 52.13 -22.06
C HIS C 211 -47.91 52.46 -23.28
N MET C 212 -47.34 51.38 -23.84
CA MET C 212 -46.59 51.36 -25.08
C MET C 212 -47.56 51.04 -26.22
N GLN C 213 -47.04 50.66 -27.38
CA GLN C 213 -47.87 50.37 -28.54
C GLN C 213 -47.96 48.87 -28.76
N ALA C 214 -49.17 48.33 -28.61
CA ALA C 214 -49.47 46.92 -28.86
C ALA C 214 -48.86 46.45 -30.17
N ALA C 215 -48.60 45.15 -30.25
CA ALA C 215 -48.19 44.50 -31.48
C ALA C 215 -49.28 43.51 -31.89
N PRO C 216 -49.33 43.11 -33.16
CA PRO C 216 -50.48 42.34 -33.63
C PRO C 216 -50.46 40.91 -33.13
N LYS C 217 -51.63 40.44 -32.64
CA LYS C 217 -51.76 39.06 -32.21
C LYS C 217 -51.65 38.09 -33.37
N GLU C 218 -51.98 38.52 -34.58
CA GLU C 218 -51.83 37.66 -35.75
C GLU C 218 -50.37 37.20 -35.89
N GLU C 219 -49.46 38.17 -36.04
CA GLU C 219 -48.05 37.82 -36.21
C GLU C 219 -47.49 37.18 -34.96
N CYS C 220 -47.89 37.68 -33.79
CA CYS C 220 -47.40 37.14 -32.53
C CYS C 220 -47.65 35.64 -32.46
N ALA C 221 -48.90 35.23 -32.66
CA ALA C 221 -49.20 33.80 -32.59
C ALA C 221 -48.27 33.01 -33.50
N LEU C 222 -47.95 33.55 -34.67
CA LEU C 222 -47.06 32.85 -35.59
C LEU C 222 -45.64 32.84 -35.07
N GLU C 223 -45.14 33.98 -34.59
CA GLU C 223 -43.75 34.03 -34.15
C GLU C 223 -43.47 33.01 -33.04
N ILE C 224 -44.48 32.71 -32.22
CA ILE C 224 -44.35 31.65 -31.23
C ILE C 224 -44.18 30.31 -31.92
N ILE C 225 -45.10 29.96 -32.82
CA ILE C 225 -44.99 28.69 -33.53
C ILE C 225 -43.65 28.61 -34.24
N LYS C 226 -43.22 29.73 -34.83
CA LYS C 226 -41.91 29.78 -35.49
C LYS C 226 -40.81 29.36 -34.53
N GLY C 227 -40.84 29.87 -33.29
CA GLY C 227 -39.79 29.58 -32.34
C GLY C 227 -39.74 28.13 -31.88
N GLY C 228 -40.88 27.57 -31.50
CA GLY C 228 -40.87 26.18 -31.06
C GLY C 228 -40.50 25.24 -32.19
N ALA C 229 -40.91 25.59 -33.41
CA ALA C 229 -40.54 24.79 -34.56
C ALA C 229 -39.03 24.72 -34.72
N LEU C 230 -38.35 25.84 -34.57
CA LEU C 230 -36.91 25.86 -34.69
C LEU C 230 -36.22 25.46 -33.40
N ARG C 231 -36.96 25.04 -32.37
CA ARG C 231 -36.37 24.70 -31.06
C ARG C 231 -35.51 25.84 -30.54
N GLN C 232 -36.02 27.07 -30.64
CA GLN C 232 -35.30 28.19 -30.09
C GLN C 232 -35.47 28.23 -28.58
N GLU C 233 -34.39 28.57 -27.89
CA GLU C 233 -34.45 28.58 -26.44
C GLU C 233 -35.46 29.60 -25.94
N GLU C 234 -35.44 30.83 -26.47
CA GLU C 234 -36.48 31.78 -26.13
C GLU C 234 -36.73 32.68 -27.34
N VAL C 235 -37.89 33.33 -27.35
CA VAL C 235 -38.28 34.20 -28.46
C VAL C 235 -38.89 35.47 -27.91
N TYR C 236 -38.55 36.61 -28.52
CA TYR C 236 -38.92 37.94 -28.03
C TYR C 236 -39.79 38.63 -29.07
N TYR C 237 -41.04 38.96 -28.73
CA TYR C 237 -41.90 39.54 -29.76
C TYR C 237 -41.88 41.06 -29.72
N ASP C 238 -41.42 41.63 -30.84
CA ASP C 238 -41.20 43.05 -31.09
C ASP C 238 -40.28 43.71 -30.05
N SER C 239 -39.02 43.27 -30.10
CA SER C 239 -37.94 44.07 -29.52
C SER C 239 -37.79 45.41 -30.21
N SER C 240 -38.25 45.50 -31.46
CA SER C 240 -38.29 46.76 -32.16
C SER C 240 -39.13 47.78 -31.41
N LEU C 241 -39.99 47.32 -30.48
CA LEU C 241 -40.89 48.18 -29.74
C LEU C 241 -40.42 48.49 -28.33
N TRP C 242 -39.16 48.19 -27.97
CA TRP C 242 -38.62 48.51 -26.63
C TRP C 242 -37.25 49.16 -26.80
N THR C 243 -37.22 50.49 -26.75
CA THR C 243 -35.97 51.26 -26.75
C THR C 243 -36.28 52.73 -26.43
N GLU D 4 -24.73 56.24 5.01
CA GLU D 4 -24.04 55.85 3.77
C GLU D 4 -23.12 54.62 3.91
N GLU D 5 -22.38 54.53 5.03
CA GLU D 5 -21.65 53.33 5.45
C GLU D 5 -22.37 52.70 6.65
N PHE D 6 -22.05 51.44 6.92
CA PHE D 6 -22.71 50.75 8.01
C PHE D 6 -22.11 51.07 9.38
N ARG D 7 -22.99 51.17 10.39
CA ARG D 7 -22.64 51.33 11.82
C ARG D 7 -23.51 50.38 12.63
N PRO D 8 -22.93 49.55 13.51
CA PRO D 8 -23.75 48.63 14.33
C PRO D 8 -24.85 49.30 15.16
N GLU D 9 -24.81 50.62 15.38
CA GLU D 9 -25.84 51.34 16.13
C GLU D 9 -27.13 51.53 15.33
N MET D 10 -27.08 51.41 14.00
CA MET D 10 -28.30 51.55 13.21
C MET D 10 -29.37 50.55 13.67
N LEU D 11 -28.93 49.37 14.10
CA LEU D 11 -29.83 48.36 14.65
C LEU D 11 -30.01 48.46 16.15
N GLN D 12 -29.14 49.20 16.83
CA GLN D 12 -29.23 49.31 18.27
C GLN D 12 -30.61 49.86 18.61
N GLY D 13 -31.36 49.09 19.40
CA GLY D 13 -32.71 49.44 19.77
C GLY D 13 -33.77 49.08 18.75
N LYS D 14 -33.40 48.71 17.54
CA LYS D 14 -34.37 48.41 16.48
C LYS D 14 -35.13 47.11 16.74
N LYS D 15 -36.40 47.08 16.34
CA LYS D 15 -37.28 45.93 16.53
C LYS D 15 -37.28 45.09 15.26
N VAL D 16 -36.73 43.88 15.33
CA VAL D 16 -36.47 43.07 14.14
C VAL D 16 -37.15 41.71 14.27
N ILE D 17 -37.62 41.19 13.13
CA ILE D 17 -38.12 39.83 12.99
C ILE D 17 -37.16 39.08 12.05
N VAL D 18 -36.78 37.85 12.45
CA VAL D 18 -35.98 37.00 11.58
C VAL D 18 -36.65 35.63 11.52
N THR D 19 -37.08 35.21 10.33
CA THR D 19 -37.68 33.91 10.10
C THR D 19 -36.61 32.92 9.69
N GLY D 20 -36.90 31.63 9.90
CA GLY D 20 -35.89 30.62 9.68
C GLY D 20 -34.65 30.87 10.51
N ALA D 21 -34.82 31.26 11.78
CA ALA D 21 -33.72 31.63 12.65
C ALA D 21 -33.25 30.49 13.55
N SER D 22 -33.89 29.33 13.50
CA SER D 22 -33.47 28.23 14.35
C SER D 22 -32.14 27.65 13.88
N LYS D 23 -31.71 27.93 12.65
CA LYS D 23 -30.42 27.40 12.21
C LYS D 23 -29.92 28.14 10.99
N GLY D 24 -28.76 27.74 10.49
CA GLY D 24 -28.18 28.25 9.26
C GLY D 24 -27.92 29.74 9.37
N ILE D 25 -28.08 30.43 8.23
CA ILE D 25 -27.88 31.88 8.16
C ILE D 25 -28.87 32.62 9.05
N GLY D 26 -30.07 32.06 9.23
CA GLY D 26 -31.07 32.70 10.07
C GLY D 26 -30.63 32.91 11.51
N ARG D 27 -29.95 31.91 12.07
CA ARG D 27 -29.42 32.01 13.42
C ARG D 27 -28.37 33.10 13.55
N GLU D 28 -27.41 33.14 12.61
CA GLU D 28 -26.36 34.14 12.66
C GLU D 28 -26.95 35.54 12.59
N MET D 29 -27.92 35.76 11.71
CA MET D 29 -28.51 37.08 11.67
C MET D 29 -29.11 37.42 13.03
N ALA D 30 -29.83 36.46 13.62
CA ALA D 30 -30.40 36.69 14.95
C ALA D 30 -29.30 36.97 15.97
N TYR D 31 -28.17 36.26 15.90
CA TYR D 31 -27.07 36.56 16.84
C TYR D 31 -26.45 37.92 16.56
N HIS D 32 -26.22 38.26 15.29
CA HIS D 32 -25.71 39.59 14.96
C HIS D 32 -26.64 40.67 15.50
N LEU D 33 -27.94 40.52 15.27
CA LEU D 33 -28.87 41.52 15.75
C LEU D 33 -28.81 41.66 17.26
N ALA D 34 -28.58 40.55 17.97
CA ALA D 34 -28.47 40.59 19.43
C ALA D 34 -27.20 41.31 19.87
N LYS D 35 -26.07 40.98 19.24
CA LYS D 35 -24.83 41.68 19.55
C LYS D 35 -24.98 43.19 19.31
N MET D 36 -25.84 43.59 18.38
CA MET D 36 -26.08 45.00 18.10
C MET D 36 -27.15 45.60 19.00
N GLY D 37 -27.68 44.81 19.91
CA GLY D 37 -28.64 45.31 20.87
C GLY D 37 -29.99 45.68 20.31
N ALA D 38 -30.52 44.84 19.42
CA ALA D 38 -31.84 45.06 18.86
C ALA D 38 -32.87 44.21 19.60
N HIS D 39 -34.14 44.54 19.38
CA HIS D 39 -35.21 43.66 19.85
C HIS D 39 -35.42 42.59 18.79
N VAL D 40 -35.49 41.34 19.21
CA VAL D 40 -35.53 40.24 18.26
C VAL D 40 -36.73 39.36 18.55
N VAL D 41 -37.36 38.87 17.49
CA VAL D 41 -38.37 37.82 17.55
C VAL D 41 -38.00 36.81 16.48
N VAL D 42 -37.63 35.62 16.88
CA VAL D 42 -37.23 34.57 15.94
C VAL D 42 -38.36 33.57 15.78
N THR D 43 -38.50 33.02 14.56
CA THR D 43 -39.47 31.96 14.32
C THR D 43 -38.86 30.87 13.46
N ALA D 44 -39.39 29.67 13.68
CA ALA D 44 -39.07 28.43 12.97
C ALA D 44 -40.02 27.37 13.50
N ARG D 45 -39.79 26.11 13.14
CA ARG D 45 -40.57 25.04 13.73
C ARG D 45 -39.94 24.45 15.00
N SER D 46 -38.63 24.26 15.03
CA SER D 46 -38.00 23.52 16.12
C SER D 46 -38.00 24.34 17.42
N LYS D 47 -38.99 24.05 18.27
CA LYS D 47 -39.13 24.77 19.55
C LYS D 47 -37.86 24.68 20.39
N GLU D 48 -37.31 23.47 20.56
CA GLU D 48 -36.11 23.33 21.40
C GLU D 48 -34.98 24.23 20.90
N THR D 49 -34.61 24.09 19.62
CA THR D 49 -33.52 24.89 19.10
C THR D 49 -33.82 26.37 19.22
N LEU D 50 -35.07 26.77 18.90
CA LEU D 50 -35.43 28.18 19.01
C LEU D 50 -35.23 28.68 20.42
N GLN D 51 -35.66 27.90 21.41
CA GLN D 51 -35.50 28.33 22.79
C GLN D 51 -34.03 28.57 23.09
N LYS D 52 -33.17 27.68 22.62
CA LYS D 52 -31.74 27.81 22.85
C LYS D 52 -31.19 29.06 22.15
N VAL D 53 -31.71 29.38 20.97
CA VAL D 53 -31.28 30.57 20.24
C VAL D 53 -31.75 31.83 20.96
N VAL D 54 -33.00 31.84 21.44
CA VAL D 54 -33.49 32.99 22.20
C VAL D 54 -32.59 33.24 23.40
N SER D 55 -32.21 32.16 24.12
CA SER D 55 -31.35 32.31 25.30
C SER D 55 -30.02 32.93 24.94
N HIS D 56 -29.32 32.37 23.94
CA HIS D 56 -28.03 32.94 23.57
C HIS D 56 -28.20 34.36 23.04
N CYS D 57 -29.37 34.71 22.50
CA CYS D 57 -29.59 36.06 22.01
C CYS D 57 -29.62 37.06 23.16
N LEU D 58 -30.32 36.74 24.24
CA LEU D 58 -30.27 37.57 25.42
C LEU D 58 -28.86 37.66 25.95
N GLU D 59 -28.19 36.50 26.06
CA GLU D 59 -26.83 36.46 26.58
C GLU D 59 -25.89 37.34 25.77
N LEU D 60 -26.07 37.40 24.45
CA LEU D 60 -25.21 38.21 23.60
C LEU D 60 -25.49 39.70 23.73
N GLY D 61 -26.57 40.10 24.38
CA GLY D 61 -26.89 41.49 24.54
C GLY D 61 -28.11 41.95 23.78
N ALA D 62 -28.95 41.03 23.32
CA ALA D 62 -30.14 41.43 22.63
C ALA D 62 -30.99 42.27 23.57
N ALA D 63 -31.67 43.26 23.01
CA ALA D 63 -32.56 44.05 23.83
C ALA D 63 -33.78 43.24 24.24
N SER D 64 -34.37 42.46 23.33
CA SER D 64 -35.62 41.77 23.62
C SER D 64 -35.57 40.27 23.56
N ALA D 65 -35.27 39.66 22.38
CA ALA D 65 -35.07 38.22 22.22
C ALA D 65 -36.22 37.30 22.64
N HIS D 66 -37.31 37.24 21.87
CA HIS D 66 -38.35 36.22 22.03
C HIS D 66 -38.34 35.21 20.88
N TYR D 67 -39.24 34.22 20.98
CA TYR D 67 -39.42 33.26 19.89
C TYR D 67 -40.86 32.77 19.81
N ILE D 68 -41.28 32.42 18.59
CA ILE D 68 -42.56 31.77 18.31
C ILE D 68 -42.31 30.64 17.32
N ALA D 69 -42.92 29.49 17.57
CA ALA D 69 -42.68 28.30 16.76
C ALA D 69 -43.92 27.94 15.94
N GLY D 70 -43.72 27.54 14.70
CA GLY D 70 -44.80 27.17 13.81
C GLY D 70 -44.32 27.14 12.38
N THR D 71 -45.09 26.46 11.53
CA THR D 71 -44.67 26.21 10.15
C THR D 71 -45.18 27.29 9.20
N MET D 72 -44.29 27.76 8.32
CA MET D 72 -44.74 28.69 7.29
C MET D 72 -45.49 27.98 6.18
N GLU D 73 -45.76 26.68 6.28
CA GLU D 73 -46.72 26.08 5.36
C GLU D 73 -48.13 26.52 5.69
N ASP D 74 -48.38 26.80 6.96
CA ASP D 74 -49.70 27.21 7.45
C ASP D 74 -49.73 28.72 7.35
N MET D 75 -50.40 29.22 6.31
CA MET D 75 -50.46 30.66 6.07
C MET D 75 -51.08 31.43 7.22
N THR D 76 -52.03 30.85 7.95
CA THR D 76 -52.60 31.58 9.07
C THR D 76 -51.56 31.86 10.14
N PHE D 77 -50.64 30.91 10.35
CA PHE D 77 -49.56 31.14 11.31
C PHE D 77 -48.71 32.33 10.90
N ALA D 78 -48.29 32.36 9.63
CA ALA D 78 -47.47 33.48 9.15
C ALA D 78 -48.17 34.80 9.46
N GLU D 79 -49.46 34.89 9.13
CA GLU D 79 -50.21 36.09 9.44
C GLU D 79 -50.24 36.37 10.95
N GLN D 80 -50.69 35.39 11.76
CA GLN D 80 -50.80 35.60 13.19
C GLN D 80 -49.45 35.80 13.83
N PHE D 81 -48.42 35.16 13.29
CA PHE D 81 -47.10 35.31 13.90
C PHE D 81 -46.67 36.77 13.91
N VAL D 82 -46.85 37.46 12.79
CA VAL D 82 -46.34 38.82 12.71
C VAL D 82 -47.03 39.72 13.70
N ALA D 83 -48.35 39.52 13.87
CA ALA D 83 -49.10 40.31 14.82
C ALA D 83 -48.54 40.15 16.24
N GLN D 84 -48.43 38.90 16.70
CA GLN D 84 -47.89 38.66 18.04
C GLN D 84 -46.46 39.17 18.18
N ALA D 85 -45.63 38.95 17.16
CA ALA D 85 -44.24 39.41 17.23
C ALA D 85 -44.18 40.92 17.39
N GLY D 86 -45.11 41.63 16.75
CA GLY D 86 -45.15 43.08 16.90
C GLY D 86 -45.66 43.51 18.26
N LYS D 87 -46.66 42.80 18.78
CA LYS D 87 -47.11 43.03 20.16
C LYS D 87 -45.95 42.83 21.12
N LEU D 88 -45.22 41.73 20.99
CA LEU D 88 -44.12 41.47 21.90
C LEU D 88 -43.12 42.63 21.90
N MET D 89 -42.79 43.15 20.74
CA MET D 89 -41.80 44.22 20.70
C MET D 89 -42.42 45.61 20.75
N GLY D 90 -43.74 45.72 20.72
CA GLY D 90 -44.37 47.02 20.60
C GLY D 90 -44.01 47.72 19.29
N GLY D 91 -44.10 47.00 18.18
CA GLY D 91 -43.86 47.54 16.86
C GLY D 91 -42.91 46.67 16.06
N LEU D 92 -42.61 47.13 14.86
CA LEU D 92 -41.69 46.39 13.99
C LEU D 92 -40.91 47.35 13.10
N ASP D 93 -39.59 47.22 13.10
CA ASP D 93 -38.71 48.03 12.26
C ASP D 93 -38.19 47.28 11.05
N MET D 94 -37.83 46.03 11.19
CA MET D 94 -37.20 45.30 10.10
C MET D 94 -37.81 43.91 10.05
N LEU D 95 -38.07 43.43 8.83
CA LEU D 95 -38.65 42.10 8.59
C LEU D 95 -37.70 41.30 7.73
N ILE D 96 -37.03 40.31 8.32
CA ILE D 96 -36.03 39.50 7.63
C ILE D 96 -36.73 38.20 7.20
N LEU D 97 -37.08 38.11 5.92
CA LEU D 97 -37.74 36.91 5.38
C LEU D 97 -36.65 35.95 4.88
N ASN D 98 -36.52 34.80 5.55
CA ASN D 98 -35.33 33.97 5.34
C ASN D 98 -35.59 32.46 5.22
N HIS D 99 -36.68 31.92 5.76
CA HIS D 99 -36.88 30.47 5.77
C HIS D 99 -37.08 29.91 4.38
N ILE D 100 -36.72 28.64 4.21
CA ILE D 100 -37.09 27.87 3.02
C ILE D 100 -37.42 26.44 3.41
N THR D 101 -38.37 25.84 2.69
CA THR D 101 -38.61 24.45 2.95
C THR D 101 -37.41 23.68 2.47
N ASN D 102 -37.16 22.53 3.11
CA ASN D 102 -35.98 21.73 2.81
C ASN D 102 -35.95 21.33 1.34
N THR D 103 -34.77 21.50 0.73
CA THR D 103 -34.53 21.19 -0.67
C THR D 103 -33.23 20.40 -0.79
N SER D 104 -33.15 19.65 -1.89
CA SER D 104 -31.99 18.82 -2.17
C SER D 104 -31.65 18.92 -3.65
N LEU D 105 -30.38 18.71 -3.97
CA LEU D 105 -29.97 18.68 -5.36
C LEU D 105 -30.55 17.44 -6.00
N ASN D 106 -31.46 17.63 -6.94
CA ASN D 106 -32.11 16.49 -7.55
C ASN D 106 -32.65 16.93 -8.89
N LEU D 107 -32.41 16.12 -9.92
CA LEU D 107 -33.06 16.33 -11.19
C LEU D 107 -34.57 16.22 -11.02
N PHE D 108 -35.30 17.05 -11.75
CA PHE D 108 -36.74 17.09 -11.61
C PHE D 108 -37.36 15.99 -12.44
N HIS D 109 -38.21 15.16 -11.83
CA HIS D 109 -38.96 14.23 -12.66
C HIS D 109 -40.46 14.48 -12.57
N ASP D 110 -41.08 14.24 -11.41
CA ASP D 110 -42.51 14.56 -11.33
C ASP D 110 -42.95 14.99 -9.93
N ASP D 111 -42.06 15.57 -9.12
CA ASP D 111 -42.45 15.96 -7.77
C ASP D 111 -43.22 17.29 -7.81
N ILE D 112 -44.46 17.21 -8.32
CA ILE D 112 -45.36 18.37 -8.25
C ILE D 112 -45.55 18.77 -6.79
N HIS D 113 -45.51 17.79 -5.89
CA HIS D 113 -45.63 18.07 -4.47
C HIS D 113 -44.56 19.06 -4.03
N HIS D 114 -43.32 18.83 -4.48
CA HIS D 114 -42.23 19.72 -4.08
C HIS D 114 -42.38 21.11 -4.69
N VAL D 115 -42.72 21.16 -5.98
CA VAL D 115 -42.88 22.44 -6.66
C VAL D 115 -43.92 23.27 -5.93
N ARG D 116 -45.05 22.65 -5.58
CA ARG D 116 -46.09 23.36 -4.85
C ARG D 116 -45.60 23.76 -3.47
N LYS D 117 -45.05 22.78 -2.72
CA LYS D 117 -44.55 23.05 -1.38
C LYS D 117 -43.49 24.13 -1.40
N SER D 118 -42.60 24.08 -2.39
CA SER D 118 -41.59 25.12 -2.52
C SER D 118 -42.21 26.51 -2.75
N MET D 119 -43.17 26.64 -3.67
CA MET D 119 -43.74 27.97 -3.89
C MET D 119 -44.49 28.46 -2.68
N GLU D 120 -45.08 27.54 -1.92
CA GLU D 120 -45.91 27.91 -0.79
C GLU D 120 -45.07 28.48 0.34
N VAL D 121 -44.00 27.80 0.69
CA VAL D 121 -43.19 28.18 1.83
C VAL D 121 -42.15 29.21 1.41
N ASN D 122 -41.53 28.98 0.26
CA ASN D 122 -40.41 29.80 -0.14
C ASN D 122 -40.84 31.16 -0.63
N PHE D 123 -42.04 31.26 -1.22
CA PHE D 123 -42.51 32.50 -1.85
C PHE D 123 -43.78 33.06 -1.23
N LEU D 124 -44.89 32.31 -1.24
CA LEU D 124 -46.18 32.85 -0.83
C LEU D 124 -46.16 33.33 0.62
N SER D 125 -45.62 32.52 1.53
CA SER D 125 -45.57 32.95 2.93
C SER D 125 -44.85 34.28 3.09
N TYR D 126 -43.85 34.55 2.25
CA TYR D 126 -43.17 35.84 2.34
C TYR D 126 -44.16 36.95 2.08
N VAL D 127 -44.96 36.80 1.02
CA VAL D 127 -45.95 37.81 0.67
C VAL D 127 -46.91 38.00 1.83
N VAL D 128 -47.39 36.88 2.39
CA VAL D 128 -48.31 36.89 3.53
C VAL D 128 -47.71 37.64 4.71
N LEU D 129 -46.45 37.33 5.02
CA LEU D 129 -45.74 38.04 6.09
C LEU D 129 -45.61 39.53 5.78
N THR D 130 -45.27 39.84 4.54
CA THR D 130 -45.15 41.23 4.11
C THR D 130 -46.47 41.97 4.31
N VAL D 131 -47.58 41.36 3.91
CA VAL D 131 -48.86 42.03 4.09
C VAL D 131 -49.11 42.30 5.58
N ALA D 132 -48.84 41.32 6.45
CA ALA D 132 -49.10 41.52 7.88
C ALA D 132 -48.23 42.63 8.45
N ALA D 133 -46.97 42.69 8.04
CA ALA D 133 -46.04 43.65 8.63
C ALA D 133 -46.10 45.03 7.99
N LEU D 134 -46.73 45.20 6.82
CA LEU D 134 -46.65 46.49 6.12
C LEU D 134 -47.18 47.67 6.92
N PRO D 135 -48.37 47.61 7.52
CA PRO D 135 -48.78 48.72 8.37
C PRO D 135 -47.73 49.07 9.41
N MET D 136 -47.28 48.09 10.19
CA MET D 136 -46.26 48.36 11.21
C MET D 136 -45.02 48.96 10.58
N LEU D 137 -44.60 48.44 9.44
CA LEU D 137 -43.40 48.93 8.76
C LEU D 137 -43.62 50.32 8.19
N LYS D 138 -44.83 50.62 7.71
CA LYS D 138 -45.15 51.98 7.31
C LYS D 138 -44.98 52.94 8.49
N GLN D 139 -45.48 52.56 9.68
CA GLN D 139 -45.42 53.41 10.87
C GLN D 139 -44.00 53.71 11.33
N SER D 140 -43.02 52.96 10.89
CA SER D 140 -41.66 53.14 11.34
C SER D 140 -40.72 53.42 10.19
N ASN D 141 -41.25 53.57 8.98
CA ASN D 141 -40.43 53.72 7.79
C ASN D 141 -39.41 52.61 7.72
N GLY D 142 -39.88 51.40 8.04
CA GLY D 142 -39.04 50.25 8.22
C GLY D 142 -38.45 49.64 6.96
N SER D 143 -38.10 48.37 7.05
CA SER D 143 -37.41 47.74 5.96
C SER D 143 -37.82 46.28 5.88
N ILE D 144 -37.87 45.78 4.66
CA ILE D 144 -38.14 44.38 4.36
C ILE D 144 -36.88 43.83 3.73
N VAL D 145 -36.43 42.68 4.19
CA VAL D 145 -35.26 42.01 3.64
C VAL D 145 -35.71 40.65 3.16
N VAL D 146 -35.57 40.39 1.87
CA VAL D 146 -35.94 39.13 1.23
C VAL D 146 -34.65 38.43 0.88
N VAL D 147 -34.43 37.25 1.45
CA VAL D 147 -33.20 36.49 1.28
C VAL D 147 -33.38 35.59 0.07
N SER D 148 -32.68 35.88 -1.02
CA SER D 148 -32.80 35.06 -2.21
C SER D 148 -31.45 34.40 -2.50
N SER D 149 -31.40 33.65 -3.59
CA SER D 149 -30.22 32.86 -3.96
C SER D 149 -29.70 33.28 -5.32
N LEU D 150 -28.47 32.85 -5.61
CA LEU D 150 -27.98 33.03 -6.96
C LEU D 150 -28.87 32.33 -7.95
N ALA D 151 -29.51 31.24 -7.53
CA ALA D 151 -30.50 30.56 -8.36
C ALA D 151 -31.82 31.34 -8.49
N GLY D 152 -31.99 32.42 -7.73
CA GLY D 152 -33.10 33.32 -7.93
C GLY D 152 -32.84 34.37 -8.96
N LYS D 153 -31.66 34.30 -9.60
CA LYS D 153 -31.29 35.15 -10.73
C LYS D 153 -30.81 34.36 -11.93
N VAL D 154 -30.32 33.14 -11.73
CA VAL D 154 -29.84 32.29 -12.83
C VAL D 154 -30.36 30.88 -12.60
N ALA D 155 -30.95 30.30 -13.63
CA ALA D 155 -31.46 28.94 -13.49
C ALA D 155 -30.28 27.99 -13.51
N TYR D 156 -30.25 27.06 -12.57
CA TYR D 156 -29.23 26.02 -12.49
C TYR D 156 -29.93 24.68 -12.45
N PRO D 157 -29.35 23.63 -13.01
CA PRO D 157 -30.02 22.32 -12.98
C PRO D 157 -30.06 21.78 -11.55
N MET D 158 -31.02 20.90 -11.30
CA MET D 158 -31.20 20.17 -10.04
C MET D 158 -31.81 21.05 -8.95
N VAL D 159 -32.09 22.31 -9.23
CA VAL D 159 -32.72 23.21 -8.26
C VAL D 159 -33.92 23.89 -8.90
N ALA D 160 -34.57 23.19 -9.84
CA ALA D 160 -35.60 23.81 -10.66
C ALA D 160 -36.74 24.36 -9.82
N ALA D 161 -37.37 23.51 -9.00
CA ALA D 161 -38.47 23.96 -8.16
C ALA D 161 -38.00 25.05 -7.22
N TYR D 162 -36.86 24.85 -6.57
CA TYR D 162 -36.32 25.90 -5.74
C TYR D 162 -36.07 27.17 -6.55
N SER D 163 -35.44 27.02 -7.71
CA SER D 163 -35.13 28.17 -8.53
C SER D 163 -36.39 28.94 -8.93
N ALA D 164 -37.47 28.24 -9.27
CA ALA D 164 -38.72 28.91 -9.63
C ALA D 164 -39.24 29.77 -8.48
N SER D 165 -39.21 29.23 -7.26
CA SER D 165 -39.67 30.01 -6.09
C SER D 165 -38.80 31.24 -5.86
N LYS D 166 -37.49 31.14 -6.05
CA LYS D 166 -36.65 32.31 -5.79
C LYS D 166 -36.79 33.33 -6.92
N PHE D 167 -37.11 32.86 -8.12
CA PHE D 167 -37.44 33.80 -9.19
C PHE D 167 -38.71 34.57 -8.84
N ALA D 168 -39.75 33.88 -8.37
CA ALA D 168 -40.99 34.58 -8.05
C ALA D 168 -40.75 35.75 -7.10
N LEU D 169 -39.94 35.56 -6.06
CA LEU D 169 -39.64 36.61 -5.10
C LEU D 169 -39.11 37.86 -5.79
N ASP D 170 -38.19 37.71 -6.76
CA ASP D 170 -37.70 38.87 -7.49
C ASP D 170 -38.84 39.58 -8.21
N GLY D 171 -39.60 38.84 -9.01
CA GLY D 171 -40.68 39.47 -9.74
C GLY D 171 -41.65 40.19 -8.83
N PHE D 172 -42.01 39.57 -7.71
CA PHE D 172 -43.00 40.19 -6.85
C PHE D 172 -42.43 41.38 -6.12
N PHE D 173 -41.37 41.16 -5.35
CA PHE D 173 -40.85 42.19 -4.48
C PHE D 173 -40.18 43.32 -5.24
N SER D 174 -39.68 43.04 -6.43
CA SER D 174 -39.13 44.12 -7.25
C SER D 174 -40.23 45.03 -7.78
N SER D 175 -41.43 44.46 -8.04
CA SER D 175 -42.61 45.23 -8.44
C SER D 175 -43.19 46.02 -7.28
N ILE D 176 -43.40 45.38 -6.14
CA ILE D 176 -43.85 46.10 -4.96
C ILE D 176 -42.99 47.35 -4.72
N ARG D 177 -41.67 47.22 -4.92
CA ARG D 177 -40.76 48.34 -4.66
C ARG D 177 -41.14 49.54 -5.53
N LYS D 178 -41.37 49.28 -6.83
CA LYS D 178 -41.78 50.34 -7.76
C LYS D 178 -43.17 50.88 -7.41
N GLU D 179 -44.10 50.01 -7.00
CA GLU D 179 -45.38 50.50 -6.53
C GLU D 179 -45.23 51.42 -5.32
N TYR D 180 -44.40 51.02 -4.35
CA TYR D 180 -44.16 51.85 -3.17
C TYR D 180 -43.57 53.19 -3.58
N SER D 181 -42.78 53.19 -4.66
CA SER D 181 -42.12 54.37 -5.19
C SER D 181 -43.13 55.44 -5.60
N VAL D 182 -44.12 55.05 -6.38
CA VAL D 182 -45.07 56.05 -6.83
C VAL D 182 -46.17 56.27 -5.81
N SER D 183 -46.42 55.31 -4.92
CA SER D 183 -47.26 55.56 -3.76
C SER D 183 -46.41 56.33 -2.76
N ARG D 184 -46.87 56.47 -1.54
CA ARG D 184 -46.02 57.18 -0.62
C ARG D 184 -45.36 56.25 0.39
N VAL D 185 -45.12 55.01 -0.02
CA VAL D 185 -44.74 53.93 0.90
C VAL D 185 -43.23 54.03 1.13
N ASN D 186 -42.86 54.36 2.37
CA ASN D 186 -41.47 54.60 2.75
C ASN D 186 -40.77 53.35 3.30
N VAL D 187 -41.24 52.15 2.94
CA VAL D 187 -40.66 50.90 3.38
C VAL D 187 -39.67 50.42 2.32
N SER D 188 -38.46 50.12 2.75
CA SER D 188 -37.39 49.69 1.85
C SER D 188 -37.49 48.20 1.59
N ILE D 189 -36.96 47.77 0.45
CA ILE D 189 -37.02 46.37 0.05
C ILE D 189 -35.64 45.94 -0.41
N THR D 190 -34.96 45.14 0.40
CA THR D 190 -33.62 44.65 0.08
C THR D 190 -33.68 43.18 -0.32
N LEU D 191 -33.30 42.85 -1.55
CA LEU D 191 -33.23 41.47 -2.03
C LEU D 191 -31.76 41.02 -2.04
N CYS D 192 -31.47 39.93 -1.33
CA CYS D 192 -30.10 39.43 -1.17
C CYS D 192 -29.90 38.25 -2.11
N VAL D 193 -28.89 38.36 -2.97
CA VAL D 193 -28.65 37.31 -3.95
C VAL D 193 -27.40 36.56 -3.51
N LEU D 194 -27.58 35.46 -2.75
CA LEU D 194 -26.45 34.75 -2.12
C LEU D 194 -25.94 33.57 -2.93
N GLY D 195 -24.62 33.41 -2.95
CA GLY D 195 -23.98 32.20 -3.45
C GLY D 195 -23.92 31.09 -2.39
N LEU D 196 -23.04 30.12 -2.61
CA LEU D 196 -22.95 29.04 -1.63
C LEU D 196 -22.47 29.58 -0.29
N ILE D 197 -23.19 29.25 0.76
CA ILE D 197 -22.89 29.67 2.11
C ILE D 197 -22.69 28.42 2.94
N ASP D 198 -21.59 28.39 3.70
CA ASP D 198 -21.12 27.15 4.33
C ASP D 198 -21.98 26.76 5.51
N THR D 199 -23.28 26.66 5.30
CA THR D 199 -24.11 26.13 6.35
C THR D 199 -24.06 24.61 6.34
N GLU D 200 -24.46 24.04 7.48
CA GLU D 200 -24.59 22.60 7.61
C GLU D 200 -25.51 22.06 6.51
N THR D 201 -26.71 22.61 6.40
CA THR D 201 -27.63 22.11 5.40
C THR D 201 -27.07 22.28 3.99
N ALA D 202 -26.50 23.45 3.71
CA ALA D 202 -26.02 23.71 2.36
C ALA D 202 -24.91 22.74 1.99
N MET D 203 -23.92 22.63 2.86
CA MET D 203 -22.77 21.82 2.54
C MET D 203 -23.17 20.36 2.38
N LYS D 204 -24.05 19.86 3.24
CA LYS D 204 -24.52 18.49 3.11
C LYS D 204 -25.17 18.25 1.76
N ALA D 205 -25.93 19.25 1.27
CA ALA D 205 -26.73 19.08 0.07
C ALA D 205 -25.87 19.07 -1.20
N VAL D 206 -24.75 19.77 -1.19
CA VAL D 206 -23.89 19.88 -2.36
C VAL D 206 -22.59 19.14 -2.21
N SER D 207 -22.41 18.38 -1.11
CA SER D 207 -21.08 17.97 -0.66
C SER D 207 -20.25 17.37 -1.78
N GLY D 208 -20.71 16.26 -2.33
CA GLY D 208 -19.90 15.68 -3.37
C GLY D 208 -20.18 16.17 -4.76
N ILE D 209 -21.13 17.07 -4.91
CA ILE D 209 -21.75 17.35 -6.18
C ILE D 209 -21.12 18.53 -6.92
N VAL D 210 -20.89 19.66 -6.25
CA VAL D 210 -20.26 20.76 -6.97
C VAL D 210 -19.47 21.61 -6.00
N HIS D 211 -18.19 21.81 -6.33
CA HIS D 211 -17.30 22.64 -5.53
C HIS D 211 -17.53 24.09 -5.94
N MET D 212 -17.94 24.93 -5.00
CA MET D 212 -18.01 26.34 -5.33
C MET D 212 -17.44 27.21 -4.21
N GLN D 213 -16.65 26.64 -3.30
CA GLN D 213 -16.05 27.45 -2.25
C GLN D 213 -17.05 28.32 -1.48
N ALA D 214 -17.82 27.70 -0.59
CA ALA D 214 -18.74 28.42 0.29
C ALA D 214 -18.08 29.65 0.94
N ALA D 215 -18.90 30.61 1.30
CA ALA D 215 -18.43 31.73 2.07
C ALA D 215 -19.04 31.67 3.46
N PRO D 216 -18.43 32.31 4.46
CA PRO D 216 -18.84 32.09 5.84
C PRO D 216 -20.24 32.61 6.10
N LYS D 217 -21.04 31.81 6.81
CA LYS D 217 -22.39 32.21 7.14
C LYS D 217 -22.41 33.40 8.09
N GLU D 218 -21.41 33.51 8.96
CA GLU D 218 -21.38 34.66 9.86
C GLU D 218 -21.21 35.94 9.08
N GLU D 219 -20.28 35.98 8.14
CA GLU D 219 -20.10 37.20 7.37
C GLU D 219 -21.35 37.51 6.52
N CYS D 220 -21.90 36.50 5.86
CA CYS D 220 -23.11 36.66 5.05
C CYS D 220 -24.26 37.22 5.89
N ALA D 221 -24.55 36.57 7.02
CA ALA D 221 -25.62 37.03 7.90
C ALA D 221 -25.43 38.50 8.24
N LEU D 222 -24.18 38.93 8.38
CA LEU D 222 -23.98 40.35 8.63
C LEU D 222 -24.18 41.15 7.36
N GLU D 223 -23.58 40.69 6.25
CA GLU D 223 -23.72 41.43 5.01
C GLU D 223 -25.17 41.58 4.62
N ILE D 224 -26.01 40.60 4.97
CA ILE D 224 -27.45 40.75 4.79
C ILE D 224 -27.97 41.85 5.70
N ILE D 225 -27.68 41.75 7.00
CA ILE D 225 -28.17 42.77 7.93
C ILE D 225 -27.71 44.15 7.48
N LYS D 226 -26.45 44.24 7.07
CA LYS D 226 -25.91 45.52 6.62
C LYS D 226 -26.78 46.10 5.51
N GLY D 227 -27.14 45.29 4.53
CA GLY D 227 -27.82 45.83 3.36
C GLY D 227 -29.13 46.51 3.70
N GLY D 228 -30.00 45.83 4.44
CA GLY D 228 -31.29 46.41 4.79
C GLY D 228 -31.14 47.65 5.65
N ALA D 229 -30.10 47.66 6.50
CA ALA D 229 -29.86 48.86 7.29
C ALA D 229 -29.64 50.05 6.38
N LEU D 230 -28.78 49.88 5.39
CA LEU D 230 -28.52 50.93 4.44
C LEU D 230 -29.61 51.04 3.37
N ARG D 231 -30.70 50.30 3.54
CA ARG D 231 -31.82 50.29 2.61
C ARG D 231 -31.37 50.04 1.17
N GLN D 232 -30.46 49.09 0.98
CA GLN D 232 -30.01 48.77 -0.35
C GLN D 232 -31.09 48.02 -1.13
N GLU D 233 -31.21 48.34 -2.41
CA GLU D 233 -32.18 47.65 -3.25
C GLU D 233 -31.86 46.16 -3.32
N GLU D 234 -30.59 45.85 -3.53
CA GLU D 234 -30.09 44.50 -3.58
C GLU D 234 -28.74 44.50 -2.90
N VAL D 235 -28.32 43.28 -2.54
CA VAL D 235 -27.03 42.98 -1.94
C VAL D 235 -26.60 41.66 -2.54
N TYR D 236 -25.32 41.55 -2.90
CA TYR D 236 -24.79 40.32 -3.50
C TYR D 236 -23.62 39.82 -2.64
N TYR D 237 -23.76 38.66 -1.99
CA TYR D 237 -22.74 38.21 -1.06
C TYR D 237 -21.77 37.21 -1.69
N ASP D 238 -20.50 37.60 -1.62
CA ASP D 238 -19.34 36.95 -2.23
C ASP D 238 -19.61 36.64 -3.68
N SER D 239 -19.88 37.74 -4.39
CA SER D 239 -19.72 37.87 -5.82
C SER D 239 -18.26 37.70 -6.20
N SER D 240 -17.37 37.77 -5.19
CA SER D 240 -15.96 37.46 -5.37
C SER D 240 -15.75 36.05 -5.88
N LEU D 241 -16.74 35.17 -5.72
CA LEU D 241 -16.59 33.76 -6.05
C LEU D 241 -17.26 33.37 -7.36
N TRP D 242 -17.65 34.34 -8.20
CA TRP D 242 -18.33 34.04 -9.46
C TRP D 242 -18.15 35.15 -10.48
N THR D 243 -17.98 34.74 -11.74
CA THR D 243 -17.66 35.60 -12.89
C THR D 243 -16.80 36.82 -12.54
N GLU E 4 67.52 -39.61 3.29
CA GLU E 4 67.15 -38.76 2.16
C GLU E 4 67.94 -37.46 2.17
N GLU E 5 67.67 -36.70 3.22
CA GLU E 5 68.38 -35.45 3.41
C GLU E 5 68.66 -35.23 4.89
N PHE E 6 68.86 -36.32 5.63
CA PHE E 6 69.20 -36.18 7.02
C PHE E 6 70.68 -35.80 7.13
N ARG E 7 70.97 -34.89 8.04
CA ARG E 7 72.32 -34.46 8.34
C ARG E 7 72.47 -34.51 9.85
N PRO E 8 73.52 -35.17 10.40
CA PRO E 8 73.66 -35.25 11.85
C PRO E 8 73.61 -33.88 12.50
N GLU E 9 73.89 -32.84 11.70
CA GLU E 9 73.90 -31.48 12.20
C GLU E 9 72.49 -31.03 12.55
N MET E 10 71.48 -31.74 12.03
CA MET E 10 70.10 -31.41 12.36
C MET E 10 69.87 -31.47 13.87
N LEU E 11 70.57 -32.38 14.56
CA LEU E 11 70.44 -32.55 16.00
C LEU E 11 71.37 -31.69 16.84
N GLN E 12 72.42 -31.10 16.24
CA GLN E 12 73.41 -30.35 17.00
C GLN E 12 72.78 -29.22 17.81
N GLY E 13 72.98 -29.23 19.13
CA GLY E 13 72.44 -28.21 19.99
C GLY E 13 70.99 -28.40 20.40
N LYS E 14 70.28 -29.34 19.79
CA LYS E 14 68.86 -29.54 20.06
C LYS E 14 68.63 -30.06 21.48
N LYS E 15 67.50 -29.67 22.08
CA LYS E 15 67.15 -30.08 23.43
C LYS E 15 66.26 -31.32 23.38
N VAL E 16 66.78 -32.47 23.84
CA VAL E 16 66.14 -33.77 23.62
C VAL E 16 65.86 -34.49 24.93
N ILE E 17 64.72 -35.20 24.99
CA ILE E 17 64.37 -36.10 26.08
C ILE E 17 64.29 -37.53 25.53
N VAL E 18 64.91 -38.48 26.21
CA VAL E 18 64.88 -39.90 25.83
C VAL E 18 64.48 -40.68 27.08
N THR E 19 63.29 -41.29 27.07
CA THR E 19 62.84 -42.12 28.16
C THR E 19 63.20 -43.59 27.90
N GLY E 20 63.29 -44.36 28.98
CA GLY E 20 63.76 -45.74 28.87
C GLY E 20 65.09 -45.82 28.17
N ALA E 21 66.00 -44.91 28.52
CA ALA E 21 67.31 -44.74 27.89
C ALA E 21 68.46 -45.43 28.62
N SER E 22 68.19 -46.09 29.76
CA SER E 22 69.25 -46.71 30.57
C SER E 22 69.85 -47.94 29.89
N LYS E 23 69.17 -48.55 28.93
CA LYS E 23 69.74 -49.69 28.22
C LYS E 23 69.06 -49.82 26.87
N GLY E 24 69.46 -50.84 26.13
CA GLY E 24 68.79 -51.18 24.92
C GLY E 24 68.85 -50.07 23.91
N ILE E 25 67.75 -49.97 23.15
CA ILE E 25 67.59 -48.96 22.09
C ILE E 25 67.58 -47.55 22.66
N GLY E 26 66.96 -47.37 23.82
CA GLY E 26 66.89 -46.04 24.39
C GLY E 26 68.25 -45.46 24.65
N ARG E 27 69.16 -46.28 25.17
CA ARG E 27 70.53 -45.84 25.37
C ARG E 27 71.21 -45.51 24.05
N GLU E 28 71.09 -46.39 23.04
CA GLU E 28 71.80 -46.13 21.79
C GLU E 28 71.39 -44.81 21.20
N MET E 29 70.11 -44.47 21.32
CA MET E 29 69.65 -43.17 20.86
C MET E 29 70.38 -42.07 21.62
N ALA E 30 70.54 -42.23 22.94
CA ALA E 30 71.29 -41.25 23.71
C ALA E 30 72.72 -41.09 23.20
N TYR E 31 73.39 -42.20 22.89
CA TYR E 31 74.74 -42.09 22.37
C TYR E 31 74.76 -41.42 21.02
N HIS E 32 73.83 -41.80 20.14
CA HIS E 32 73.71 -41.11 18.86
C HIS E 32 73.45 -39.63 19.09
N LEU E 33 72.49 -39.32 19.95
CA LEU E 33 72.16 -37.93 20.23
C LEU E 33 73.39 -37.21 20.78
N ALA E 34 74.20 -37.91 21.58
CA ALA E 34 75.43 -37.34 22.14
C ALA E 34 76.48 -37.10 21.07
N LYS E 35 76.74 -38.10 20.24
CA LYS E 35 77.67 -37.92 19.14
C LYS E 35 77.21 -36.83 18.17
N MET E 36 75.93 -36.51 18.13
CA MET E 36 75.46 -35.46 17.23
C MET E 36 75.54 -34.07 17.87
N GLY E 37 76.01 -33.98 19.11
CA GLY E 37 76.19 -32.73 19.83
C GLY E 37 74.92 -32.03 20.29
N ALA E 38 73.95 -32.81 20.76
CA ALA E 38 72.69 -32.30 21.27
C ALA E 38 72.75 -32.24 22.79
N HIS E 39 71.76 -31.58 23.39
CA HIS E 39 71.54 -31.65 24.83
C HIS E 39 70.57 -32.79 25.13
N VAL E 40 70.91 -33.65 26.09
CA VAL E 40 70.08 -34.81 26.41
C VAL E 40 69.76 -34.84 27.89
N VAL E 41 68.55 -35.29 28.20
CA VAL E 41 68.09 -35.61 29.54
C VAL E 41 67.48 -37.00 29.44
N VAL E 42 68.14 -38.01 30.03
CA VAL E 42 67.71 -39.41 29.99
C VAL E 42 67.05 -39.75 31.31
N THR E 43 66.01 -40.59 31.25
CA THR E 43 65.34 -41.08 32.46
C THR E 43 65.09 -42.57 32.33
N ALA E 44 64.97 -43.19 33.50
CA ALA E 44 64.69 -44.62 33.67
C ALA E 44 64.43 -44.80 35.16
N ARG E 45 64.37 -46.05 35.60
CA ARG E 45 64.22 -46.21 37.04
C ARG E 45 65.57 -46.23 37.77
N SER E 46 66.57 -46.91 37.20
CA SER E 46 67.86 -47.17 37.82
C SER E 46 68.77 -45.95 37.83
N LYS E 47 68.88 -45.28 38.99
CA LYS E 47 69.76 -44.12 39.17
C LYS E 47 71.19 -44.44 38.71
N GLU E 48 71.70 -45.59 39.13
CA GLU E 48 73.07 -45.97 38.80
C GLU E 48 73.31 -46.01 37.29
N THR E 49 72.53 -46.80 36.56
CA THR E 49 72.73 -46.99 35.12
C THR E 49 72.59 -45.68 34.33
N LEU E 50 71.63 -44.85 34.70
CA LEU E 50 71.48 -43.58 34.02
C LEU E 50 72.77 -42.78 34.12
N GLN E 51 73.34 -42.77 35.33
CA GLN E 51 74.58 -42.04 35.58
C GLN E 51 75.66 -42.48 34.62
N LYS E 52 75.79 -43.79 34.44
CA LYS E 52 76.79 -44.31 33.53
C LYS E 52 76.50 -43.88 32.10
N VAL E 53 75.20 -43.81 31.74
CA VAL E 53 74.85 -43.34 30.39
C VAL E 53 75.12 -41.85 30.24
N VAL E 54 74.73 -41.05 31.25
CA VAL E 54 75.00 -39.61 31.20
C VAL E 54 76.49 -39.37 31.01
N SER E 55 77.31 -40.05 31.79
CA SER E 55 78.75 -39.81 31.66
C SER E 55 79.24 -40.18 30.28
N HIS E 56 78.90 -41.37 29.80
CA HIS E 56 79.37 -41.76 28.47
C HIS E 56 78.85 -40.82 27.41
N CYS E 57 77.75 -40.11 27.68
CA CYS E 57 77.23 -39.14 26.71
C CYS E 57 78.17 -37.95 26.58
N LEU E 58 78.63 -37.44 27.72
CA LEU E 58 79.63 -36.37 27.72
C LEU E 58 80.87 -36.80 26.97
N GLU E 59 81.33 -38.01 27.25
CA GLU E 59 82.53 -38.52 26.60
C GLU E 59 82.36 -38.55 25.08
N LEU E 60 81.16 -38.90 24.60
CA LEU E 60 80.91 -39.00 23.16
C LEU E 60 80.78 -37.63 22.48
N GLY E 61 80.69 -36.55 23.24
CA GLY E 61 80.55 -35.23 22.66
C GLY E 61 79.19 -34.59 22.88
N ALA E 62 78.39 -35.13 23.79
CA ALA E 62 77.09 -34.55 24.07
C ALA E 62 77.26 -33.14 24.63
N ALA E 63 76.33 -32.26 24.30
CA ALA E 63 76.37 -30.90 24.79
C ALA E 63 75.96 -30.80 26.27
N SER E 64 74.91 -31.52 26.70
CA SER E 64 74.42 -31.34 28.06
C SER E 64 74.46 -32.61 28.90
N ALA E 65 73.70 -33.65 28.51
CA ALA E 65 73.76 -34.95 29.21
C ALA E 65 73.41 -34.94 30.70
N HIS E 66 72.15 -34.80 31.07
CA HIS E 66 71.69 -35.02 32.44
C HIS E 66 70.84 -36.28 32.54
N TYR E 67 70.48 -36.65 33.78
CA TYR E 67 69.58 -37.79 34.03
C TYR E 67 68.66 -37.49 35.21
N ILE E 68 67.47 -38.08 35.16
CA ILE E 68 66.50 -38.01 36.25
C ILE E 68 65.87 -39.38 36.39
N ALA E 69 65.81 -39.89 37.62
CA ALA E 69 65.36 -41.25 37.86
C ALA E 69 63.97 -41.29 38.51
N GLY E 70 63.18 -42.28 38.13
CA GLY E 70 61.82 -42.47 38.60
C GLY E 70 61.07 -43.43 37.72
N THR E 71 59.93 -43.93 38.22
CA THR E 71 59.13 -44.90 37.48
C THR E 71 58.04 -44.22 36.66
N MET E 72 57.88 -44.67 35.40
CA MET E 72 56.78 -44.17 34.57
C MET E 72 55.44 -44.77 34.97
N GLU E 73 55.43 -45.57 36.04
CA GLU E 73 54.19 -45.96 36.67
C GLU E 73 53.58 -44.77 37.43
N ASP E 74 54.41 -43.87 37.98
CA ASP E 74 53.90 -42.74 38.77
C ASP E 74 53.59 -41.61 37.80
N MET E 75 52.31 -41.45 37.47
CA MET E 75 51.93 -40.41 36.53
C MET E 75 52.33 -39.03 37.03
N THR E 76 52.25 -38.79 38.33
CA THR E 76 52.70 -37.47 38.78
C THR E 76 54.19 -37.31 38.51
N PHE E 77 54.95 -38.41 38.55
CA PHE E 77 56.37 -38.33 38.20
C PHE E 77 56.56 -37.95 36.74
N ALA E 78 55.94 -38.68 35.82
CA ALA E 78 56.15 -38.40 34.41
C ALA E 78 55.92 -36.92 34.16
N GLU E 79 54.83 -36.39 34.72
CA GLU E 79 54.53 -34.98 34.58
C GLU E 79 55.66 -34.12 35.17
N GLN E 80 56.02 -34.36 36.42
CA GLN E 80 57.04 -33.52 37.05
C GLN E 80 58.39 -33.63 36.36
N PHE E 81 58.72 -34.83 35.84
CA PHE E 81 60.01 -35.03 35.17
C PHE E 81 60.15 -34.14 33.96
N VAL E 82 59.07 -33.99 33.19
CA VAL E 82 59.18 -33.18 32.00
C VAL E 82 59.50 -31.74 32.39
N ALA E 83 58.87 -31.23 33.45
CA ALA E 83 59.18 -29.87 33.89
C ALA E 83 60.64 -29.76 34.28
N GLN E 84 61.12 -30.63 35.17
CA GLN E 84 62.50 -30.55 35.60
C GLN E 84 63.42 -30.61 34.39
N ALA E 85 63.14 -31.55 33.48
CA ALA E 85 63.99 -31.76 32.30
C ALA E 85 64.02 -30.54 31.40
N GLY E 86 62.90 -29.84 31.29
CA GLY E 86 62.90 -28.62 30.50
C GLY E 86 63.68 -27.54 31.21
N LYS E 87 63.53 -27.46 32.53
CA LYS E 87 64.36 -26.54 33.28
C LYS E 87 65.83 -26.81 32.99
N LEU E 88 66.25 -28.08 33.07
CA LEU E 88 67.67 -28.41 32.90
C LEU E 88 68.22 -27.91 31.57
N MET E 89 67.48 -28.09 30.47
CA MET E 89 67.95 -27.73 29.13
C MET E 89 67.50 -26.36 28.66
N GLY E 90 66.61 -25.69 29.39
CA GLY E 90 66.00 -24.48 28.88
C GLY E 90 65.16 -24.69 27.63
N GLY E 91 64.31 -25.71 27.66
CA GLY E 91 63.37 -25.97 26.58
C GLY E 91 63.42 -27.40 26.11
N LEU E 92 62.59 -27.68 25.11
CA LEU E 92 62.51 -29.03 24.58
C LEU E 92 62.25 -28.97 23.08
N ASP E 93 63.08 -29.66 22.31
CA ASP E 93 62.90 -29.76 20.87
C ASP E 93 62.30 -31.08 20.45
N MET E 94 62.69 -32.16 21.11
CA MET E 94 62.29 -33.50 20.73
C MET E 94 62.00 -34.32 21.97
N LEU E 95 60.89 -35.05 21.96
CA LEU E 95 60.46 -35.90 23.06
C LEU E 95 60.43 -37.32 22.52
N ILE E 96 61.39 -38.14 22.92
CA ILE E 96 61.45 -39.52 22.44
C ILE E 96 60.87 -40.44 23.51
N LEU E 97 59.66 -40.94 23.28
CA LEU E 97 59.00 -41.85 24.20
C LEU E 97 59.35 -43.30 23.84
N ASN E 98 60.03 -43.97 24.76
CA ASN E 98 60.68 -45.23 24.44
C ASN E 98 60.49 -46.35 25.48
N HIS E 99 60.21 -46.01 26.74
CA HIS E 99 60.12 -47.01 27.80
C HIS E 99 58.90 -47.89 27.66
N ILE E 100 59.04 -49.14 28.13
CA ILE E 100 57.94 -50.07 28.33
C ILE E 100 58.24 -50.89 29.57
N THR E 101 57.18 -51.35 30.28
CA THR E 101 57.39 -52.33 31.36
C THR E 101 57.77 -53.68 30.81
N ASN E 102 58.46 -54.42 31.65
CA ASN E 102 58.95 -55.73 31.27
C ASN E 102 57.81 -56.59 30.79
N THR E 103 58.01 -57.23 29.64
CA THR E 103 57.05 -58.17 29.09
C THR E 103 57.80 -59.40 28.61
N SER E 104 57.09 -60.52 28.52
CA SER E 104 57.68 -61.76 28.04
C SER E 104 56.67 -62.52 27.20
N LEU E 105 57.21 -63.39 26.34
CA LEU E 105 56.37 -64.26 25.55
C LEU E 105 55.62 -65.20 26.47
N ASN E 106 54.29 -65.08 26.49
CA ASN E 106 53.43 -65.85 27.39
C ASN E 106 52.04 -65.92 26.83
N LEU E 107 51.46 -67.11 26.82
CA LEU E 107 50.03 -67.25 26.54
C LEU E 107 49.22 -66.54 27.63
N PHE E 108 48.12 -65.93 27.22
CA PHE E 108 47.32 -65.15 28.15
C PHE E 108 46.35 -66.05 28.93
N HIS E 109 46.39 -65.98 30.26
CA HIS E 109 45.39 -66.69 31.03
C HIS E 109 44.48 -65.73 31.80
N ASP E 110 45.00 -65.05 32.83
CA ASP E 110 44.14 -64.14 33.58
C ASP E 110 44.90 -62.96 34.16
N ASP E 111 46.01 -62.55 33.54
CA ASP E 111 46.85 -61.48 34.11
C ASP E 111 46.27 -60.10 33.80
N ILE E 112 45.16 -59.79 34.50
CA ILE E 112 44.58 -58.46 34.42
C ILE E 112 45.59 -57.44 34.90
N HIS E 113 46.39 -57.81 35.91
CA HIS E 113 47.43 -56.92 36.42
C HIS E 113 48.41 -56.50 35.33
N HIS E 114 48.87 -57.46 34.51
CA HIS E 114 49.78 -57.10 33.43
C HIS E 114 49.09 -56.27 32.35
N VAL E 115 47.84 -56.60 32.02
CA VAL E 115 47.14 -55.78 31.05
C VAL E 115 47.05 -54.35 31.55
N ARG E 116 46.73 -54.16 32.82
CA ARG E 116 46.65 -52.80 33.33
C ARG E 116 48.01 -52.14 33.38
N LYS E 117 49.01 -52.83 33.93
CA LYS E 117 50.35 -52.25 34.03
C LYS E 117 50.90 -51.89 32.65
N SER E 118 50.76 -52.80 31.69
CA SER E 118 51.23 -52.51 30.33
C SER E 118 50.52 -51.30 29.76
N MET E 119 49.21 -51.20 29.95
CA MET E 119 48.49 -50.03 29.46
C MET E 119 48.94 -48.77 30.18
N GLU E 120 49.25 -48.91 31.48
CA GLU E 120 49.60 -47.74 32.29
C GLU E 120 50.98 -47.20 31.93
N VAL E 121 52.01 -48.04 31.83
CA VAL E 121 53.33 -47.47 31.55
C VAL E 121 53.59 -47.37 30.06
N ASN E 122 53.16 -48.36 29.27
CA ASN E 122 53.49 -48.32 27.84
C ASN E 122 52.67 -47.29 27.10
N PHE E 123 51.46 -46.98 27.59
CA PHE E 123 50.57 -46.04 26.92
C PHE E 123 50.22 -44.81 27.75
N LEU E 124 49.62 -44.97 28.94
CA LEU E 124 49.13 -43.81 29.68
C LEU E 124 50.23 -42.79 29.94
N SER E 125 51.35 -43.24 30.51
CA SER E 125 52.44 -42.31 30.80
C SER E 125 52.88 -41.56 29.54
N TYR E 126 52.76 -42.19 28.36
CA TYR E 126 53.06 -41.47 27.12
C TYR E 126 52.12 -40.28 26.92
N VAL E 127 50.80 -40.51 27.11
CA VAL E 127 49.85 -39.40 26.99
C VAL E 127 50.16 -38.33 28.03
N VAL E 128 50.40 -38.77 29.27
CA VAL E 128 50.76 -37.85 30.35
C VAL E 128 51.99 -37.05 29.98
N LEU E 129 53.04 -37.73 29.52
CA LEU E 129 54.27 -37.05 29.13
C LEU E 129 54.01 -36.10 27.97
N THR E 130 53.27 -36.52 26.96
CA THR E 130 52.98 -35.60 25.86
C THR E 130 52.27 -34.35 26.38
N VAL E 131 51.27 -34.54 27.27
CA VAL E 131 50.53 -33.38 27.79
C VAL E 131 51.49 -32.42 28.48
N ALA E 132 52.43 -32.95 29.25
CA ALA E 132 53.40 -32.10 29.94
C ALA E 132 54.29 -31.35 28.98
N ALA E 133 54.74 -32.01 27.92
CA ALA E 133 55.73 -31.39 27.07
C ALA E 133 55.15 -30.47 25.99
N LEU E 134 53.86 -30.53 25.71
CA LEU E 134 53.37 -29.82 24.52
C LEU E 134 53.70 -28.34 24.54
N PRO E 135 53.44 -27.58 25.59
CA PRO E 135 53.82 -26.17 25.56
C PRO E 135 55.28 -25.94 25.12
N MET E 136 56.25 -26.56 25.77
CA MET E 136 57.64 -26.39 25.38
C MET E 136 57.86 -26.76 23.91
N LEU E 137 57.19 -27.82 23.44
CA LEU E 137 57.33 -28.28 22.06
C LEU E 137 56.64 -27.34 21.08
N LYS E 138 55.52 -26.75 21.50
CA LYS E 138 54.87 -25.70 20.69
C LYS E 138 55.82 -24.53 20.47
N GLN E 139 56.52 -24.13 21.53
CA GLN E 139 57.45 -23.01 21.52
C GLN E 139 58.67 -23.26 20.64
N SER E 140 58.95 -24.50 20.23
CA SER E 140 60.12 -24.83 19.44
C SER E 140 59.77 -25.50 18.13
N ASN E 141 58.48 -25.63 17.83
CA ASN E 141 58.03 -26.35 16.65
C ASN E 141 58.67 -27.71 16.60
N GLY E 142 58.68 -28.39 17.75
CA GLY E 142 59.42 -29.62 17.94
C GLY E 142 58.80 -30.85 17.33
N SER E 143 59.13 -31.99 17.91
CA SER E 143 58.60 -33.25 17.40
C SER E 143 58.50 -34.25 18.56
N ILE E 144 57.52 -35.14 18.45
CA ILE E 144 57.33 -36.25 19.39
C ILE E 144 57.65 -37.53 18.65
N VAL E 145 58.41 -38.43 19.29
CA VAL E 145 58.73 -39.72 18.69
C VAL E 145 58.20 -40.81 19.62
N VAL E 146 57.29 -41.64 19.11
CA VAL E 146 56.66 -42.73 19.85
C VAL E 146 57.22 -44.03 19.32
N VAL E 147 57.92 -44.76 20.17
CA VAL E 147 58.56 -45.99 19.74
C VAL E 147 57.54 -47.11 19.94
N SER E 148 57.08 -47.69 18.84
CA SER E 148 56.12 -48.77 18.83
C SER E 148 56.74 -50.04 18.27
N SER E 149 55.93 -51.06 18.15
CA SER E 149 56.42 -52.35 17.69
C SER E 149 55.69 -52.77 16.44
N LEU E 150 56.27 -53.79 15.79
CA LEU E 150 55.55 -54.45 14.72
C LEU E 150 54.26 -55.06 15.25
N ALA E 151 54.26 -55.48 16.51
CA ALA E 151 53.06 -55.97 17.19
C ALA E 151 52.09 -54.84 17.51
N GLY E 152 52.49 -53.59 17.29
CA GLY E 152 51.55 -52.50 17.36
C GLY E 152 50.83 -52.22 16.07
N LYS E 153 51.06 -53.06 15.05
CA LYS E 153 50.34 -52.99 13.80
C LYS E 153 49.73 -54.33 13.42
N VAL E 154 50.27 -55.43 13.93
CA VAL E 154 49.82 -56.78 13.66
C VAL E 154 49.75 -57.50 14.99
N ALA E 155 48.63 -58.15 15.25
CA ALA E 155 48.49 -58.90 16.49
C ALA E 155 49.23 -60.21 16.34
N TYR E 156 49.99 -60.56 17.36
CA TYR E 156 50.75 -61.80 17.43
C TYR E 156 50.39 -62.57 18.70
N PRO E 157 50.48 -63.88 18.66
CA PRO E 157 50.22 -64.66 19.87
C PRO E 157 51.34 -64.44 20.87
N MET E 158 51.01 -64.55 22.16
CA MET E 158 51.91 -64.46 23.31
C MET E 158 52.29 -63.04 23.67
N VAL E 159 51.78 -62.03 22.98
CA VAL E 159 52.06 -60.63 23.31
C VAL E 159 50.76 -59.82 23.42
N ALA E 160 49.67 -60.49 23.80
CA ALA E 160 48.36 -59.85 23.73
C ALA E 160 48.30 -58.57 24.54
N ALA E 161 48.64 -58.61 25.82
CA ALA E 161 48.59 -57.38 26.58
C ALA E 161 49.52 -56.35 25.98
N TYR E 162 50.74 -56.75 25.59
CA TYR E 162 51.69 -55.84 24.96
C TYR E 162 51.12 -55.23 23.69
N SER E 163 50.52 -56.07 22.84
CA SER E 163 49.92 -55.60 21.59
C SER E 163 48.83 -54.55 21.84
N ALA E 164 47.98 -54.78 22.83
CA ALA E 164 46.91 -53.83 23.12
C ALA E 164 47.45 -52.45 23.45
N SER E 165 48.48 -52.38 24.28
CA SER E 165 49.05 -51.07 24.60
C SER E 165 49.67 -50.41 23.37
N LYS E 166 50.39 -51.20 22.54
CA LYS E 166 51.09 -50.62 21.40
C LYS E 166 50.13 -50.29 20.26
N PHE E 167 48.99 -50.97 20.20
CA PHE E 167 47.89 -50.57 19.32
C PHE E 167 47.28 -49.26 19.80
N ALA E 168 47.00 -49.17 21.10
CA ALA E 168 46.41 -47.96 21.67
C ALA E 168 47.20 -46.70 21.31
N LEU E 169 48.54 -46.77 21.38
CA LEU E 169 49.40 -45.65 20.98
C LEU E 169 49.09 -45.19 19.56
N ASP E 170 48.99 -46.15 18.64
CA ASP E 170 48.67 -45.84 17.25
C ASP E 170 47.32 -45.16 17.17
N GLY E 171 46.30 -45.73 17.80
CA GLY E 171 45.00 -45.10 17.75
C GLY E 171 45.05 -43.68 18.28
N PHE E 172 45.70 -43.48 19.41
CA PHE E 172 45.68 -42.17 20.04
C PHE E 172 46.51 -41.19 19.25
N PHE E 173 47.82 -41.45 19.13
CA PHE E 173 48.72 -40.45 18.54
C PHE E 173 48.40 -40.19 17.08
N SER E 174 47.81 -41.17 16.39
CA SER E 174 47.42 -40.94 15.02
C SER E 174 46.25 -39.95 14.93
N SER E 175 45.36 -39.96 15.94
CA SER E 175 44.29 -38.95 16.03
C SER E 175 44.86 -37.60 16.41
N ILE E 176 45.69 -37.58 17.44
CA ILE E 176 46.39 -36.36 17.82
C ILE E 176 47.05 -35.72 16.59
N ARG E 177 47.67 -36.53 15.72
CA ARG E 177 48.35 -35.97 14.54
C ARG E 177 47.37 -35.23 13.64
N LYS E 178 46.26 -35.88 13.29
CA LYS E 178 45.27 -35.22 12.46
C LYS E 178 44.68 -34.02 13.19
N GLU E 179 44.46 -34.15 14.51
CA GLU E 179 44.00 -33.02 15.30
C GLU E 179 44.98 -31.86 15.21
N TYR E 180 46.27 -32.12 15.33
CA TYR E 180 47.25 -31.05 15.21
C TYR E 180 47.17 -30.39 13.85
N SER E 181 46.84 -31.16 12.81
CA SER E 181 46.77 -30.69 11.44
C SER E 181 45.74 -29.57 11.29
N VAL E 182 44.53 -29.79 11.77
CA VAL E 182 43.49 -28.77 11.61
C VAL E 182 43.52 -27.71 12.70
N SER E 183 44.18 -27.96 13.82
CA SER E 183 44.52 -26.89 14.76
C SER E 183 45.75 -26.14 14.24
N ARG E 184 46.38 -25.33 15.07
CA ARG E 184 47.57 -24.64 14.59
C ARG E 184 48.86 -25.26 15.12
N VAL E 185 48.83 -26.54 15.51
CA VAL E 185 49.87 -27.18 16.30
C VAL E 185 50.96 -27.76 15.40
N ASN E 186 52.15 -27.13 15.39
CA ASN E 186 53.26 -27.51 14.51
C ASN E 186 54.24 -28.49 15.15
N VAL E 187 53.78 -29.34 16.07
CA VAL E 187 54.58 -30.36 16.69
C VAL E 187 54.34 -31.64 15.91
N SER E 188 55.40 -32.29 15.44
CA SER E 188 55.26 -33.52 14.67
C SER E 188 55.24 -34.75 15.58
N ILE E 189 54.73 -35.85 15.03
CA ILE E 189 54.55 -37.13 15.72
C ILE E 189 55.09 -38.25 14.83
N THR E 190 56.22 -38.84 15.20
CA THR E 190 56.81 -39.94 14.45
C THR E 190 56.48 -41.22 15.21
N LEU E 191 55.78 -42.16 14.57
CA LEU E 191 55.49 -43.47 15.16
C LEU E 191 56.41 -44.51 14.53
N CYS E 192 57.18 -45.20 15.37
CA CYS E 192 58.19 -46.16 14.92
C CYS E 192 57.69 -47.59 15.10
N VAL E 193 57.62 -48.30 13.98
CA VAL E 193 57.17 -49.68 13.96
C VAL E 193 58.40 -50.53 13.70
N LEU E 194 58.99 -51.04 14.78
CA LEU E 194 60.22 -51.82 14.76
C LEU E 194 59.94 -53.32 14.72
N GLY E 195 60.78 -54.05 13.99
CA GLY E 195 60.81 -55.51 14.04
C GLY E 195 61.59 -56.02 15.23
N LEU E 196 62.12 -57.22 15.12
CA LEU E 196 62.96 -57.74 16.19
C LEU E 196 64.26 -56.96 16.25
N ILE E 197 64.61 -56.47 17.43
CA ILE E 197 65.84 -55.70 17.61
C ILE E 197 66.69 -56.40 18.66
N ASP E 198 67.98 -56.55 18.36
CA ASP E 198 68.90 -57.36 19.14
C ASP E 198 69.25 -56.64 20.43
N THR E 199 68.24 -56.22 21.16
CA THR E 199 68.53 -55.70 22.48
C THR E 199 68.71 -56.86 23.44
N GLU E 200 69.40 -56.58 24.54
CA GLU E 200 69.70 -57.60 25.53
C GLU E 200 68.42 -58.25 26.03
N THR E 201 67.53 -57.45 26.61
CA THR E 201 66.33 -58.02 27.22
C THR E 201 65.48 -58.75 26.19
N ALA E 202 65.38 -58.19 24.98
CA ALA E 202 64.55 -58.81 23.95
C ALA E 202 65.08 -60.19 23.54
N MET E 203 66.37 -60.27 23.21
CA MET E 203 66.91 -61.55 22.76
C MET E 203 66.78 -62.61 23.85
N LYS E 204 66.99 -62.22 25.11
CA LYS E 204 66.68 -63.15 26.19
C LYS E 204 65.21 -63.55 26.14
N ALA E 205 64.33 -62.60 25.84
CA ALA E 205 62.89 -62.84 25.97
C ALA E 205 62.34 -63.76 24.89
N VAL E 206 62.96 -63.79 23.72
CA VAL E 206 62.47 -64.56 22.59
C VAL E 206 63.31 -65.77 22.30
N SER E 207 64.30 -66.06 23.14
CA SER E 207 65.42 -66.93 22.79
C SER E 207 65.00 -68.27 22.18
N GLY E 208 64.42 -69.15 22.99
CA GLY E 208 64.13 -70.40 22.35
C GLY E 208 62.88 -70.42 21.51
N ILE E 209 62.13 -69.34 21.53
CA ILE E 209 60.83 -69.31 20.89
C ILE E 209 61.02 -68.88 19.46
N VAL E 210 60.06 -69.27 18.62
CA VAL E 210 60.21 -68.99 17.20
C VAL E 210 60.75 -67.56 17.06
N HIS E 211 61.86 -67.43 16.35
CA HIS E 211 62.47 -66.13 16.17
C HIS E 211 62.70 -65.87 14.68
N MET E 212 62.67 -64.58 14.33
CA MET E 212 63.08 -64.02 13.06
C MET E 212 64.40 -63.28 13.29
N GLN E 213 65.12 -62.94 12.22
CA GLN E 213 66.38 -62.22 12.39
C GLN E 213 66.20 -60.97 13.23
N ALA E 214 67.18 -60.69 14.09
CA ALA E 214 67.15 -59.45 14.85
C ALA E 214 67.87 -58.37 14.06
N ALA E 215 67.44 -57.10 14.25
CA ALA E 215 68.22 -56.08 13.58
C ALA E 215 68.95 -55.23 14.60
N PRO E 216 70.08 -54.64 14.24
CA PRO E 216 70.96 -54.04 15.26
C PRO E 216 70.36 -52.81 15.91
N LYS E 217 70.57 -52.70 17.23
CA LYS E 217 70.07 -51.55 17.97
C LYS E 217 70.76 -50.24 17.54
N GLU E 218 72.04 -50.32 17.17
CA GLU E 218 72.79 -49.15 16.73
C GLU E 218 72.09 -48.46 15.56
N GLU E 219 71.83 -49.22 14.49
CA GLU E 219 71.18 -48.68 13.31
C GLU E 219 69.73 -48.31 13.59
N CYS E 220 69.01 -49.15 14.34
CA CYS E 220 67.63 -48.86 14.72
C CYS E 220 67.55 -47.55 15.46
N ALA E 221 68.39 -47.39 16.48
CA ALA E 221 68.36 -46.13 17.23
C ALA E 221 68.55 -44.93 16.29
N LEU E 222 69.44 -45.04 15.31
CA LEU E 222 69.67 -43.92 14.41
C LEU E 222 68.46 -43.72 13.50
N GLU E 223 67.90 -44.79 12.97
CA GLU E 223 66.75 -44.68 12.08
C GLU E 223 65.57 -43.99 12.76
N ILE E 224 65.43 -44.18 14.09
CA ILE E 224 64.40 -43.48 14.85
C ILE E 224 64.67 -41.98 14.86
N ILE E 225 65.89 -41.59 15.24
CA ILE E 225 66.22 -40.16 15.28
C ILE E 225 66.03 -39.51 13.91
N LYS E 226 66.50 -40.19 12.85
CA LYS E 226 66.30 -39.65 11.51
C LYS E 226 64.83 -39.40 11.25
N GLY E 227 63.98 -40.36 11.61
CA GLY E 227 62.56 -40.21 11.33
C GLY E 227 61.98 -39.02 12.04
N GLY E 228 62.28 -38.89 13.33
CA GLY E 228 61.81 -37.73 14.04
C GLY E 228 62.48 -36.45 13.57
N ALA E 229 63.76 -36.54 13.18
CA ALA E 229 64.44 -35.35 12.69
C ALA E 229 63.74 -34.78 11.47
N LEU E 230 63.47 -35.63 10.47
CA LEU E 230 62.79 -35.22 9.24
C LEU E 230 61.27 -35.15 9.39
N ARG E 231 60.75 -35.24 10.60
CA ARG E 231 59.29 -35.16 10.88
C ARG E 231 58.46 -36.14 10.07
N GLN E 232 58.96 -37.36 9.95
CA GLN E 232 58.21 -38.43 9.30
C GLN E 232 57.07 -38.87 10.20
N GLU E 233 55.93 -39.19 9.59
CA GLU E 233 54.77 -39.67 10.36
C GLU E 233 55.02 -41.03 11.00
N GLU E 234 55.70 -41.93 10.29
CA GLU E 234 56.02 -43.24 10.83
C GLU E 234 57.38 -43.64 10.29
N VAL E 235 57.98 -44.65 10.93
CA VAL E 235 59.24 -45.23 10.47
C VAL E 235 59.22 -46.72 10.79
N TYR E 236 59.77 -47.55 9.88
CA TYR E 236 59.76 -49.01 10.00
C TYR E 236 61.18 -49.57 9.93
N TYR E 237 61.70 -50.17 11.01
CA TYR E 237 63.09 -50.60 10.98
C TYR E 237 63.24 -52.07 10.60
N ASP E 238 63.99 -52.26 9.52
CA ASP E 238 64.20 -53.48 8.76
C ASP E 238 62.90 -54.16 8.41
N SER E 239 62.11 -53.41 7.64
CA SER E 239 61.08 -53.99 6.80
C SER E 239 61.72 -54.91 5.77
N SER E 240 63.02 -54.76 5.55
CA SER E 240 63.80 -55.70 4.75
C SER E 240 63.72 -57.09 5.36
N LEU E 241 63.36 -57.17 6.63
CA LEU E 241 63.28 -58.39 7.42
C LEU E 241 61.85 -58.88 7.65
N TRP E 242 60.90 -58.50 6.77
CA TRP E 242 59.50 -58.90 6.95
C TRP E 242 58.93 -59.49 5.66
N THR E 243 58.04 -60.49 5.84
CA THR E 243 57.31 -61.10 4.73
C THR E 243 55.87 -61.39 5.14
N GLU F 5 24.67 -70.83 5.52
CA GLU F 5 24.10 -69.50 5.76
C GLU F 5 23.62 -69.35 7.21
N PHE F 6 23.18 -68.15 7.59
CA PHE F 6 22.66 -67.92 8.93
C PHE F 6 21.22 -68.39 9.07
N ARG F 7 20.88 -68.95 10.25
CA ARG F 7 19.54 -69.42 10.56
C ARG F 7 19.12 -68.88 11.93
N PRO F 8 17.97 -68.20 12.04
CA PRO F 8 17.54 -67.66 13.35
C PRO F 8 17.45 -68.72 14.42
N GLU F 9 17.39 -70.00 14.04
CA GLU F 9 17.34 -71.10 14.98
C GLU F 9 18.68 -71.31 15.69
N MET F 10 19.77 -70.83 15.09
CA MET F 10 21.10 -70.96 15.68
C MET F 10 21.18 -70.31 17.05
N LEU F 11 20.45 -69.24 17.26
CA LEU F 11 20.43 -68.63 18.58
C LEU F 11 19.39 -69.25 19.48
N GLN F 12 18.51 -70.09 18.92
CA GLN F 12 17.45 -70.73 19.68
C GLN F 12 18.05 -71.53 20.83
N GLY F 13 17.63 -71.20 22.05
CA GLY F 13 18.06 -71.89 23.25
C GLY F 13 19.40 -71.49 23.84
N LYS F 14 20.23 -70.73 23.11
CA LYS F 14 21.54 -70.37 23.62
C LYS F 14 21.43 -69.36 24.77
N LYS F 15 22.34 -69.48 25.73
CA LYS F 15 22.38 -68.59 26.90
C LYS F 15 23.35 -67.46 26.61
N VAL F 16 22.86 -66.24 26.50
CA VAL F 16 23.68 -65.12 26.03
C VAL F 16 23.73 -64.00 27.07
N ILE F 17 24.88 -63.34 27.15
CA ILE F 17 25.10 -62.15 27.97
C ILE F 17 25.27 -60.99 27.01
N VAL F 18 24.66 -59.85 27.33
CA VAL F 18 24.78 -58.63 26.54
C VAL F 18 25.12 -57.46 27.48
N THR F 19 26.27 -56.84 27.27
CA THR F 19 26.64 -55.67 28.06
C THR F 19 26.18 -54.39 27.37
N GLY F 20 26.00 -53.35 28.18
CA GLY F 20 25.44 -52.11 27.65
C GLY F 20 24.14 -52.33 26.90
N ALA F 21 23.28 -53.21 27.44
CA ALA F 21 22.05 -53.63 26.77
C ALA F 21 20.88 -52.74 27.16
N SER F 22 21.11 -51.76 28.01
CA SER F 22 20.07 -50.87 28.48
C SER F 22 19.52 -49.98 27.38
N LYS F 23 20.25 -49.78 26.28
CA LYS F 23 19.77 -48.91 25.21
C LYS F 23 20.58 -49.14 23.95
N GLY F 24 20.27 -48.37 22.93
CA GLY F 24 21.09 -48.31 21.73
C GLY F 24 21.15 -49.64 21.00
N ILE F 25 22.31 -49.91 20.40
CA ILE F 25 22.54 -51.16 19.69
C ILE F 25 22.52 -52.35 20.64
N GLY F 26 22.94 -52.15 21.89
CA GLY F 26 22.85 -53.24 22.86
C GLY F 26 21.41 -53.68 23.11
N ARG F 27 20.51 -52.71 23.28
CA ARG F 27 19.10 -53.02 23.46
C ARG F 27 18.52 -53.71 22.24
N GLU F 28 18.87 -53.23 21.05
CA GLU F 28 18.41 -53.82 19.80
C GLU F 28 18.84 -55.29 19.69
N MET F 29 20.09 -55.59 20.10
CA MET F 29 20.60 -56.97 20.06
C MET F 29 19.81 -57.86 20.99
N ALA F 30 19.55 -57.41 22.23
CA ALA F 30 18.80 -58.24 23.16
C ALA F 30 17.45 -58.63 22.59
N TYR F 31 16.77 -57.69 21.90
CA TYR F 31 15.47 -57.98 21.33
C TYR F 31 15.57 -59.04 20.24
N HIS F 32 16.59 -58.99 19.38
CA HIS F 32 16.78 -60.06 18.42
C HIS F 32 16.94 -61.41 19.11
N LEU F 33 17.77 -61.45 20.15
CA LEU F 33 18.02 -62.72 20.83
C LEU F 33 16.75 -63.29 21.44
N ALA F 34 15.89 -62.42 21.99
CA ALA F 34 14.62 -62.85 22.54
C ALA F 34 13.70 -63.37 21.43
N LYS F 35 13.59 -62.59 20.35
CA LYS F 35 12.80 -63.00 19.20
C LYS F 35 13.28 -64.33 18.63
N MET F 36 14.55 -64.67 18.82
CA MET F 36 15.08 -65.94 18.37
C MET F 36 14.94 -67.03 19.42
N GLY F 37 14.35 -66.71 20.58
CA GLY F 37 14.11 -67.67 21.62
C GLY F 37 15.36 -68.18 22.31
N ALA F 38 16.30 -67.29 22.57
CA ALA F 38 17.51 -67.62 23.32
C ALA F 38 17.36 -67.15 24.77
N HIS F 39 18.26 -67.60 25.62
CA HIS F 39 18.33 -67.10 26.97
C HIS F 39 19.21 -65.87 26.99
N VAL F 40 18.77 -64.81 27.66
CA VAL F 40 19.51 -63.57 27.69
C VAL F 40 19.61 -63.04 29.11
N VAL F 41 20.76 -62.44 29.45
CA VAL F 41 20.97 -61.69 30.68
C VAL F 41 21.60 -60.35 30.27
N VAL F 42 20.87 -59.26 30.47
CA VAL F 42 21.38 -57.96 30.05
C VAL F 42 21.93 -57.23 31.26
N THR F 43 22.94 -56.39 31.01
CA THR F 43 23.52 -55.50 32.00
C THR F 43 23.66 -54.10 31.42
N ALA F 44 23.62 -53.14 32.34
CA ALA F 44 23.85 -51.73 32.09
C ALA F 44 23.83 -51.10 33.47
N ARG F 45 23.86 -49.77 33.58
CA ARG F 45 23.77 -49.18 34.92
C ARG F 45 22.33 -48.91 35.38
N SER F 46 21.45 -48.50 34.47
CA SER F 46 20.09 -48.03 34.78
C SER F 46 19.18 -49.19 35.16
N LYS F 47 18.97 -49.36 36.46
CA LYS F 47 18.10 -50.42 36.95
C LYS F 47 16.75 -50.35 36.26
N GLU F 48 16.14 -49.17 36.25
CA GLU F 48 14.82 -49.01 35.66
C GLU F 48 14.83 -49.42 34.20
N THR F 49 15.73 -48.85 33.41
CA THR F 49 15.70 -49.12 31.98
C THR F 49 15.92 -50.60 31.68
N LEU F 50 16.82 -51.24 32.44
CA LEU F 50 17.08 -52.66 32.20
C LEU F 50 15.82 -53.49 32.38
N GLN F 51 15.10 -53.26 33.48
CA GLN F 51 13.89 -54.03 33.74
C GLN F 51 12.89 -53.90 32.60
N LYS F 52 12.77 -52.70 32.03
CA LYS F 52 11.84 -52.54 30.90
C LYS F 52 12.28 -53.39 29.71
N VAL F 53 13.60 -53.53 29.51
CA VAL F 53 14.11 -54.33 28.39
C VAL F 53 13.88 -55.81 28.62
N VAL F 54 14.09 -56.28 29.85
CA VAL F 54 13.81 -57.68 30.18
C VAL F 54 12.36 -58.00 29.90
N SER F 55 11.46 -57.12 30.34
CA SER F 55 10.04 -57.33 30.18
C SER F 55 9.69 -57.46 28.70
N HIS F 56 10.12 -56.51 27.88
CA HIS F 56 9.87 -56.57 26.45
C HIS F 56 10.54 -57.78 25.81
N CYS F 57 11.61 -58.29 26.43
CA CYS F 57 12.26 -59.49 25.92
C CYS F 57 11.40 -60.72 26.14
N LEU F 58 10.83 -60.87 27.33
CA LEU F 58 9.89 -61.95 27.56
C LEU F 58 8.75 -61.87 26.55
N GLU F 59 8.20 -60.66 26.38
CA GLU F 59 7.13 -60.43 25.41
C GLU F 59 7.55 -60.86 24.02
N LEU F 60 8.81 -60.59 23.65
CA LEU F 60 9.27 -60.97 22.32
C LEU F 60 9.46 -62.47 22.16
N GLY F 61 9.49 -63.22 23.25
CA GLY F 61 9.70 -64.65 23.21
C GLY F 61 11.03 -65.16 23.77
N ALA F 62 11.76 -64.34 24.54
CA ALA F 62 13.02 -64.80 25.11
C ALA F 62 12.76 -65.96 26.04
N ALA F 63 13.70 -66.91 26.06
CA ALA F 63 13.55 -68.07 26.93
C ALA F 63 13.79 -67.72 28.40
N SER F 64 14.80 -66.91 28.71
CA SER F 64 15.16 -66.69 30.11
C SER F 64 14.97 -65.24 30.54
N ALA F 65 15.70 -64.30 29.93
CA ALA F 65 15.47 -62.86 30.13
C ALA F 65 15.59 -62.41 31.60
N HIS F 66 16.82 -62.39 32.10
CA HIS F 66 17.07 -61.65 33.34
C HIS F 66 17.96 -60.43 33.06
N TYR F 67 18.22 -59.64 34.11
CA TYR F 67 19.10 -58.48 34.02
C TYR F 67 19.82 -58.26 35.34
N ILE F 68 21.03 -57.67 35.24
CA ILE F 68 21.83 -57.23 36.39
C ILE F 68 22.39 -55.85 36.07
N ALA F 69 22.34 -54.94 37.05
CA ALA F 69 22.72 -53.55 36.87
C ALA F 69 24.01 -53.22 37.63
N GLY F 70 24.84 -52.39 37.04
CA GLY F 70 26.10 -51.97 37.62
C GLY F 70 27.01 -51.37 36.58
N THR F 71 28.04 -50.66 37.06
CA THR F 71 28.99 -49.94 36.22
C THR F 71 30.19 -50.81 35.84
N MET F 72 30.57 -50.80 34.57
CA MET F 72 31.80 -51.45 34.17
C MET F 72 33.03 -50.64 34.53
N GLU F 73 32.86 -49.56 35.30
CA GLU F 73 34.00 -48.92 35.95
C GLU F 73 34.54 -49.78 37.08
N ASP F 74 33.66 -50.50 37.78
CA ASP F 74 34.04 -51.39 38.88
C ASP F 74 34.36 -52.76 38.31
N MET F 75 35.67 -53.05 38.16
CA MET F 75 36.06 -54.35 37.59
C MET F 75 35.46 -55.49 38.39
N THR F 76 35.25 -55.26 39.69
CA THR F 76 34.68 -56.29 40.55
C THR F 76 33.27 -56.67 40.11
N PHE F 77 32.47 -55.67 39.73
CA PHE F 77 31.13 -55.96 39.22
C PHE F 77 31.21 -56.84 37.98
N ALA F 78 32.07 -56.44 37.04
CA ALA F 78 32.24 -57.19 35.80
C ALA F 78 32.50 -58.67 36.08
N GLU F 79 33.44 -58.94 37.00
CA GLU F 79 33.73 -60.31 37.39
C GLU F 79 32.51 -60.99 38.01
N GLN F 80 31.93 -60.35 39.03
CA GLN F 80 30.78 -60.94 39.69
C GLN F 80 29.61 -61.08 38.72
N PHE F 81 29.48 -60.10 37.80
CA PHE F 81 28.36 -60.14 36.86
C PHE F 81 28.38 -61.43 36.04
N VAL F 82 29.55 -61.82 35.55
CA VAL F 82 29.60 -63.02 34.73
C VAL F 82 29.20 -64.24 35.56
N ALA F 83 29.61 -64.27 36.83
CA ALA F 83 29.21 -65.37 37.71
C ALA F 83 27.69 -65.43 37.82
N GLN F 84 27.07 -64.31 38.21
CA GLN F 84 25.63 -64.29 38.35
C GLN F 84 24.93 -64.64 37.05
N ALA F 85 25.29 -63.97 35.96
CA ALA F 85 24.61 -64.21 34.69
C ALA F 85 24.76 -65.66 34.26
N GLY F 86 25.90 -66.29 34.62
CA GLY F 86 26.09 -67.70 34.32
C GLY F 86 25.28 -68.62 35.21
N LYS F 87 25.18 -68.29 36.50
CA LYS F 87 24.32 -69.07 37.41
C LYS F 87 22.88 -69.08 36.91
N LEU F 88 22.36 -67.90 36.61
CA LEU F 88 20.97 -67.78 36.16
C LEU F 88 20.72 -68.64 34.94
N MET F 89 21.64 -68.65 33.99
CA MET F 89 21.39 -69.39 32.75
C MET F 89 21.89 -70.82 32.79
N GLY F 90 22.57 -71.23 33.86
CA GLY F 90 23.12 -72.56 33.87
C GLY F 90 24.09 -72.75 32.72
N GLY F 91 25.02 -71.82 32.54
CA GLY F 91 26.02 -71.90 31.50
C GLY F 91 26.13 -70.61 30.70
N LEU F 92 26.97 -70.64 29.67
CA LEU F 92 27.14 -69.49 28.78
C LEU F 92 27.50 -69.98 27.38
N ASP F 93 26.81 -69.46 26.38
CA ASP F 93 27.13 -69.74 24.98
C ASP F 93 27.79 -68.58 24.27
N MET F 94 27.37 -67.35 24.56
CA MET F 94 27.85 -66.20 23.81
C MET F 94 28.04 -65.04 24.79
N LEU F 95 29.16 -64.32 24.62
CA LEU F 95 29.50 -63.15 25.43
C LEU F 95 29.56 -61.96 24.48
N ILE F 96 28.56 -61.09 24.53
CA ILE F 96 28.48 -59.92 23.66
C ILE F 96 28.93 -58.69 24.46
N LEU F 97 30.17 -58.26 24.22
CA LEU F 97 30.76 -57.11 24.90
C LEU F 97 30.49 -55.85 24.07
N ASN F 98 29.68 -54.95 24.63
CA ASN F 98 29.11 -53.84 23.87
C ASN F 98 29.18 -52.49 24.58
N HIS F 99 29.24 -52.45 25.91
CA HIS F 99 29.20 -51.18 26.62
C HIS F 99 30.43 -50.34 26.32
N ILE F 100 30.27 -49.02 26.38
CA ILE F 100 31.38 -48.08 26.33
C ILE F 100 31.08 -46.90 27.25
N THR F 101 32.14 -46.31 27.79
CA THR F 101 32.01 -45.12 28.61
C THR F 101 31.56 -43.96 27.73
N ASN F 102 30.86 -43.02 28.33
CA ASN F 102 30.37 -41.88 27.57
C ASN F 102 31.54 -41.15 26.91
N THR F 103 31.41 -40.87 25.60
CA THR F 103 32.39 -40.14 24.80
C THR F 103 31.71 -39.09 23.94
N SER F 104 32.48 -38.07 23.56
CA SER F 104 31.95 -37.00 22.72
C SER F 104 33.04 -36.52 21.75
N LEU F 105 32.60 -35.87 20.67
CA LEU F 105 33.54 -35.24 19.74
C LEU F 105 34.14 -34.02 20.41
N ASN F 106 35.42 -34.07 20.69
CA ASN F 106 36.13 -33.01 21.38
C ASN F 106 37.57 -33.13 20.95
N LEU F 107 38.16 -32.02 20.55
CA LEU F 107 39.59 -32.03 20.38
C LEU F 107 40.18 -32.38 21.75
N PHE F 108 41.24 -33.19 21.75
CA PHE F 108 41.86 -33.61 22.99
C PHE F 108 42.79 -32.50 23.42
N HIS F 109 42.67 -32.04 24.66
CA HIS F 109 43.65 -31.06 25.15
C HIS F 109 44.49 -31.62 26.30
N ASP F 110 43.90 -31.89 27.45
CA ASP F 110 44.71 -32.50 28.50
C ASP F 110 43.88 -33.44 29.36
N ASP F 111 42.77 -33.98 28.84
CA ASP F 111 41.85 -34.79 29.62
C ASP F 111 42.38 -36.23 29.77
N ILE F 112 43.48 -36.37 30.55
CA ILE F 112 44.01 -37.71 30.83
C ILE F 112 42.97 -38.54 31.54
N HIS F 113 42.17 -37.90 32.40
CA HIS F 113 41.13 -38.63 33.11
C HIS F 113 40.18 -39.34 32.15
N HIS F 114 39.75 -38.67 31.08
CA HIS F 114 38.89 -39.34 30.12
C HIS F 114 39.62 -40.49 29.42
N VAL F 115 40.91 -40.27 29.10
CA VAL F 115 41.73 -41.29 28.44
C VAL F 115 41.79 -42.56 29.28
N ARG F 116 42.00 -42.41 30.60
CA ARG F 116 42.04 -43.57 31.49
C ARG F 116 40.65 -44.19 31.63
N LYS F 117 39.64 -43.37 31.90
CA LYS F 117 38.29 -43.90 32.03
C LYS F 117 37.87 -44.65 30.77
N SER F 118 38.24 -44.10 29.61
CA SER F 118 37.92 -44.75 28.35
C SER F 118 38.57 -46.13 28.27
N MET F 119 39.86 -46.22 28.65
CA MET F 119 40.60 -47.48 28.63
C MET F 119 40.07 -48.47 29.65
N GLU F 120 39.63 -47.98 30.80
CA GLU F 120 39.10 -48.84 31.86
C GLU F 120 37.78 -49.46 31.44
N VAL F 121 36.86 -48.66 30.88
CA VAL F 121 35.54 -49.17 30.56
C VAL F 121 35.49 -49.83 29.21
N ASN F 122 36.09 -49.22 28.19
CA ASN F 122 35.98 -49.73 26.84
C ASN F 122 36.92 -50.86 26.53
N PHE F 123 38.03 -50.97 27.26
CA PHE F 123 39.02 -52.02 27.00
C PHE F 123 39.23 -52.98 28.16
N LEU F 124 39.65 -52.49 29.34
CA LEU F 124 39.96 -53.41 30.45
C LEU F 124 38.75 -54.23 30.85
N SER F 125 37.62 -53.56 31.10
CA SER F 125 36.45 -54.29 31.54
C SER F 125 36.14 -55.43 30.59
N TYR F 126 36.39 -55.25 29.29
CA TYR F 126 36.21 -56.36 28.36
C TYR F 126 37.18 -57.50 28.69
N VAL F 127 38.43 -57.18 29.01
CA VAL F 127 39.39 -58.22 29.39
C VAL F 127 38.86 -58.96 30.63
N VAL F 128 38.46 -58.19 31.65
CA VAL F 128 37.93 -58.77 32.89
C VAL F 128 36.73 -59.67 32.60
N LEU F 129 35.77 -59.16 31.84
CA LEU F 129 34.59 -59.96 31.51
C LEU F 129 34.98 -61.21 30.74
N THR F 130 35.83 -61.07 29.72
CA THR F 130 36.23 -62.27 29.00
C THR F 130 36.95 -63.25 29.92
N VAL F 131 37.83 -62.76 30.79
CA VAL F 131 38.54 -63.67 31.67
C VAL F 131 37.56 -64.46 32.53
N ALA F 132 36.59 -63.77 33.13
CA ALA F 132 35.65 -64.46 34.01
C ALA F 132 34.81 -65.46 33.24
N ALA F 133 34.42 -65.12 32.01
CA ALA F 133 33.50 -65.93 31.25
C ALA F 133 34.17 -67.13 30.57
N LEU F 134 35.50 -67.20 30.58
CA LEU F 134 36.20 -68.23 29.82
C LEU F 134 35.85 -69.67 30.17
N PRO F 135 35.86 -70.10 31.47
CA PRO F 135 35.52 -71.50 31.74
C PRO F 135 34.20 -71.93 31.12
N MET F 136 33.11 -71.20 31.44
CA MET F 136 31.80 -71.54 30.90
C MET F 136 31.79 -71.51 29.37
N LEU F 137 32.48 -70.52 28.79
CA LEU F 137 32.48 -70.36 27.33
C LEU F 137 33.25 -71.48 26.65
N LYS F 138 34.38 -71.89 27.24
CA LYS F 138 35.10 -73.05 26.74
C LYS F 138 34.27 -74.31 26.91
N GLN F 139 33.57 -74.42 28.06
CA GLN F 139 32.76 -75.59 28.35
C GLN F 139 31.64 -75.83 27.35
N SER F 140 31.33 -74.84 26.50
CA SER F 140 30.27 -74.95 25.50
C SER F 140 30.78 -74.73 24.09
N ASN F 141 32.10 -74.56 23.92
CA ASN F 141 32.66 -74.19 22.63
C ASN F 141 32.01 -72.92 22.10
N GLY F 142 31.88 -71.95 23.00
CA GLY F 142 31.12 -70.73 22.78
C GLY F 142 31.70 -69.69 21.85
N SER F 143 31.34 -68.43 22.06
CA SER F 143 31.81 -67.34 21.20
C SER F 143 31.89 -66.05 22.01
N ILE F 144 32.86 -65.20 21.63
CA ILE F 144 33.01 -63.86 22.18
C ILE F 144 32.74 -62.87 21.05
N VAL F 145 31.97 -61.81 21.34
CA VAL F 145 31.69 -60.74 20.37
C VAL F 145 32.14 -59.41 20.97
N VAL F 146 33.08 -58.76 20.30
CA VAL F 146 33.60 -57.46 20.71
C VAL F 146 33.10 -56.46 19.71
N VAL F 147 32.33 -55.48 20.20
CA VAL F 147 31.72 -54.46 19.36
C VAL F 147 32.72 -53.31 19.25
N SER F 148 33.31 -53.12 18.07
CA SER F 148 34.26 -52.02 17.92
C SER F 148 33.76 -51.02 16.85
N SER F 149 34.55 -49.99 16.61
CA SER F 149 34.20 -48.88 15.76
C SER F 149 35.14 -48.82 14.57
N LEU F 150 34.76 -48.03 13.57
CA LEU F 150 35.70 -47.74 12.49
C LEU F 150 36.91 -46.99 13.01
N ALA F 151 36.75 -46.24 14.10
CA ALA F 151 37.86 -45.55 14.78
C ALA F 151 38.76 -46.50 15.54
N GLY F 152 38.38 -47.78 15.65
CA GLY F 152 39.25 -48.83 16.13
C GLY F 152 40.09 -49.46 15.05
N LYS F 153 40.01 -48.93 13.82
CA LYS F 153 40.89 -49.32 12.72
C LYS F 153 41.50 -48.12 12.01
N VAL F 154 40.92 -46.94 12.11
CA VAL F 154 41.45 -45.73 11.49
C VAL F 154 41.32 -44.58 12.49
N ALA F 155 42.42 -43.86 12.72
CA ALA F 155 42.39 -42.76 13.67
C ALA F 155 41.70 -41.55 13.08
N TYR F 156 40.76 -41.00 13.84
CA TYR F 156 39.99 -39.85 13.43
C TYR F 156 40.11 -38.75 14.46
N PRO F 157 40.10 -37.48 14.07
CA PRO F 157 40.21 -36.41 15.06
C PRO F 157 38.96 -36.29 15.93
N MET F 158 39.16 -35.75 17.11
CA MET F 158 38.13 -35.48 18.10
C MET F 158 37.69 -36.76 18.82
N VAL F 159 38.25 -37.91 18.50
CA VAL F 159 37.92 -39.17 19.18
C VAL F 159 39.18 -39.90 19.64
N ALA F 160 40.23 -39.13 19.98
CA ALA F 160 41.53 -39.73 20.24
C ALA F 160 41.48 -40.75 21.38
N ALA F 161 40.98 -40.34 22.55
CA ALA F 161 40.96 -41.30 23.66
C ALA F 161 40.09 -42.49 23.31
N TYR F 162 38.89 -42.23 22.80
CA TYR F 162 37.99 -43.30 22.38
C TYR F 162 38.64 -44.16 21.30
N SER F 163 39.28 -43.52 20.32
CA SER F 163 40.01 -44.27 19.28
C SER F 163 41.13 -45.12 19.88
N ALA F 164 41.83 -44.61 20.90
CA ALA F 164 42.90 -45.37 21.55
C ALA F 164 42.37 -46.66 22.15
N SER F 165 41.26 -46.56 22.89
CA SER F 165 40.67 -47.75 23.49
C SER F 165 40.17 -48.75 22.43
N LYS F 166 39.57 -48.26 21.34
CA LYS F 166 39.07 -49.23 20.37
C LYS F 166 40.20 -49.88 19.58
N PHE F 167 41.32 -49.16 19.43
CA PHE F 167 42.51 -49.78 18.88
C PHE F 167 43.03 -50.86 19.81
N ALA F 168 43.06 -50.57 21.12
CA ALA F 168 43.52 -51.55 22.11
C ALA F 168 42.77 -52.88 22.01
N LEU F 169 41.43 -52.82 21.88
CA LEU F 169 40.63 -54.03 21.73
C LEU F 169 41.15 -54.89 20.60
N ASP F 170 41.39 -54.27 19.44
CA ASP F 170 41.84 -55.05 18.30
C ASP F 170 43.13 -55.78 18.67
N GLY F 171 44.11 -55.06 19.22
CA GLY F 171 45.38 -55.66 19.56
C GLY F 171 45.24 -56.84 20.51
N PHE F 172 44.42 -56.70 21.55
CA PHE F 172 44.31 -57.77 22.53
C PHE F 172 43.61 -58.97 21.93
N PHE F 173 42.35 -58.81 21.52
CA PHE F 173 41.57 -59.96 21.07
C PHE F 173 42.09 -60.56 19.79
N SER F 174 42.72 -59.77 18.93
CA SER F 174 43.25 -60.36 17.70
C SER F 174 44.40 -61.30 18.01
N SER F 175 45.21 -60.97 19.03
CA SER F 175 46.27 -61.87 19.46
C SER F 175 45.69 -63.07 20.18
N ILE F 176 44.86 -62.82 21.18
CA ILE F 176 44.17 -63.84 21.94
C ILE F 176 43.59 -64.87 20.97
N ARG F 177 43.07 -64.40 19.85
CA ARG F 177 42.54 -65.33 18.87
C ARG F 177 43.62 -66.31 18.42
N LYS F 178 44.79 -65.79 18.06
CA LYS F 178 45.87 -66.65 17.56
C LYS F 178 46.35 -67.60 18.64
N GLU F 179 46.47 -67.13 19.89
CA GLU F 179 46.81 -68.05 20.96
C GLU F 179 45.79 -69.17 21.02
N TYR F 180 44.50 -68.84 20.92
CA TYR F 180 43.45 -69.85 20.92
C TYR F 180 43.63 -70.83 19.77
N SER F 181 44.13 -70.37 18.62
CA SER F 181 44.31 -71.28 17.50
C SER F 181 45.23 -72.43 17.85
N VAL F 182 46.42 -72.12 18.38
CA VAL F 182 47.43 -73.13 18.70
C VAL F 182 47.29 -73.76 20.08
N SER F 183 46.52 -73.17 20.98
CA SER F 183 46.07 -73.82 22.20
C SER F 183 44.96 -74.80 21.81
N ARG F 184 44.22 -75.28 22.81
CA ARG F 184 43.06 -76.13 22.53
C ARG F 184 41.74 -75.39 22.77
N VAL F 185 41.73 -74.07 22.68
CA VAL F 185 40.55 -73.29 23.07
C VAL F 185 39.68 -73.06 21.84
N ASN F 186 38.48 -73.65 21.83
CA ASN F 186 37.57 -73.56 20.69
C ASN F 186 36.58 -72.41 20.80
N VAL F 187 36.96 -71.36 21.52
CA VAL F 187 36.12 -70.19 21.74
C VAL F 187 36.42 -69.18 20.63
N SER F 188 35.37 -68.77 19.92
CA SER F 188 35.52 -67.82 18.82
C SER F 188 35.53 -66.38 19.31
N ILE F 189 36.15 -65.52 18.52
CA ILE F 189 36.31 -64.12 18.88
C ILE F 189 35.95 -63.31 17.64
N THR F 190 34.77 -62.66 17.68
CA THR F 190 34.26 -61.83 16.59
C THR F 190 34.40 -60.35 16.95
N LEU F 191 35.20 -59.64 16.15
CA LEU F 191 35.40 -58.22 16.29
C LEU F 191 34.56 -57.51 15.25
N CYS F 192 33.69 -56.59 15.68
CA CYS F 192 32.79 -55.86 14.79
C CYS F 192 33.26 -54.42 14.60
N VAL F 193 33.47 -54.05 13.36
CA VAL F 193 33.92 -52.73 12.98
C VAL F 193 32.72 -52.03 12.38
N LEU F 194 32.04 -51.23 13.21
CA LEU F 194 30.82 -50.56 12.80
C LEU F 194 31.13 -49.17 12.25
N GLY F 195 30.40 -48.77 11.22
CA GLY F 195 30.40 -47.39 10.80
C GLY F 195 29.49 -46.57 11.69
N LEU F 196 29.04 -45.44 11.17
CA LEU F 196 28.08 -44.64 11.93
C LEU F 196 26.75 -45.39 12.04
N ILE F 197 26.22 -45.48 13.25
CA ILE F 197 24.97 -46.17 13.52
C ILE F 197 24.02 -45.15 14.14
N ASP F 198 22.79 -45.09 13.62
CA ASP F 198 21.90 -44.00 13.98
C ASP F 198 21.28 -44.23 15.35
N THR F 199 22.10 -44.46 16.35
CA THR F 199 21.51 -44.57 17.67
C THR F 199 21.19 -43.17 18.22
N GLU F 200 20.41 -43.17 19.30
CA GLU F 200 20.01 -41.91 19.93
C GLU F 200 21.22 -41.06 20.25
N THR F 201 22.06 -41.58 21.15
CA THR F 201 23.19 -40.82 21.72
C THR F 201 24.24 -40.47 20.68
N ALA F 202 24.53 -41.42 19.77
CA ALA F 202 25.54 -41.19 18.76
C ALA F 202 25.16 -40.03 17.87
N MET F 203 23.92 -40.04 17.39
CA MET F 203 23.48 -39.00 16.46
C MET F 203 23.56 -37.63 17.11
N LYS F 204 23.16 -37.54 18.38
CA LYS F 204 23.30 -36.27 19.09
C LYS F 204 24.74 -35.80 19.09
N ALA F 205 25.67 -36.73 19.28
CA ALA F 205 27.08 -36.38 19.43
C ALA F 205 27.72 -35.92 18.13
N VAL F 206 27.13 -36.30 16.99
CA VAL F 206 27.70 -36.04 15.68
C VAL F 206 26.97 -34.96 14.91
N SER F 207 25.90 -34.39 15.47
CA SER F 207 24.97 -33.55 14.71
C SER F 207 25.65 -32.29 14.16
N GLY F 208 25.63 -32.14 12.84
CA GLY F 208 26.21 -31.00 12.15
C GLY F 208 27.72 -31.01 12.01
N ILE F 209 28.43 -31.99 12.58
CA ILE F 209 29.88 -32.07 12.47
C ILE F 209 30.26 -33.07 11.39
N VAL F 210 29.98 -34.33 11.65
CA VAL F 210 30.27 -35.40 10.71
C VAL F 210 29.07 -35.60 9.82
N HIS F 211 29.31 -35.72 8.51
CA HIS F 211 28.23 -35.91 7.56
C HIS F 211 28.46 -37.26 6.90
N MET F 212 28.02 -38.32 7.60
CA MET F 212 27.98 -39.68 7.06
C MET F 212 26.58 -40.27 7.17
N GLN F 213 26.10 -40.85 6.08
CA GLN F 213 24.81 -41.53 6.12
C GLN F 213 24.76 -42.54 7.27
N ALA F 214 24.08 -42.20 8.36
CA ALA F 214 23.85 -43.15 9.45
C ALA F 214 23.23 -44.44 8.93
N ALA F 215 23.52 -45.54 9.63
CA ALA F 215 22.96 -46.86 9.31
C ALA F 215 22.04 -47.36 10.42
N PRO F 216 21.12 -48.27 10.11
CA PRO F 216 20.04 -48.61 11.03
C PRO F 216 20.52 -49.43 12.23
N LYS F 217 20.06 -49.03 13.43
CA LYS F 217 20.42 -49.80 14.64
C LYS F 217 19.75 -51.18 14.66
N GLU F 218 18.58 -51.33 14.06
CA GLU F 218 17.94 -52.64 14.02
C GLU F 218 18.81 -53.65 13.26
N GLU F 219 19.18 -53.30 12.02
CA GLU F 219 19.95 -54.20 11.16
C GLU F 219 21.35 -54.45 11.70
N CYS F 220 21.96 -53.39 12.25
CA CYS F 220 23.29 -53.53 12.82
C CYS F 220 23.32 -54.60 13.88
N ALA F 221 22.42 -54.51 14.86
CA ALA F 221 22.42 -55.51 15.92
C ALA F 221 22.39 -56.91 15.34
N LEU F 222 21.62 -57.12 14.27
CA LEU F 222 21.54 -58.45 13.65
C LEU F 222 22.85 -58.80 12.94
N GLU F 223 23.36 -57.89 12.10
CA GLU F 223 24.59 -58.20 11.38
C GLU F 223 25.68 -58.59 12.37
N ILE F 224 25.62 -58.01 13.57
CA ILE F 224 26.50 -58.42 14.67
C ILE F 224 26.19 -59.86 15.05
N ILE F 225 24.94 -60.13 15.42
CA ILE F 225 24.55 -61.49 15.80
C ILE F 225 24.77 -62.46 14.64
N LYS F 226 24.47 -62.05 13.40
CA LYS F 226 24.77 -62.92 12.27
C LYS F 226 26.24 -63.31 12.27
N GLY F 227 27.13 -62.33 12.52
CA GLY F 227 28.55 -62.64 12.52
C GLY F 227 28.97 -63.54 13.66
N GLY F 228 28.57 -63.20 14.89
CA GLY F 228 29.00 -63.98 16.04
C GLY F 228 28.46 -65.40 16.03
N ALA F 229 27.22 -65.57 15.58
CA ALA F 229 26.66 -66.91 15.45
C ALA F 229 27.48 -67.76 14.48
N LEU F 230 27.88 -67.19 13.35
CA LEU F 230 28.63 -67.92 12.34
C LEU F 230 30.12 -68.13 12.68
N ARG F 231 30.58 -67.75 13.87
CA ARG F 231 32.00 -67.83 14.19
C ARG F 231 32.81 -67.08 13.12
N GLN F 232 32.33 -65.88 12.77
CA GLN F 232 33.06 -64.97 11.90
C GLN F 232 34.14 -64.26 12.68
N GLU F 233 35.34 -64.15 12.09
CA GLU F 233 36.43 -63.48 12.81
C GLU F 233 36.14 -62.01 13.02
N GLU F 234 35.73 -61.32 11.98
CA GLU F 234 35.28 -59.96 12.14
C GLU F 234 34.14 -59.72 11.16
N VAL F 235 33.36 -58.69 11.43
CA VAL F 235 32.19 -58.33 10.63
C VAL F 235 32.20 -56.81 10.47
N TYR F 236 31.93 -56.35 9.26
CA TYR F 236 31.97 -54.94 8.93
C TYR F 236 30.57 -54.50 8.55
N TYR F 237 29.99 -53.57 9.30
CA TYR F 237 28.61 -53.17 9.05
C TYR F 237 28.55 -51.92 8.18
N ASP F 238 27.84 -52.02 7.05
CA ASP F 238 27.77 -51.03 5.98
C ASP F 238 29.15 -50.66 5.45
N SER F 239 29.83 -51.68 4.91
CA SER F 239 30.92 -51.42 3.99
C SER F 239 30.43 -50.67 2.77
N SER F 240 29.13 -50.75 2.49
CA SER F 240 28.54 -50.03 1.39
C SER F 240 28.75 -48.52 1.50
N LEU F 241 28.99 -48.03 2.70
CA LEU F 241 29.07 -46.60 2.95
C LEU F 241 30.50 -46.08 3.06
N TRP F 242 31.50 -46.82 2.58
CA TRP F 242 32.88 -46.37 2.74
C TRP F 242 33.61 -46.41 1.41
N THR F 243 34.62 -45.55 1.33
CA THR F 243 35.30 -45.23 0.09
C THR F 243 35.86 -43.80 0.15
N GLU G 5 13.92 26.32 -6.50
CA GLU G 5 13.21 27.38 -7.23
C GLU G 5 13.30 27.26 -8.75
N PHE G 6 12.34 27.85 -9.45
CA PHE G 6 12.35 27.85 -10.90
C PHE G 6 13.17 29.02 -11.46
N ARG G 7 13.83 28.74 -12.58
CA ARG G 7 14.59 29.76 -13.31
C ARG G 7 14.14 29.63 -14.77
N PRO G 8 13.68 30.72 -15.40
CA PRO G 8 13.18 30.62 -16.78
C PRO G 8 14.18 30.04 -17.78
N GLU G 9 15.46 30.10 -17.44
CA GLU G 9 16.54 29.60 -18.27
C GLU G 9 16.66 28.08 -18.26
N MET G 10 16.04 27.44 -17.27
CA MET G 10 16.06 25.98 -17.16
C MET G 10 15.53 25.30 -18.42
N LEU G 11 14.63 25.97 -19.14
CA LEU G 11 14.14 25.41 -20.39
C LEU G 11 14.97 25.85 -21.60
N GLN G 12 15.82 26.86 -21.45
CA GLN G 12 16.54 27.39 -22.59
C GLN G 12 17.32 26.28 -23.30
N GLY G 13 17.02 26.10 -24.59
CA GLY G 13 17.68 25.09 -25.37
C GLY G 13 17.14 23.69 -25.24
N LYS G 14 16.26 23.44 -24.27
CA LYS G 14 15.77 22.10 -24.01
C LYS G 14 14.86 21.63 -25.15
N LYS G 15 14.90 20.31 -25.42
CA LYS G 15 14.11 19.68 -26.47
C LYS G 15 12.81 19.17 -25.85
N VAL G 16 11.68 19.80 -26.21
CA VAL G 16 10.39 19.55 -25.56
C VAL G 16 9.38 19.10 -26.61
N ILE G 17 8.50 18.19 -26.23
CA ILE G 17 7.39 17.75 -27.06
C ILE G 17 6.10 18.16 -26.35
N VAL G 18 5.16 18.78 -27.07
CA VAL G 18 3.89 19.23 -26.48
C VAL G 18 2.73 18.73 -27.34
N THR G 19 1.93 17.82 -26.80
CA THR G 19 0.76 17.28 -27.48
C THR G 19 -0.52 18.02 -27.09
N GLY G 20 -1.54 17.91 -27.95
CA GLY G 20 -2.70 18.74 -27.75
C GLY G 20 -2.31 20.20 -27.67
N ALA G 21 -1.42 20.63 -28.57
CA ALA G 21 -0.87 21.97 -28.54
C ALA G 21 -1.53 22.93 -29.52
N SER G 22 -2.50 22.46 -30.32
CA SER G 22 -3.11 23.32 -31.33
C SER G 22 -3.94 24.45 -30.72
N LYS G 23 -4.40 24.30 -29.48
CA LYS G 23 -5.20 25.34 -28.82
C LYS G 23 -5.16 25.11 -27.31
N GLY G 24 -5.83 25.99 -26.58
CA GLY G 24 -6.01 25.77 -25.15
C GLY G 24 -4.72 25.81 -24.37
N ILE G 25 -4.66 24.96 -23.33
CA ILE G 25 -3.48 24.86 -22.47
C ILE G 25 -2.28 24.30 -23.23
N GLY G 26 -2.52 23.37 -24.17
CA GLY G 26 -1.42 22.87 -24.99
C GLY G 26 -0.73 23.97 -25.78
N ARG G 27 -1.51 24.87 -26.37
CA ARG G 27 -0.93 26.00 -27.09
C ARG G 27 -0.16 26.94 -26.16
N GLU G 28 -0.76 27.28 -25.01
CA GLU G 28 -0.13 28.26 -24.13
C GLU G 28 1.25 27.79 -23.69
N MET G 29 1.38 26.49 -23.38
CA MET G 29 2.68 25.91 -23.02
C MET G 29 3.69 26.00 -24.17
N ALA G 30 3.26 25.67 -25.39
CA ALA G 30 4.17 25.80 -26.52
C ALA G 30 4.66 27.24 -26.64
N TYR G 31 3.77 28.23 -26.46
CA TYR G 31 4.21 29.62 -26.53
C TYR G 31 5.18 29.93 -25.41
N HIS G 32 4.90 29.47 -24.19
CA HIS G 32 5.84 29.67 -23.08
C HIS G 32 7.19 29.07 -23.41
N LEU G 33 7.21 27.82 -23.91
CA LEU G 33 8.48 27.16 -24.23
C LEU G 33 9.23 27.96 -25.28
N ALA G 34 8.50 28.53 -26.25
CA ALA G 34 9.12 29.36 -27.27
C ALA G 34 9.74 30.61 -26.67
N LYS G 35 8.96 31.35 -25.86
CA LYS G 35 9.49 32.53 -25.21
C LYS G 35 10.73 32.21 -24.36
N MET G 36 10.85 30.98 -23.87
CA MET G 36 12.04 30.59 -23.09
C MET G 36 13.16 30.06 -23.96
N GLY G 37 12.99 30.04 -25.28
CA GLY G 37 14.06 29.60 -26.14
C GLY G 37 14.33 28.12 -26.06
N ALA G 38 13.27 27.32 -26.00
CA ALA G 38 13.41 25.88 -26.03
C ALA G 38 13.08 25.38 -27.42
N HIS G 39 13.45 24.13 -27.68
CA HIS G 39 13.03 23.48 -28.91
C HIS G 39 11.69 22.83 -28.66
N VAL G 40 10.74 23.06 -29.57
CA VAL G 40 9.38 22.56 -29.42
C VAL G 40 8.97 21.85 -30.69
N VAL G 41 8.25 20.76 -30.54
CA VAL G 41 7.63 20.04 -31.63
C VAL G 41 6.20 19.81 -31.19
N VAL G 42 5.27 20.54 -31.80
CA VAL G 42 3.88 20.52 -31.36
C VAL G 42 3.06 19.58 -32.24
N THR G 43 2.07 18.92 -31.62
CA THR G 43 1.18 18.00 -32.31
C THR G 43 -0.27 18.30 -31.95
N ALA G 44 -1.14 17.93 -32.89
CA ALA G 44 -2.57 18.02 -32.80
C ALA G 44 -3.08 17.36 -34.07
N ARG G 45 -4.39 17.45 -34.32
CA ARG G 45 -4.91 17.07 -35.62
C ARG G 45 -4.93 18.25 -36.57
N SER G 46 -5.18 19.46 -36.05
CA SER G 46 -5.40 20.63 -36.91
C SER G 46 -4.12 21.07 -37.60
N LYS G 47 -3.92 20.60 -38.83
CA LYS G 47 -2.72 20.96 -39.57
C LYS G 47 -2.59 22.47 -39.63
N GLU G 48 -3.67 23.15 -40.00
CA GLU G 48 -3.65 24.59 -40.15
C GLU G 48 -3.25 25.26 -38.83
N THR G 49 -3.98 24.96 -37.75
CA THR G 49 -3.75 25.65 -36.49
C THR G 49 -2.34 25.37 -35.98
N LEU G 50 -1.86 24.15 -36.19
CA LEU G 50 -0.51 23.85 -35.77
C LEU G 50 0.48 24.83 -36.39
N GLN G 51 0.32 25.06 -37.69
CA GLN G 51 1.21 25.97 -38.41
C GLN G 51 1.19 27.37 -37.80
N LYS G 52 0.02 27.86 -37.41
CA LYS G 52 -0.03 29.18 -36.80
C LYS G 52 0.71 29.20 -35.46
N VAL G 53 0.61 28.12 -34.69
CA VAL G 53 1.26 28.04 -33.40
C VAL G 53 2.78 27.92 -33.54
N VAL G 54 3.25 27.09 -34.48
CA VAL G 54 4.69 27.01 -34.72
C VAL G 54 5.22 28.38 -35.13
N SER G 55 4.49 29.06 -36.02
CA SER G 55 4.94 30.35 -36.53
C SER G 55 5.11 31.36 -35.41
N HIS G 56 4.08 31.53 -34.58
CA HIS G 56 4.19 32.47 -33.47
C HIS G 56 5.23 32.01 -32.43
N CYS G 57 5.56 30.72 -32.39
CA CYS G 57 6.64 30.30 -31.49
C CYS G 57 7.98 30.82 -31.98
N LEU G 58 8.24 30.71 -33.28
CA LEU G 58 9.46 31.28 -33.84
C LEU G 58 9.54 32.77 -33.56
N GLU G 59 8.44 33.52 -33.79
CA GLU G 59 8.44 34.94 -33.49
C GLU G 59 8.70 35.21 -31.99
N LEU G 60 8.16 34.36 -31.12
CA LEU G 60 8.30 34.57 -29.68
C LEU G 60 9.71 34.32 -29.17
N GLY G 61 10.57 33.68 -29.98
CA GLY G 61 11.93 33.34 -29.59
C GLY G 61 12.19 31.84 -29.45
N ALA G 62 11.32 31.00 -29.98
CA ALA G 62 11.51 29.56 -29.89
C ALA G 62 12.77 29.12 -30.62
N ALA G 63 13.42 28.11 -30.07
CA ALA G 63 14.64 27.57 -30.68
C ALA G 63 14.33 26.73 -31.92
N SER G 64 13.28 25.89 -31.89
CA SER G 64 13.04 25.03 -33.04
C SER G 64 11.68 25.23 -33.71
N ALA G 65 10.58 25.01 -33.01
CA ALA G 65 9.22 25.23 -33.53
C ALA G 65 8.94 24.42 -34.82
N HIS G 66 8.83 23.10 -34.65
CA HIS G 66 8.30 22.22 -35.69
C HIS G 66 6.93 21.65 -35.30
N TYR G 67 6.29 20.94 -36.22
CA TYR G 67 5.03 20.31 -35.87
C TYR G 67 4.77 19.07 -36.73
N ILE G 68 4.02 18.12 -36.15
CA ILE G 68 3.53 16.92 -36.83
C ILE G 68 2.06 16.76 -36.45
N ALA G 69 1.20 16.50 -37.44
CA ALA G 69 -0.24 16.46 -37.23
C ALA G 69 -0.79 15.05 -37.33
N GLY G 70 -1.81 14.77 -36.54
CA GLY G 70 -2.42 13.44 -36.52
C GLY G 70 -3.23 13.23 -35.26
N THR G 71 -4.02 12.15 -35.29
CA THR G 71 -4.91 11.81 -34.18
C THR G 71 -4.24 10.88 -33.19
N MET G 72 -4.42 11.17 -31.89
CA MET G 72 -3.94 10.21 -30.90
C MET G 72 -4.82 8.99 -30.81
N GLU G 73 -5.83 8.89 -31.67
CA GLU G 73 -6.60 7.67 -31.77
C GLU G 73 -5.83 6.55 -32.47
N ASP G 74 -4.92 6.90 -33.37
CA ASP G 74 -4.16 5.89 -34.10
C ASP G 74 -2.92 5.59 -33.28
N MET G 75 -2.91 4.43 -32.62
CA MET G 75 -1.77 4.07 -31.78
C MET G 75 -0.48 4.08 -32.58
N THR G 76 -0.55 3.74 -33.87
CA THR G 76 0.66 3.74 -34.70
C THR G 76 1.20 5.15 -34.87
N PHE G 77 0.33 6.15 -35.03
CA PHE G 77 0.78 7.54 -35.14
C PHE G 77 1.46 8.00 -33.85
N ALA G 78 0.86 7.69 -32.70
CA ALA G 78 1.46 8.08 -31.41
C ALA G 78 2.90 7.60 -31.33
N GLU G 79 3.14 6.36 -31.77
CA GLU G 79 4.49 5.79 -31.82
C GLU G 79 5.43 6.58 -32.74
N GLN G 80 5.10 6.57 -34.03
CA GLN G 80 5.94 7.15 -35.07
C GLN G 80 6.08 8.66 -34.91
N PHE G 81 5.10 9.31 -34.30
CA PHE G 81 5.21 10.74 -34.07
C PHE G 81 6.46 11.05 -33.26
N VAL G 82 6.71 10.25 -32.22
CA VAL G 82 7.84 10.45 -31.33
C VAL G 82 9.16 10.23 -32.07
N ALA G 83 9.19 9.25 -32.97
CA ALA G 83 10.39 9.04 -33.77
C ALA G 83 10.71 10.29 -34.59
N GLN G 84 9.73 10.80 -35.35
CA GLN G 84 9.97 11.98 -36.17
C GLN G 84 10.33 13.18 -35.33
N ALA G 85 9.56 13.44 -34.26
CA ALA G 85 9.81 14.62 -33.44
C ALA G 85 11.19 14.57 -32.80
N GLY G 86 11.65 13.37 -32.42
CA GLY G 86 12.97 13.21 -31.85
C GLY G 86 14.08 13.35 -32.89
N LYS G 87 13.87 12.79 -34.07
CA LYS G 87 14.77 13.08 -35.18
C LYS G 87 14.81 14.58 -35.41
N LEU G 88 13.63 15.19 -35.50
CA LEU G 88 13.55 16.62 -35.77
C LEU G 88 14.35 17.42 -34.76
N MET G 89 14.26 17.07 -33.49
CA MET G 89 14.98 17.85 -32.49
C MET G 89 16.35 17.27 -32.10
N GLY G 90 16.71 16.07 -32.58
CA GLY G 90 17.95 15.46 -32.14
C GLY G 90 18.02 15.15 -30.65
N GLY G 91 16.96 14.53 -30.13
CA GLY G 91 16.87 14.13 -28.73
C GLY G 91 15.54 14.54 -28.13
N LEU G 92 15.39 14.25 -26.84
CA LEU G 92 14.16 14.61 -26.16
C LEU G 92 14.47 14.88 -24.69
N ASP G 93 14.05 16.03 -24.18
CA ASP G 93 14.24 16.34 -22.77
C ASP G 93 12.97 16.25 -21.95
N MET G 94 11.84 16.70 -22.49
CA MET G 94 10.58 16.79 -21.75
C MET G 94 9.45 16.37 -22.67
N LEU G 95 8.58 15.51 -22.18
CA LEU G 95 7.45 14.98 -22.93
C LEU G 95 6.21 15.48 -22.22
N ILE G 96 5.54 16.44 -22.84
CA ILE G 96 4.34 17.00 -22.22
C ILE G 96 3.15 16.31 -22.85
N LEU G 97 2.54 15.40 -22.09
CA LEU G 97 1.36 14.69 -22.53
C LEU G 97 0.11 15.49 -22.11
N ASN G 98 -0.59 16.05 -23.08
CA ASN G 98 -1.61 17.05 -22.77
C ASN G 98 -2.92 16.87 -23.53
N HIS G 99 -2.94 16.23 -24.69
CA HIS G 99 -4.17 16.11 -25.45
C HIS G 99 -5.18 15.24 -24.73
N ILE G 100 -6.46 15.52 -24.94
CA ILE G 100 -7.55 14.65 -24.49
C ILE G 100 -8.64 14.66 -25.54
N THR G 101 -9.34 13.54 -25.68
CA THR G 101 -10.42 13.45 -26.66
C THR G 101 -11.59 14.32 -26.21
N ASN G 102 -12.35 14.84 -27.19
CA ASN G 102 -13.43 15.80 -26.91
C ASN G 102 -14.44 15.23 -25.93
N THR G 103 -14.76 16.00 -24.88
CA THR G 103 -15.70 15.55 -23.86
C THR G 103 -16.68 16.66 -23.49
N SER G 104 -17.83 16.24 -22.97
CA SER G 104 -18.87 17.14 -22.51
C SER G 104 -19.51 16.59 -21.25
N LEU G 105 -20.09 17.49 -20.47
CA LEU G 105 -20.84 17.13 -19.27
C LEU G 105 -22.16 16.45 -19.64
N ASN G 106 -22.28 15.18 -19.29
CA ASN G 106 -23.50 14.45 -19.56
C ASN G 106 -23.56 13.30 -18.58
N LEU G 107 -24.73 13.09 -18.02
CA LEU G 107 -24.96 11.89 -17.23
C LEU G 107 -24.67 10.67 -18.09
N PHE G 108 -24.08 9.64 -17.48
CA PHE G 108 -23.75 8.44 -18.24
C PHE G 108 -24.97 7.55 -18.33
N HIS G 109 -25.33 7.17 -19.56
CA HIS G 109 -26.38 6.18 -19.75
C HIS G 109 -25.87 4.91 -20.41
N ASP G 110 -25.46 4.96 -21.69
CA ASP G 110 -24.94 3.75 -22.30
C ASP G 110 -23.85 4.04 -23.33
N ASP G 111 -23.15 5.17 -23.24
CA ASP G 111 -22.15 5.51 -24.25
C ASP G 111 -20.84 4.78 -23.96
N ILE G 112 -20.87 3.45 -24.13
CA ILE G 112 -19.62 2.69 -23.99
C ILE G 112 -18.60 3.14 -25.01
N HIS G 113 -19.06 3.52 -26.21
CA HIS G 113 -18.13 4.05 -27.20
C HIS G 113 -17.34 5.19 -26.59
N HIS G 114 -18.01 6.08 -25.86
CA HIS G 114 -17.31 7.19 -25.26
C HIS G 114 -16.33 6.71 -24.21
N VAL G 115 -16.74 5.73 -23.39
CA VAL G 115 -15.86 5.21 -22.35
C VAL G 115 -14.56 4.66 -22.97
N ARG G 116 -14.70 3.89 -24.06
CA ARG G 116 -13.54 3.33 -24.73
C ARG G 116 -12.69 4.40 -25.42
N LYS G 117 -13.31 5.26 -26.25
CA LYS G 117 -12.52 6.27 -26.95
C LYS G 117 -11.77 7.13 -25.94
N SER G 118 -12.43 7.47 -24.84
CA SER G 118 -11.74 8.23 -23.81
C SER G 118 -10.50 7.50 -23.32
N MET G 119 -10.61 6.19 -23.08
CA MET G 119 -9.42 5.45 -22.61
C MET G 119 -8.32 5.40 -23.68
N GLU G 120 -8.71 5.29 -24.96
CA GLU G 120 -7.72 5.19 -26.04
C GLU G 120 -6.94 6.50 -26.20
N VAL G 121 -7.64 7.63 -26.20
CA VAL G 121 -6.92 8.86 -26.41
C VAL G 121 -6.41 9.44 -25.11
N ASN G 122 -7.21 9.40 -24.04
CA ASN G 122 -6.82 10.14 -22.85
C ASN G 122 -5.76 9.43 -22.06
N PHE G 123 -5.76 8.09 -22.10
CA PHE G 123 -4.82 7.29 -21.31
C PHE G 123 -3.89 6.45 -22.17
N LEU G 124 -4.44 5.53 -22.97
CA LEU G 124 -3.59 4.59 -23.68
C LEU G 124 -2.53 5.32 -24.50
N SER G 125 -2.95 6.29 -25.32
CA SER G 125 -1.98 6.99 -26.17
C SER G 125 -0.84 7.60 -25.37
N TYR G 126 -1.09 8.01 -24.13
CA TYR G 126 0.01 8.53 -23.31
C TYR G 126 1.07 7.47 -23.07
N VAL G 127 0.62 6.26 -22.74
CA VAL G 127 1.56 5.16 -22.50
C VAL G 127 2.38 4.87 -23.74
N VAL G 128 1.70 4.74 -24.89
CA VAL G 128 2.40 4.47 -26.16
C VAL G 128 3.43 5.56 -26.43
N LEU G 129 3.04 6.81 -26.24
CA LEU G 129 4.00 7.91 -26.36
C LEU G 129 5.13 7.75 -25.34
N THR G 130 4.78 7.43 -24.10
CA THR G 130 5.84 7.29 -23.10
C THR G 130 6.81 6.18 -23.51
N VAL G 131 6.29 5.08 -24.03
CA VAL G 131 7.14 3.98 -24.47
C VAL G 131 8.14 4.45 -25.54
N ALA G 132 7.66 5.22 -26.53
CA ALA G 132 8.54 5.73 -27.59
C ALA G 132 9.57 6.74 -27.07
N ALA G 133 9.20 7.54 -26.09
CA ALA G 133 10.13 8.58 -25.65
C ALA G 133 11.14 8.12 -24.58
N LEU G 134 10.96 6.96 -23.91
CA LEU G 134 11.84 6.64 -22.77
C LEU G 134 13.31 6.59 -23.11
N PRO G 135 13.75 5.86 -24.14
CA PRO G 135 15.18 5.88 -24.45
C PRO G 135 15.73 7.30 -24.51
N MET G 136 15.10 8.17 -25.28
CA MET G 136 15.56 9.55 -25.36
C MET G 136 15.55 10.20 -23.98
N LEU G 137 14.55 9.90 -23.17
CA LEU G 137 14.46 10.52 -21.86
C LEU G 137 15.54 9.99 -20.92
N LYS G 138 15.82 8.69 -20.98
CA LYS G 138 16.94 8.16 -20.22
C LYS G 138 18.25 8.80 -20.68
N GLN G 139 18.44 8.90 -21.99
CA GLN G 139 19.68 9.44 -22.54
C GLN G 139 19.87 10.90 -22.19
N SER G 140 18.85 11.56 -21.67
CA SER G 140 18.97 12.96 -21.28
C SER G 140 18.60 13.17 -19.83
N ASN G 141 18.28 12.13 -19.07
CA ASN G 141 17.76 12.29 -17.72
C ASN G 141 16.56 13.23 -17.76
N GLY G 142 15.72 13.02 -18.78
CA GLY G 142 14.65 13.93 -19.11
C GLY G 142 13.49 13.90 -18.14
N SER G 143 12.30 14.26 -18.61
CA SER G 143 11.15 14.35 -17.73
C SER G 143 9.90 14.04 -18.56
N ILE G 144 8.92 13.42 -17.90
CA ILE G 144 7.60 13.17 -18.47
C ILE G 144 6.59 14.01 -17.68
N VAL G 145 5.70 14.71 -18.39
CA VAL G 145 4.68 15.54 -17.73
C VAL G 145 3.31 15.08 -18.19
N VAL G 146 2.51 14.61 -17.24
CA VAL G 146 1.16 14.10 -17.49
C VAL G 146 0.17 15.12 -16.91
N VAL G 147 -0.66 15.68 -17.77
CA VAL G 147 -1.63 16.72 -17.42
C VAL G 147 -2.96 16.04 -17.11
N SER G 148 -3.37 16.06 -15.84
CA SER G 148 -4.64 15.47 -15.42
C SER G 148 -5.53 16.54 -14.82
N SER G 149 -6.71 16.14 -14.38
CA SER G 149 -7.69 17.06 -13.81
C SER G 149 -8.00 16.65 -12.37
N LEU G 150 -8.76 17.52 -11.70
CA LEU G 150 -9.26 17.19 -10.37
C LEU G 150 -10.10 15.93 -10.40
N ALA G 151 -10.70 15.61 -11.55
CA ALA G 151 -11.50 14.40 -11.74
C ALA G 151 -10.64 13.15 -11.90
N GLY G 152 -9.32 13.29 -12.07
CA GLY G 152 -8.46 12.14 -11.97
C GLY G 152 -7.99 11.88 -10.56
N LYS G 153 -8.50 12.67 -9.63
CA LYS G 153 -8.22 12.51 -8.22
C LYS G 153 -9.48 12.46 -7.39
N VAL G 154 -10.58 13.03 -7.86
CA VAL G 154 -11.88 13.07 -7.17
C VAL G 154 -12.97 12.79 -8.19
N ALA G 155 -13.88 11.88 -7.90
CA ALA G 155 -14.94 11.58 -8.86
C ALA G 155 -15.98 12.68 -8.82
N TYR G 156 -16.37 13.17 -9.99
CA TYR G 156 -17.41 14.18 -10.05
C TYR G 156 -18.48 13.71 -11.02
N PRO G 157 -19.75 14.06 -10.80
CA PRO G 157 -20.82 13.59 -11.71
C PRO G 157 -20.74 14.25 -13.07
N MET G 158 -21.25 13.54 -14.08
CA MET G 158 -21.33 13.98 -15.48
C MET G 158 -19.99 13.86 -16.22
N VAL G 159 -18.96 13.30 -15.58
CA VAL G 159 -17.67 13.09 -16.22
C VAL G 159 -17.20 11.64 -16.03
N ALA G 160 -18.14 10.69 -15.97
CA ALA G 160 -17.79 9.35 -15.56
C ALA G 160 -16.65 8.78 -16.41
N ALA G 161 -16.83 8.75 -17.73
CA ALA G 161 -15.78 8.21 -18.58
C ALA G 161 -14.50 9.04 -18.49
N TYR G 162 -14.62 10.37 -18.52
CA TYR G 162 -13.43 11.20 -18.42
C TYR G 162 -12.65 10.92 -17.14
N SER G 163 -13.37 10.81 -16.01
CA SER G 163 -12.70 10.52 -14.74
C SER G 163 -11.93 9.20 -14.81
N ALA G 164 -12.52 8.17 -15.42
CA ALA G 164 -11.83 6.88 -15.52
C ALA G 164 -10.49 7.04 -16.22
N SER G 165 -10.45 7.74 -17.34
CA SER G 165 -9.18 7.94 -18.03
C SER G 165 -8.20 8.68 -17.14
N LYS G 166 -8.64 9.75 -16.50
CA LYS G 166 -7.71 10.56 -15.73
C LYS G 166 -7.32 9.89 -14.41
N PHE G 167 -8.15 8.96 -13.92
CA PHE G 167 -7.75 8.11 -12.80
C PHE G 167 -6.69 7.09 -13.22
N ALA G 168 -6.92 6.42 -14.35
CA ALA G 168 -5.98 5.43 -14.85
C ALA G 168 -4.60 6.01 -15.01
N LEU G 169 -4.49 7.24 -15.51
CA LEU G 169 -3.18 7.87 -15.58
C LEU G 169 -2.49 7.86 -14.23
N ASP G 170 -3.22 8.24 -13.17
CA ASP G 170 -2.63 8.26 -11.82
C ASP G 170 -2.04 6.91 -11.46
N GLY G 171 -2.85 5.86 -11.59
CA GLY G 171 -2.37 4.53 -11.27
C GLY G 171 -1.17 4.13 -12.11
N PHE G 172 -1.23 4.37 -13.42
CA PHE G 172 -0.16 3.88 -14.28
C PHE G 172 1.12 4.68 -14.07
N PHE G 173 1.08 5.97 -14.28
CA PHE G 173 2.34 6.70 -14.20
C PHE G 173 2.87 6.75 -12.79
N SER G 174 1.99 6.65 -11.79
CA SER G 174 2.47 6.65 -10.41
C SER G 174 3.18 5.34 -10.07
N SER G 175 2.73 4.21 -10.64
CA SER G 175 3.44 2.94 -10.51
C SER G 175 4.75 2.96 -11.28
N ILE G 176 4.67 3.35 -12.56
CA ILE G 176 5.86 3.52 -13.37
C ILE G 176 6.90 4.35 -12.63
N ARG G 177 6.45 5.38 -11.89
CA ARG G 177 7.39 6.22 -11.14
C ARG G 177 8.14 5.40 -10.08
N LYS G 178 7.40 4.57 -9.34
CA LYS G 178 8.04 3.70 -8.35
C LYS G 178 8.95 2.68 -9.05
N GLU G 179 8.50 2.15 -10.18
CA GLU G 179 9.33 1.22 -10.95
C GLU G 179 10.65 1.87 -11.35
N TYR G 180 10.60 3.11 -11.83
CA TYR G 180 11.83 3.79 -12.19
C TYR G 180 12.75 3.97 -10.99
N SER G 181 12.15 4.22 -9.81
CA SER G 181 12.96 4.46 -8.61
C SER G 181 13.87 3.28 -8.30
N VAL G 182 13.30 2.07 -8.31
CA VAL G 182 14.04 0.86 -7.96
C VAL G 182 14.85 0.34 -9.13
N SER G 183 14.47 0.68 -10.34
CA SER G 183 15.35 0.49 -11.47
C SER G 183 16.34 1.65 -11.50
N ARG G 184 17.04 1.85 -12.60
CA ARG G 184 17.97 2.96 -12.71
C ARG G 184 17.45 4.10 -13.56
N VAL G 185 16.12 4.25 -13.69
CA VAL G 185 15.55 5.14 -14.68
C VAL G 185 15.40 6.52 -14.06
N ASN G 186 16.19 7.48 -14.55
CA ASN G 186 16.23 8.85 -14.03
C ASN G 186 15.31 9.81 -14.80
N VAL G 187 14.24 9.30 -15.37
CA VAL G 187 13.25 10.11 -16.07
C VAL G 187 12.18 10.44 -15.03
N SER G 188 11.90 11.73 -14.84
CA SER G 188 10.91 12.14 -13.84
C SER G 188 9.51 12.09 -14.41
N ILE G 189 8.53 11.96 -13.51
CA ILE G 189 7.12 11.86 -13.87
C ILE G 189 6.39 12.87 -13.01
N THR G 190 5.93 13.96 -13.64
CA THR G 190 5.20 15.06 -12.99
C THR G 190 3.72 14.95 -13.33
N LEU G 191 2.89 14.81 -12.30
CA LEU G 191 1.44 14.71 -12.47
C LEU G 191 0.78 16.04 -12.13
N CYS G 192 -0.01 16.57 -13.06
CA CYS G 192 -0.67 17.87 -12.89
C CYS G 192 -2.17 17.68 -12.64
N VAL G 193 -2.64 18.21 -11.52
CA VAL G 193 -4.05 18.16 -11.12
C VAL G 193 -4.61 19.58 -11.25
N LEU G 194 -5.29 19.87 -12.36
CA LEU G 194 -5.82 21.20 -12.63
C LEU G 194 -7.29 21.31 -12.21
N GLY G 195 -7.66 22.49 -11.70
CA GLY G 195 -9.07 22.81 -11.52
C GLY G 195 -9.69 23.27 -12.82
N LEU G 196 -10.82 23.99 -12.72
CA LEU G 196 -11.41 24.55 -13.93
C LEU G 196 -10.46 25.56 -14.55
N ILE G 197 -10.25 25.45 -15.87
CA ILE G 197 -9.31 26.31 -16.60
C ILE G 197 -10.05 27.05 -17.71
N ASP G 198 -9.80 28.37 -17.82
CA ASP G 198 -10.62 29.21 -18.70
C ASP G 198 -10.21 29.03 -20.16
N THR G 199 -10.13 27.79 -20.59
CA THR G 199 -9.92 27.58 -22.01
C THR G 199 -11.24 27.71 -22.76
N GLU G 200 -11.11 27.93 -24.07
CA GLU G 200 -12.29 28.08 -24.91
C GLU G 200 -13.23 26.89 -24.73
N THR G 201 -12.74 25.69 -25.04
CA THR G 201 -13.60 24.52 -25.05
C THR G 201 -14.16 24.22 -23.67
N ALA G 202 -13.34 24.45 -22.65
CA ALA G 202 -13.78 24.20 -21.27
C ALA G 202 -14.92 25.12 -20.91
N MET G 203 -14.75 26.41 -21.12
CA MET G 203 -15.79 27.34 -20.71
C MET G 203 -17.09 27.04 -21.43
N LYS G 204 -17.02 26.74 -22.73
CA LYS G 204 -18.22 26.41 -23.47
C LYS G 204 -18.93 25.21 -22.87
N ALA G 205 -18.16 24.19 -22.47
CA ALA G 205 -18.72 22.92 -21.99
C ALA G 205 -19.30 23.00 -20.59
N VAL G 206 -18.86 23.98 -19.79
CA VAL G 206 -19.30 24.13 -18.41
C VAL G 206 -20.22 25.34 -18.26
N SER G 207 -20.69 25.95 -19.36
CA SER G 207 -21.26 27.30 -19.35
C SER G 207 -22.35 27.49 -18.28
N GLY G 208 -23.42 26.70 -18.33
CA GLY G 208 -24.52 26.88 -17.39
C GLY G 208 -24.49 25.97 -16.19
N ILE G 209 -23.52 25.07 -16.11
CA ILE G 209 -23.35 24.11 -15.02
C ILE G 209 -22.20 24.54 -14.12
N VAL G 210 -22.39 24.39 -12.81
CA VAL G 210 -21.36 24.71 -11.80
C VAL G 210 -20.81 26.12 -11.93
N HIS G 211 -20.19 26.63 -10.86
CA HIS G 211 -19.59 27.95 -10.97
C HIS G 211 -18.23 28.04 -10.25
N MET G 212 -17.34 27.07 -10.49
CA MET G 212 -15.95 27.24 -10.06
C MET G 212 -15.33 28.45 -10.79
N GLN G 213 -14.69 29.34 -10.02
CA GLN G 213 -14.12 30.57 -10.55
C GLN G 213 -13.33 30.44 -11.86
N ALA G 214 -12.59 29.34 -12.07
CA ALA G 214 -11.79 29.12 -13.28
C ALA G 214 -10.47 29.88 -13.19
N ALA G 215 -9.39 29.31 -13.69
CA ALA G 215 -8.08 29.94 -13.67
C ALA G 215 -7.50 30.14 -15.06
N PRO G 216 -6.58 31.09 -15.20
CA PRO G 216 -6.12 31.52 -16.52
C PRO G 216 -5.25 30.50 -17.24
N LYS G 217 -5.52 30.31 -18.53
CA LYS G 217 -4.73 29.37 -19.31
C LYS G 217 -3.27 29.80 -19.43
N GLU G 218 -2.98 31.11 -19.46
CA GLU G 218 -1.58 31.53 -19.53
C GLU G 218 -0.80 31.09 -18.29
N GLU G 219 -1.30 31.44 -17.11
CA GLU G 219 -0.59 31.11 -15.88
C GLU G 219 -0.54 29.60 -15.65
N CYS G 220 -1.64 28.90 -15.95
CA CYS G 220 -1.68 27.44 -15.81
C CYS G 220 -0.58 26.78 -16.62
N ALA G 221 -0.49 27.11 -17.92
CA ALA G 221 0.49 26.50 -18.78
C ALA G 221 1.90 26.57 -18.19
N LEU G 222 2.22 27.67 -17.49
CA LEU G 222 3.54 27.81 -16.89
C LEU G 222 3.70 26.95 -15.64
N GLU G 223 2.71 26.95 -14.74
CA GLU G 223 2.84 26.16 -13.53
C GLU G 223 3.05 24.68 -13.86
N ILE G 224 2.54 24.24 -15.01
CA ILE G 224 2.83 22.90 -15.50
C ILE G 224 4.32 22.75 -15.78
N ILE G 225 4.86 23.63 -16.65
CA ILE G 225 6.25 23.59 -17.06
C ILE G 225 7.20 23.77 -15.87
N LYS G 226 6.87 24.70 -14.97
CA LYS G 226 7.69 24.86 -13.77
C LYS G 226 7.81 23.52 -13.02
N GLY G 227 6.71 22.78 -12.93
CA GLY G 227 6.74 21.51 -12.22
C GLY G 227 7.65 20.48 -12.86
N GLY G 228 7.56 20.33 -14.18
CA GLY G 228 8.41 19.37 -14.87
C GLY G 228 9.87 19.75 -14.84
N ALA G 229 10.16 21.05 -14.91
CA ALA G 229 11.53 21.54 -14.82
C ALA G 229 12.17 21.19 -13.49
N LEU G 230 11.44 21.42 -12.39
CA LEU G 230 11.95 21.12 -11.05
C LEU G 230 11.82 19.65 -10.67
N ARG G 231 11.40 18.80 -11.60
CA ARG G 231 11.20 17.36 -11.35
C ARG G 231 10.30 17.10 -10.15
N GLN G 232 9.23 17.89 -10.01
CA GLN G 232 8.22 17.69 -8.96
C GLN G 232 7.37 16.47 -9.24
N GLU G 233 6.99 15.76 -8.18
CA GLU G 233 6.16 14.57 -8.36
C GLU G 233 4.79 14.93 -8.96
N GLU G 234 4.13 15.94 -8.38
CA GLU G 234 2.89 16.43 -8.98
C GLU G 234 2.73 17.93 -8.68
N VAL G 235 1.84 18.58 -9.42
CA VAL G 235 1.59 20.01 -9.29
C VAL G 235 0.08 20.24 -9.34
N TYR G 236 -0.42 21.15 -8.49
CA TYR G 236 -1.84 21.42 -8.37
C TYR G 236 -2.14 22.88 -8.68
N TYR G 237 -2.91 23.13 -9.75
CA TYR G 237 -3.07 24.50 -10.21
C TYR G 237 -4.33 25.16 -9.65
N ASP G 238 -4.07 26.24 -8.90
CA ASP G 238 -4.98 27.08 -8.12
C ASP G 238 -5.86 26.27 -7.17
N SER G 239 -5.20 25.59 -6.23
CA SER G 239 -5.89 25.07 -5.07
C SER G 239 -6.50 26.17 -4.21
N SER G 240 -6.06 27.41 -4.37
CA SER G 240 -6.68 28.51 -3.64
C SER G 240 -8.18 28.56 -3.87
N LEU G 241 -8.67 27.86 -4.87
CA LEU G 241 -10.08 27.84 -5.26
C LEU G 241 -10.81 26.59 -4.76
N TRP G 242 -10.29 25.88 -3.74
CA TRP G 242 -10.92 24.63 -3.27
C TRP G 242 -11.16 24.54 -1.76
N ASN H 3 -24.21 2.22 10.70
CA ASN H 3 -24.58 1.39 11.85
C ASN H 3 -25.76 0.42 11.58
N GLU H 4 -25.51 -0.73 10.90
CA GLU H 4 -26.65 -1.58 10.61
C GLU H 4 -26.49 -3.04 10.99
N GLU H 5 -25.31 -3.65 10.77
CA GLU H 5 -25.10 -5.06 11.05
C GLU H 5 -25.67 -6.00 9.98
N PHE H 6 -24.84 -6.92 9.50
CA PHE H 6 -25.21 -7.90 8.49
C PHE H 6 -25.89 -9.14 9.07
N ARG H 7 -26.85 -9.69 8.32
CA ARG H 7 -27.59 -10.92 8.66
C ARG H 7 -27.56 -11.86 7.46
N PRO H 8 -27.10 -13.13 7.64
CA PRO H 8 -27.04 -14.06 6.51
C PRO H 8 -28.36 -14.22 5.77
N GLU H 9 -29.45 -13.80 6.42
CA GLU H 9 -30.75 -13.82 5.76
C GLU H 9 -30.90 -12.69 4.75
N MET H 10 -30.11 -11.62 4.86
CA MET H 10 -30.23 -10.50 3.91
C MET H 10 -30.06 -10.99 2.48
N LEU H 11 -29.31 -12.08 2.28
CA LEU H 11 -29.10 -12.68 0.97
C LEU H 11 -30.12 -13.74 0.59
N GLN H 12 -30.91 -14.25 1.54
CA GLN H 12 -31.85 -15.33 1.26
C GLN H 12 -32.81 -14.96 0.13
N GLY H 13 -32.87 -15.79 -0.90
CA GLY H 13 -33.79 -15.54 -1.99
C GLY H 13 -33.32 -14.51 -2.99
N LYS H 14 -32.22 -13.83 -2.72
CA LYS H 14 -31.72 -12.79 -3.60
C LYS H 14 -31.17 -13.40 -4.89
N LYS H 15 -31.37 -12.71 -6.02
CA LYS H 15 -30.88 -13.14 -7.33
C LYS H 15 -29.55 -12.45 -7.62
N VAL H 16 -28.46 -13.21 -7.64
CA VAL H 16 -27.10 -12.62 -7.67
C VAL H 16 -26.30 -13.13 -8.87
N ILE H 17 -25.40 -12.28 -9.38
CA ILE H 17 -24.43 -12.66 -10.40
C ILE H 17 -23.04 -12.52 -9.79
N VAL H 18 -22.20 -13.54 -10.01
CA VAL H 18 -20.81 -13.50 -9.60
C VAL H 18 -19.97 -13.84 -10.82
N THR H 19 -19.14 -12.90 -11.26
CA THR H 19 -18.25 -13.16 -12.39
C THR H 19 -16.88 -13.60 -11.88
N GLY H 20 -16.18 -14.36 -12.71
CA GLY H 20 -14.96 -14.99 -12.24
C GLY H 20 -15.19 -15.84 -11.01
N ALA H 21 -16.27 -16.63 -11.01
CA ALA H 21 -16.63 -17.42 -9.84
C ALA H 21 -16.02 -18.81 -9.88
N SER H 22 -15.29 -19.12 -10.95
CA SER H 22 -14.68 -20.42 -11.16
C SER H 22 -13.55 -20.72 -10.17
N LYS H 23 -12.94 -19.71 -9.57
CA LYS H 23 -11.84 -19.94 -8.66
C LYS H 23 -11.65 -18.72 -7.78
N GLY H 24 -10.65 -18.79 -6.91
CA GLY H 24 -10.22 -17.67 -6.10
C GLY H 24 -11.33 -17.19 -5.18
N ILE H 25 -11.33 -15.87 -4.93
CA ILE H 25 -12.32 -15.25 -4.06
C ILE H 25 -13.71 -15.41 -4.65
N GLY H 26 -13.81 -15.42 -5.99
CA GLY H 26 -15.11 -15.56 -6.60
C GLY H 26 -15.81 -16.85 -6.24
N ARG H 27 -15.07 -17.97 -6.24
CA ARG H 27 -15.70 -19.23 -5.88
C ARG H 27 -16.20 -19.18 -4.43
N GLU H 28 -15.38 -18.64 -3.51
CA GLU H 28 -15.84 -18.53 -2.13
C GLU H 28 -17.09 -17.67 -2.03
N MET H 29 -17.11 -16.54 -2.77
CA MET H 29 -18.32 -15.71 -2.79
C MET H 29 -19.50 -16.48 -3.36
N ALA H 30 -19.29 -17.24 -4.43
CA ALA H 30 -20.39 -18.05 -4.93
C ALA H 30 -20.90 -19.00 -3.86
N TYR H 31 -19.99 -19.64 -3.12
CA TYR H 31 -20.40 -20.59 -2.08
C TYR H 31 -21.07 -19.90 -0.90
N HIS H 32 -20.49 -18.80 -0.40
CA HIS H 32 -21.13 -18.12 0.72
C HIS H 32 -22.57 -17.80 0.36
N LEU H 33 -22.78 -17.27 -0.84
CA LEU H 33 -24.10 -16.91 -1.29
C LEU H 33 -25.02 -18.13 -1.31
N ALA H 34 -24.49 -19.29 -1.69
CA ALA H 34 -25.28 -20.52 -1.68
C ALA H 34 -25.63 -20.91 -0.25
N LYS H 35 -24.64 -20.91 0.64
CA LYS H 35 -24.90 -21.23 2.04
C LYS H 35 -25.95 -20.29 2.66
N MET H 36 -26.09 -19.06 2.14
CA MET H 36 -27.08 -18.10 2.59
C MET H 36 -28.41 -18.23 1.85
N GLY H 37 -28.51 -19.19 0.93
CA GLY H 37 -29.71 -19.56 0.21
C GLY H 37 -30.24 -18.61 -0.84
N ALA H 38 -29.35 -18.02 -1.64
CA ALA H 38 -29.71 -17.12 -2.71
C ALA H 38 -29.65 -17.83 -4.06
N HIS H 39 -30.17 -17.17 -5.08
CA HIS H 39 -30.00 -17.64 -6.44
C HIS H 39 -28.63 -17.17 -6.93
N VAL H 40 -27.91 -18.04 -7.60
CA VAL H 40 -26.60 -17.65 -8.13
C VAL H 40 -26.51 -18.02 -9.59
N VAL H 41 -25.89 -17.14 -10.37
CA VAL H 41 -25.51 -17.40 -11.74
C VAL H 41 -24.04 -17.00 -11.81
N VAL H 42 -23.15 -18.00 -11.93
CA VAL H 42 -21.72 -17.76 -11.96
C VAL H 42 -21.20 -17.83 -13.38
N THR H 43 -20.20 -17.01 -13.69
CA THR H 43 -19.58 -16.99 -15.01
C THR H 43 -18.07 -16.97 -14.89
N ALA H 44 -17.45 -17.50 -15.92
CA ALA H 44 -16.00 -17.59 -16.09
C ALA H 44 -15.77 -18.16 -17.48
N ARG H 45 -14.52 -18.50 -17.80
CA ARG H 45 -14.21 -19.19 -19.05
C ARG H 45 -14.30 -20.72 -18.97
N SER H 46 -13.90 -21.32 -17.84
CA SER H 46 -13.75 -22.77 -17.69
C SER H 46 -15.13 -23.43 -17.54
N LYS H 47 -15.68 -23.94 -18.63
CA LYS H 47 -17.00 -24.58 -18.57
C LYS H 47 -17.04 -25.68 -17.50
N GLU H 48 -16.06 -26.59 -17.54
CA GLU H 48 -16.03 -27.73 -16.64
C GLU H 48 -16.01 -27.29 -15.18
N THR H 49 -15.07 -26.41 -14.83
CA THR H 49 -14.92 -25.97 -13.45
C THR H 49 -16.20 -25.30 -12.95
N LEU H 50 -16.85 -24.52 -13.82
CA LEU H 50 -18.11 -23.89 -13.45
C LEU H 50 -19.13 -24.94 -13.03
N GLN H 51 -19.14 -26.07 -13.74
CA GLN H 51 -20.06 -27.16 -13.45
C GLN H 51 -19.93 -27.64 -12.00
N LYS H 52 -18.69 -27.78 -11.52
CA LYS H 52 -18.46 -28.20 -10.12
C LYS H 52 -18.93 -27.14 -9.12
N VAL H 53 -18.76 -25.86 -9.45
CA VAL H 53 -19.20 -24.82 -8.53
C VAL H 53 -20.72 -24.75 -8.47
N VAL H 54 -21.41 -24.87 -9.62
CA VAL H 54 -22.88 -24.93 -9.59
C VAL H 54 -23.33 -26.10 -8.73
N SER H 55 -22.68 -27.25 -8.93
CA SER H 55 -23.01 -28.45 -8.16
C SER H 55 -22.72 -28.24 -6.67
N HIS H 56 -21.53 -27.77 -6.33
CA HIS H 56 -21.26 -27.54 -4.91
C HIS H 56 -22.16 -26.46 -4.34
N CYS H 57 -22.62 -25.53 -5.19
CA CYS H 57 -23.56 -24.51 -4.71
C CYS H 57 -24.91 -25.11 -4.41
N LEU H 58 -25.41 -25.95 -5.31
CA LEU H 58 -26.69 -26.59 -5.04
C LEU H 58 -26.65 -27.37 -3.73
N GLU H 59 -25.58 -28.15 -3.51
CA GLU H 59 -25.45 -28.94 -2.29
C GLU H 59 -25.48 -28.07 -1.03
N LEU H 60 -24.87 -26.87 -1.09
CA LEU H 60 -24.77 -25.97 0.06
C LEU H 60 -26.09 -25.28 0.41
N GLY H 61 -27.09 -25.35 -0.48
CA GLY H 61 -28.38 -24.73 -0.25
C GLY H 61 -28.71 -23.56 -1.17
N ALA H 62 -27.96 -23.37 -2.24
CA ALA H 62 -28.28 -22.31 -3.17
C ALA H 62 -29.65 -22.57 -3.77
N ALA H 63 -30.38 -21.48 -4.02
CA ALA H 63 -31.71 -21.59 -4.61
C ALA H 63 -31.66 -21.92 -6.11
N SER H 64 -30.75 -21.31 -6.86
CA SER H 64 -30.78 -21.49 -8.31
C SER H 64 -29.54 -22.16 -8.89
N ALA H 65 -28.35 -21.57 -8.73
CA ALA H 65 -27.05 -22.18 -9.07
C ALA H 65 -26.94 -22.64 -10.53
N HIS H 66 -26.91 -21.66 -11.46
CA HIS H 66 -26.58 -21.91 -12.87
C HIS H 66 -25.24 -21.26 -13.23
N TYR H 67 -24.80 -21.49 -14.47
CA TYR H 67 -23.59 -20.85 -14.96
C TYR H 67 -23.71 -20.61 -16.46
N ILE H 68 -22.96 -19.60 -16.91
CA ILE H 68 -22.77 -19.29 -18.33
C ILE H 68 -21.28 -19.02 -18.51
N ALA H 69 -20.68 -19.63 -19.54
CA ALA H 69 -19.23 -19.57 -19.73
C ALA H 69 -18.88 -18.75 -20.96
N GLY H 70 -17.76 -18.04 -20.86
CA GLY H 70 -17.28 -17.19 -21.93
C GLY H 70 -16.25 -16.22 -21.42
N THR H 71 -15.57 -15.58 -22.37
CA THR H 71 -14.51 -14.63 -22.03
C THR H 71 -15.10 -13.22 -21.93
N MET H 72 -14.75 -12.52 -20.85
CA MET H 72 -15.09 -11.11 -20.71
C MET H 72 -14.20 -10.21 -21.53
N GLU H 73 -13.36 -10.79 -22.40
CA GLU H 73 -12.73 -10.01 -23.44
C GLU H 73 -13.74 -9.64 -24.51
N ASP H 74 -14.71 -10.51 -24.72
CA ASP H 74 -15.72 -10.35 -25.77
C ASP H 74 -16.86 -9.52 -25.20
N MET H 75 -16.86 -8.22 -25.51
CA MET H 75 -17.91 -7.35 -25.00
C MET H 75 -19.29 -7.87 -25.38
N THR H 76 -19.41 -8.50 -26.56
CA THR H 76 -20.68 -9.06 -27.01
C THR H 76 -21.10 -10.22 -26.13
N PHE H 77 -20.16 -11.06 -25.70
CA PHE H 77 -20.52 -12.11 -24.76
C PHE H 77 -21.01 -11.51 -23.44
N ALA H 78 -20.22 -10.60 -22.85
CA ALA H 78 -20.57 -10.05 -21.55
C ALA H 78 -21.98 -9.52 -21.58
N GLU H 79 -22.32 -8.78 -22.65
CA GLU H 79 -23.64 -8.21 -22.82
C GLU H 79 -24.71 -9.29 -22.87
N GLN H 80 -24.57 -10.26 -23.78
CA GLN H 80 -25.56 -11.31 -23.90
C GLN H 80 -25.63 -12.15 -22.64
N PHE H 81 -24.49 -12.27 -21.94
CA PHE H 81 -24.45 -13.07 -20.72
C PHE H 81 -25.43 -12.54 -19.68
N VAL H 82 -25.47 -11.23 -19.47
CA VAL H 82 -26.35 -10.64 -18.47
C VAL H 82 -27.81 -10.90 -18.82
N ALA H 83 -28.14 -10.84 -20.12
CA ALA H 83 -29.49 -11.16 -20.56
C ALA H 83 -29.87 -12.58 -20.15
N GLN H 84 -29.03 -13.56 -20.51
CA GLN H 84 -29.30 -14.96 -20.15
C GLN H 84 -29.41 -15.13 -18.64
N ALA H 85 -28.44 -14.57 -17.89
CA ALA H 85 -28.41 -14.74 -16.43
C ALA H 85 -29.64 -14.14 -15.76
N GLY H 86 -30.15 -13.03 -16.28
CA GLY H 86 -31.37 -12.45 -15.75
C GLY H 86 -32.58 -13.30 -16.10
N LYS H 87 -32.60 -13.84 -17.32
CA LYS H 87 -33.63 -14.80 -17.70
C LYS H 87 -33.62 -15.99 -16.74
N LEU H 88 -32.42 -16.54 -16.48
CA LEU H 88 -32.27 -17.70 -15.60
C LEU H 88 -32.87 -17.45 -14.21
N MET H 89 -32.62 -16.29 -13.63
CA MET H 89 -33.11 -15.96 -12.29
C MET H 89 -34.43 -15.18 -12.30
N GLY H 90 -34.94 -14.81 -13.48
CA GLY H 90 -36.11 -13.94 -13.53
C GLY H 90 -35.90 -12.61 -12.86
N GLY H 91 -34.76 -11.97 -13.11
CA GLY H 91 -34.43 -10.70 -12.50
C GLY H 91 -33.03 -10.72 -11.93
N LEU H 92 -32.67 -9.59 -11.31
CA LEU H 92 -31.35 -9.42 -10.74
C LEU H 92 -31.42 -8.51 -9.52
N ASP H 93 -30.87 -8.96 -8.39
CA ASP H 93 -30.79 -8.14 -7.19
C ASP H 93 -29.40 -7.58 -6.97
N MET H 94 -28.36 -8.36 -7.25
CA MET H 94 -26.98 -7.95 -6.99
C MET H 94 -26.07 -8.41 -8.13
N LEU H 95 -25.15 -7.53 -8.52
CA LEU H 95 -24.19 -7.78 -9.59
C LEU H 95 -22.78 -7.71 -9.03
N ILE H 96 -22.12 -8.87 -8.86
CA ILE H 96 -20.78 -8.91 -8.27
C ILE H 96 -19.75 -9.05 -9.40
N LEU H 97 -19.11 -7.94 -9.72
CA LEU H 97 -18.10 -7.90 -10.76
C LEU H 97 -16.76 -8.22 -10.11
N ASN H 98 -16.19 -9.35 -10.47
CA ASN H 98 -15.03 -9.88 -9.77
C ASN H 98 -13.90 -10.39 -10.67
N HIS H 99 -14.18 -10.80 -11.91
CA HIS H 99 -13.17 -11.36 -12.81
C HIS H 99 -12.11 -10.33 -13.21
N ILE H 100 -10.90 -10.82 -13.49
CA ILE H 100 -9.85 -10.00 -14.10
C ILE H 100 -8.98 -10.87 -15.00
N THR H 101 -8.37 -10.25 -16.02
CA THR H 101 -7.42 -10.99 -16.84
C THR H 101 -6.17 -11.30 -16.04
N ASN H 102 -5.53 -12.41 -16.39
CA ASN H 102 -4.32 -12.83 -15.69
C ASN H 102 -3.25 -11.76 -15.80
N THR H 103 -2.65 -11.41 -14.66
CA THR H 103 -1.58 -10.43 -14.60
C THR H 103 -0.46 -11.00 -13.74
N SER H 104 0.73 -10.47 -13.90
CA SER H 104 1.85 -10.91 -13.05
C SER H 104 2.73 -9.74 -12.68
N LEU H 105 3.45 -9.92 -11.58
CA LEU H 105 4.41 -8.92 -11.13
C LEU H 105 5.55 -8.83 -12.14
N ASN H 106 5.70 -7.69 -12.79
CA ASN H 106 6.72 -7.52 -13.80
C ASN H 106 6.97 -6.03 -13.90
N LEU H 107 8.23 -5.62 -13.96
CA LEU H 107 8.51 -4.23 -14.33
C LEU H 107 8.00 -3.98 -15.74
N PHE H 108 7.45 -2.79 -15.96
CA PHE H 108 6.87 -2.44 -17.25
C PHE H 108 7.96 -1.95 -18.18
N HIS H 109 8.02 -2.52 -19.38
CA HIS H 109 8.93 -2.00 -20.41
C HIS H 109 8.17 -1.45 -21.61
N ASP H 110 7.51 -2.32 -22.40
CA ASP H 110 6.76 -1.85 -23.55
C ASP H 110 5.55 -2.74 -23.84
N ASP H 111 4.99 -3.40 -22.82
CA ASP H 111 3.92 -4.35 -23.07
C ASP H 111 2.60 -3.59 -23.29
N ILE H 112 2.54 -2.90 -24.43
CA ILE H 112 1.32 -2.18 -24.78
C ILE H 112 0.15 -3.14 -24.91
N HIS H 113 0.41 -4.36 -25.37
CA HIS H 113 -0.65 -5.36 -25.48
C HIS H 113 -1.34 -5.60 -24.14
N HIS H 114 -0.57 -5.76 -23.06
CA HIS H 114 -1.17 -6.04 -21.76
C HIS H 114 -1.97 -4.86 -21.24
N VAL H 115 -1.45 -3.64 -21.39
CA VAL H 115 -2.19 -2.48 -20.91
C VAL H 115 -3.57 -2.46 -21.54
N ARG H 116 -3.65 -2.73 -22.84
CA ARG H 116 -4.96 -2.72 -23.51
C ARG H 116 -5.82 -3.87 -23.02
N LYS H 117 -5.30 -5.09 -23.02
CA LYS H 117 -6.14 -6.21 -22.57
C LYS H 117 -6.58 -6.00 -21.12
N SER H 118 -5.66 -5.53 -20.26
CA SER H 118 -6.02 -5.26 -18.87
C SER H 118 -7.15 -4.24 -18.76
N MET H 119 -7.03 -3.13 -19.50
CA MET H 119 -8.09 -2.13 -19.43
C MET H 119 -9.40 -2.66 -20.00
N GLU H 120 -9.34 -3.49 -21.04
CA GLU H 120 -10.56 -4.01 -21.64
C GLU H 120 -11.27 -4.99 -20.73
N VAL H 121 -10.54 -5.94 -20.14
CA VAL H 121 -11.21 -6.95 -19.35
C VAL H 121 -11.42 -6.49 -17.91
N ASN H 122 -10.44 -5.80 -17.33
CA ASN H 122 -10.57 -5.41 -15.93
C ASN H 122 -11.47 -4.21 -15.74
N PHE H 123 -11.62 -3.34 -16.74
CA PHE H 123 -12.42 -2.13 -16.61
C PHE H 123 -13.61 -2.07 -17.57
N LEU H 124 -13.40 -2.12 -18.89
CA LEU H 124 -14.52 -1.95 -19.82
C LEU H 124 -15.62 -2.97 -19.55
N SER H 125 -15.27 -4.26 -19.51
CA SER H 125 -16.31 -5.26 -19.36
C SER H 125 -17.19 -5.01 -18.14
N TYR H 126 -16.60 -4.44 -17.08
CA TYR H 126 -17.42 -4.08 -15.92
C TYR H 126 -18.47 -3.05 -16.30
N VAL H 127 -18.06 -2.03 -17.06
CA VAL H 127 -19.00 -1.00 -17.51
C VAL H 127 -20.08 -1.61 -18.37
N VAL H 128 -19.70 -2.43 -19.35
CA VAL H 128 -20.68 -3.10 -20.21
C VAL H 128 -21.64 -3.94 -19.37
N LEU H 129 -21.08 -4.74 -18.44
CA LEU H 129 -21.91 -5.55 -17.56
C LEU H 129 -22.85 -4.68 -16.74
N THR H 130 -22.34 -3.57 -16.21
CA THR H 130 -23.19 -2.62 -15.49
C THR H 130 -24.29 -2.07 -16.41
N VAL H 131 -23.93 -1.72 -17.65
CA VAL H 131 -24.92 -1.21 -18.58
C VAL H 131 -26.04 -2.23 -18.77
N ALA H 132 -25.69 -3.52 -18.89
CA ALA H 132 -26.70 -4.55 -19.10
C ALA H 132 -27.64 -4.69 -17.90
N ALA H 133 -27.13 -4.60 -16.68
CA ALA H 133 -27.95 -4.87 -15.50
C ALA H 133 -28.77 -3.69 -14.95
N LEU H 134 -28.49 -2.43 -15.33
CA LEU H 134 -29.15 -1.33 -14.63
C LEU H 134 -30.67 -1.42 -14.68
N PRO H 135 -31.32 -1.63 -15.83
CA PRO H 135 -32.78 -1.79 -15.79
C PRO H 135 -33.23 -2.79 -14.72
N MET H 136 -32.70 -4.02 -14.72
CA MET H 136 -33.11 -4.97 -13.68
C MET H 136 -32.78 -4.46 -12.29
N LEU H 137 -31.61 -3.85 -12.13
CA LEU H 137 -31.21 -3.44 -10.78
C LEU H 137 -32.10 -2.31 -10.28
N LYS H 138 -32.44 -1.37 -11.17
CA LYS H 138 -33.43 -0.35 -10.82
C LYS H 138 -34.75 -1.01 -10.46
N GLN H 139 -35.08 -2.08 -11.18
CA GLN H 139 -36.31 -2.81 -10.94
C GLN H 139 -36.35 -3.38 -9.54
N SER H 140 -35.21 -3.51 -8.88
CA SER H 140 -35.16 -4.09 -7.55
C SER H 140 -34.47 -3.20 -6.52
N ASN H 141 -34.09 -1.98 -6.89
CA ASN H 141 -33.27 -1.16 -5.99
C ASN H 141 -32.03 -1.93 -5.58
N GLY H 142 -31.40 -2.58 -6.55
CA GLY H 142 -30.34 -3.53 -6.26
C GLY H 142 -29.01 -2.95 -5.81
N SER H 143 -27.96 -3.73 -6.05
CA SER H 143 -26.64 -3.37 -5.58
C SER H 143 -25.62 -3.87 -6.59
N ILE H 144 -24.56 -3.09 -6.77
CA ILE H 144 -23.42 -3.41 -7.63
C ILE H 144 -22.17 -3.50 -6.76
N VAL H 145 -21.37 -4.55 -6.96
CA VAL H 145 -20.11 -4.74 -6.23
C VAL H 145 -18.95 -4.87 -7.20
N VAL H 146 -17.98 -3.96 -7.07
CA VAL H 146 -16.77 -3.94 -7.88
C VAL H 146 -15.61 -4.33 -6.98
N VAL H 147 -14.93 -5.43 -7.31
CA VAL H 147 -13.83 -5.91 -6.46
C VAL H 147 -12.55 -5.25 -6.95
N SER H 148 -12.01 -4.33 -6.18
CA SER H 148 -10.76 -3.72 -6.59
C SER H 148 -9.69 -4.05 -5.56
N SER H 149 -8.49 -3.52 -5.75
CA SER H 149 -7.39 -3.86 -4.86
C SER H 149 -6.85 -2.60 -4.20
N LEU H 150 -5.99 -2.80 -3.21
CA LEU H 150 -5.24 -1.70 -2.65
C LEU H 150 -4.38 -1.00 -3.70
N ALA H 151 -4.04 -1.71 -4.78
CA ALA H 151 -3.32 -1.07 -5.87
C ALA H 151 -4.19 -0.14 -6.71
N GLY H 152 -5.50 -0.19 -6.56
CA GLY H 152 -6.39 0.76 -7.22
C GLY H 152 -6.61 2.03 -6.45
N LYS H 153 -5.93 2.18 -5.34
CA LYS H 153 -5.92 3.41 -4.58
C LYS H 153 -4.53 3.89 -4.32
N VAL H 154 -3.53 2.99 -4.36
CA VAL H 154 -2.12 3.31 -4.14
C VAL H 154 -1.30 2.58 -5.19
N ALA H 155 -0.42 3.32 -5.87
CA ALA H 155 0.43 2.76 -6.91
C ALA H 155 1.62 1.99 -6.33
N TYR H 156 1.85 0.80 -6.87
CA TYR H 156 2.96 -0.04 -6.46
C TYR H 156 3.77 -0.41 -7.69
N PRO H 157 5.07 -0.64 -7.51
CA PRO H 157 5.89 -1.05 -8.66
C PRO H 157 5.42 -2.42 -9.13
N MET H 158 5.67 -2.70 -10.40
CA MET H 158 5.44 -4.01 -11.02
C MET H 158 3.97 -4.34 -11.24
N VAL H 159 3.05 -3.45 -10.92
CA VAL H 159 1.65 -3.74 -11.23
C VAL H 159 1.00 -2.59 -12.00
N ALA H 160 1.83 -1.84 -12.74
CA ALA H 160 1.41 -0.57 -13.31
C ALA H 160 0.15 -0.72 -14.17
N ALA H 161 0.15 -1.65 -15.12
CA ALA H 161 -1.03 -1.80 -15.96
C ALA H 161 -2.23 -2.20 -15.13
N TYR H 162 -2.07 -3.19 -14.25
CA TYR H 162 -3.17 -3.58 -13.37
C TYR H 162 -3.61 -2.39 -12.53
N SER H 163 -2.64 -1.66 -11.95
CA SER H 163 -2.95 -0.51 -11.10
C SER H 163 -3.75 0.55 -11.85
N ALA H 164 -3.41 0.81 -13.12
CA ALA H 164 -4.20 1.73 -13.94
C ALA H 164 -5.61 1.19 -14.15
N SER H 165 -5.74 -0.08 -14.47
CA SER H 165 -7.07 -0.61 -14.70
C SER H 165 -7.93 -0.48 -13.45
N LYS H 166 -7.37 -0.74 -12.28
CA LYS H 166 -8.15 -0.68 -11.04
C LYS H 166 -8.42 0.74 -10.56
N PHE H 167 -7.53 1.70 -10.90
CA PHE H 167 -7.84 3.10 -10.63
C PHE H 167 -9.03 3.55 -11.47
N ALA H 168 -9.06 3.18 -12.76
CA ALA H 168 -10.18 3.55 -13.61
C ALA H 168 -11.50 3.13 -13.00
N LEU H 169 -11.56 1.92 -12.44
CA LEU H 169 -12.77 1.45 -11.77
C LEU H 169 -13.23 2.44 -10.71
N ASP H 170 -12.29 2.92 -9.89
CA ASP H 170 -12.65 3.88 -8.84
C ASP H 170 -13.23 5.15 -9.45
N GLY H 171 -12.49 5.77 -10.36
CA GLY H 171 -12.96 7.02 -10.91
C GLY H 171 -14.33 6.85 -11.53
N PHE H 172 -14.51 5.77 -12.29
CA PHE H 172 -15.75 5.63 -13.04
C PHE H 172 -16.92 5.38 -12.11
N PHE H 173 -16.87 4.30 -11.35
CA PHE H 173 -18.00 3.92 -10.51
C PHE H 173 -18.24 4.90 -9.38
N SER H 174 -17.22 5.66 -8.98
CA SER H 174 -17.38 6.70 -7.97
C SER H 174 -18.23 7.86 -8.47
N SER H 175 -18.13 8.15 -9.78
CA SER H 175 -18.94 9.16 -10.46
C SER H 175 -20.36 8.66 -10.69
N ILE H 176 -20.50 7.49 -11.33
CA ILE H 176 -21.82 6.88 -11.50
C ILE H 176 -22.56 6.88 -10.18
N ARG H 177 -21.85 6.62 -9.08
CA ARG H 177 -22.49 6.70 -7.77
C ARG H 177 -23.04 8.12 -7.55
N LYS H 178 -22.21 9.14 -7.80
CA LYS H 178 -22.61 10.54 -7.61
C LYS H 178 -23.74 10.93 -8.54
N GLU H 179 -23.65 10.51 -9.80
CA GLU H 179 -24.73 10.73 -10.76
C GLU H 179 -26.03 10.07 -10.29
N TYR H 180 -25.95 8.82 -9.84
CA TYR H 180 -27.15 8.14 -9.35
C TYR H 180 -27.81 8.92 -8.22
N SER H 181 -27.01 9.62 -7.42
CA SER H 181 -27.50 10.38 -6.28
C SER H 181 -28.48 11.45 -6.71
N VAL H 182 -28.10 12.27 -7.69
CA VAL H 182 -28.97 13.37 -8.08
C VAL H 182 -30.02 12.93 -9.08
N SER H 183 -29.82 11.78 -9.72
CA SER H 183 -30.89 11.11 -10.46
C SER H 183 -31.81 10.44 -9.45
N ARG H 184 -32.68 9.57 -9.93
CA ARG H 184 -33.58 8.84 -9.05
C ARG H 184 -33.15 7.40 -8.88
N VAL H 185 -31.86 7.12 -9.03
CA VAL H 185 -31.38 5.74 -9.17
C VAL H 185 -31.04 5.17 -7.79
N ASN H 186 -31.81 4.17 -7.35
CA ASN H 186 -31.60 3.53 -6.06
C ASN H 186 -30.67 2.32 -6.12
N VAL H 187 -29.75 2.27 -7.08
CA VAL H 187 -28.84 1.15 -7.24
C VAL H 187 -27.55 1.48 -6.51
N SER H 188 -27.14 0.62 -5.56
CA SER H 188 -25.95 0.92 -4.78
C SER H 188 -24.69 0.47 -5.51
N ILE H 189 -23.58 1.08 -5.14
CA ILE H 189 -22.30 0.80 -5.76
C ILE H 189 -21.29 0.58 -4.65
N THR H 190 -20.90 -0.67 -4.45
CA THR H 190 -19.98 -1.07 -3.39
C THR H 190 -18.61 -1.39 -4.00
N LEU H 191 -17.61 -0.60 -3.64
CA LEU H 191 -16.25 -0.76 -4.12
C LEU H 191 -15.40 -1.43 -3.06
N CYS H 192 -14.80 -2.59 -3.38
CA CYS H 192 -14.02 -3.37 -2.41
C CYS H 192 -12.52 -3.18 -2.67
N VAL H 193 -11.79 -2.73 -1.66
CA VAL H 193 -10.35 -2.51 -1.75
C VAL H 193 -9.66 -3.59 -0.95
N LEU H 194 -9.23 -4.67 -1.60
CA LEU H 194 -8.62 -5.81 -0.92
C LEU H 194 -7.10 -5.68 -0.88
N GLY H 195 -6.51 -6.12 0.23
CA GLY H 195 -5.08 -6.30 0.31
C GLY H 195 -4.70 -7.63 -0.30
N LEU H 196 -3.54 -8.15 0.11
CA LEU H 196 -3.13 -9.47 -0.34
C LEU H 196 -4.06 -10.54 0.22
N ILE H 197 -4.57 -11.39 -0.65
CA ILE H 197 -5.50 -12.45 -0.31
C ILE H 197 -4.87 -13.79 -0.71
N ASP H 198 -4.93 -14.77 0.19
CA ASP H 198 -4.19 -16.01 -0.02
C ASP H 198 -4.89 -16.93 -1.01
N THR H 199 -5.23 -16.41 -2.18
CA THR H 199 -5.76 -17.26 -3.22
C THR H 199 -4.62 -18.01 -3.91
N GLU H 200 -4.99 -19.07 -4.61
CA GLU H 200 -4.01 -19.88 -5.34
C GLU H 200 -3.15 -19.00 -6.23
N THR H 201 -3.78 -18.27 -7.17
CA THR H 201 -3.07 -17.52 -8.21
C THR H 201 -2.24 -16.39 -7.65
N ALA H 202 -2.79 -15.63 -6.72
CA ALA H 202 -2.09 -14.48 -6.16
C ALA H 202 -0.84 -14.94 -5.42
N MET H 203 -1.00 -15.93 -4.55
CA MET H 203 0.12 -16.42 -3.76
C MET H 203 1.23 -16.94 -4.67
N LYS H 204 0.86 -17.68 -5.72
CA LYS H 204 1.86 -18.16 -6.66
C LYS H 204 2.60 -16.98 -7.26
N ALA H 205 1.86 -15.91 -7.57
CA ALA H 205 2.40 -14.77 -8.29
C ALA H 205 3.32 -13.89 -7.45
N VAL H 206 3.22 -13.92 -6.13
CA VAL H 206 4.06 -13.09 -5.27
C VAL H 206 5.12 -13.89 -4.53
N SER H 207 5.34 -15.17 -4.89
CA SER H 207 5.99 -16.14 -4.02
C SER H 207 7.23 -15.62 -3.29
N GLY H 208 8.23 -15.17 -4.03
CA GLY H 208 9.42 -14.66 -3.36
C GLY H 208 9.53 -13.14 -3.46
N ILE H 209 8.55 -12.52 -4.14
CA ILE H 209 8.58 -11.07 -4.41
C ILE H 209 7.80 -10.37 -3.31
N VAL H 210 8.47 -10.14 -2.18
CA VAL H 210 7.90 -9.39 -1.06
C VAL H 210 6.51 -9.88 -0.63
N HIS H 211 6.31 -10.10 0.66
CA HIS H 211 5.00 -10.51 1.16
C HIS H 211 4.56 -9.59 2.30
N MET H 212 3.26 -9.30 2.37
CA MET H 212 2.68 -8.59 3.50
C MET H 212 1.81 -9.49 4.37
N GLN H 213 1.98 -10.80 4.25
CA GLN H 213 1.15 -11.78 4.94
C GLN H 213 -0.31 -11.75 4.51
N ALA H 214 -0.61 -12.47 3.43
CA ALA H 214 -1.94 -12.67 2.87
C ALA H 214 -3.02 -12.97 3.91
N ALA H 215 -4.26 -12.65 3.57
CA ALA H 215 -5.45 -12.87 4.36
C ALA H 215 -6.32 -13.93 3.71
N PRO H 216 -7.21 -14.57 4.47
CA PRO H 216 -7.92 -15.74 3.94
C PRO H 216 -8.93 -15.36 2.86
N LYS H 217 -8.97 -16.16 1.79
CA LYS H 217 -9.91 -15.92 0.71
C LYS H 217 -11.36 -16.15 1.14
N GLU H 218 -11.61 -17.08 2.07
CA GLU H 218 -12.97 -17.31 2.53
C GLU H 218 -13.53 -16.08 3.25
N GLU H 219 -12.80 -15.56 4.25
CA GLU H 219 -13.31 -14.43 5.03
C GLU H 219 -13.43 -13.19 4.15
N CYS H 220 -12.48 -12.99 3.25
CA CYS H 220 -12.60 -11.92 2.28
C CYS H 220 -13.91 -12.05 1.50
N ALA H 221 -14.17 -13.22 0.93
CA ALA H 221 -15.35 -13.40 0.11
C ALA H 221 -16.62 -12.98 0.85
N LEU H 222 -16.69 -13.24 2.16
CA LEU H 222 -17.88 -12.82 2.91
C LEU H 222 -17.88 -11.30 3.12
N GLU H 223 -16.74 -10.75 3.52
CA GLU H 223 -16.65 -9.32 3.82
C GLU H 223 -17.08 -8.48 2.61
N ILE H 224 -16.89 -9.02 1.39
CA ILE H 224 -17.43 -8.38 0.20
C ILE H 224 -18.95 -8.46 0.22
N ILE H 225 -19.51 -9.67 0.29
CA ILE H 225 -20.96 -9.81 0.30
C ILE H 225 -21.55 -9.01 1.45
N LYS H 226 -20.90 -9.05 2.61
CA LYS H 226 -21.38 -8.27 3.75
C LYS H 226 -21.48 -6.79 3.40
N GLY H 227 -20.49 -6.26 2.70
CA GLY H 227 -20.51 -4.84 2.31
C GLY H 227 -21.61 -4.49 1.32
N GLY H 228 -21.76 -5.31 0.27
CA GLY H 228 -22.79 -5.05 -0.73
C GLY H 228 -24.19 -5.20 -0.18
N ALA H 229 -24.39 -6.15 0.72
CA ALA H 229 -25.69 -6.27 1.36
C ALA H 229 -26.06 -5.00 2.11
N LEU H 230 -25.12 -4.47 2.90
CA LEU H 230 -25.37 -3.25 3.67
C LEU H 230 -25.26 -1.99 2.84
N ARG H 231 -25.10 -2.10 1.52
CA ARG H 231 -24.97 -0.95 0.63
C ARG H 231 -23.92 0.04 1.12
N GLN H 232 -22.80 -0.50 1.59
CA GLN H 232 -21.67 0.34 1.96
C GLN H 232 -21.00 0.89 0.71
N GLU H 233 -20.55 2.13 0.78
CA GLU H 233 -19.95 2.67 -0.42
C GLU H 233 -18.70 1.88 -0.80
N GLU H 234 -17.81 1.66 0.17
CA GLU H 234 -16.63 0.83 -0.10
C GLU H 234 -16.26 0.02 1.14
N VAL H 235 -15.48 -1.05 0.93
CA VAL H 235 -15.08 -1.99 1.98
C VAL H 235 -13.61 -2.35 1.78
N TYR H 236 -12.87 -2.45 2.89
CA TYR H 236 -11.42 -2.69 2.87
C TYR H 236 -11.09 -3.95 3.65
N TYR H 237 -10.55 -4.98 2.99
CA TYR H 237 -10.37 -6.27 3.67
C TYR H 237 -8.97 -6.45 4.26
N ASP H 238 -8.96 -6.69 5.58
CA ASP H 238 -7.77 -6.83 6.41
C ASP H 238 -6.82 -5.66 6.18
N SER H 239 -7.38 -4.48 6.46
CA SER H 239 -6.62 -3.26 6.70
C SER H 239 -5.74 -3.35 7.92
N SER H 240 -6.01 -4.31 8.82
CA SER H 240 -5.15 -4.51 9.99
C SER H 240 -3.71 -4.75 9.59
N LEU H 241 -3.46 -5.13 8.33
CA LEU H 241 -2.14 -5.49 7.85
C LEU H 241 -1.46 -4.35 7.07
N TRP H 242 -1.68 -3.10 7.46
CA TRP H 242 -1.12 -1.96 6.74
C TRP H 242 -0.40 -0.96 7.67
N GLU I 5 15.47 -35.24 -19.64
CA GLU I 5 15.25 -34.81 -21.02
C GLU I 5 16.48 -34.08 -21.52
N PHE I 6 17.63 -34.40 -20.92
CA PHE I 6 18.89 -33.81 -21.36
C PHE I 6 19.44 -34.56 -22.59
N ARG I 7 20.00 -33.80 -23.51
CA ARG I 7 20.63 -34.39 -24.68
C ARG I 7 22.01 -33.76 -24.83
N PRO I 8 23.05 -34.57 -24.93
CA PRO I 8 24.43 -34.03 -25.03
C PRO I 8 24.62 -33.02 -26.15
N GLU I 9 23.75 -33.06 -27.16
CA GLU I 9 23.84 -32.07 -28.23
C GLU I 9 23.33 -30.70 -27.80
N MET I 10 22.50 -30.63 -26.75
CA MET I 10 21.97 -29.33 -26.32
C MET I 10 23.10 -28.34 -26.17
N LEU I 11 24.30 -28.84 -25.87
CA LEU I 11 25.52 -28.05 -25.83
C LEU I 11 26.17 -27.92 -27.20
N GLN I 12 25.73 -28.69 -28.18
CA GLN I 12 26.37 -28.68 -29.48
C GLN I 12 26.44 -27.26 -30.02
N GLY I 13 27.67 -26.81 -30.32
CA GLY I 13 27.91 -25.50 -30.89
C GLY I 13 27.90 -24.34 -29.90
N LYS I 14 27.43 -24.55 -28.68
CA LYS I 14 27.25 -23.46 -27.75
C LYS I 14 28.59 -22.86 -27.32
N LYS I 15 28.61 -21.55 -27.06
CA LYS I 15 29.82 -20.84 -26.62
C LYS I 15 29.82 -20.74 -25.10
N VAL I 16 30.76 -21.42 -24.43
CA VAL I 16 30.78 -21.60 -22.98
C VAL I 16 32.11 -21.13 -22.38
N ILE I 17 32.04 -20.55 -21.18
CA ILE I 17 33.24 -20.22 -20.41
C ILE I 17 33.25 -21.07 -19.16
N VAL I 18 34.43 -21.64 -18.86
CA VAL I 18 34.64 -22.43 -17.65
C VAL I 18 35.89 -21.85 -16.99
N THR I 19 35.72 -21.25 -15.82
CA THR I 19 36.87 -20.79 -15.05
C THR I 19 37.30 -21.89 -14.09
N GLY I 20 38.55 -21.81 -13.65
CA GLY I 20 39.13 -22.86 -12.86
C GLY I 20 39.06 -24.20 -13.57
N ALA I 21 39.36 -24.21 -14.87
CA ALA I 21 39.25 -25.41 -15.68
C ALA I 21 40.58 -26.16 -15.83
N SER I 22 41.67 -25.62 -15.27
CA SER I 22 42.99 -26.25 -15.43
C SER I 22 43.11 -27.59 -14.69
N LYS I 23 42.23 -27.87 -13.72
CA LYS I 23 42.28 -29.14 -13.02
C LYS I 23 40.94 -29.42 -12.36
N GLY I 24 40.87 -30.56 -11.70
CA GLY I 24 39.72 -30.85 -10.89
C GLY I 24 38.45 -30.90 -11.71
N ILE I 25 37.37 -30.45 -11.08
CA ILE I 25 36.08 -30.42 -11.76
C ILE I 25 36.12 -29.46 -12.92
N GLY I 26 36.92 -28.40 -12.81
CA GLY I 26 37.03 -27.47 -13.93
C GLY I 26 37.49 -28.17 -15.19
N ARG I 27 38.46 -29.08 -15.05
CA ARG I 27 38.93 -29.84 -16.21
C ARG I 27 37.84 -30.73 -16.78
N GLU I 28 37.17 -31.49 -15.92
CA GLU I 28 36.19 -32.46 -16.40
C GLU I 28 35.07 -31.78 -17.19
N MET I 29 34.60 -30.63 -16.71
CA MET I 29 33.57 -29.90 -17.44
C MET I 29 34.07 -29.45 -18.82
N ALA I 30 35.29 -28.91 -18.91
CA ALA I 30 35.81 -28.52 -20.22
C ALA I 30 35.89 -29.72 -21.16
N TYR I 31 36.31 -30.89 -20.64
CA TYR I 31 36.36 -32.10 -21.47
C TYR I 31 34.97 -32.55 -21.88
N HIS I 32 34.01 -32.55 -20.94
CA HIS I 32 32.64 -32.84 -21.33
C HIS I 32 32.16 -31.86 -22.39
N LEU I 33 32.41 -30.56 -22.17
CA LEU I 33 31.97 -29.57 -23.15
C LEU I 33 32.60 -29.83 -24.51
N ALA I 34 33.87 -30.24 -24.52
CA ALA I 34 34.52 -30.56 -25.78
C ALA I 34 33.90 -31.80 -26.41
N LYS I 35 33.69 -32.85 -25.61
CA LYS I 35 33.04 -34.07 -26.10
C LYS I 35 31.67 -33.76 -26.69
N MET I 36 31.05 -32.68 -26.22
CA MET I 36 29.75 -32.20 -26.71
C MET I 36 29.87 -31.24 -27.90
N GLY I 37 31.08 -30.94 -28.36
CA GLY I 37 31.21 -30.12 -29.54
C GLY I 37 30.77 -28.69 -29.35
N ALA I 38 31.14 -28.09 -28.23
CA ALA I 38 30.87 -26.68 -27.94
C ALA I 38 32.13 -25.83 -28.16
N HIS I 39 31.93 -24.52 -28.14
CA HIS I 39 33.05 -23.58 -28.08
C HIS I 39 33.37 -23.36 -26.62
N VAL I 40 34.65 -23.47 -26.26
CA VAL I 40 35.08 -23.35 -24.87
C VAL I 40 36.25 -22.40 -24.78
N VAL I 41 36.27 -21.61 -23.71
CA VAL I 41 37.41 -20.78 -23.33
C VAL I 41 37.64 -21.00 -21.84
N VAL I 42 38.74 -21.68 -21.48
CA VAL I 42 39.03 -22.01 -20.08
C VAL I 42 40.02 -20.99 -19.54
N THR I 43 39.90 -20.72 -18.24
CA THR I 43 40.79 -19.81 -17.55
C THR I 43 41.27 -20.43 -16.24
N ALA I 44 42.46 -20.02 -15.84
CA ALA I 44 43.06 -20.39 -14.57
C ALA I 44 44.35 -19.58 -14.50
N ARG I 45 45.19 -19.84 -13.50
CA ARG I 45 46.49 -19.17 -13.50
C ARG I 45 47.55 -19.97 -14.25
N SER I 46 47.49 -21.30 -14.19
CA SER I 46 48.54 -22.16 -14.74
C SER I 46 48.48 -22.14 -16.26
N LYS I 47 49.30 -21.27 -16.86
CA LYS I 47 49.35 -21.15 -18.31
C LYS I 47 49.62 -22.50 -18.97
N GLU I 48 50.67 -23.19 -18.50
CA GLU I 48 51.03 -24.48 -19.06
C GLU I 48 49.88 -25.46 -18.97
N THR I 49 49.34 -25.64 -17.76
CA THR I 49 48.29 -26.64 -17.56
C THR I 49 47.08 -26.32 -18.42
N LEU I 50 46.75 -25.03 -18.55
CA LEU I 50 45.63 -24.64 -19.40
C LEU I 50 45.84 -25.08 -20.84
N GLN I 51 47.06 -24.91 -21.34
CA GLN I 51 47.36 -25.31 -22.72
C GLN I 51 47.08 -26.78 -22.96
N LYS I 52 47.42 -27.64 -21.99
CA LYS I 52 47.18 -29.09 -22.16
C LYS I 52 45.70 -29.43 -22.21
N VAL I 53 44.87 -28.74 -21.41
CA VAL I 53 43.44 -29.00 -21.44
C VAL I 53 42.83 -28.49 -22.75
N VAL I 54 43.23 -27.29 -23.18
CA VAL I 54 42.72 -26.76 -24.44
C VAL I 54 43.05 -27.71 -25.57
N SER I 55 44.28 -28.21 -25.60
CA SER I 55 44.67 -29.15 -26.65
C SER I 55 43.87 -30.43 -26.58
N HIS I 56 43.83 -31.07 -25.40
CA HIS I 56 43.04 -32.29 -25.30
C HIS I 56 41.56 -32.02 -25.54
N CYS I 57 41.11 -30.78 -25.32
CA CYS I 57 39.73 -30.43 -25.65
C CYS I 57 39.50 -30.42 -27.14
N LEU I 58 40.44 -29.86 -27.90
CA LEU I 58 40.34 -29.94 -29.35
C LEU I 58 40.31 -31.41 -29.79
N GLU I 59 41.22 -32.21 -29.25
CA GLU I 59 41.28 -33.63 -29.59
C GLU I 59 39.97 -34.35 -29.26
N LEU I 60 39.35 -34.02 -28.12
CA LEU I 60 38.08 -34.66 -27.75
C LEU I 60 36.91 -34.17 -28.60
N GLY I 61 37.10 -33.11 -29.37
CA GLY I 61 36.06 -32.56 -30.21
C GLY I 61 35.53 -31.18 -29.84
N ALA I 62 36.23 -30.41 -29.01
CA ALA I 62 35.76 -29.06 -28.72
C ALA I 62 35.72 -28.27 -30.01
N ALA I 63 34.71 -27.40 -30.14
CA ALA I 63 34.60 -26.61 -31.36
C ALA I 63 35.67 -25.53 -31.45
N SER I 64 35.93 -24.83 -30.36
CA SER I 64 36.83 -23.68 -30.38
C SER I 64 38.06 -23.90 -29.51
N ALA I 65 37.88 -24.08 -28.20
CA ALA I 65 38.98 -24.45 -27.30
C ALA I 65 40.12 -23.42 -27.34
N HIS I 66 39.87 -22.26 -26.72
CA HIS I 66 40.93 -21.30 -26.43
C HIS I 66 41.17 -21.18 -24.93
N TYR I 67 42.22 -20.47 -24.53
CA TYR I 67 42.45 -20.27 -23.10
C TYR I 67 43.14 -18.93 -22.82
N ILE I 68 42.88 -18.39 -21.63
CA ILE I 68 43.50 -17.15 -21.12
C ILE I 68 43.90 -17.38 -19.67
N ALA I 69 45.12 -16.99 -19.31
CA ALA I 69 45.67 -17.28 -17.98
C ALA I 69 45.74 -16.01 -17.15
N GLY I 70 45.48 -16.15 -15.85
CA GLY I 70 45.46 -15.03 -14.93
C GLY I 70 44.74 -15.38 -13.65
N THR I 71 44.95 -14.54 -12.64
CA THR I 71 44.40 -14.75 -11.30
C THR I 71 43.06 -14.05 -11.12
N MET I 72 42.08 -14.76 -10.55
CA MET I 72 40.84 -14.11 -10.17
C MET I 72 41.00 -13.30 -8.88
N GLU I 73 42.21 -13.17 -8.37
CA GLU I 73 42.40 -12.20 -7.31
C GLU I 73 42.32 -10.79 -7.86
N ASP I 74 42.75 -10.61 -9.10
CA ASP I 74 42.74 -9.30 -9.76
C ASP I 74 41.41 -9.10 -10.48
N MET I 75 40.56 -8.24 -9.91
CA MET I 75 39.25 -7.97 -10.49
C MET I 75 39.38 -7.47 -11.93
N THR I 76 40.47 -6.76 -12.26
CA THR I 76 40.66 -6.28 -13.63
C THR I 76 40.81 -7.45 -14.60
N PHE I 77 41.57 -8.47 -14.24
CA PHE I 77 41.71 -9.64 -15.09
C PHE I 77 40.36 -10.31 -15.28
N ALA I 78 39.66 -10.57 -14.18
CA ALA I 78 38.35 -11.21 -14.29
C ALA I 78 37.50 -10.47 -15.29
N GLU I 79 37.52 -9.13 -15.23
CA GLU I 79 36.79 -8.28 -16.17
C GLU I 79 37.27 -8.47 -17.60
N GLN I 80 38.54 -8.19 -17.86
CA GLN I 80 39.06 -8.26 -19.21
C GLN I 80 38.89 -9.66 -19.77
N PHE I 81 38.99 -10.66 -18.91
CA PHE I 81 38.90 -12.04 -19.37
C PHE I 81 37.56 -12.29 -20.05
N VAL I 82 36.47 -11.81 -19.45
CA VAL I 82 35.16 -12.04 -20.04
C VAL I 82 35.08 -11.38 -21.41
N ALA I 83 35.66 -10.17 -21.53
CA ALA I 83 35.67 -9.46 -22.81
C ALA I 83 36.38 -10.28 -23.89
N GLN I 84 37.64 -10.66 -23.62
CA GLN I 84 38.44 -11.40 -24.60
C GLN I 84 37.80 -12.74 -24.93
N ALA I 85 37.28 -13.44 -23.93
CA ALA I 85 36.65 -14.73 -24.17
C ALA I 85 35.48 -14.59 -25.14
N GLY I 86 34.81 -13.43 -25.11
CA GLY I 86 33.72 -13.17 -26.04
C GLY I 86 34.21 -12.92 -27.46
N LYS I 87 35.31 -12.15 -27.60
CA LYS I 87 35.93 -12.00 -28.91
C LYS I 87 36.36 -13.36 -29.47
N LEU I 88 37.07 -14.15 -28.67
CA LEU I 88 37.57 -15.44 -29.17
C LEU I 88 36.43 -16.34 -29.68
N MET I 89 35.34 -16.46 -28.91
CA MET I 89 34.24 -17.32 -29.30
C MET I 89 33.15 -16.59 -30.07
N GLY I 90 33.24 -15.27 -30.20
CA GLY I 90 32.19 -14.48 -30.81
C GLY I 90 30.86 -14.57 -30.10
N GLY I 91 30.86 -14.42 -28.78
CA GLY I 91 29.65 -14.44 -27.98
C GLY I 91 29.77 -15.34 -26.77
N LEU I 92 28.65 -15.46 -26.04
CA LEU I 92 28.62 -16.30 -24.84
C LEU I 92 27.23 -16.90 -24.70
N ASP I 93 27.18 -18.21 -24.49
CA ASP I 93 25.93 -18.93 -24.22
C ASP I 93 25.78 -19.33 -22.77
N MET I 94 26.89 -19.69 -22.12
CA MET I 94 26.90 -20.18 -20.75
C MET I 94 28.14 -19.69 -20.01
N LEU I 95 27.96 -19.27 -18.77
CA LEU I 95 29.06 -18.78 -17.93
C LEU I 95 29.20 -19.73 -16.75
N ILE I 96 30.27 -20.55 -16.76
CA ILE I 96 30.56 -21.51 -15.71
C ILE I 96 31.61 -20.90 -14.77
N LEU I 97 31.15 -20.48 -13.59
CA LEU I 97 31.99 -19.92 -12.54
C LEU I 97 32.46 -21.05 -11.63
N ASN I 98 33.76 -21.34 -11.63
CA ASN I 98 34.19 -22.57 -10.98
C ASN I 98 35.40 -22.39 -10.08
N HIS I 99 36.24 -21.41 -10.37
CA HIS I 99 37.47 -21.24 -9.62
C HIS I 99 37.18 -20.85 -8.17
N ILE I 100 38.06 -21.29 -7.27
CA ILE I 100 38.10 -20.76 -5.92
C ILE I 100 39.54 -20.75 -5.46
N THR I 101 39.88 -19.79 -4.61
CA THR I 101 41.22 -19.72 -4.06
C THR I 101 41.43 -20.91 -3.14
N ASN I 102 42.68 -21.33 -3.02
CA ASN I 102 43.03 -22.53 -2.29
C ASN I 102 42.54 -22.50 -0.84
N THR I 103 41.90 -23.58 -0.42
CA THR I 103 41.44 -23.75 0.95
C THR I 103 41.80 -25.16 1.44
N SER I 104 41.93 -25.28 2.77
CA SER I 104 42.21 -26.53 3.45
C SER I 104 41.44 -26.54 4.76
N LEU I 105 41.22 -27.74 5.31
CA LEU I 105 40.55 -27.87 6.59
C LEU I 105 41.43 -27.34 7.72
N ASN I 106 41.02 -26.27 8.37
CA ASN I 106 41.73 -25.64 9.48
C ASN I 106 40.69 -24.91 10.31
N LEU I 107 40.75 -25.08 11.62
CA LEU I 107 39.93 -24.27 12.50
C LEU I 107 40.26 -22.79 12.31
N PHE I 108 39.25 -21.95 12.45
CA PHE I 108 39.47 -20.51 12.31
C PHE I 108 39.93 -19.95 13.64
N HIS I 109 41.09 -19.30 13.64
CA HIS I 109 41.53 -18.58 14.83
C HIS I 109 41.64 -17.08 14.59
N ASP I 110 42.54 -16.62 13.71
CA ASP I 110 42.60 -15.20 13.39
C ASP I 110 43.01 -14.92 11.95
N ASP I 111 42.71 -15.84 11.03
CA ASP I 111 43.14 -15.71 9.64
C ASP I 111 42.19 -14.77 8.88
N ILE I 112 42.23 -13.49 9.27
CA ILE I 112 41.44 -12.46 8.58
C ILE I 112 41.86 -12.39 7.13
N HIS I 113 43.16 -12.56 6.88
CA HIS I 113 43.68 -12.59 5.52
C HIS I 113 42.95 -13.65 4.71
N HIS I 114 42.73 -14.81 5.31
CA HIS I 114 42.04 -15.86 4.57
C HIS I 114 40.59 -15.48 4.28
N VAL I 115 39.89 -14.93 5.27
CA VAL I 115 38.48 -14.58 5.06
C VAL I 115 38.34 -13.59 3.91
N ARG I 116 39.19 -12.57 3.90
CA ARG I 116 39.12 -11.56 2.84
C ARG I 116 39.52 -12.17 1.51
N LYS I 117 40.63 -12.91 1.46
CA LYS I 117 40.99 -13.50 0.17
C LYS I 117 39.88 -14.42 -0.32
N SER I 118 39.31 -15.23 0.57
CA SER I 118 38.23 -16.15 0.20
C SER I 118 37.03 -15.40 -0.34
N MET I 119 36.61 -14.31 0.30
CA MET I 119 35.48 -13.55 -0.22
C MET I 119 35.82 -12.95 -1.58
N GLU I 120 37.07 -12.51 -1.75
CA GLU I 120 37.48 -11.86 -2.99
C GLU I 120 37.55 -12.83 -4.15
N VAL I 121 38.18 -13.98 -3.95
CA VAL I 121 38.33 -14.90 -5.08
C VAL I 121 37.10 -15.78 -5.23
N ASN I 122 36.50 -16.20 -4.10
CA ASN I 122 35.37 -17.10 -4.14
C ASN I 122 34.05 -16.42 -4.49
N PHE I 123 33.91 -15.12 -4.17
CA PHE I 123 32.66 -14.37 -4.37
C PHE I 123 32.77 -13.16 -5.30
N LEU I 124 33.63 -12.17 -5.01
CA LEU I 124 33.64 -10.96 -5.82
C LEU I 124 33.88 -11.29 -7.28
N SER I 125 34.94 -12.03 -7.57
CA SER I 125 35.25 -12.34 -8.95
C SER I 125 34.06 -12.94 -9.66
N TYR I 126 33.22 -13.67 -8.93
CA TYR I 126 32.03 -14.24 -9.54
C TYR I 126 31.07 -13.17 -10.04
N VAL I 127 30.82 -12.14 -9.22
CA VAL I 127 29.96 -11.03 -9.64
C VAL I 127 30.58 -10.27 -10.79
N VAL I 128 31.85 -9.91 -10.63
CA VAL I 128 32.57 -9.17 -11.66
C VAL I 128 32.48 -9.90 -12.98
N LEU I 129 32.72 -11.21 -12.97
CA LEU I 129 32.56 -12.01 -14.18
C LEU I 129 31.13 -11.91 -14.68
N THR I 130 30.15 -12.01 -13.79
CA THR I 130 28.76 -11.89 -14.21
C THR I 130 28.50 -10.54 -14.84
N VAL I 131 28.99 -9.46 -14.22
CA VAL I 131 28.69 -8.13 -14.73
C VAL I 131 29.18 -7.98 -16.16
N ALA I 132 30.42 -8.42 -16.43
CA ALA I 132 30.93 -8.33 -17.80
C ALA I 132 30.15 -9.25 -18.74
N ALA I 133 29.82 -10.44 -18.28
CA ALA I 133 29.24 -11.41 -19.20
C ALA I 133 27.75 -11.19 -19.45
N LEU I 134 27.06 -10.39 -18.63
CA LEU I 134 25.61 -10.27 -18.75
C LEU I 134 25.17 -9.73 -20.11
N PRO I 135 25.70 -8.61 -20.61
CA PRO I 135 25.24 -8.13 -21.91
C PRO I 135 25.25 -9.22 -22.97
N MET I 136 26.38 -9.92 -23.12
CA MET I 136 26.49 -10.99 -24.11
C MET I 136 25.47 -12.10 -23.87
N LEU I 137 25.22 -12.46 -22.59
CA LEU I 137 24.33 -13.58 -22.28
C LEU I 137 22.88 -13.25 -22.56
N LYS I 138 22.48 -12.00 -22.30
CA LYS I 138 21.15 -11.57 -22.64
C LYS I 138 20.91 -11.75 -24.13
N GLN I 139 21.93 -11.44 -24.94
CA GLN I 139 21.85 -11.58 -26.38
C GLN I 139 21.61 -13.01 -26.81
N SER I 140 21.75 -13.96 -25.89
CA SER I 140 21.57 -15.35 -26.21
C SER I 140 20.51 -16.02 -25.36
N ASN I 141 19.86 -15.27 -24.47
CA ASN I 141 18.98 -15.91 -23.48
C ASN I 141 19.74 -17.03 -22.78
N GLY I 142 21.00 -16.75 -22.46
CA GLY I 142 21.94 -17.74 -21.99
C GLY I 142 21.76 -18.16 -20.55
N SER I 143 22.87 -18.65 -19.97
CA SER I 143 22.83 -19.21 -18.62
C SER I 143 24.14 -18.96 -17.89
N ILE I 144 24.02 -18.76 -16.58
CA ILE I 144 25.14 -18.66 -15.65
C ILE I 144 25.05 -19.86 -14.72
N VAL I 145 26.20 -20.51 -14.50
CA VAL I 145 26.31 -21.66 -13.61
C VAL I 145 27.29 -21.29 -12.52
N VAL I 146 26.82 -21.32 -11.27
CA VAL I 146 27.62 -20.99 -10.10
C VAL I 146 27.85 -22.27 -9.32
N VAL I 147 29.13 -22.65 -9.19
CA VAL I 147 29.51 -23.87 -8.50
C VAL I 147 29.75 -23.54 -7.04
N SER I 148 28.90 -24.07 -6.17
CA SER I 148 28.97 -23.90 -4.72
C SER I 148 29.26 -25.27 -4.09
N SER I 149 29.30 -25.32 -2.77
CA SER I 149 29.49 -26.58 -2.07
C SER I 149 28.29 -26.79 -1.16
N LEU I 150 28.18 -28.00 -0.64
CA LEU I 150 27.19 -28.25 0.40
C LEU I 150 27.45 -27.37 1.61
N ALA I 151 28.70 -26.94 1.81
CA ALA I 151 29.06 -25.98 2.84
C ALA I 151 28.59 -24.55 2.52
N GLY I 152 28.11 -24.30 1.30
CA GLY I 152 27.45 -23.06 0.95
C GLY I 152 25.96 -23.09 1.25
N LYS I 153 25.48 -24.18 1.86
CA LYS I 153 24.11 -24.29 2.33
C LYS I 153 24.01 -24.71 3.80
N VAL I 154 25.03 -25.38 4.35
CA VAL I 154 25.08 -25.77 5.75
C VAL I 154 26.48 -25.48 6.27
N ALA I 155 26.57 -24.88 7.45
CA ALA I 155 27.86 -24.54 8.04
C ALA I 155 28.58 -25.75 8.64
N TYR I 156 29.87 -25.87 8.35
CA TYR I 156 30.72 -26.93 8.87
C TYR I 156 31.98 -26.41 9.52
N PRO I 157 32.47 -27.09 10.55
CA PRO I 157 33.71 -26.66 11.19
C PRO I 157 34.87 -26.84 10.25
N MET I 158 35.91 -26.03 10.42
CA MET I 158 37.15 -26.09 9.64
C MET I 158 37.00 -25.47 8.24
N VAL I 159 35.84 -24.95 7.89
CA VAL I 159 35.76 -24.27 6.61
C VAL I 159 35.09 -22.90 6.75
N ALA I 160 35.27 -22.23 7.88
CA ALA I 160 34.52 -21.02 8.17
C ALA I 160 34.64 -19.98 7.06
N ALA I 161 35.86 -19.63 6.66
CA ALA I 161 36.01 -18.61 5.61
C ALA I 161 35.36 -19.08 4.30
N TYR I 162 35.64 -20.32 3.90
CA TYR I 162 35.07 -20.88 2.67
C TYR I 162 33.55 -20.84 2.71
N SER I 163 32.97 -21.32 3.81
CA SER I 163 31.52 -21.36 3.96
C SER I 163 30.95 -19.96 3.77
N ALA I 164 31.61 -18.95 4.33
CA ALA I 164 31.14 -17.57 4.20
C ALA I 164 31.04 -17.19 2.73
N SER I 165 32.10 -17.43 1.97
CA SER I 165 32.08 -17.08 0.56
C SER I 165 31.01 -17.86 -0.20
N LYS I 166 30.84 -19.15 0.12
CA LYS I 166 29.84 -19.92 -0.61
C LYS I 166 28.42 -19.58 -0.17
N PHE I 167 28.23 -19.08 1.06
CA PHE I 167 26.94 -18.53 1.45
C PHE I 167 26.66 -17.22 0.72
N ALA I 168 27.66 -16.34 0.62
CA ALA I 168 27.49 -15.09 -0.10
C ALA I 168 26.95 -15.33 -1.50
N LEU I 169 27.46 -16.37 -2.18
CA LEU I 169 26.94 -16.73 -3.49
C LEU I 169 25.44 -17.00 -3.44
N ASP I 170 25.00 -17.77 -2.45
CA ASP I 170 23.59 -18.11 -2.36
C ASP I 170 22.76 -16.86 -2.23
N GLY I 171 23.08 -16.00 -1.27
CA GLY I 171 22.30 -14.78 -1.11
C GLY I 171 22.31 -13.93 -2.37
N PHE I 172 23.49 -13.75 -2.96
CA PHE I 172 23.64 -12.82 -4.09
C PHE I 172 23.00 -13.38 -5.35
N PHE I 173 23.43 -14.55 -5.79
CA PHE I 173 22.91 -15.03 -7.06
C PHE I 173 21.44 -15.43 -6.97
N SER I 174 20.96 -15.87 -5.80
CA SER I 174 19.55 -16.19 -5.61
C SER I 174 18.68 -14.94 -5.59
N SER I 175 19.23 -13.83 -5.08
CA SER I 175 18.53 -12.54 -5.12
C SER I 175 18.52 -11.97 -6.53
N ILE I 176 19.69 -11.85 -7.15
CA ILE I 176 19.74 -11.40 -8.55
C ILE I 176 18.75 -12.19 -9.39
N ARG I 177 18.64 -13.49 -9.15
CA ARG I 177 17.71 -14.31 -9.92
C ARG I 177 16.28 -13.79 -9.77
N LYS I 178 15.87 -13.44 -8.55
CA LYS I 178 14.55 -12.87 -8.38
C LYS I 178 14.46 -11.51 -9.09
N GLU I 179 15.52 -10.71 -9.01
CA GLU I 179 15.51 -9.44 -9.76
C GLU I 179 15.34 -9.68 -11.25
N TYR I 180 16.06 -10.65 -11.81
CA TYR I 180 15.90 -10.92 -13.24
C TYR I 180 14.46 -11.32 -13.57
N SER I 181 13.78 -12.01 -12.65
CA SER I 181 12.44 -12.51 -12.92
C SER I 181 11.49 -11.38 -13.30
N VAL I 182 11.42 -10.34 -12.47
CA VAL I 182 10.48 -9.28 -12.78
C VAL I 182 11.06 -8.28 -13.76
N SER I 183 12.37 -8.29 -13.97
CA SER I 183 12.93 -7.55 -15.09
C SER I 183 12.67 -8.36 -16.36
N ARG I 184 13.29 -7.95 -17.46
CA ARG I 184 13.11 -8.68 -18.71
C ARG I 184 14.31 -9.56 -19.05
N VAL I 185 15.08 -9.96 -18.04
CA VAL I 185 16.38 -10.59 -18.25
C VAL I 185 16.17 -12.10 -18.30
N ASN I 186 16.39 -12.69 -19.49
CA ASN I 186 16.16 -14.10 -19.77
C ASN I 186 17.41 -14.97 -19.56
N VAL I 187 18.29 -14.57 -18.66
CA VAL I 187 19.51 -15.31 -18.35
C VAL I 187 19.24 -16.21 -17.15
N SER I 188 19.48 -17.52 -17.29
CA SER I 188 19.22 -18.39 -16.15
C SER I 188 20.39 -18.39 -15.17
N ILE I 189 20.14 -18.83 -13.95
CA ILE I 189 21.14 -18.86 -12.89
C ILE I 189 21.11 -20.24 -12.24
N THR I 190 22.12 -21.05 -12.50
CA THR I 190 22.20 -22.41 -11.98
C THR I 190 23.21 -22.50 -10.84
N LEU I 191 22.73 -22.75 -9.63
CA LEU I 191 23.56 -22.89 -8.46
C LEU I 191 23.71 -24.37 -8.13
N CYS I 192 24.95 -24.85 -8.08
CA CYS I 192 25.23 -26.25 -7.84
C CYS I 192 25.74 -26.42 -6.41
N VAL I 193 25.08 -27.29 -5.66
CA VAL I 193 25.45 -27.58 -4.28
C VAL I 193 26.04 -28.99 -4.29
N LEU I 194 27.36 -29.08 -4.34
CA LEU I 194 28.09 -30.32 -4.48
C LEU I 194 28.46 -30.94 -3.14
N GLY I 195 28.40 -32.26 -3.08
CA GLY I 195 29.01 -32.98 -1.97
C GLY I 195 30.50 -33.14 -2.18
N LEU I 196 31.08 -34.11 -1.47
CA LEU I 196 32.51 -34.34 -1.65
C LEU I 196 32.78 -34.90 -3.03
N ILE I 197 33.72 -34.31 -3.74
CA ILE I 197 34.07 -34.74 -5.09
C ILE I 197 35.55 -35.11 -5.09
N ASP I 198 35.86 -36.27 -5.68
CA ASP I 198 37.19 -36.85 -5.58
C ASP I 198 38.18 -36.16 -6.50
N THR I 199 38.28 -34.84 -6.40
CA THR I 199 39.32 -34.21 -7.17
C THR I 199 40.65 -34.40 -6.47
N GLU I 200 41.73 -34.18 -7.21
CA GLU I 200 43.06 -34.34 -6.63
C GLU I 200 43.17 -33.49 -5.37
N THR I 201 42.95 -32.18 -5.52
CA THR I 201 43.16 -31.26 -4.41
C THR I 201 42.20 -31.56 -3.26
N ALA I 202 40.94 -31.88 -3.59
CA ALA I 202 39.90 -32.09 -2.59
C ALA I 202 40.20 -33.27 -1.68
N MET I 203 40.52 -34.43 -2.27
CA MET I 203 40.78 -35.62 -1.45
C MET I 203 41.98 -35.40 -0.54
N LYS I 204 43.05 -34.77 -1.06
CA LYS I 204 44.21 -34.51 -0.22
C LYS I 204 43.84 -33.67 0.99
N ALA I 205 42.99 -32.66 0.81
CA ALA I 205 42.73 -31.75 1.91
C ALA I 205 41.83 -32.37 2.99
N VAL I 206 41.05 -33.41 2.68
CA VAL I 206 40.16 -34.01 3.68
C VAL I 206 40.65 -35.34 4.19
N SER I 207 41.77 -35.86 3.68
CA SER I 207 42.13 -37.26 3.86
C SER I 207 42.21 -37.65 5.34
N GLY I 208 41.58 -38.78 5.69
CA GLY I 208 41.60 -39.31 7.05
C GLY I 208 40.99 -38.43 8.13
N ILE I 209 40.61 -37.21 7.74
CA ILE I 209 39.61 -36.40 8.41
C ILE I 209 38.31 -36.58 7.63
N VAL I 210 37.17 -36.30 8.27
CA VAL I 210 35.91 -36.35 7.51
C VAL I 210 35.51 -37.75 7.05
N HIS I 211 34.54 -38.33 7.73
CA HIS I 211 33.96 -39.62 7.34
C HIS I 211 32.83 -39.32 6.34
N MET I 212 33.15 -39.27 5.04
CA MET I 212 32.16 -39.05 3.97
C MET I 212 32.64 -39.67 2.66
N GLN I 213 31.74 -40.42 1.97
CA GLN I 213 32.08 -41.15 0.73
C GLN I 213 31.98 -40.26 -0.49
N ALA I 214 33.10 -39.64 -0.87
CA ALA I 214 33.17 -38.84 -2.09
C ALA I 214 32.52 -39.53 -3.28
N ALA I 215 32.01 -38.73 -4.20
CA ALA I 215 31.44 -39.18 -5.46
C ALA I 215 32.31 -38.72 -6.63
N PRO I 216 32.20 -39.39 -7.78
CA PRO I 216 33.20 -39.22 -8.84
C PRO I 216 33.22 -37.84 -9.49
N LYS I 217 34.42 -37.36 -9.78
CA LYS I 217 34.60 -36.06 -10.41
C LYS I 217 34.12 -36.02 -11.87
N GLU I 218 34.24 -37.13 -12.60
CA GLU I 218 33.79 -37.11 -14.00
C GLU I 218 32.28 -36.89 -14.09
N GLU I 219 31.50 -37.72 -13.38
CA GLU I 219 30.04 -37.61 -13.50
C GLU I 219 29.56 -36.27 -12.99
N CYS I 220 30.15 -35.77 -11.91
CA CYS I 220 29.79 -34.46 -11.39
C CYS I 220 29.93 -33.41 -12.46
N ALA I 221 31.08 -33.36 -13.12
CA ALA I 221 31.28 -32.37 -14.16
C ALA I 221 30.13 -32.41 -15.16
N LEU I 222 29.66 -33.62 -15.49
CA LEU I 222 28.53 -33.72 -16.41
C LEU I 222 27.25 -33.24 -15.75
N GLU I 223 26.97 -33.73 -14.56
CA GLU I 223 25.71 -33.38 -13.90
C GLU I 223 25.56 -31.87 -13.75
N ILE I 224 26.67 -31.15 -13.65
CA ILE I 224 26.59 -29.69 -13.65
C ILE I 224 26.07 -29.19 -14.98
N ILE I 225 26.75 -29.56 -16.07
CA ILE I 225 26.33 -29.07 -17.39
C ILE I 225 24.88 -29.44 -17.66
N LYS I 226 24.47 -30.64 -17.26
CA LYS I 226 23.07 -31.02 -17.43
C LYS I 226 22.15 -30.01 -16.77
N GLY I 227 22.52 -29.50 -15.60
CA GLY I 227 21.67 -28.52 -14.93
C GLY I 227 21.55 -27.19 -15.65
N GLY I 228 22.69 -26.60 -16.03
CA GLY I 228 22.68 -25.34 -16.75
C GLY I 228 22.08 -25.47 -18.13
N ALA I 229 22.28 -26.64 -18.76
CA ALA I 229 21.65 -26.92 -20.05
C ALA I 229 20.13 -26.89 -19.93
N LEU I 230 19.59 -27.55 -18.90
CA LEU I 230 18.17 -27.54 -18.68
C LEU I 230 17.67 -26.28 -17.99
N ARG I 231 18.49 -25.24 -17.85
CA ARG I 231 18.09 -24.01 -17.16
C ARG I 231 17.49 -24.32 -15.78
N GLN I 232 18.15 -25.23 -15.05
CA GLN I 232 17.77 -25.55 -13.68
C GLN I 232 18.18 -24.47 -12.69
N GLU I 233 17.32 -24.23 -11.69
CA GLU I 233 17.62 -23.20 -10.69
C GLU I 233 18.87 -23.55 -9.86
N GLU I 234 18.89 -24.76 -9.30
CA GLU I 234 20.07 -25.25 -8.58
C GLU I 234 20.10 -26.77 -8.72
N VAL I 235 21.27 -27.36 -8.45
CA VAL I 235 21.47 -28.80 -8.63
C VAL I 235 22.28 -29.37 -7.48
N TYR I 236 21.92 -30.58 -7.04
CA TYR I 236 22.51 -31.22 -5.87
C TYR I 236 23.14 -32.56 -6.24
N TYR I 237 24.46 -32.68 -6.08
CA TYR I 237 25.20 -33.85 -6.54
C TYR I 237 25.37 -34.87 -5.42
N ASP I 238 24.84 -36.07 -5.67
CA ASP I 238 24.78 -37.22 -4.76
C ASP I 238 24.23 -36.84 -3.37
N SER I 239 22.98 -36.38 -3.38
CA SER I 239 22.20 -36.35 -2.15
C SER I 239 21.99 -37.74 -1.58
N SER I 240 22.18 -38.78 -2.39
CA SER I 240 22.10 -40.14 -1.90
C SER I 240 23.05 -40.36 -0.74
N LEU I 241 24.02 -39.46 -0.58
CA LEU I 241 25.05 -39.55 0.44
C LEU I 241 24.81 -38.60 1.63
N TRP I 242 23.57 -38.13 1.84
CA TRP I 242 23.28 -37.13 2.87
C TRP I 242 22.11 -37.48 3.78
N THR I 243 22.21 -36.97 5.01
CA THR I 243 21.27 -37.23 6.09
C THR I 243 20.68 -35.93 6.64
N GLU J 5 14.69 -18.86 31.63
CA GLU J 5 13.90 -17.63 31.52
C GLU J 5 14.75 -16.37 31.72
N PHE J 6 14.37 -15.29 31.05
CA PHE J 6 15.12 -14.05 31.18
C PHE J 6 14.75 -13.29 32.45
N ARG J 7 15.75 -12.69 33.07
CA ARG J 7 15.60 -11.86 34.23
C ARG J 7 16.46 -10.63 33.95
N PRO J 8 15.89 -9.41 34.02
CA PRO J 8 16.65 -8.21 33.62
C PRO J 8 17.99 -8.04 34.32
N GLU J 9 18.17 -8.74 35.43
CA GLU J 9 19.39 -8.68 36.23
C GLU J 9 20.57 -9.43 35.63
N MET J 10 20.33 -10.37 34.70
CA MET J 10 21.41 -11.12 34.08
C MET J 10 22.43 -10.20 33.43
N LEU J 11 21.99 -9.04 32.97
CA LEU J 11 22.89 -8.04 32.40
C LEU J 11 23.50 -7.13 33.46
N GLN J 12 23.01 -7.18 34.69
CA GLN J 12 23.52 -6.28 35.71
C GLN J 12 25.03 -6.43 35.83
N GLY J 13 25.74 -5.32 35.65
CA GLY J 13 27.19 -5.30 35.77
C GLY J 13 27.95 -5.81 34.56
N LYS J 14 27.27 -6.47 33.61
CA LYS J 14 27.98 -7.07 32.49
C LYS J 14 28.59 -5.99 31.60
N LYS J 15 29.78 -6.27 31.06
CA LYS J 15 30.47 -5.31 30.19
C LYS J 15 30.12 -5.66 28.75
N VAL J 16 29.34 -4.80 28.08
CA VAL J 16 28.78 -5.12 26.77
C VAL J 16 29.23 -4.06 25.76
N ILE J 17 29.44 -4.50 24.51
CA ILE J 17 29.76 -3.60 23.39
C ILE J 17 28.63 -3.65 22.38
N VAL J 18 28.24 -2.47 21.88
CA VAL J 18 27.21 -2.34 20.86
C VAL J 18 27.72 -1.45 19.72
N THR J 19 27.84 -2.02 18.52
CA THR J 19 28.23 -1.24 17.35
C THR J 19 26.97 -0.71 16.68
N GLY J 20 27.16 0.38 15.94
CA GLY J 20 26.03 1.07 15.34
C GLY J 20 24.97 1.46 16.35
N ALA J 21 25.38 1.94 17.52
CA ALA J 21 24.47 2.24 18.61
C ALA J 21 24.06 3.72 18.62
N SER J 22 24.57 4.52 17.68
CA SER J 22 24.25 5.95 17.61
C SER J 22 22.79 6.22 17.23
N LYS J 23 22.10 5.24 16.63
CA LYS J 23 20.71 5.43 16.22
C LYS J 23 20.03 4.07 16.07
N GLY J 24 18.74 4.10 15.77
CA GLY J 24 18.03 2.91 15.39
C GLY J 24 18.03 1.85 16.48
N ILE J 25 18.07 0.60 16.02
CA ILE J 25 18.11 -0.55 16.92
C ILE J 25 19.39 -0.56 17.73
N GLY J 26 20.50 -0.12 17.12
CA GLY J 26 21.74 -0.08 17.88
C GLY J 26 21.63 0.80 19.09
N ARG J 27 21.03 1.98 18.94
CA ARG J 27 20.81 2.86 20.09
C ARG J 27 19.83 2.24 21.07
N GLU J 28 18.74 1.67 20.57
CA GLU J 28 17.69 1.16 21.43
C GLU J 28 18.25 0.12 22.40
N MET J 29 19.10 -0.78 21.90
CA MET J 29 19.77 -1.77 22.75
C MET J 29 20.66 -1.10 23.78
N ALA J 30 21.38 -0.05 23.36
CA ALA J 30 22.22 0.66 24.32
C ALA J 30 21.39 1.16 25.49
N TYR J 31 20.21 1.73 25.22
CA TYR J 31 19.37 2.21 26.31
C TYR J 31 18.85 1.05 27.17
N HIS J 32 18.41 -0.06 26.56
CA HIS J 32 17.99 -1.20 27.35
C HIS J 32 19.10 -1.67 28.29
N LEU J 33 20.33 -1.77 27.79
CA LEU J 33 21.44 -2.23 28.61
C LEU J 33 21.62 -1.33 29.83
N ALA J 34 21.38 -0.02 29.66
CA ALA J 34 21.44 0.94 30.76
C ALA J 34 20.31 0.69 31.77
N LYS J 35 19.08 0.52 31.28
CA LYS J 35 17.95 0.25 32.16
C LYS J 35 18.21 -0.96 33.04
N MET J 36 19.03 -1.91 32.55
CA MET J 36 19.44 -3.12 33.26
C MET J 36 20.73 -2.96 34.07
N GLY J 37 21.32 -1.77 34.11
CA GLY J 37 22.48 -1.53 34.93
C GLY J 37 23.73 -2.21 34.44
N ALA J 38 23.99 -2.19 33.14
CA ALA J 38 25.18 -2.78 32.56
C ALA J 38 26.22 -1.71 32.28
N HIS J 39 27.45 -2.16 32.01
CA HIS J 39 28.50 -1.29 31.50
C HIS J 39 28.40 -1.32 29.98
N VAL J 40 28.42 -0.14 29.34
CA VAL J 40 28.23 -0.05 27.90
C VAL J 40 29.36 0.77 27.28
N VAL J 41 29.83 0.31 26.12
CA VAL J 41 30.75 1.05 25.26
C VAL J 41 30.14 0.98 23.88
N VAL J 42 29.62 2.10 23.38
CA VAL J 42 28.94 2.17 22.10
C VAL J 42 29.87 2.75 21.06
N THR J 43 29.71 2.31 19.82
CA THR J 43 30.49 2.85 18.72
C THR J 43 29.60 3.17 17.53
N ALA J 44 30.04 4.14 16.75
CA ALA J 44 29.40 4.58 15.52
C ALA J 44 30.35 5.61 14.89
N ARG J 45 29.90 6.27 13.81
CA ARG J 45 30.71 7.33 13.23
C ARG J 45 30.44 8.71 13.83
N SER J 46 29.18 9.04 14.09
CA SER J 46 28.75 10.37 14.51
C SER J 46 29.18 10.63 15.96
N LYS J 47 30.28 11.36 16.12
CA LYS J 47 30.76 11.68 17.46
C LYS J 47 29.66 12.34 18.29
N GLU J 48 29.02 13.35 17.71
CA GLU J 48 27.98 14.07 18.43
C GLU J 48 26.85 13.13 18.86
N THR J 49 26.21 12.46 17.90
CA THR J 49 25.03 11.66 18.23
C THR J 49 25.37 10.59 19.25
N LEU J 50 26.55 9.97 19.10
CA LEU J 50 27.00 9.01 20.10
C LEU J 50 27.05 9.65 21.47
N GLN J 51 27.63 10.85 21.55
CA GLN J 51 27.76 11.53 22.84
C GLN J 51 26.41 11.68 23.54
N LYS J 52 25.37 12.02 22.78
CA LYS J 52 24.04 12.12 23.39
C LYS J 52 23.56 10.76 23.86
N VAL J 53 23.89 9.70 23.14
CA VAL J 53 23.49 8.36 23.56
C VAL J 53 24.22 7.99 24.86
N VAL J 54 25.49 8.37 24.95
CA VAL J 54 26.27 8.12 26.17
C VAL J 54 25.58 8.75 27.37
N SER J 55 25.19 10.01 27.23
CA SER J 55 24.58 10.75 28.34
C SER J 55 23.26 10.13 28.77
N HIS J 56 22.34 9.91 27.82
CA HIS J 56 21.07 9.31 28.21
C HIS J 56 21.27 7.91 28.77
N CYS J 57 22.37 7.25 28.41
CA CYS J 57 22.68 5.96 29.02
C CYS J 57 23.08 6.14 30.47
N LEU J 58 23.90 7.15 30.77
CA LEU J 58 24.19 7.49 32.17
C LEU J 58 22.90 7.79 32.92
N GLU J 59 22.04 8.62 32.30
CA GLU J 59 20.76 8.98 32.91
C GLU J 59 19.86 7.76 33.14
N LEU J 60 19.85 6.81 32.21
CA LEU J 60 18.92 5.69 32.38
C LEU J 60 19.35 4.75 33.51
N GLY J 61 20.57 4.88 34.01
CA GLY J 61 21.09 4.00 35.03
C GLY J 61 22.21 3.07 34.59
N ALA J 62 22.86 3.35 33.47
CA ALA J 62 23.96 2.52 33.02
C ALA J 62 25.08 2.51 34.05
N ALA J 63 25.78 1.38 34.14
CA ALA J 63 26.91 1.32 35.06
C ALA J 63 28.11 2.13 34.56
N SER J 64 28.43 2.06 33.26
CA SER J 64 29.62 2.73 32.74
C SER J 64 29.31 3.78 31.68
N ALA J 65 28.71 3.40 30.54
CA ALA J 65 28.25 4.33 29.50
C ALA J 65 29.38 5.22 28.97
N HIS J 66 30.29 4.61 28.21
CA HIS J 66 31.31 5.33 27.45
C HIS J 66 31.06 5.23 25.95
N TYR J 67 31.88 5.91 25.15
CA TYR J 67 31.76 5.80 23.70
C TYR J 67 33.12 5.95 23.01
N ILE J 68 33.22 5.36 21.81
CA ILE J 68 34.36 5.53 20.89
C ILE J 68 33.80 5.69 19.49
N ALA J 69 34.30 6.65 18.74
CA ALA J 69 33.78 6.94 17.41
C ALA J 69 34.78 6.57 16.31
N GLY J 70 34.25 6.08 15.20
CA GLY J 70 35.03 5.68 14.05
C GLY J 70 34.23 4.81 13.12
N THR J 71 34.72 4.70 11.89
CA THR J 71 34.05 3.94 10.84
C THR J 71 34.54 2.49 10.82
N MET J 72 33.58 1.55 10.69
CA MET J 72 33.85 0.12 10.54
C MET J 72 34.35 -0.23 9.21
N GLU J 73 34.64 0.76 8.38
CA GLU J 73 35.40 0.53 7.16
C GLU J 73 36.88 0.32 7.44
N ASP J 74 37.39 1.00 8.46
CA ASP J 74 38.82 0.94 8.75
C ASP J 74 39.04 -0.26 9.66
N MET J 75 39.51 -1.37 9.09
CA MET J 75 39.70 -2.55 9.93
C MET J 75 40.63 -2.26 11.10
N THR J 76 41.61 -1.35 10.91
CA THR J 76 42.52 -1.01 11.99
C THR J 76 41.76 -0.39 13.14
N PHE J 77 40.79 0.47 12.84
CA PHE J 77 39.95 1.03 13.89
C PHE J 77 39.17 -0.06 14.60
N ALA J 78 38.51 -0.94 13.83
CA ALA J 78 37.73 -1.99 14.46
C ALA J 78 38.58 -2.71 15.48
N GLU J 79 39.81 -3.05 15.10
CA GLU J 79 40.76 -3.69 16.01
C GLU J 79 41.07 -2.79 17.20
N GLN J 80 41.56 -1.58 16.91
CA GLN J 80 41.96 -0.66 17.97
C GLN J 80 40.80 -0.36 18.90
N PHE J 81 39.58 -0.33 18.35
CA PHE J 81 38.40 -0.03 19.14
C PHE J 81 38.21 -1.04 20.27
N VAL J 82 38.34 -2.32 19.98
CA VAL J 82 38.08 -3.33 21.01
C VAL J 82 39.10 -3.21 22.13
N ALA J 83 40.36 -2.94 21.79
CA ALA J 83 41.38 -2.76 22.81
C ALA J 83 41.01 -1.62 23.75
N GLN J 84 40.79 -0.43 23.19
CA GLN J 84 40.39 0.72 23.99
C GLN J 84 39.08 0.43 24.72
N ALA J 85 38.09 -0.09 24.00
CA ALA J 85 36.79 -0.40 24.59
C ALA J 85 36.92 -1.44 25.68
N GLY J 86 37.89 -2.36 25.54
CA GLY J 86 38.13 -3.37 26.57
C GLY J 86 38.79 -2.82 27.84
N LYS J 87 39.77 -1.91 27.68
CA LYS J 87 40.35 -1.24 28.83
C LYS J 87 39.27 -0.51 29.61
N LEU J 88 38.45 0.26 28.91
CA LEU J 88 37.45 1.07 29.57
C LEU J 88 36.58 0.21 30.50
N MET J 89 36.15 -0.96 30.05
CA MET J 89 35.22 -1.73 30.87
C MET J 89 35.93 -2.72 31.77
N GLY J 90 37.23 -2.87 31.64
CA GLY J 90 37.88 -3.90 32.43
C GLY J 90 37.36 -5.28 32.09
N GLY J 91 37.30 -5.59 30.80
CA GLY J 91 36.88 -6.89 30.33
C GLY J 91 35.81 -6.78 29.26
N LEU J 92 35.31 -7.93 28.84
CA LEU J 92 34.23 -7.99 27.87
C LEU J 92 33.39 -9.19 28.20
N ASP J 93 32.08 -8.98 28.28
CA ASP J 93 31.12 -10.06 28.46
C ASP J 93 30.30 -10.37 27.22
N MET J 94 29.90 -9.35 26.46
CA MET J 94 29.01 -9.49 25.33
C MET J 94 29.47 -8.60 24.20
N LEU J 95 29.45 -9.14 22.99
CA LEU J 95 29.86 -8.40 21.81
C LEU J 95 28.65 -8.34 20.87
N ILE J 96 27.97 -7.20 20.83
CA ILE J 96 26.78 -7.04 20.02
C ILE J 96 27.22 -6.37 18.73
N LEU J 97 27.35 -7.17 17.67
CA LEU J 97 27.74 -6.68 16.36
C LEU J 97 26.47 -6.31 15.60
N ASN J 98 26.31 -5.01 15.35
CA ASN J 98 25.03 -4.50 14.85
C ASN J 98 25.14 -3.51 13.70
N HIS J 99 26.25 -2.81 13.51
CA HIS J 99 26.33 -1.80 12.46
C HIS J 99 26.22 -2.45 11.09
N ILE J 100 25.68 -1.70 10.12
CA ILE J 100 25.72 -2.10 8.71
C ILE J 100 25.90 -0.85 7.86
N THR J 101 26.56 -1.02 6.72
CA THR J 101 26.73 0.09 5.79
C THR J 101 25.39 0.46 5.18
N ASN J 102 25.25 1.75 4.85
CA ASN J 102 23.99 2.25 4.30
C ASN J 102 23.65 1.53 3.01
N THR J 103 22.41 1.05 2.91
CA THR J 103 21.90 0.32 1.75
C THR J 103 20.51 0.84 1.39
N SER J 104 20.12 0.61 0.12
CA SER J 104 18.77 0.98 -0.33
C SER J 104 18.24 -0.09 -1.29
N LEU J 105 16.91 -0.18 -1.37
CA LEU J 105 16.21 -1.10 -2.27
C LEU J 105 16.51 -0.68 -3.70
N ASN J 106 17.19 -1.52 -4.43
CA ASN J 106 17.63 -1.09 -5.74
C ASN J 106 17.86 -2.34 -6.55
N LEU J 107 17.36 -2.37 -7.78
CA LEU J 107 17.80 -3.44 -8.67
C LEU J 107 19.30 -3.29 -8.92
N PHE J 108 20.00 -4.42 -8.93
CA PHE J 108 21.46 -4.43 -9.08
C PHE J 108 21.82 -4.37 -10.55
N HIS J 109 22.67 -3.42 -10.93
CA HIS J 109 23.20 -3.42 -12.29
C HIS J 109 24.72 -3.67 -12.29
N ASP J 110 25.51 -2.75 -11.76
CA ASP J 110 26.93 -3.04 -11.72
C ASP J 110 27.60 -2.43 -10.50
N ASP J 111 26.85 -2.26 -9.40
CA ASP J 111 27.42 -1.58 -8.24
C ASP J 111 28.36 -2.55 -7.52
N ILE J 112 29.48 -2.85 -8.18
CA ILE J 112 30.49 -3.67 -7.54
C ILE J 112 30.99 -2.97 -6.29
N HIS J 113 31.12 -1.64 -6.37
CA HIS J 113 31.59 -0.88 -5.22
C HIS J 113 30.73 -1.16 -3.99
N HIS J 114 29.41 -1.14 -4.16
CA HIS J 114 28.53 -1.43 -3.04
C HIS J 114 28.65 -2.89 -2.60
N VAL J 115 28.75 -3.83 -3.54
CA VAL J 115 28.94 -5.22 -3.17
C VAL J 115 30.21 -5.38 -2.33
N ARG J 116 31.29 -4.71 -2.76
CA ARG J 116 32.56 -4.73 -2.02
C ARG J 116 32.43 -4.00 -0.69
N LYS J 117 31.90 -2.78 -0.73
CA LYS J 117 31.70 -2.03 0.51
C LYS J 117 30.76 -2.77 1.46
N SER J 118 29.69 -3.37 0.93
CA SER J 118 28.76 -4.12 1.76
C SER J 118 29.45 -5.28 2.46
N MET J 119 30.23 -6.09 1.72
CA MET J 119 30.90 -7.23 2.38
C MET J 119 31.86 -6.74 3.44
N GLU J 120 32.51 -5.63 3.17
CA GLU J 120 33.55 -5.10 4.04
C GLU J 120 32.95 -4.70 5.38
N VAL J 121 31.90 -3.89 5.36
CA VAL J 121 31.35 -3.33 6.58
C VAL J 121 30.33 -4.25 7.23
N ASN J 122 29.48 -4.89 6.44
CA ASN J 122 28.45 -5.71 7.05
C ASN J 122 28.99 -7.03 7.57
N PHE J 123 30.09 -7.54 6.97
CA PHE J 123 30.65 -8.84 7.32
C PHE J 123 32.08 -8.77 7.84
N LEU J 124 33.03 -8.23 7.06
CA LEU J 124 34.45 -8.30 7.41
C LEU J 124 34.72 -7.68 8.78
N SER J 125 34.25 -6.46 9.01
CA SER J 125 34.53 -5.85 10.30
C SER J 125 34.01 -6.71 11.45
N TYR J 126 32.93 -7.47 11.23
CA TYR J 126 32.43 -8.34 12.30
C TYR J 126 33.46 -9.40 12.68
N VAL J 127 34.07 -10.04 11.68
CA VAL J 127 35.11 -11.06 11.95
C VAL J 127 36.27 -10.41 12.69
N VAL J 128 36.77 -9.29 12.16
CA VAL J 128 37.84 -8.56 12.81
C VAL J 128 37.44 -8.20 14.24
N LEU J 129 36.25 -7.63 14.39
CA LEU J 129 35.77 -7.31 15.72
C LEU J 129 35.67 -8.57 16.57
N THR J 130 35.15 -9.66 16.00
CA THR J 130 35.07 -10.90 16.77
C THR J 130 36.47 -11.38 17.17
N VAL J 131 37.45 -11.32 16.26
CA VAL J 131 38.79 -11.77 16.62
C VAL J 131 39.32 -10.98 17.80
N ALA J 132 39.07 -9.67 17.81
CA ALA J 132 39.59 -8.83 18.89
C ALA J 132 39.04 -9.26 20.25
N ALA J 133 37.75 -9.58 20.32
CA ALA J 133 37.11 -9.85 21.59
C ALA J 133 37.29 -11.28 22.08
N LEU J 134 37.80 -12.20 21.25
CA LEU J 134 37.81 -13.61 21.64
C LEU J 134 38.53 -13.85 22.94
N PRO J 135 39.78 -13.41 23.14
CA PRO J 135 40.45 -13.63 24.44
C PRO J 135 39.61 -13.15 25.61
N MET J 136 39.21 -11.87 25.58
CA MET J 136 38.38 -11.32 26.63
C MET J 136 37.09 -12.10 26.80
N LEU J 137 36.51 -12.52 25.67
CA LEU J 137 35.27 -13.28 25.69
C LEU J 137 35.50 -14.70 26.17
N LYS J 138 36.64 -15.30 25.80
CA LYS J 138 37.01 -16.59 26.38
C LYS J 138 37.18 -16.46 27.88
N GLN J 139 37.86 -15.39 28.32
CA GLN J 139 38.15 -15.15 29.73
C GLN J 139 36.90 -14.90 30.56
N SER J 140 35.78 -14.60 29.91
CA SER J 140 34.55 -14.29 30.61
C SER J 140 33.43 -15.26 30.29
N ASN J 141 33.72 -16.28 29.48
CA ASN J 141 32.70 -17.22 29.04
C ASN J 141 31.47 -16.50 28.50
N GLY J 142 31.74 -15.45 27.74
CA GLY J 142 30.72 -14.52 27.26
C GLY J 142 29.85 -15.05 26.12
N SER J 143 29.37 -14.11 25.32
CA SER J 143 28.47 -14.38 24.22
C SER J 143 28.81 -13.42 23.09
N ILE J 144 28.62 -13.86 21.85
CA ILE J 144 28.72 -13.02 20.67
C ILE J 144 27.33 -12.93 20.04
N VAL J 145 26.93 -11.72 19.64
CA VAL J 145 25.64 -11.50 18.98
C VAL J 145 25.83 -10.80 17.62
N VAL J 146 25.36 -11.45 16.56
CA VAL J 146 25.41 -10.94 15.20
C VAL J 146 23.99 -10.60 14.79
N VAL J 147 23.74 -9.33 14.48
CA VAL J 147 22.41 -8.87 14.12
C VAL J 147 22.29 -8.93 12.60
N SER J 148 21.48 -9.85 12.11
CA SER J 148 21.30 -10.03 10.67
C SER J 148 19.86 -9.72 10.30
N SER J 149 19.55 -9.99 9.05
CA SER J 149 18.27 -9.67 8.46
C SER J 149 17.58 -10.97 8.07
N LEU J 150 16.29 -10.86 7.80
CA LEU J 150 15.60 -11.98 7.17
C LEU J 150 16.19 -12.27 5.79
N ALA J 151 16.83 -11.26 5.17
CA ALA J 151 17.53 -11.39 3.89
C ALA J 151 18.86 -12.16 3.98
N GLY J 152 19.34 -12.47 5.18
CA GLY J 152 20.44 -13.38 5.45
C GLY J 152 20.03 -14.83 5.60
N LYS J 153 18.75 -15.14 5.35
CA LYS J 153 18.23 -16.50 5.35
C LYS J 153 17.50 -16.79 4.04
N VAL J 154 16.95 -15.74 3.41
CA VAL J 154 16.20 -15.85 2.16
C VAL J 154 16.59 -14.70 1.25
N ALA J 155 16.84 -15.00 -0.02
CA ALA J 155 17.23 -13.96 -0.99
C ALA J 155 16.01 -13.17 -1.46
N TYR J 156 16.12 -11.85 -1.43
CA TYR J 156 15.00 -11.03 -1.89
C TYR J 156 15.47 -10.04 -2.94
N PRO J 157 14.61 -9.68 -3.90
CA PRO J 157 15.03 -8.76 -4.96
C PRO J 157 15.31 -7.37 -4.39
N MET J 158 16.21 -6.66 -5.07
CA MET J 158 16.59 -5.28 -4.76
C MET J 158 17.50 -5.18 -3.54
N VAL J 159 17.91 -6.31 -2.93
CA VAL J 159 18.85 -6.31 -1.82
C VAL J 159 20.01 -7.27 -1.99
N ALA J 160 20.42 -7.52 -3.25
CA ALA J 160 21.38 -8.59 -3.56
C ALA J 160 22.70 -8.43 -2.80
N ALA J 161 23.37 -7.28 -2.91
CA ALA J 161 24.64 -7.13 -2.20
C ALA J 161 24.43 -7.30 -0.70
N TYR J 162 23.37 -6.69 -0.15
CA TYR J 162 23.07 -6.81 1.26
C TYR J 162 22.80 -8.26 1.66
N SER J 163 21.96 -8.98 0.89
CA SER J 163 21.72 -10.39 1.23
C SER J 163 23.02 -11.19 1.26
N ALA J 164 23.92 -10.93 0.31
CA ALA J 164 25.19 -11.66 0.27
C ALA J 164 25.98 -11.43 1.55
N SER J 165 26.12 -10.19 1.99
CA SER J 165 26.88 -9.96 3.21
C SER J 165 26.21 -10.64 4.42
N LYS J 166 24.87 -10.56 4.51
CA LYS J 166 24.18 -11.17 5.65
C LYS J 166 24.09 -12.66 5.48
N PHE J 167 24.21 -13.17 4.26
CA PHE J 167 24.38 -14.61 4.12
C PHE J 167 25.74 -15.06 4.66
N ALA J 168 26.82 -14.34 4.29
CA ALA J 168 28.16 -14.70 4.77
C ALA J 168 28.20 -14.80 6.29
N LEU J 169 27.59 -13.84 6.99
CA LEU J 169 27.56 -13.93 8.44
C LEU J 169 27.02 -15.29 8.90
N ASP J 170 25.90 -15.74 8.33
CA ASP J 170 25.35 -17.02 8.72
C ASP J 170 26.36 -18.14 8.46
N GLY J 171 26.92 -18.18 7.25
CA GLY J 171 27.89 -19.21 6.92
C GLY J 171 29.11 -19.21 7.83
N PHE J 172 29.64 -18.02 8.12
CA PHE J 172 30.87 -17.92 8.90
C PHE J 172 30.62 -18.18 10.38
N PHE J 173 29.80 -17.37 11.03
CA PHE J 173 29.63 -17.49 12.47
C PHE J 173 28.95 -18.80 12.87
N SER J 174 28.17 -19.38 11.97
CA SER J 174 27.59 -20.68 12.26
C SER J 174 28.65 -21.77 12.23
N SER J 175 29.69 -21.59 11.39
CA SER J 175 30.81 -22.52 11.39
C SER J 175 31.66 -22.31 12.63
N ILE J 176 32.07 -21.07 12.89
CA ILE J 176 32.80 -20.77 14.12
C ILE J 176 32.08 -21.37 15.32
N ARG J 177 30.74 -21.32 15.35
CA ARG J 177 29.98 -21.92 16.45
C ARG J 177 30.26 -23.43 16.54
N LYS J 178 30.22 -24.14 15.40
CA LYS J 178 30.54 -25.57 15.42
C LYS J 178 32.00 -25.83 15.79
N GLU J 179 32.92 -25.02 15.24
CA GLU J 179 34.33 -25.15 15.60
C GLU J 179 34.53 -24.95 17.09
N TYR J 180 33.89 -23.93 17.67
CA TYR J 180 34.03 -23.73 19.11
C TYR J 180 33.55 -24.96 19.88
N SER J 181 32.56 -25.67 19.34
CA SER J 181 31.95 -26.80 20.02
C SER J 181 32.98 -27.88 20.35
N VAL J 182 33.77 -28.28 19.35
CA VAL J 182 34.75 -29.34 19.56
C VAL J 182 36.05 -28.82 20.14
N SER J 183 36.27 -27.50 20.13
CA SER J 183 37.31 -26.90 20.95
C SER J 183 36.84 -26.74 22.39
N ARG J 184 37.56 -25.92 23.17
CA ARG J 184 37.15 -25.66 24.53
C ARG J 184 36.59 -24.25 24.68
N VAL J 185 36.09 -23.67 23.59
CA VAL J 185 35.75 -22.25 23.58
C VAL J 185 34.29 -22.10 24.00
N ASN J 186 34.05 -21.47 25.17
CA ASN J 186 32.72 -21.28 25.74
C ASN J 186 32.08 -19.95 25.39
N VAL J 187 32.40 -19.36 24.23
CA VAL J 187 31.76 -18.13 23.80
C VAL J 187 30.60 -18.53 22.90
N SER J 188 29.39 -18.12 23.27
CA SER J 188 28.24 -18.45 22.46
C SER J 188 28.06 -17.41 21.35
N ILE J 189 27.35 -17.81 20.29
CA ILE J 189 27.16 -16.96 19.13
C ILE J 189 25.68 -16.96 18.78
N THR J 190 25.02 -15.84 19.03
CA THR J 190 23.59 -15.68 18.80
C THR J 190 23.35 -14.87 17.51
N LEU J 191 22.72 -15.51 16.53
CA LEU J 191 22.43 -14.87 15.25
C LEU J 191 20.97 -14.41 15.27
N CYS J 192 20.74 -13.13 15.04
CA CYS J 192 19.39 -12.56 15.08
C CYS J 192 18.88 -12.32 13.67
N VAL J 193 17.74 -12.91 13.35
CA VAL J 193 17.11 -12.83 12.05
C VAL J 193 15.88 -11.92 12.18
N LEU J 194 16.02 -10.65 11.81
CA LEU J 194 14.96 -9.67 11.97
C LEU J 194 14.07 -9.52 10.74
N GLY J 195 12.77 -9.33 10.98
CA GLY J 195 11.85 -8.89 9.95
C GLY J 195 11.92 -7.38 9.77
N LEU J 196 10.87 -6.79 9.17
CA LEU J 196 10.92 -5.34 9.02
C LEU J 196 10.88 -4.71 10.40
N ILE J 197 11.81 -3.80 10.66
CA ILE J 197 11.94 -3.11 11.93
C ILE J 197 11.79 -1.61 11.66
N ASP J 198 10.94 -0.95 12.44
CA ASP J 198 10.55 0.44 12.15
C ASP J 198 11.60 1.45 12.61
N THR J 199 12.84 1.24 12.25
CA THR J 199 13.80 2.27 12.57
C THR J 199 13.67 3.40 11.57
N GLU J 200 14.23 4.55 11.92
CA GLU J 200 14.15 5.69 11.01
C GLU J 200 14.69 5.29 9.63
N THR J 201 15.90 4.77 9.58
CA THR J 201 16.50 4.51 8.27
C THR J 201 15.67 3.51 7.47
N ALA J 202 15.21 2.45 8.13
CA ALA J 202 14.47 1.41 7.42
C ALA J 202 13.17 1.93 6.82
N MET J 203 12.34 2.57 7.64
CA MET J 203 11.04 3.02 7.17
C MET J 203 11.18 4.00 6.02
N LYS J 204 12.15 4.91 6.13
CA LYS J 204 12.49 5.79 5.02
C LYS J 204 12.93 4.98 3.81
N ALA J 205 13.67 3.89 4.05
CA ALA J 205 14.26 3.12 2.96
C ALA J 205 13.24 2.28 2.19
N VAL J 206 12.11 1.90 2.79
CA VAL J 206 11.12 1.06 2.11
C VAL J 206 9.87 1.83 1.72
N SER J 207 9.81 3.13 2.01
CA SER J 207 8.58 3.91 1.96
C SER J 207 7.89 3.78 0.60
N GLY J 208 6.67 3.26 0.63
CA GLY J 208 5.88 3.04 -0.57
C GLY J 208 6.35 1.94 -1.50
N ILE J 209 7.50 1.33 -1.23
CA ILE J 209 8.01 0.26 -2.08
C ILE J 209 7.48 -1.03 -1.45
N VAL J 210 7.05 -1.97 -2.32
CA VAL J 210 6.29 -3.13 -1.86
C VAL J 210 6.86 -3.58 -0.52
N HIS J 211 6.00 -3.69 0.50
CA HIS J 211 6.49 -3.98 1.83
C HIS J 211 5.47 -4.76 2.66
N MET J 212 5.98 -5.33 3.77
CA MET J 212 5.27 -6.02 4.84
C MET J 212 5.17 -5.08 6.05
N GLN J 213 4.69 -5.61 7.16
CA GLN J 213 4.41 -4.79 8.33
C GLN J 213 5.59 -4.73 9.28
N ALA J 214 5.89 -3.54 9.77
CA ALA J 214 7.01 -3.32 10.68
C ALA J 214 6.64 -3.58 12.14
N ALA J 215 7.65 -3.96 12.93
CA ALA J 215 7.59 -4.17 14.38
C ALA J 215 8.50 -3.17 15.09
N PRO J 216 8.25 -2.92 16.38
CA PRO J 216 8.91 -1.79 17.08
C PRO J 216 10.40 -2.00 17.36
N LYS J 217 11.19 -0.95 17.14
CA LYS J 217 12.63 -1.03 17.42
C LYS J 217 12.92 -1.13 18.91
N GLU J 218 12.06 -0.55 19.76
CA GLU J 218 12.26 -0.64 21.21
C GLU J 218 12.17 -2.09 21.69
N GLU J 219 11.08 -2.79 21.34
CA GLU J 219 10.90 -4.19 21.73
C GLU J 219 11.92 -5.10 21.05
N CYS J 220 12.24 -4.83 19.78
CA CYS J 220 13.23 -5.62 19.06
C CYS J 220 14.55 -5.65 19.82
N ALA J 221 15.06 -4.46 20.20
CA ALA J 221 16.34 -4.38 20.89
C ALA J 221 16.39 -5.29 22.12
N LEU J 222 15.28 -5.38 22.87
CA LEU J 222 15.27 -6.27 24.03
C LEU J 222 15.25 -7.72 23.59
N GLU J 223 14.41 -8.08 22.61
CA GLU J 223 14.37 -9.46 22.16
C GLU J 223 15.74 -9.92 21.69
N ILE J 224 16.55 -9.00 21.15
CA ILE J 224 17.94 -9.31 20.81
C ILE J 224 18.75 -9.59 22.07
N ILE J 225 18.75 -8.64 23.01
CA ILE J 225 19.51 -8.78 24.26
C ILE J 225 19.07 -10.03 25.02
N LYS J 226 17.77 -10.31 25.05
CA LYS J 226 17.31 -11.54 25.70
C LYS J 226 18.00 -12.76 25.08
N GLY J 227 18.10 -12.79 23.75
CA GLY J 227 18.73 -13.92 23.08
C GLY J 227 20.18 -14.11 23.47
N GLY J 228 20.96 -13.02 23.48
CA GLY J 228 22.36 -13.12 23.86
C GLY J 228 22.53 -13.50 25.32
N ALA J 229 21.66 -12.97 26.19
CA ALA J 229 21.73 -13.34 27.60
C ALA J 229 21.50 -14.84 27.76
N LEU J 230 20.50 -15.39 27.10
CA LEU J 230 20.24 -16.83 27.21
C LEU J 230 21.19 -17.67 26.38
N ARG J 231 22.23 -17.09 25.77
CA ARG J 231 23.16 -17.86 24.94
C ARG J 231 22.41 -18.75 23.95
N GLN J 232 21.35 -18.20 23.34
CA GLN J 232 20.60 -18.89 22.29
C GLN J 232 21.37 -18.86 20.97
N GLU J 233 21.28 -19.96 20.21
CA GLU J 233 22.02 -19.99 18.95
C GLU J 233 21.53 -18.91 18.01
N GLU J 234 20.21 -18.76 17.86
CA GLU J 234 19.70 -17.66 17.05
C GLU J 234 18.32 -17.22 17.53
N VAL J 235 17.90 -16.03 17.07
CA VAL J 235 16.64 -15.38 17.44
C VAL J 235 15.96 -14.79 16.22
N TYR J 236 14.63 -14.93 16.15
CA TYR J 236 13.81 -14.44 15.04
C TYR J 236 12.81 -13.42 15.59
N TYR J 237 12.90 -12.17 15.12
CA TYR J 237 12.05 -11.14 15.70
C TYR J 237 10.78 -10.95 14.88
N ASP J 238 9.65 -11.18 15.56
CA ASP J 238 8.30 -11.07 15.02
C ASP J 238 8.15 -11.79 13.70
N SER J 239 8.48 -13.08 13.79
CA SER J 239 8.08 -14.09 12.84
C SER J 239 6.57 -14.25 12.80
N SER J 240 5.88 -13.72 13.83
CA SER J 240 4.42 -13.68 13.84
C SER J 240 3.86 -12.92 12.65
N LEU J 241 4.67 -12.10 11.99
CA LEU J 241 4.24 -11.28 10.88
C LEU J 241 4.58 -11.91 9.53
N TRP J 242 4.74 -13.23 9.50
CA TRP J 242 5.11 -13.95 8.28
C TRP J 242 4.17 -15.14 8.07
N THR J 243 3.48 -15.15 6.93
CA THR J 243 2.82 -16.36 6.45
C THR J 243 3.56 -16.82 5.20
N GLU K 5 74.60 -76.65 45.74
CA GLU K 5 73.47 -76.26 46.58
C GLU K 5 72.31 -77.26 46.57
N PHE K 6 72.59 -78.49 46.15
CA PHE K 6 71.60 -79.55 46.21
C PHE K 6 71.53 -80.10 47.64
N ARG K 7 70.35 -80.54 48.04
CA ARG K 7 70.15 -81.10 49.35
C ARG K 7 69.43 -82.44 49.23
N PRO K 8 69.92 -83.50 49.88
CA PRO K 8 69.19 -84.78 49.84
C PRO K 8 67.79 -84.69 50.37
N GLU K 9 67.50 -83.68 51.20
CA GLU K 9 66.16 -83.51 51.76
C GLU K 9 65.17 -83.13 50.69
N MET K 10 65.67 -82.58 49.59
CA MET K 10 64.81 -82.22 48.50
C MET K 10 64.00 -83.42 48.01
N LEU K 11 64.54 -84.61 48.12
CA LEU K 11 63.77 -85.77 47.73
C LEU K 11 62.94 -86.34 48.86
N GLN K 12 63.20 -85.94 50.09
CA GLN K 12 62.48 -86.51 51.22
C GLN K 12 60.99 -86.27 51.12
N GLY K 13 60.22 -87.35 51.19
CA GLY K 13 58.79 -87.31 51.12
C GLY K 13 58.24 -87.23 49.74
N LYS K 14 59.09 -86.98 48.74
CA LYS K 14 58.65 -86.80 47.37
C LYS K 14 58.18 -88.12 46.78
N LYS K 15 57.12 -88.04 45.96
CA LYS K 15 56.55 -89.22 45.31
C LYS K 15 57.15 -89.31 43.91
N VAL K 16 57.99 -90.33 43.72
CA VAL K 16 58.82 -90.49 42.53
C VAL K 16 58.53 -91.84 41.90
N ILE K 17 58.53 -91.89 40.56
CA ILE K 17 58.47 -93.17 39.86
C ILE K 17 59.76 -93.31 39.05
N VAL K 18 60.35 -94.50 39.06
CA VAL K 18 61.59 -94.76 38.33
C VAL K 18 61.35 -95.94 37.43
N THR K 19 61.46 -95.73 36.13
CA THR K 19 61.27 -96.84 35.21
C THR K 19 62.62 -97.48 34.89
N GLY K 20 62.56 -98.72 34.39
CA GLY K 20 63.77 -99.50 34.19
C GLY K 20 64.57 -99.60 35.48
N ALA K 21 63.89 -99.78 36.61
CA ALA K 21 64.49 -99.78 37.95
C ALA K 21 64.88 -101.16 38.40
N SER K 22 64.65 -102.19 37.58
CA SER K 22 65.04 -103.51 38.00
C SER K 22 66.55 -103.67 38.03
N LYS K 23 67.29 -102.87 37.28
CA LYS K 23 68.73 -103.06 37.26
C LYS K 23 69.45 -101.80 36.77
N GLY K 24 70.77 -101.90 36.69
CA GLY K 24 71.58 -100.86 36.07
C GLY K 24 71.44 -99.52 36.76
N ILE K 25 71.45 -98.48 35.94
CA ILE K 25 71.31 -97.10 36.42
C ILE K 25 69.93 -96.88 37.05
N GLY K 26 68.90 -97.55 36.55
CA GLY K 26 67.58 -97.40 37.16
C GLY K 26 67.51 -97.86 38.61
N ARG K 27 68.13 -99.00 38.90
CA ARG K 27 68.14 -99.51 40.27
C ARG K 27 68.86 -98.54 41.19
N GLU K 28 70.00 -98.03 40.76
CA GLU K 28 70.79 -97.13 41.60
C GLU K 28 69.99 -95.90 42.02
N MET K 29 69.29 -95.28 41.05
CA MET K 29 68.40 -94.16 41.35
C MET K 29 67.32 -94.59 42.35
N ALA K 30 66.74 -95.78 42.13
CA ALA K 30 65.75 -96.27 43.07
C ALA K 30 66.32 -96.33 44.49
N TYR K 31 67.55 -96.83 44.62
CA TYR K 31 68.21 -96.90 45.93
C TYR K 31 68.52 -95.51 46.47
N HIS K 32 69.07 -94.62 45.62
CA HIS K 32 69.34 -93.24 46.02
C HIS K 32 68.07 -92.58 46.52
N LEU K 33 66.99 -92.71 45.77
CA LEU K 33 65.73 -92.12 46.20
C LEU K 33 65.32 -92.72 47.53
N ALA K 34 65.59 -94.02 47.72
CA ALA K 34 65.26 -94.68 48.98
C ALA K 34 66.13 -94.17 50.11
N LYS K 35 67.44 -94.06 49.86
CA LYS K 35 68.32 -93.51 50.89
C LYS K 35 67.83 -92.13 51.31
N MET K 36 67.24 -91.39 50.38
CA MET K 36 66.76 -90.03 50.62
C MET K 36 65.36 -89.97 51.18
N GLY K 37 64.70 -91.09 51.39
CA GLY K 37 63.38 -91.11 52.01
C GLY K 37 62.22 -90.61 51.19
N ALA K 38 62.20 -90.91 49.91
CA ALA K 38 61.07 -90.58 49.07
C ALA K 38 60.19 -91.79 48.96
N HIS K 39 58.98 -91.59 48.46
CA HIS K 39 58.14 -92.70 48.08
C HIS K 39 58.54 -93.06 46.66
N VAL K 40 58.75 -94.34 46.41
CA VAL K 40 59.22 -94.77 45.10
C VAL K 40 58.26 -95.83 44.60
N VAL K 41 58.09 -95.82 43.28
CA VAL K 41 57.36 -96.83 42.54
C VAL K 41 58.25 -97.19 41.35
N VAL K 42 58.79 -98.40 41.35
CA VAL K 42 59.66 -98.84 40.25
C VAL K 42 58.87 -99.78 39.35
N THR K 43 59.20 -99.76 38.06
CA THR K 43 58.64 -100.67 37.09
C THR K 43 59.75 -101.24 36.24
N ALA K 44 59.48 -102.39 35.68
CA ALA K 44 60.34 -103.07 34.73
C ALA K 44 59.56 -104.29 34.26
N ARG K 45 60.22 -105.14 33.48
CA ARG K 45 59.52 -106.36 33.10
C ARG K 45 59.68 -107.46 34.16
N SER K 46 60.87 -107.61 34.75
CA SER K 46 61.18 -108.72 35.64
C SER K 46 60.51 -108.57 37.02
N LYS K 47 59.36 -109.22 37.22
CA LYS K 47 58.64 -109.11 38.49
C LYS K 47 59.50 -109.52 39.66
N GLU K 48 60.18 -110.65 39.54
CA GLU K 48 61.04 -111.11 40.63
C GLU K 48 62.07 -110.04 40.99
N THR K 49 62.80 -109.53 40.00
CA THR K 49 63.83 -108.55 40.31
C THR K 49 63.23 -107.32 41.00
N LEU K 50 62.08 -106.86 40.52
CA LEU K 50 61.46 -105.68 41.09
C LEU K 50 61.11 -105.89 42.56
N GLN K 51 60.57 -107.07 42.89
CA GLN K 51 60.22 -107.36 44.27
C GLN K 51 61.46 -107.25 45.16
N LYS K 52 62.59 -107.74 44.66
CA LYS K 52 63.83 -107.67 45.42
C LYS K 52 64.28 -106.22 45.59
N VAL K 53 64.05 -105.39 44.57
CA VAL K 53 64.49 -103.99 44.60
C VAL K 53 63.67 -103.19 45.60
N VAL K 54 62.34 -103.36 45.61
CA VAL K 54 61.51 -102.69 46.60
C VAL K 54 61.95 -103.06 48.01
N SER K 55 62.24 -104.35 48.24
CA SER K 55 62.66 -104.75 49.58
C SER K 55 63.91 -103.98 49.98
N HIS K 56 64.94 -104.00 49.14
CA HIS K 56 66.14 -103.24 49.51
C HIS K 56 65.84 -101.76 49.63
N CYS K 57 64.84 -101.27 48.89
CA CYS K 57 64.49 -99.86 49.00
C CYS K 57 63.88 -99.55 50.36
N LEU K 58 63.01 -100.44 50.86
CA LEU K 58 62.45 -100.25 52.20
C LEU K 58 63.55 -100.26 53.24
N GLU K 59 64.49 -101.18 53.09
CA GLU K 59 65.60 -101.28 54.01
C GLU K 59 66.45 -100.01 54.00
N LEU K 60 66.68 -99.45 52.81
CA LEU K 60 67.51 -98.28 52.71
C LEU K 60 66.81 -97.04 53.26
N GLY K 61 65.54 -97.14 53.61
CA GLY K 61 64.84 -96.02 54.22
C GLY K 61 63.80 -95.34 53.35
N ALA K 62 63.40 -95.97 52.25
CA ALA K 62 62.36 -95.38 51.42
C ALA K 62 61.07 -95.27 52.23
N ALA K 63 60.28 -94.24 51.92
CA ALA K 63 58.99 -94.09 52.61
C ALA K 63 57.96 -95.11 52.10
N SER K 64 57.88 -95.37 50.77
CA SER K 64 56.82 -96.23 50.27
C SER K 64 57.30 -97.48 49.53
N ALA K 65 58.03 -97.33 48.41
CA ALA K 65 58.58 -98.52 47.72
C ALA K 65 57.58 -99.57 47.26
N HIS K 66 56.82 -99.33 46.19
CA HIS K 66 56.06 -100.39 45.52
C HIS K 66 56.66 -100.70 44.16
N TYR K 67 56.11 -101.71 43.50
CA TYR K 67 56.56 -102.04 42.16
C TYR K 67 55.39 -102.47 41.29
N ILE K 68 55.54 -102.22 39.98
CA ILE K 68 54.58 -102.67 38.97
C ILE K 68 55.38 -103.20 37.79
N ALA K 69 55.01 -104.37 37.28
CA ALA K 69 55.79 -105.02 36.23
C ALA K 69 55.03 -105.02 34.92
N GLY K 70 55.77 -104.88 33.82
CA GLY K 70 55.17 -104.82 32.50
C GLY K 70 56.14 -104.26 31.49
N THR K 71 55.84 -104.50 30.22
CA THR K 71 56.72 -104.08 29.15
C THR K 71 56.31 -102.68 28.70
N MET K 72 57.30 -101.77 28.56
CA MET K 72 57.00 -100.48 27.96
C MET K 72 56.81 -100.60 26.47
N GLU K 73 56.89 -101.82 25.94
CA GLU K 73 56.49 -102.09 24.57
C GLU K 73 54.98 -101.96 24.41
N ASP K 74 54.24 -102.24 25.47
CA ASP K 74 52.78 -102.19 25.53
C ASP K 74 52.35 -100.81 26.00
N MET K 75 51.91 -99.97 25.07
CA MET K 75 51.53 -98.62 25.44
C MET K 75 50.41 -98.57 26.46
N THR K 76 49.54 -99.60 26.49
CA THR K 76 48.43 -99.55 27.46
C THR K 76 48.93 -99.66 28.87
N PHE K 77 49.93 -100.52 29.07
CA PHE K 77 50.56 -100.64 30.36
C PHE K 77 51.21 -99.33 30.75
N ALA K 78 51.94 -98.70 29.82
CA ALA K 78 52.56 -97.42 30.11
C ALA K 78 51.52 -96.44 30.63
N GLU K 79 50.38 -96.36 29.95
CA GLU K 79 49.28 -95.53 30.40
C GLU K 79 48.78 -95.96 31.77
N GLN K 80 48.41 -97.24 31.90
CA GLN K 80 47.87 -97.74 33.15
C GLN K 80 48.90 -97.68 34.27
N PHE K 81 50.19 -97.87 33.94
CA PHE K 81 51.22 -97.87 34.97
C PHE K 81 51.22 -96.56 35.74
N VAL K 82 51.09 -95.44 35.04
CA VAL K 82 51.12 -94.15 35.73
C VAL K 82 49.93 -94.04 36.66
N ALA K 83 48.75 -94.45 36.21
CA ALA K 83 47.58 -94.37 37.09
C ALA K 83 47.81 -95.20 38.34
N GLN K 84 48.17 -96.48 38.16
CA GLN K 84 48.42 -97.33 39.30
C GLN K 84 49.49 -96.70 40.18
N ALA K 85 50.59 -96.24 39.57
CA ALA K 85 51.67 -95.67 40.37
C ALA K 85 51.20 -94.44 41.12
N GLY K 86 50.36 -93.62 40.49
CA GLY K 86 49.89 -92.43 41.16
C GLY K 86 48.96 -92.73 42.32
N LYS K 87 48.08 -93.73 42.15
CA LYS K 87 47.22 -94.15 43.25
C LYS K 87 48.03 -94.63 44.45
N LEU K 88 49.04 -95.47 44.21
CA LEU K 88 49.81 -96.05 45.31
C LEU K 88 50.38 -94.99 46.22
N MET K 89 50.95 -93.93 45.63
CA MET K 89 51.62 -92.89 46.37
C MET K 89 50.73 -91.69 46.69
N GLY K 90 49.51 -91.64 46.13
CA GLY K 90 48.66 -90.46 46.26
C GLY K 90 49.25 -89.21 45.63
N GLY K 91 49.76 -89.36 44.42
CA GLY K 91 50.32 -88.25 43.67
C GLY K 91 51.65 -88.55 42.99
N LEU K 92 52.20 -87.54 42.32
CA LEU K 92 53.45 -87.74 41.62
C LEU K 92 54.22 -86.43 41.62
N ASP K 93 55.48 -86.47 42.06
CA ASP K 93 56.39 -85.32 42.05
C ASP K 93 57.48 -85.41 40.99
N MET K 94 58.04 -86.58 40.73
CA MET K 94 59.13 -86.72 39.78
C MET K 94 58.87 -88.00 39.00
N LEU K 95 59.05 -87.95 37.68
CA LEU K 95 58.83 -89.10 36.81
C LEU K 95 60.15 -89.42 36.10
N ILE K 96 60.85 -90.44 36.56
CA ILE K 96 62.18 -90.74 36.03
C ILE K 96 61.97 -91.79 34.94
N LEU K 97 62.01 -91.35 33.69
CA LEU K 97 61.87 -92.23 32.54
C LEU K 97 63.26 -92.69 32.11
N ASN K 98 63.53 -93.99 32.29
CA ASN K 98 64.89 -94.54 32.25
C ASN K 98 65.08 -95.79 31.39
N HIS K 99 64.05 -96.57 31.15
CA HIS K 99 64.14 -97.85 30.45
C HIS K 99 64.55 -97.69 29.00
N ILE K 100 65.13 -98.75 28.43
CA ILE K 100 65.29 -98.84 26.98
C ILE K 100 65.22 -100.30 26.54
N THR K 101 64.86 -100.52 25.28
CA THR K 101 64.95 -101.85 24.73
C THR K 101 66.39 -102.27 24.59
N ASN K 102 66.61 -103.58 24.69
CA ASN K 102 67.96 -104.10 24.62
C ASN K 102 68.61 -103.76 23.28
N THR K 103 69.83 -103.26 23.35
CA THR K 103 70.60 -102.86 22.19
C THR K 103 72.01 -103.42 22.23
N SER K 104 72.61 -103.50 21.04
CA SER K 104 73.97 -103.94 20.88
C SER K 104 74.65 -103.13 19.78
N LEU K 105 75.98 -103.09 19.87
CA LEU K 105 76.82 -102.51 18.83
C LEU K 105 76.84 -103.45 17.63
N ASN K 106 76.26 -103.01 16.52
CA ASN K 106 76.16 -103.79 15.29
C ASN K 106 76.04 -102.77 14.17
N LEU K 107 76.81 -102.96 13.11
CA LEU K 107 76.55 -102.17 11.91
C LEU K 107 75.13 -102.43 11.44
N PHE K 108 74.48 -101.41 10.91
CA PHE K 108 73.08 -101.54 10.48
C PHE K 108 73.03 -102.14 9.10
N HIS K 109 72.22 -103.19 8.92
CA HIS K 109 71.97 -103.65 7.56
C HIS K 109 70.50 -103.49 7.14
N ASP K 110 69.58 -104.25 7.74
CA ASP K 110 68.19 -104.15 7.31
C ASP K 110 67.22 -104.36 8.46
N ASP K 111 67.66 -104.07 9.67
CA ASP K 111 66.85 -104.34 10.85
C ASP K 111 65.80 -103.25 11.08
N ILE K 112 64.79 -103.24 10.20
CA ILE K 112 63.70 -102.30 10.39
C ILE K 112 62.94 -102.59 11.67
N HIS K 113 62.82 -103.87 12.03
CA HIS K 113 62.14 -104.23 13.26
C HIS K 113 62.82 -103.60 14.47
N HIS K 114 64.15 -103.65 14.52
CA HIS K 114 64.84 -103.04 15.66
C HIS K 114 64.59 -101.54 15.69
N VAL K 115 64.68 -100.89 14.53
CA VAL K 115 64.48 -99.45 14.52
C VAL K 115 63.12 -99.11 15.09
N ARG K 116 62.08 -99.83 14.66
CA ARG K 116 60.75 -99.51 15.16
C ARG K 116 60.65 -99.82 16.65
N LYS K 117 61.15 -101.00 17.07
CA LYS K 117 61.10 -101.35 18.50
C LYS K 117 61.86 -100.31 19.32
N SER K 118 63.06 -99.93 18.84
CA SER K 118 63.84 -98.92 19.53
C SER K 118 63.06 -97.63 19.61
N MET K 119 62.45 -97.22 18.50
CA MET K 119 61.66 -95.99 18.49
C MET K 119 60.45 -96.11 19.39
N GLU K 120 59.83 -97.29 19.41
CA GLU K 120 58.62 -97.49 20.19
C GLU K 120 58.90 -97.47 21.69
N VAL K 121 59.93 -98.21 22.13
CA VAL K 121 60.18 -98.35 23.56
C VAL K 121 61.03 -97.23 24.09
N ASN K 122 62.04 -96.83 23.34
CA ASN K 122 62.97 -95.83 23.84
C ASN K 122 62.39 -94.44 23.80
N PHE K 123 61.49 -94.19 22.85
CA PHE K 123 60.96 -92.84 22.66
C PHE K 123 59.45 -92.76 22.89
N LEU K 124 58.67 -93.52 22.14
CA LEU K 124 57.23 -93.32 22.18
C LEU K 124 56.66 -93.51 23.58
N SER K 125 56.98 -94.63 24.23
CA SER K 125 56.45 -94.87 25.57
C SER K 125 56.77 -93.73 26.52
N TYR K 126 57.89 -93.02 26.28
CA TYR K 126 58.22 -91.86 27.10
C TYR K 126 57.15 -90.79 26.99
N VAL K 127 56.67 -90.55 25.76
CA VAL K 127 55.63 -89.55 25.56
C VAL K 127 54.38 -89.94 26.33
N VAL K 128 53.94 -91.20 26.12
CA VAL K 128 52.72 -91.71 26.73
C VAL K 128 52.78 -91.54 28.24
N LEU K 129 53.93 -91.92 28.84
CA LEU K 129 54.10 -91.74 30.26
C LEU K 129 53.99 -90.27 30.63
N THR K 130 54.60 -89.40 29.84
CA THR K 130 54.50 -87.99 30.15
C THR K 130 53.03 -87.57 30.11
N VAL K 131 52.31 -87.97 29.07
CA VAL K 131 50.91 -87.60 28.93
C VAL K 131 50.11 -88.12 30.13
N ALA K 132 50.35 -89.38 30.51
CA ALA K 132 49.65 -89.96 31.64
C ALA K 132 50.01 -89.23 32.93
N ALA K 133 51.28 -88.80 33.07
CA ALA K 133 51.68 -88.22 34.32
C ALA K 133 51.35 -86.74 34.44
N LEU K 134 51.17 -86.02 33.33
CA LEU K 134 51.17 -84.55 33.38
C LEU K 134 50.14 -83.97 34.32
N PRO K 135 48.86 -84.35 34.28
CA PRO K 135 47.93 -83.82 35.30
C PRO K 135 48.49 -83.98 36.71
N MET K 136 48.93 -85.19 37.10
CA MET K 136 49.50 -85.37 38.45
C MET K 136 50.71 -84.48 38.68
N LEU K 137 51.56 -84.31 37.66
CA LEU K 137 52.76 -83.49 37.78
C LEU K 137 52.42 -82.00 37.86
N LYS K 138 51.43 -81.56 37.09
CA LYS K 138 50.96 -80.18 37.22
C LYS K 138 50.46 -79.91 38.62
N GLN K 139 49.70 -80.86 39.18
CA GLN K 139 49.09 -80.64 40.48
C GLN K 139 50.14 -80.45 41.56
N SER K 140 51.40 -80.77 41.27
CA SER K 140 52.48 -80.65 42.25
C SER K 140 53.63 -79.78 41.78
N ASN K 141 53.55 -79.20 40.59
CA ASN K 141 54.70 -78.50 40.02
C ASN K 141 55.91 -79.42 39.99
N GLY K 142 55.67 -80.66 39.56
CA GLY K 142 56.67 -81.70 39.63
C GLY K 142 57.77 -81.58 38.59
N SER K 143 58.39 -82.69 38.23
CA SER K 143 59.50 -82.65 37.30
C SER K 143 59.49 -83.94 36.49
N ILE K 144 59.87 -83.83 35.23
CA ILE K 144 60.06 -84.98 34.36
C ILE K 144 61.56 -85.10 34.11
N VAL K 145 62.08 -86.33 34.21
CA VAL K 145 63.51 -86.56 33.98
C VAL K 145 63.65 -87.59 32.87
N VAL K 146 64.24 -87.19 31.76
CA VAL K 146 64.42 -88.05 30.61
C VAL K 146 65.89 -88.41 30.57
N VAL K 147 66.18 -89.70 30.65
CA VAL K 147 67.57 -90.18 30.67
C VAL K 147 68.01 -90.50 29.25
N SER K 148 68.94 -89.72 28.72
CA SER K 148 69.44 -89.97 27.38
C SER K 148 70.92 -90.33 27.40
N SER K 149 71.50 -90.45 26.21
CA SER K 149 72.87 -90.83 26.00
C SER K 149 73.62 -89.77 25.24
N LEU K 150 74.94 -89.89 25.24
CA LEU K 150 75.76 -89.10 24.36
C LEU K 150 75.42 -89.36 22.90
N ALA K 151 74.91 -90.56 22.61
CA ALA K 151 74.45 -90.93 21.28
C ALA K 151 73.14 -90.27 20.88
N GLY K 152 72.46 -89.59 21.81
CA GLY K 152 71.36 -88.71 21.52
C GLY K 152 71.79 -87.27 21.22
N LYS K 153 73.10 -87.03 21.15
CA LYS K 153 73.64 -85.74 20.75
C LYS K 153 74.67 -85.87 19.66
N VAL K 154 75.26 -87.04 19.46
CA VAL K 154 76.24 -87.30 18.43
C VAL K 154 75.92 -88.63 17.78
N ALA K 155 75.85 -88.68 16.46
CA ALA K 155 75.68 -89.96 15.82
C ALA K 155 77.02 -90.68 15.82
N TYR K 156 77.02 -91.96 16.24
CA TYR K 156 78.15 -92.88 16.29
C TYR K 156 77.82 -94.14 15.50
N PRO K 157 78.79 -94.80 14.89
CA PRO K 157 78.47 -96.01 14.16
C PRO K 157 78.02 -97.09 15.13
N MET K 158 77.27 -98.05 14.61
CA MET K 158 76.85 -99.23 15.35
C MET K 158 75.77 -98.94 16.37
N VAL K 159 75.29 -97.71 16.47
CA VAL K 159 74.12 -97.46 17.33
C VAL K 159 73.06 -96.63 16.60
N ALA K 160 72.94 -96.81 15.27
CA ALA K 160 72.10 -95.92 14.48
C ALA K 160 70.64 -95.85 15.01
N ALA K 161 69.96 -96.99 15.11
CA ALA K 161 68.60 -96.94 15.63
C ALA K 161 68.58 -96.39 17.05
N TYR K 162 69.54 -96.79 17.87
CA TYR K 162 69.61 -96.27 19.23
C TYR K 162 69.73 -94.75 19.24
N SER K 163 70.64 -94.22 18.40
CA SER K 163 70.78 -92.76 18.32
C SER K 163 69.49 -92.11 17.89
N ALA K 164 68.81 -92.71 16.91
CA ALA K 164 67.59 -92.12 16.37
C ALA K 164 66.55 -91.95 17.46
N SER K 165 66.36 -92.97 18.29
CA SER K 165 65.41 -92.86 19.37
C SER K 165 65.82 -91.80 20.40
N LYS K 166 67.12 -91.73 20.76
CA LYS K 166 67.57 -90.78 21.79
C LYS K 166 67.65 -89.35 21.27
N PHE K 167 67.83 -89.16 19.95
CA PHE K 167 67.66 -87.85 19.33
C PHE K 167 66.20 -87.43 19.38
N ALA K 168 65.31 -88.33 18.92
CA ALA K 168 63.90 -88.04 18.91
C ALA K 168 63.46 -87.57 20.29
N LEU K 169 63.99 -88.18 21.33
CA LEU K 169 63.75 -87.69 22.68
C LEU K 169 64.08 -86.23 22.77
N ASP K 170 65.23 -85.83 22.22
CA ASP K 170 65.72 -84.46 22.36
C ASP K 170 64.79 -83.46 21.71
N GLY K 171 64.52 -83.66 20.42
CA GLY K 171 63.63 -82.76 19.72
C GLY K 171 62.28 -82.66 20.40
N PHE K 172 61.73 -83.79 20.82
CA PHE K 172 60.42 -83.75 21.41
C PHE K 172 60.45 -83.04 22.77
N PHE K 173 61.21 -83.57 23.72
CA PHE K 173 61.16 -83.01 25.08
C PHE K 173 61.74 -81.60 25.15
N SER K 174 62.68 -81.28 24.27
CA SER K 174 63.21 -79.91 24.23
C SER K 174 62.15 -78.94 23.73
N SER K 175 61.28 -79.39 22.82
CA SER K 175 60.18 -78.54 22.39
C SER K 175 59.14 -78.39 23.49
N ILE K 176 58.64 -79.51 24.00
CA ILE K 176 57.66 -79.46 25.09
C ILE K 176 58.12 -78.52 26.18
N ARG K 177 59.41 -78.52 26.49
CA ARG K 177 59.90 -77.66 27.56
C ARG K 177 59.59 -76.20 27.23
N LYS K 178 59.89 -75.79 26.00
CA LYS K 178 59.63 -74.43 25.56
C LYS K 178 58.14 -74.14 25.49
N GLU K 179 57.35 -75.09 24.97
CA GLU K 179 55.91 -74.89 24.97
C GLU K 179 55.42 -74.68 26.40
N TYR K 180 55.89 -75.50 27.34
CA TYR K 180 55.50 -75.31 28.74
C TYR K 180 55.88 -73.90 29.22
N SER K 181 57.00 -73.37 28.70
CA SER K 181 57.47 -72.04 29.09
C SER K 181 56.43 -70.96 28.78
N VAL K 182 55.90 -70.95 27.56
CA VAL K 182 54.98 -69.92 27.16
C VAL K 182 53.56 -70.26 27.58
N SER K 183 53.29 -71.51 27.90
CA SER K 183 52.07 -71.90 28.58
C SER K 183 52.27 -71.53 30.04
N ARG K 184 51.43 -72.06 30.90
CA ARG K 184 51.63 -71.84 32.33
C ARG K 184 52.04 -73.13 33.07
N VAL K 185 52.71 -74.04 32.36
CA VAL K 185 52.95 -75.41 32.82
C VAL K 185 54.24 -75.43 33.63
N ASN K 186 54.14 -75.71 34.94
CA ASN K 186 55.29 -75.68 35.84
C ASN K 186 56.00 -77.01 35.99
N VAL K 187 55.97 -77.88 34.99
CA VAL K 187 56.61 -79.17 35.08
C VAL K 187 58.00 -79.07 34.44
N SER K 188 59.06 -79.38 35.18
CA SER K 188 60.39 -79.25 34.62
C SER K 188 60.79 -80.51 33.84
N ILE K 189 61.69 -80.33 32.88
CA ILE K 189 62.10 -81.41 32.02
C ILE K 189 63.60 -81.43 31.98
N THR K 190 64.20 -82.44 32.63
CA THR K 190 65.65 -82.61 32.77
C THR K 190 66.10 -83.67 31.78
N LEU K 191 66.96 -83.29 30.84
CA LEU K 191 67.46 -84.22 29.85
C LEU K 191 68.88 -84.61 30.29
N CYS K 192 69.14 -85.92 30.42
CA CYS K 192 70.44 -86.41 30.88
C CYS K 192 71.19 -86.98 29.69
N VAL K 193 72.39 -86.49 29.47
CA VAL K 193 73.25 -86.95 28.40
C VAL K 193 74.39 -87.71 29.04
N LEU K 194 74.28 -89.04 29.13
CA LEU K 194 75.28 -89.84 29.83
C LEU K 194 76.31 -90.36 28.84
N GLY K 195 77.55 -90.42 29.27
CA GLY K 195 78.56 -91.19 28.56
C GLY K 195 78.48 -92.64 28.98
N LEU K 196 79.55 -93.39 28.73
CA LEU K 196 79.55 -94.79 29.13
C LEU K 196 79.49 -94.91 30.65
N ILE K 197 78.54 -95.72 31.12
CA ILE K 197 78.30 -95.98 32.53
C ILE K 197 78.49 -97.47 32.75
N ASP K 198 79.19 -97.85 33.82
CA ASP K 198 79.67 -99.21 34.03
C ASP K 198 78.53 -100.12 34.51
N THR K 199 77.40 -100.11 33.81
CA THR K 199 76.34 -101.03 34.14
C THR K 199 76.62 -102.40 33.54
N GLU K 200 75.96 -103.40 34.11
CA GLU K 200 76.21 -104.79 33.75
C GLU K 200 76.05 -105.01 32.25
N THR K 201 74.87 -104.67 31.75
CA THR K 201 74.52 -104.95 30.37
C THR K 201 75.39 -104.12 29.42
N ALA K 202 75.65 -102.87 29.80
CA ALA K 202 76.40 -101.91 28.98
C ALA K 202 77.85 -102.32 28.80
N MET K 203 78.53 -102.63 29.91
CA MET K 203 79.93 -103.03 29.83
C MET K 203 80.09 -104.29 28.99
N LYS K 204 79.14 -105.22 29.12
CA LYS K 204 79.12 -106.37 28.23
C LYS K 204 79.01 -105.93 26.78
N ALA K 205 78.20 -104.89 26.51
CA ALA K 205 77.87 -104.55 25.14
C ALA K 205 79.05 -103.99 24.38
N VAL K 206 79.98 -103.36 25.08
CA VAL K 206 81.10 -102.69 24.46
C VAL K 206 82.39 -103.46 24.66
N SER K 207 82.30 -104.69 25.20
CA SER K 207 83.41 -105.37 25.88
C SER K 207 84.73 -105.34 25.11
N GLY K 208 84.73 -105.73 23.83
CA GLY K 208 86.01 -105.67 23.13
C GLY K 208 86.01 -104.71 21.97
N ILE K 209 84.83 -104.13 21.71
CA ILE K 209 84.56 -103.21 20.60
C ILE K 209 84.68 -101.80 21.14
N VAL K 210 85.84 -101.19 20.92
CA VAL K 210 86.22 -99.85 21.38
C VAL K 210 85.83 -99.60 22.84
N HIS K 211 86.82 -99.16 23.63
CA HIS K 211 86.67 -98.90 25.06
C HIS K 211 87.00 -97.45 25.37
N MET K 212 85.97 -96.71 25.78
CA MET K 212 86.09 -95.39 26.35
C MET K 212 86.32 -95.68 27.83
N GLN K 213 86.17 -94.71 28.71
CA GLN K 213 86.43 -94.93 30.12
C GLN K 213 85.10 -94.90 30.85
N ALA K 214 84.48 -96.07 31.00
CA ALA K 214 83.21 -96.14 31.73
C ALA K 214 83.26 -95.35 33.03
N ALA K 215 82.13 -94.81 33.44
CA ALA K 215 81.98 -94.06 34.68
C ALA K 215 81.02 -94.77 35.62
N PRO K 216 81.10 -94.50 36.92
CA PRO K 216 80.38 -95.33 37.89
C PRO K 216 78.87 -95.12 37.83
N LYS K 217 78.14 -96.24 37.79
CA LYS K 217 76.68 -96.17 37.76
C LYS K 217 76.12 -95.60 39.07
N GLU K 218 76.81 -95.84 40.17
CA GLU K 218 76.34 -95.34 41.45
C GLU K 218 76.28 -93.82 41.45
N GLU K 219 77.39 -93.16 41.11
CA GLU K 219 77.44 -91.71 41.13
C GLU K 219 76.52 -91.13 40.04
N CYS K 220 76.55 -91.74 38.87
CA CYS K 220 75.70 -91.31 37.76
C CYS K 220 74.25 -91.25 38.19
N ALA K 221 73.76 -92.31 38.81
CA ALA K 221 72.38 -92.31 39.29
C ALA K 221 72.10 -91.11 40.18
N LEU K 222 73.06 -90.72 41.00
CA LEU K 222 72.83 -89.58 41.87
C LEU K 222 72.84 -88.28 41.08
N GLU K 223 73.79 -88.14 40.16
CA GLU K 223 73.89 -86.90 39.40
C GLU K 223 72.60 -86.64 38.63
N ILE K 224 71.95 -87.70 38.15
CA ILE K 224 70.66 -87.53 37.49
C ILE K 224 69.63 -87.04 38.48
N ILE K 225 69.50 -87.70 39.62
CA ILE K 225 68.50 -87.25 40.58
C ILE K 225 68.75 -85.79 40.94
N LYS K 226 70.02 -85.43 41.22
CA LYS K 226 70.32 -84.04 41.58
C LYS K 226 69.91 -83.10 40.45
N GLY K 227 70.18 -83.45 39.20
CA GLY K 227 69.83 -82.55 38.12
C GLY K 227 68.33 -82.29 38.07
N GLY K 228 67.52 -83.35 38.12
CA GLY K 228 66.09 -83.15 38.15
C GLY K 228 65.65 -82.46 39.43
N ALA K 229 66.32 -82.77 40.54
CA ALA K 229 65.96 -82.12 41.80
C ALA K 229 66.09 -80.61 41.67
N LEU K 230 67.17 -80.17 41.04
CA LEU K 230 67.45 -78.77 40.77
C LEU K 230 66.73 -78.23 39.54
N ARG K 231 65.86 -79.01 38.91
CA ARG K 231 65.18 -78.57 37.69
C ARG K 231 66.19 -78.10 36.63
N GLN K 232 67.29 -78.79 36.52
CA GLN K 232 68.22 -78.45 35.46
C GLN K 232 67.63 -78.87 34.12
N GLU K 233 67.81 -78.03 33.12
CA GLU K 233 67.34 -78.40 31.80
C GLU K 233 68.10 -79.61 31.26
N GLU K 234 69.41 -79.65 31.46
CA GLU K 234 70.10 -80.90 31.15
C GLU K 234 71.30 -81.10 32.07
N VAL K 235 71.80 -82.34 32.11
CA VAL K 235 72.93 -82.73 32.93
C VAL K 235 73.81 -83.66 32.13
N TYR K 236 75.12 -83.56 32.30
CA TYR K 236 76.07 -84.39 31.57
C TYR K 236 76.91 -85.20 32.55
N TYR K 237 76.84 -86.53 32.51
CA TYR K 237 77.59 -87.28 33.49
C TYR K 237 78.93 -87.71 32.92
N ASP K 238 79.98 -87.26 33.61
CA ASP K 238 81.39 -87.29 33.25
C ASP K 238 81.64 -86.74 31.87
N SER K 239 81.28 -85.45 31.74
CA SER K 239 81.85 -84.61 30.70
C SER K 239 83.35 -84.45 30.92
N SER K 240 83.81 -84.70 32.14
CA SER K 240 85.24 -84.74 32.41
C SER K 240 85.93 -85.79 31.58
N LEU K 241 85.18 -86.74 31.01
CA LEU K 241 85.75 -87.83 30.23
C LEU K 241 85.60 -87.64 28.73
N TRP K 242 85.37 -86.41 28.24
CA TRP K 242 85.14 -86.19 26.81
C TRP K 242 86.13 -85.19 26.25
N THR K 243 86.78 -85.61 25.14
CA THR K 243 87.80 -84.84 24.41
C THR K 243 87.55 -85.07 22.92
N THR K 244 86.70 -84.22 22.32
CA THR K 244 86.47 -84.19 20.87
C THR K 244 87.01 -82.90 20.26
#